data_8UFA
#
_entry.id   8UFA
#
_cell.length_a   1.00
_cell.length_b   1.00
_cell.length_c   1.00
_cell.angle_alpha   90.00
_cell.angle_beta   90.00
_cell.angle_gamma   90.00
#
_symmetry.space_group_name_H-M   'P 1'
#
loop_
_entity.id
_entity.type
_entity.pdbx_description
1 polymer 'E1 protein'
2 polymer 'E2 protein'
3 polymer 'Capsid protein'
4 non-polymer 2-acetamido-2-deoxy-beta-D-glucopyranose
#
loop_
_entity_poly.entity_id
_entity_poly.type
_entity_poly.pdbx_seq_one_letter_code
_entity_poly.pdbx_strand_id
1 'polypeptide(L)'
;YEHTAVMPNKVGIPYKALVERPGYAPVHLQIQLVNTRIIPSTNLEYITCKYKTKVPSPVVKCCGATQCTSKPHPDYQCQV
FSGVYPFMYGGAYCFCDTENTQMSEAYVERSEECSIDHAKAYKVHTGTVQAMVNITYGSVSWRSADVYVNGETPAKIGDA
KLIIGPLSSAWSPFDNKVVVYGHEVYNYDFPEYGTGKAGSFGDLQSRTSTSNDLYANTNLKLQRPQAGIVHTPFTQVPSG
FERWKKDKGAPLNDVAPFGCSIALEPLRAENCAVGSIPISIDIPDAAFTRISETPTVSDLECKITECTYAFDFGGIATVA
YKSSKAGNCPIHSPSGVAVIKENDVTLAESGSFTFHFSTANIHPAFKLQVCTSAVTCKGDCKPPKDHIVDYAAQHTESFT
SAISATAWSWIKVLVGGTSAFIVLGLIATAVVALVLFFHRH
;
A,D,G,J
2 'polypeptide(L)'
;DLDTHFTQYKLARPYIADCPNCGHSRCDSPIAIEEVRGDAHAGVIRIQTSAMFGLKTDGVDLAYMSFMNGKTQKSIKIDN
LHVRTSAPCSLVSHHGYYILAQCPPGDTVTVGFHDGPNRHTCTVAHKVEFRPVGREKYRHPPEHGVELPCNRYTHKRADQ
GHYVEMHQPGLVADHSLLSIHSAKVKITVPSGAQVKYYCKCPDVRKGITSSDHTTTCTDVKQCRAYLIDNKKWVYNSGRL
PRGEGDTFKGKLHVPFVPVKAKCIATLAPEPLVEHKHRTLILHLHPDHPTLLTTRSLGSDANPTRQWIERPTTVNFTVTG
EGLEYTWGNHPPKRVWAQESGEGNPHGWPHEVVVYYYNRYPLTTIIGLCTCVAIIMVSCVTSVWLLCRTRNLCITPYKLA
PNAQVPILLALLCC
;
B,E,H,K
3 'polypeptide(L)'
;DKTFPIMLNGQVNGYACVVGGRVFKPLHVEGRIDNEQLAAIKLKKASIYDLEYGDVPQCMKSDTLQYTSDKPPGFYNWHH
GAVQYENNRFTVPRGVGGKGDSGRPILDNKGRVVAIVLGGVNEGSRTALSVVTWNQKGVTVKDTPEGSEPW
;
C,F,I,L
#
loop_
_chem_comp.id
_chem_comp.type
_chem_comp.name
_chem_comp.formula
NAG D-saccharide, beta linking 2-acetamido-2-deoxy-beta-D-glucopyranose 'C8 H15 N O6'
#
# COMPACT_ATOMS: atom_id res chain seq x y z
N TYR A 1 -31.77 6.83 16.47
CA TYR A 1 -32.00 5.53 15.87
C TYR A 1 -32.15 5.66 14.37
N GLU A 2 -31.24 5.03 13.63
CA GLU A 2 -31.22 5.15 12.17
C GLU A 2 -32.20 4.19 11.52
N HIS A 3 -33.05 4.73 10.64
CA HIS A 3 -33.99 3.97 9.84
C HIS A 3 -33.61 4.13 8.38
N THR A 4 -33.38 3.02 7.68
CA THR A 4 -33.00 3.01 6.28
C THR A 4 -34.08 2.35 5.43
N ALA A 5 -34.33 2.89 4.25
CA ALA A 5 -35.35 2.37 3.35
C ALA A 5 -35.13 2.97 1.97
N VAL A 6 -35.93 2.49 1.01
CA VAL A 6 -35.93 3.01 -0.36
C VAL A 6 -37.35 3.47 -0.67
N MET A 7 -37.48 4.74 -1.03
CA MET A 7 -38.77 5.30 -1.37
C MET A 7 -38.85 5.61 -2.87
N PRO A 8 -40.03 5.56 -3.47
CA PRO A 8 -40.13 5.89 -4.89
C PRO A 8 -39.85 7.37 -5.13
N ASN A 9 -39.29 7.65 -6.32
CA ASN A 9 -38.98 9.02 -6.72
C ASN A 9 -40.25 9.69 -7.24
N LYS A 10 -41.15 9.98 -6.30
CA LYS A 10 -42.43 10.60 -6.60
C LYS A 10 -42.62 11.83 -5.73
N VAL A 11 -43.17 12.89 -6.32
CA VAL A 11 -43.44 14.13 -5.62
C VAL A 11 -44.92 14.16 -5.27
N GLY A 12 -45.23 14.52 -4.02
CA GLY A 12 -46.59 14.60 -3.55
C GLY A 12 -47.13 13.31 -2.99
N ILE A 13 -46.44 12.20 -3.17
CA ILE A 13 -46.84 10.90 -2.62
C ILE A 13 -45.97 10.63 -1.40
N PRO A 14 -46.53 10.58 -0.19
CA PRO A 14 -45.70 10.39 1.00
C PRO A 14 -45.23 8.96 1.20
N TYR A 15 -44.00 8.85 1.72
CA TYR A 15 -43.45 7.56 2.14
C TYR A 15 -43.76 7.39 3.62
N LYS A 16 -44.45 6.30 3.96
CA LYS A 16 -44.85 6.03 5.33
C LYS A 16 -44.19 4.76 5.83
N ALA A 17 -43.76 4.79 7.09
CA ALA A 17 -43.16 3.62 7.72
C ALA A 17 -43.29 3.75 9.23
N LEU A 18 -43.19 2.61 9.92
CA LEU A 18 -43.08 2.58 11.37
C LEU A 18 -41.62 2.31 11.71
N VAL A 19 -41.03 3.20 12.49
CA VAL A 19 -39.65 3.02 12.94
C VAL A 19 -39.70 2.11 14.15
N GLU A 20 -39.21 0.88 14.00
CA GLU A 20 -39.27 -0.14 15.04
C GLU A 20 -37.93 -0.23 15.74
N ARG A 21 -37.87 0.32 16.95
CA ARG A 21 -36.67 0.30 17.77
C ARG A 21 -36.83 -0.77 18.85
N PRO A 22 -35.94 -1.76 18.94
CA PRO A 22 -36.12 -2.81 19.96
C PRO A 22 -36.27 -2.24 21.36
N GLY A 23 -37.34 -2.67 22.04
CA GLY A 23 -37.64 -2.22 23.38
C GLY A 23 -38.51 -0.98 23.47
N TYR A 24 -38.77 -0.31 22.35
CA TYR A 24 -39.58 0.90 22.31
C TYR A 24 -40.76 0.72 21.39
N ALA A 25 -41.83 1.46 21.66
CA ALA A 25 -43.00 1.41 20.80
C ALA A 25 -42.66 2.02 19.44
N PRO A 26 -43.30 1.53 18.37
CA PRO A 26 -42.98 2.04 17.03
C PRO A 26 -43.34 3.51 16.86
N VAL A 27 -42.50 4.22 16.12
CA VAL A 27 -42.68 5.63 15.82
C VAL A 27 -43.05 5.73 14.34
N HIS A 28 -44.22 6.31 14.05
CA HIS A 28 -44.62 6.48 12.67
C HIS A 28 -43.78 7.56 12.00
N LEU A 29 -43.27 7.25 10.81
CA LEU A 29 -42.44 8.16 10.04
C LEU A 29 -43.10 8.42 8.70
N GLN A 30 -43.13 9.70 8.29
CA GLN A 30 -43.71 10.09 7.02
C GLN A 30 -42.77 11.07 6.33
N ILE A 31 -42.22 10.65 5.18
CA ILE A 31 -41.29 11.45 4.39
C ILE A 31 -41.96 11.71 3.05
N GLN A 32 -42.09 12.99 2.69
CA GLN A 32 -42.69 13.38 1.43
C GLN A 32 -41.78 14.38 0.71
N LEU A 33 -41.60 14.17 -0.59
CA LEU A 33 -40.83 15.10 -1.40
C LEU A 33 -41.70 16.25 -1.85
N VAL A 34 -41.21 17.48 -1.67
CA VAL A 34 -41.93 18.65 -2.14
C VAL A 34 -41.56 18.95 -3.58
N ASN A 35 -40.27 18.81 -3.91
CA ASN A 35 -39.79 18.92 -5.27
C ASN A 35 -38.46 18.18 -5.34
N THR A 36 -38.11 17.79 -6.56
CA THR A 36 -36.82 17.17 -6.84
C THR A 36 -36.26 17.87 -8.06
N ARG A 37 -34.98 18.24 -8.01
CA ARG A 37 -34.38 19.04 -9.06
C ARG A 37 -33.07 18.42 -9.53
N ILE A 38 -32.97 18.22 -10.84
CA ILE A 38 -31.75 17.78 -11.49
C ILE A 38 -31.07 19.05 -11.99
N ILE A 39 -29.93 19.39 -11.41
CA ILE A 39 -29.27 20.65 -11.72
C ILE A 39 -27.94 20.35 -12.41
N PRO A 40 -27.93 20.25 -13.74
CA PRO A 40 -26.68 19.93 -14.44
C PRO A 40 -25.69 21.08 -14.41
N SER A 41 -24.43 20.74 -14.67
CA SER A 41 -23.36 21.72 -14.78
C SER A 41 -23.27 22.17 -16.23
N THR A 42 -23.33 23.48 -16.45
CA THR A 42 -23.34 24.03 -17.80
C THR A 42 -22.21 25.04 -18.00
N ASN A 43 -21.68 25.05 -19.21
CA ASN A 43 -20.65 26.00 -19.64
C ASN A 43 -21.19 26.72 -20.88
N LEU A 44 -21.31 28.03 -20.79
CA LEU A 44 -21.77 28.82 -21.93
C LEU A 44 -20.77 28.73 -23.06
N GLU A 45 -21.22 28.24 -24.21
CA GLU A 45 -20.35 28.13 -25.38
C GLU A 45 -20.31 29.43 -26.16
N TYR A 46 -21.47 30.01 -26.45
CA TYR A 46 -21.55 31.31 -27.11
C TYR A 46 -23.01 31.78 -27.04
N ILE A 47 -23.21 33.04 -27.43
CA ILE A 47 -24.51 33.69 -27.44
C ILE A 47 -24.87 34.05 -28.87
N THR A 48 -26.07 33.67 -29.29
CA THR A 48 -26.58 33.96 -30.62
C THR A 48 -27.75 34.94 -30.52
N CYS A 49 -27.82 35.85 -31.48
CA CYS A 49 -28.89 36.84 -31.54
C CYS A 49 -28.97 37.37 -32.95
N LYS A 50 -29.95 38.25 -33.19
CA LYS A 50 -30.11 38.86 -34.51
C LYS A 50 -29.02 39.90 -34.73
N TYR A 51 -28.41 39.87 -35.91
CA TYR A 51 -27.33 40.79 -36.23
C TYR A 51 -27.85 42.14 -36.71
N LYS A 52 -26.97 43.13 -36.63
CA LYS A 52 -27.19 44.44 -37.21
C LYS A 52 -26.02 44.74 -38.13
N THR A 53 -26.30 45.32 -39.30
CA THR A 53 -25.27 45.68 -40.25
C THR A 53 -24.97 47.17 -40.11
N LYS A 54 -23.73 47.49 -39.76
CA LYS A 54 -23.28 48.87 -39.62
C LYS A 54 -22.70 49.33 -40.94
N VAL A 55 -23.17 50.47 -41.43
CA VAL A 55 -22.75 51.01 -42.72
C VAL A 55 -22.21 52.42 -42.51
N PRO A 56 -20.89 52.57 -42.37
CA PRO A 56 -20.32 53.91 -42.24
C PRO A 56 -20.57 54.76 -43.48
N SER A 57 -20.42 56.07 -43.30
CA SER A 57 -20.62 56.99 -44.42
C SER A 57 -19.68 56.63 -45.57
N PRO A 58 -20.18 56.59 -46.81
CA PRO A 58 -19.29 56.28 -47.94
C PRO A 58 -18.32 57.41 -48.23
N VAL A 59 -17.19 57.04 -48.81
CA VAL A 59 -16.18 58.00 -49.23
C VAL A 59 -16.41 58.29 -50.71
N VAL A 60 -16.76 59.53 -51.05
CA VAL A 60 -17.00 59.92 -52.42
C VAL A 60 -15.82 60.78 -52.85
N LYS A 61 -15.02 60.25 -53.77
CA LYS A 61 -13.82 60.92 -54.28
C LYS A 61 -14.13 61.48 -55.66
N CYS A 62 -14.11 62.80 -55.79
CA CYS A 62 -14.38 63.44 -57.06
C CYS A 62 -13.10 63.62 -57.85
N CYS A 63 -13.18 63.33 -59.15
CA CYS A 63 -12.03 63.43 -60.04
C CYS A 63 -10.83 62.66 -59.47
N GLY A 64 -11.05 61.40 -59.13
CA GLY A 64 -9.99 60.60 -58.56
C GLY A 64 -10.50 59.23 -58.17
N ALA A 65 -9.67 58.49 -57.45
CA ALA A 65 -10.02 57.14 -57.04
C ALA A 65 -9.37 56.82 -55.70
N THR A 66 -9.94 55.83 -55.02
CA THR A 66 -9.47 55.38 -53.71
C THR A 66 -9.28 53.87 -53.74
N GLN A 67 -8.68 53.34 -52.67
CA GLN A 67 -8.44 51.92 -52.52
C GLN A 67 -8.91 51.46 -51.15
N CYS A 68 -9.53 50.27 -51.10
CA CYS A 68 -9.99 49.69 -49.85
C CYS A 68 -8.84 49.07 -49.07
N THR A 69 -9.04 48.99 -47.74
CA THR A 69 -8.10 48.34 -46.83
C THR A 69 -8.85 47.31 -46.00
N SER A 70 -8.09 46.43 -45.36
CA SER A 70 -8.66 45.38 -44.51
C SER A 70 -8.83 45.89 -43.09
N LYS A 71 -9.94 45.49 -42.46
CA LYS A 71 -10.27 45.88 -41.10
C LYS A 71 -10.79 44.68 -40.31
N PRO A 72 -10.64 44.70 -38.99
CA PRO A 72 -11.04 43.54 -38.17
C PRO A 72 -12.53 43.42 -37.92
N HIS A 73 -13.35 44.31 -38.46
CA HIS A 73 -14.78 44.26 -38.18
C HIS A 73 -15.38 42.93 -38.62
N PRO A 74 -16.33 42.38 -37.87
CA PRO A 74 -16.94 41.10 -38.26
C PRO A 74 -17.63 41.18 -39.61
N ASP A 75 -17.38 40.19 -40.46
CA ASP A 75 -17.97 40.13 -41.80
C ASP A 75 -17.79 41.46 -42.54
N TYR A 76 -16.61 42.06 -42.38
CA TYR A 76 -16.30 43.35 -42.98
C TYR A 76 -16.29 43.28 -44.50
N GLN A 77 -16.91 44.26 -45.14
CA GLN A 77 -16.94 44.40 -46.58
C GLN A 77 -16.49 45.80 -46.97
N CYS A 78 -15.75 45.91 -48.08
CA CYS A 78 -15.32 47.19 -48.61
C CYS A 78 -15.18 47.04 -50.11
N GLN A 79 -15.74 47.97 -50.86
CA GLN A 79 -15.62 47.92 -52.31
C GLN A 79 -15.61 49.33 -52.88
N VAL A 80 -14.82 49.52 -53.92
CA VAL A 80 -14.66 50.81 -54.58
C VAL A 80 -15.43 50.78 -55.88
N PHE A 81 -16.36 51.72 -56.03
CA PHE A 81 -17.22 51.82 -57.20
C PHE A 81 -16.83 53.05 -58.01
N SER A 82 -16.22 52.83 -59.16
CA SER A 82 -15.78 53.91 -60.04
C SER A 82 -16.89 54.28 -61.04
N GLY A 83 -16.73 55.45 -61.64
CA GLY A 83 -17.67 55.93 -62.63
C GLY A 83 -18.97 56.48 -62.08
N VAL A 84 -18.97 56.97 -60.86
CA VAL A 84 -20.16 57.50 -60.21
C VAL A 84 -20.23 59.01 -60.47
N TYR A 85 -21.44 59.52 -60.59
CA TYR A 85 -21.69 60.95 -60.74
C TYR A 85 -22.86 61.32 -59.84
N PRO A 86 -22.64 61.27 -58.51
CA PRO A 86 -23.75 61.49 -57.58
C PRO A 86 -24.28 62.91 -57.56
N PHE A 87 -25.56 63.02 -57.23
CA PHE A 87 -26.25 64.28 -57.02
C PHE A 87 -26.75 64.34 -55.59
N MET A 88 -26.81 65.55 -55.03
CA MET A 88 -27.37 65.74 -53.70
C MET A 88 -28.30 66.96 -53.74
N TYR A 89 -28.78 67.41 -52.58
CA TYR A 89 -29.74 68.50 -52.57
C TYR A 89 -29.17 69.76 -53.19
N GLY A 90 -27.85 69.95 -53.12
CA GLY A 90 -27.20 71.13 -53.64
C GLY A 90 -26.74 71.01 -55.08
N GLY A 91 -27.13 69.96 -55.79
CA GLY A 91 -26.74 69.75 -57.16
C GLY A 91 -25.74 68.62 -57.29
N ALA A 92 -25.11 68.57 -58.47
CA ALA A 92 -24.09 67.55 -58.71
C ALA A 92 -22.98 67.66 -57.69
N TYR A 93 -22.61 66.52 -57.10
CA TYR A 93 -21.58 66.51 -56.07
C TYR A 93 -20.18 66.67 -56.64
N CYS A 94 -19.88 65.99 -57.76
CA CYS A 94 -18.56 66.01 -58.35
C CYS A 94 -18.53 66.79 -59.66
N PHE A 95 -17.33 67.27 -60.01
CA PHE A 95 -17.14 67.96 -61.27
C PHE A 95 -16.98 66.99 -62.44
N CYS A 96 -16.08 66.02 -62.30
CA CYS A 96 -15.85 65.07 -63.38
C CYS A 96 -17.07 64.16 -63.55
N ASP A 97 -17.27 63.70 -64.77
CA ASP A 97 -18.42 62.86 -65.09
C ASP A 97 -18.19 61.39 -64.80
N THR A 98 -17.10 60.82 -65.32
CA THR A 98 -16.83 59.40 -65.14
C THR A 98 -15.55 59.10 -64.36
N GLU A 99 -14.85 60.12 -63.89
CA GLU A 99 -13.58 59.94 -63.19
C GLU A 99 -13.74 59.92 -61.67
N ASN A 100 -14.96 59.89 -61.17
CA ASN A 100 -15.22 59.90 -59.74
C ASN A 100 -15.35 58.49 -59.18
N THR A 101 -15.13 58.37 -57.88
CA THR A 101 -15.16 57.07 -57.20
C THR A 101 -15.85 57.15 -55.86
N GLN A 102 -16.66 56.13 -55.55
CA GLN A 102 -17.31 55.98 -54.26
C GLN A 102 -16.84 54.70 -53.58
N MET A 103 -16.39 54.80 -52.33
CA MET A 103 -16.00 53.64 -51.54
C MET A 103 -17.12 53.30 -50.56
N SER A 104 -17.59 52.07 -50.59
CA SER A 104 -18.64 51.57 -49.71
C SER A 104 -18.05 50.62 -48.67
N GLU A 105 -18.48 50.78 -47.42
CA GLU A 105 -18.06 49.92 -46.32
C GLU A 105 -19.25 49.47 -45.52
N ALA A 106 -19.17 48.23 -45.02
CA ALA A 106 -20.21 47.68 -44.17
C ALA A 106 -19.63 46.54 -43.35
N TYR A 107 -20.20 46.34 -42.16
CA TYR A 107 -19.78 45.23 -41.31
C TYR A 107 -20.95 44.88 -40.39
N VAL A 108 -20.84 43.71 -39.76
CA VAL A 108 -21.89 43.17 -38.91
C VAL A 108 -21.54 43.35 -37.44
N GLU A 109 -22.54 43.74 -36.66
CA GLU A 109 -22.42 43.90 -35.22
C GLU A 109 -23.68 43.38 -34.56
N ARG A 110 -23.59 43.14 -33.25
CA ARG A 110 -24.77 42.71 -32.51
C ARG A 110 -25.80 43.82 -32.48
N SER A 111 -27.07 43.45 -32.61
CA SER A 111 -28.16 44.41 -32.52
C SER A 111 -28.42 44.80 -31.07
N GLU A 112 -29.17 45.89 -30.90
CA GLU A 112 -29.50 46.34 -29.56
C GLU A 112 -30.34 45.31 -28.82
N GLU A 113 -31.23 44.63 -29.54
CA GLU A 113 -32.09 43.61 -28.94
C GLU A 113 -31.29 42.43 -28.40
N CYS A 114 -30.04 42.28 -28.83
CA CYS A 114 -29.21 41.18 -28.32
C CYS A 114 -29.02 41.24 -26.81
N SER A 115 -29.20 42.41 -26.20
CA SER A 115 -29.05 42.52 -24.76
C SER A 115 -30.18 41.81 -24.00
N ILE A 116 -31.34 41.64 -24.63
CA ILE A 116 -32.49 41.00 -24.00
C ILE A 116 -32.95 39.77 -24.77
N ASP A 117 -32.91 39.82 -26.11
CA ASP A 117 -33.43 38.76 -26.97
C ASP A 117 -32.25 38.03 -27.62
N HIS A 118 -31.78 36.98 -26.95
CA HIS A 118 -30.66 36.19 -27.46
C HIS A 118 -30.81 34.76 -26.97
N ALA A 119 -30.16 33.83 -27.69
CA ALA A 119 -30.15 32.43 -27.36
C ALA A 119 -28.77 32.04 -26.85
N LYS A 120 -28.73 31.29 -25.75
CA LYS A 120 -27.49 30.87 -25.12
C LYS A 120 -27.19 29.42 -25.46
N ALA A 121 -26.03 29.18 -26.04
CA ALA A 121 -25.58 27.83 -26.36
C ALA A 121 -24.75 27.28 -25.20
N TYR A 122 -25.23 26.21 -24.58
CA TYR A 122 -24.56 25.60 -23.44
C TYR A 122 -24.16 24.16 -23.72
N LYS A 123 -23.03 23.77 -23.14
CA LYS A 123 -22.63 22.38 -23.07
C LYS A 123 -22.97 21.90 -21.66
N VAL A 124 -23.63 20.76 -21.56
CA VAL A 124 -24.24 20.29 -20.32
C VAL A 124 -23.51 19.04 -19.83
N HIS A 125 -23.14 19.06 -18.54
CA HIS A 125 -22.45 17.97 -17.88
C HIS A 125 -23.25 17.55 -16.65
N THR A 126 -22.96 16.35 -16.15
CA THR A 126 -23.60 15.89 -14.92
C THR A 126 -23.31 16.87 -13.80
N GLY A 127 -24.37 17.28 -13.09
CA GLY A 127 -24.22 18.23 -12.01
C GLY A 127 -24.57 17.66 -10.66
N THR A 128 -25.59 18.22 -10.03
CA THR A 128 -26.05 17.80 -8.72
C THR A 128 -27.55 17.59 -8.74
N VAL A 129 -28.05 16.90 -7.71
CA VAL A 129 -29.47 16.66 -7.53
C VAL A 129 -29.85 17.16 -6.14
N GLN A 130 -30.87 18.00 -6.07
CA GLN A 130 -31.33 18.58 -4.82
C GLN A 130 -32.83 18.37 -4.70
N ALA A 131 -33.32 18.39 -3.47
CA ALA A 131 -34.75 18.19 -3.24
C ALA A 131 -35.18 18.94 -1.98
N MET A 132 -36.48 19.21 -1.91
CA MET A 132 -37.13 19.78 -0.74
C MET A 132 -37.97 18.66 -0.15
N VAL A 133 -37.69 18.28 1.10
CA VAL A 133 -38.33 17.14 1.73
C VAL A 133 -39.14 17.61 2.93
N ASN A 134 -40.37 17.12 3.02
CA ASN A 134 -41.29 17.41 4.12
C ASN A 134 -41.34 16.17 5.01
N ILE A 135 -40.94 16.30 6.28
CA ILE A 135 -40.85 15.16 7.18
C ILE A 135 -41.57 15.43 8.49
N THR A 136 -42.34 14.44 8.95
CA THR A 136 -42.97 14.43 10.26
C THR A 136 -42.80 13.04 10.85
N TYR A 137 -42.53 12.97 12.14
CA TYR A 137 -42.35 11.70 12.82
C TYR A 137 -42.98 11.75 14.20
N GLY A 138 -43.55 10.63 14.62
CA GLY A 138 -44.19 10.56 15.93
C GLY A 138 -45.23 11.64 16.09
N SER A 139 -45.10 12.44 17.14
CA SER A 139 -46.00 13.55 17.41
C SER A 139 -45.41 14.89 16.98
N VAL A 140 -44.27 14.87 16.30
CA VAL A 140 -43.64 16.10 15.83
C VAL A 140 -44.27 16.52 14.51
N SER A 141 -44.62 17.79 14.40
CA SER A 141 -45.27 18.32 13.21
C SER A 141 -44.33 18.30 12.00
N TRP A 142 -44.89 18.59 10.84
CA TRP A 142 -44.13 18.60 9.60
C TRP A 142 -43.01 19.65 9.64
N ARG A 143 -41.81 19.22 9.25
CA ARG A 143 -40.65 20.09 9.10
C ARG A 143 -40.06 19.81 7.72
N SER A 144 -39.45 20.82 7.11
CA SER A 144 -38.89 20.65 5.78
C SER A 144 -37.57 21.37 5.66
N ALA A 145 -36.73 20.88 4.74
CA ALA A 145 -35.44 21.48 4.45
C ALA A 145 -35.03 21.11 3.04
N ASP A 146 -34.21 21.97 2.42
CA ASP A 146 -33.64 21.67 1.13
C ASP A 146 -32.41 20.80 1.31
N VAL A 147 -32.34 19.68 0.60
CA VAL A 147 -31.29 18.71 0.81
C VAL A 147 -30.62 18.36 -0.51
N TYR A 148 -29.40 17.82 -0.40
CA TYR A 148 -28.62 17.36 -1.53
C TYR A 148 -28.76 15.85 -1.63
N VAL A 149 -29.19 15.36 -2.79
CA VAL A 149 -29.39 13.93 -2.96
C VAL A 149 -28.08 13.30 -3.41
N ASN A 150 -27.16 13.13 -2.46
CA ASN A 150 -25.84 12.55 -2.70
C ASN A 150 -25.71 11.17 -2.12
N GLY A 151 -26.48 10.86 -1.07
CA GLY A 151 -26.34 9.64 -0.32
C GLY A 151 -25.33 9.73 0.79
N GLU A 152 -24.68 10.87 0.95
CA GLU A 152 -23.67 11.09 1.97
C GLU A 152 -23.88 12.35 2.79
N THR A 153 -24.32 13.44 2.17
CA THR A 153 -24.48 14.71 2.87
C THR A 153 -25.73 14.69 3.74
N PRO A 154 -25.60 14.80 5.07
CA PRO A 154 -26.78 14.81 5.94
C PRO A 154 -27.41 16.19 6.05
N ALA A 155 -28.71 16.19 6.38
CA ALA A 155 -29.48 17.40 6.61
C ALA A 155 -30.22 17.29 7.93
N LYS A 156 -30.31 18.40 8.66
CA LYS A 156 -31.00 18.45 9.95
C LYS A 156 -32.42 18.96 9.71
N ILE A 157 -33.41 18.10 9.96
CA ILE A 157 -34.82 18.42 9.77
C ILE A 157 -35.53 18.15 11.09
N GLY A 158 -35.72 19.20 11.88
CA GLY A 158 -36.47 19.08 13.12
C GLY A 158 -35.86 18.13 14.12
N ASP A 159 -34.55 18.25 14.34
CA ASP A 159 -33.75 17.41 15.22
C ASP A 159 -33.51 16.01 14.65
N ALA A 160 -34.04 15.71 13.46
CA ALA A 160 -33.77 14.44 12.80
C ALA A 160 -32.78 14.67 11.68
N LYS A 161 -31.84 13.74 11.51
CA LYS A 161 -30.80 13.85 10.50
C LYS A 161 -31.12 12.92 9.33
N LEU A 162 -31.28 13.51 8.15
CA LEU A 162 -31.66 12.78 6.94
C LEU A 162 -30.51 12.73 5.94
N ILE A 163 -30.24 11.52 5.43
CA ILE A 163 -29.30 11.30 4.33
C ILE A 163 -30.09 10.62 3.22
N ILE A 164 -30.06 11.19 2.02
CA ILE A 164 -30.81 10.66 0.88
C ILE A 164 -29.84 10.13 -0.16
N GLY A 165 -30.00 8.85 -0.49
CA GLY A 165 -29.18 8.17 -1.47
C GLY A 165 -29.36 8.77 -2.85
N PRO A 166 -28.40 8.53 -3.74
CA PRO A 166 -28.51 9.04 -5.11
C PRO A 166 -29.66 8.35 -5.84
N LEU A 167 -30.18 9.04 -6.84
CA LEU A 167 -31.26 8.45 -7.63
C LEU A 167 -30.77 7.16 -8.26
N SER A 168 -31.64 6.15 -8.26
CA SER A 168 -31.27 4.86 -8.83
C SER A 168 -30.99 4.97 -10.33
N SER A 169 -31.49 6.01 -10.99
CA SER A 169 -31.26 6.24 -12.40
C SER A 169 -30.50 7.53 -12.62
N ALA A 170 -29.48 7.49 -13.47
CA ALA A 170 -28.69 8.66 -13.83
C ALA A 170 -29.35 9.46 -14.96
N TRP A 171 -30.59 9.13 -15.31
CA TRP A 171 -31.30 9.78 -16.40
C TRP A 171 -31.45 11.27 -16.16
N SER A 172 -31.29 12.05 -17.23
CA SER A 172 -31.46 13.50 -17.22
C SER A 172 -32.08 13.88 -18.55
N PRO A 173 -33.03 14.82 -18.56
CA PRO A 173 -33.67 15.20 -19.85
C PRO A 173 -32.77 16.02 -20.75
N PHE A 174 -31.69 16.59 -20.22
CA PHE A 174 -30.83 17.48 -21.00
C PHE A 174 -29.82 16.68 -21.81
N ASP A 175 -29.64 17.08 -23.06
CA ASP A 175 -28.65 16.48 -23.92
C ASP A 175 -27.28 17.09 -23.64
N ASN A 176 -26.26 16.62 -24.35
CA ASN A 176 -24.92 17.15 -24.14
C ASN A 176 -24.82 18.61 -24.54
N LYS A 177 -25.64 19.05 -25.50
CA LYS A 177 -25.66 20.44 -25.95
C LYS A 177 -27.10 20.93 -25.97
N VAL A 178 -27.36 22.06 -25.32
CA VAL A 178 -28.69 22.65 -25.28
C VAL A 178 -28.60 24.14 -25.61
N VAL A 179 -29.73 24.68 -26.05
CA VAL A 179 -29.89 26.11 -26.33
C VAL A 179 -31.00 26.64 -25.44
N VAL A 180 -30.69 27.67 -24.65
CA VAL A 180 -31.64 28.29 -23.75
C VAL A 180 -32.08 29.62 -24.37
N TYR A 181 -33.37 29.74 -24.66
CA TYR A 181 -33.94 30.95 -25.24
C TYR A 181 -35.16 31.34 -24.43
N GLY A 182 -35.14 32.54 -23.87
CA GLY A 182 -36.25 32.96 -23.04
C GLY A 182 -36.38 32.02 -21.85
N HIS A 183 -37.58 31.48 -21.67
CA HIS A 183 -37.84 30.50 -20.63
C HIS A 183 -37.71 29.07 -21.13
N GLU A 184 -37.44 28.88 -22.43
CA GLU A 184 -37.40 27.57 -23.06
C GLU A 184 -35.99 27.02 -23.18
N VAL A 185 -35.90 25.69 -23.13
CA VAL A 185 -34.65 24.96 -23.32
C VAL A 185 -34.84 24.00 -24.48
N TYR A 186 -33.89 24.02 -25.41
CA TYR A 186 -33.92 23.15 -26.59
C TYR A 186 -32.71 22.24 -26.60
N ASN A 187 -32.93 20.95 -26.85
CA ASN A 187 -31.84 19.99 -27.04
C ASN A 187 -31.38 20.11 -28.49
N TYR A 188 -30.73 21.23 -28.77
CA TYR A 188 -30.27 21.58 -30.11
C TYR A 188 -28.77 21.35 -30.23
N ASP A 189 -28.36 20.54 -31.21
CA ASP A 189 -26.95 20.28 -31.49
C ASP A 189 -26.43 21.45 -32.32
N PHE A 190 -26.06 22.51 -31.62
CA PHE A 190 -25.64 23.73 -32.29
C PHE A 190 -24.24 23.60 -32.88
N PRO A 191 -23.93 24.37 -33.93
CA PRO A 191 -22.59 24.34 -34.50
C PRO A 191 -21.57 24.94 -33.55
N GLU A 192 -20.33 24.50 -33.70
CA GLU A 192 -19.27 25.02 -32.86
C GLU A 192 -19.04 26.49 -33.18
N TYR A 193 -18.43 27.20 -32.23
CA TYR A 193 -18.12 28.61 -32.43
C TYR A 193 -17.20 28.77 -33.63
N GLY A 194 -17.53 29.74 -34.50
CA GLY A 194 -16.75 30.00 -35.69
C GLY A 194 -17.14 29.22 -36.91
N THR A 195 -18.10 28.29 -36.81
CA THR A 195 -18.53 27.48 -37.95
C THR A 195 -19.97 27.74 -38.33
N GLY A 196 -20.60 28.78 -37.81
CA GLY A 196 -21.97 29.08 -38.18
C GLY A 196 -22.11 29.48 -39.63
N LYS A 197 -23.24 29.11 -40.22
CA LYS A 197 -23.53 29.35 -41.61
C LYS A 197 -24.55 30.47 -41.77
N ALA A 198 -24.47 31.18 -42.89
CA ALA A 198 -25.37 32.28 -43.16
C ALA A 198 -26.81 31.79 -43.24
N GLY A 199 -27.71 32.54 -42.61
CA GLY A 199 -29.12 32.21 -42.64
C GLY A 199 -29.52 31.07 -41.74
N SER A 200 -28.61 30.57 -40.91
CA SER A 200 -28.87 29.48 -39.99
C SER A 200 -28.59 29.96 -38.56
N PHE A 201 -28.87 29.09 -37.60
CA PHE A 201 -28.84 29.47 -36.20
C PHE A 201 -27.55 30.17 -35.80
N GLY A 202 -26.40 29.61 -36.14
CA GLY A 202 -25.14 30.18 -35.72
C GLY A 202 -24.51 31.23 -36.61
N ASP A 203 -25.27 31.84 -37.54
CA ASP A 203 -24.68 32.83 -38.43
C ASP A 203 -23.90 33.89 -37.64
N LEU A 204 -24.45 34.35 -36.52
CA LEU A 204 -23.78 35.26 -35.62
C LEU A 204 -23.51 34.56 -34.30
N GLN A 205 -22.26 34.60 -33.84
CA GLN A 205 -21.88 33.97 -32.58
C GLN A 205 -20.98 34.90 -31.78
N SER A 206 -21.23 34.96 -30.47
CA SER A 206 -20.43 35.75 -29.56
C SER A 206 -20.24 34.95 -28.28
N ARG A 207 -19.01 34.95 -27.76
CA ARG A 207 -18.74 34.20 -26.54
C ARG A 207 -19.57 34.72 -25.37
N THR A 208 -19.76 36.04 -25.31
CA THR A 208 -20.57 36.66 -24.28
C THR A 208 -21.38 37.78 -24.89
N SER A 209 -22.37 38.27 -24.15
CA SER A 209 -23.21 39.36 -24.63
C SER A 209 -22.47 40.69 -24.70
N THR A 210 -21.28 40.78 -24.09
CA THR A 210 -20.47 41.99 -24.12
C THR A 210 -19.14 41.77 -24.83
N SER A 211 -18.91 40.60 -25.42
CA SER A 211 -17.64 40.29 -26.05
C SER A 211 -17.35 41.24 -27.21
N ASN A 212 -16.07 41.59 -27.35
CA ASN A 212 -15.60 42.41 -28.45
C ASN A 212 -15.18 41.59 -29.67
N ASP A 213 -15.15 40.27 -29.53
CA ASP A 213 -14.79 39.35 -30.62
C ASP A 213 -16.08 38.68 -31.06
N LEU A 214 -16.66 39.17 -32.15
CA LEU A 214 -17.91 38.67 -32.69
C LEU A 214 -17.66 37.90 -33.98
N TYR A 215 -18.23 36.70 -34.08
CA TYR A 215 -18.23 35.94 -35.31
C TYR A 215 -19.53 36.22 -36.05
N ALA A 216 -19.41 36.53 -37.34
CA ALA A 216 -20.58 36.76 -38.17
C ALA A 216 -20.34 36.17 -39.54
N ASN A 217 -21.29 35.38 -40.01
CA ASN A 217 -21.22 34.75 -41.34
C ASN A 217 -22.54 35.00 -42.05
N THR A 218 -22.56 36.07 -42.84
CA THR A 218 -23.71 36.41 -43.67
C THR A 218 -23.15 36.75 -45.05
N ASN A 219 -23.93 36.49 -46.09
CA ASN A 219 -23.49 36.83 -47.44
C ASN A 219 -23.72 38.31 -47.69
N LEU A 220 -23.03 39.13 -46.89
CA LEU A 220 -23.12 40.57 -46.99
C LEU A 220 -22.29 41.01 -48.19
N LYS A 221 -22.94 41.53 -49.21
CA LYS A 221 -22.28 41.96 -50.43
C LYS A 221 -22.67 43.39 -50.74
N LEU A 222 -21.69 44.24 -50.97
CA LEU A 222 -21.96 45.62 -51.31
C LEU A 222 -22.39 45.71 -52.77
N GLN A 223 -23.42 46.50 -53.02
CA GLN A 223 -23.96 46.69 -54.36
C GLN A 223 -23.58 48.08 -54.86
N ARG A 224 -23.62 48.24 -56.18
CA ARG A 224 -23.31 49.54 -56.77
C ARG A 224 -24.42 50.53 -56.44
N PRO A 225 -24.08 51.75 -56.02
CA PRO A 225 -25.11 52.75 -55.76
C PRO A 225 -25.88 53.10 -57.03
N GLN A 226 -27.14 53.49 -56.84
CA GLN A 226 -27.97 53.89 -57.96
C GLN A 226 -27.38 55.12 -58.64
N ALA A 227 -27.58 55.22 -59.95
CA ALA A 227 -27.02 56.32 -60.72
C ALA A 227 -27.48 57.66 -60.19
N GLY A 228 -26.53 58.52 -59.84
CA GLY A 228 -26.82 59.85 -59.35
C GLY A 228 -27.27 59.93 -57.90
N ILE A 229 -27.15 58.84 -57.14
CA ILE A 229 -27.66 58.76 -55.79
C ILE A 229 -26.54 58.36 -54.85
N VAL A 230 -26.45 59.04 -53.71
CA VAL A 230 -25.45 58.74 -52.68
C VAL A 230 -26.12 57.85 -51.62
N HIS A 231 -25.73 56.59 -51.59
CA HIS A 231 -26.15 55.66 -50.57
C HIS A 231 -25.22 54.45 -50.65
N THR A 232 -25.34 53.57 -49.66
CA THR A 232 -24.51 52.36 -49.59
C THR A 232 -25.41 51.13 -49.61
N PRO A 233 -25.87 50.71 -50.79
CA PRO A 233 -26.71 49.52 -50.88
C PRO A 233 -25.91 48.24 -50.66
N PHE A 234 -26.62 47.20 -50.23
CA PHE A 234 -26.02 45.90 -50.03
C PHE A 234 -27.12 44.85 -49.99
N THR A 235 -26.70 43.59 -50.14
CA THR A 235 -27.57 42.43 -49.96
C THR A 235 -26.98 41.58 -48.86
N GLN A 236 -27.84 40.85 -48.16
CA GLN A 236 -27.37 40.02 -47.07
C GLN A 236 -28.39 38.92 -46.83
N VAL A 237 -27.91 37.77 -46.37
CA VAL A 237 -28.84 36.67 -46.09
C VAL A 237 -29.64 37.00 -44.84
N PRO A 238 -30.97 36.90 -44.87
CA PRO A 238 -31.76 37.20 -43.68
C PRO A 238 -31.23 36.46 -42.47
N SER A 239 -31.39 37.08 -41.31
CA SER A 239 -30.85 36.56 -40.06
C SER A 239 -31.34 35.13 -39.81
N GLY A 240 -30.39 34.27 -39.43
CA GLY A 240 -30.72 32.90 -39.10
C GLY A 240 -31.24 32.71 -37.71
N PHE A 241 -31.11 33.74 -36.86
CA PHE A 241 -31.73 33.72 -35.53
C PHE A 241 -33.23 33.96 -35.65
N GLU A 242 -33.62 34.93 -36.47
CA GLU A 242 -35.05 35.14 -36.73
C GLU A 242 -35.66 33.92 -37.41
N ARG A 243 -34.94 33.32 -38.35
CA ARG A 243 -35.41 32.09 -38.98
C ARG A 243 -35.54 30.96 -37.97
N TRP A 244 -34.56 30.84 -37.07
CA TRP A 244 -34.63 29.80 -36.05
C TRP A 244 -35.85 29.98 -35.17
N LYS A 245 -36.16 31.22 -34.76
CA LYS A 245 -37.35 31.46 -33.96
C LYS A 245 -38.59 30.90 -34.64
N LYS A 246 -38.68 31.04 -35.95
CA LYS A 246 -39.82 30.52 -36.69
C LYS A 246 -39.82 29.00 -36.75
N ASP A 247 -38.64 28.39 -36.86
CA ASP A 247 -38.52 26.94 -37.05
C ASP A 247 -37.97 26.20 -35.83
N LYS A 248 -37.83 26.85 -34.67
CA LYS A 248 -37.18 26.17 -33.55
C LYS A 248 -37.96 24.95 -33.06
N GLY A 249 -39.28 24.92 -33.28
CA GLY A 249 -40.06 23.74 -32.91
C GLY A 249 -40.44 23.67 -31.44
N ALA A 250 -40.66 22.44 -30.97
CA ALA A 250 -41.08 22.19 -29.59
C ALA A 250 -39.90 22.24 -28.63
N PRO A 251 -40.00 22.98 -27.52
CA PRO A 251 -38.91 23.02 -26.55
C PRO A 251 -38.89 21.78 -25.68
N LEU A 252 -37.76 21.61 -24.98
CA LEU A 252 -37.65 20.52 -24.02
C LEU A 252 -38.72 20.64 -22.95
N ASN A 253 -39.16 21.88 -22.67
CA ASN A 253 -40.23 22.11 -21.70
C ASN A 253 -41.49 21.33 -22.03
N ASP A 254 -41.74 21.06 -23.32
CA ASP A 254 -42.96 20.40 -23.76
C ASP A 254 -42.79 18.94 -24.15
N VAL A 255 -41.57 18.40 -24.18
CA VAL A 255 -41.36 17.04 -24.66
C VAL A 255 -40.59 16.17 -23.67
N ALA A 256 -40.14 16.75 -22.57
CA ALA A 256 -39.35 15.99 -21.61
C ALA A 256 -40.15 14.81 -21.07
N PRO A 257 -39.59 13.60 -21.06
CA PRO A 257 -40.30 12.46 -20.47
C PRO A 257 -40.43 12.58 -18.95
N PHE A 258 -41.22 11.67 -18.39
CA PHE A 258 -41.42 11.55 -16.94
C PHE A 258 -42.05 12.79 -16.31
N GLY A 259 -42.66 13.67 -17.10
CA GLY A 259 -43.29 14.83 -16.52
C GLY A 259 -42.34 15.88 -15.99
N CYS A 260 -41.11 15.91 -16.46
CA CYS A 260 -40.14 16.89 -15.99
C CYS A 260 -40.60 18.30 -16.30
N SER A 261 -40.39 19.19 -15.34
CA SER A 261 -40.60 20.64 -15.50
C SER A 261 -39.23 21.28 -15.64
N ILE A 262 -39.08 22.17 -16.62
CA ILE A 262 -37.79 22.79 -16.91
C ILE A 262 -37.78 24.23 -16.39
N ALA A 263 -36.75 24.56 -15.60
CA ALA A 263 -36.54 25.89 -15.06
C ALA A 263 -35.11 26.33 -15.40
N LEU A 264 -34.89 27.64 -15.44
CA LEU A 264 -33.62 28.18 -15.92
C LEU A 264 -32.67 28.77 -14.89
N GLU A 265 -33.13 29.15 -13.69
CA GLU A 265 -32.27 29.82 -12.71
C GLU A 265 -32.21 29.04 -11.41
N PRO A 266 -31.29 28.07 -11.30
CA PRO A 266 -30.35 27.59 -12.32
C PRO A 266 -31.02 26.69 -13.33
N LEU A 267 -30.40 26.41 -14.47
CA LEU A 267 -30.98 25.45 -15.40
C LEU A 267 -31.15 24.12 -14.68
N ARG A 268 -32.37 23.59 -14.70
CA ARG A 268 -32.64 22.35 -13.98
C ARG A 268 -33.92 21.72 -14.51
N ALA A 269 -34.03 20.42 -14.28
CA ALA A 269 -35.24 19.64 -14.58
C ALA A 269 -35.86 19.25 -13.26
N GLU A 270 -37.12 19.62 -13.06
CA GLU A 270 -37.81 19.40 -11.80
C GLU A 270 -38.84 18.28 -11.87
N ASN A 271 -38.97 17.59 -10.73
CA ASN A 271 -40.01 16.59 -10.51
C ASN A 271 -40.04 15.48 -11.57
N CYS A 272 -38.87 15.02 -11.98
CA CYS A 272 -38.79 13.90 -12.91
C CYS A 272 -39.01 12.60 -12.12
N ALA A 273 -40.10 11.89 -12.42
CA ALA A 273 -40.46 10.67 -11.70
C ALA A 273 -39.72 9.46 -12.26
N VAL A 274 -38.43 9.38 -11.94
CA VAL A 274 -37.56 8.32 -12.44
C VAL A 274 -36.97 7.55 -11.26
N GLY A 275 -37.16 6.23 -11.26
CA GLY A 275 -36.55 5.34 -10.29
C GLY A 275 -37.04 5.48 -8.86
N SER A 276 -36.13 5.21 -7.93
CA SER A 276 -36.39 5.24 -6.50
C SER A 276 -35.22 5.90 -5.80
N ILE A 277 -35.43 6.28 -4.54
CA ILE A 277 -34.46 7.03 -3.76
C ILE A 277 -34.15 6.34 -2.44
N PRO A 278 -32.91 5.88 -2.21
CA PRO A 278 -32.57 5.36 -0.89
C PRO A 278 -32.62 6.47 0.16
N ILE A 279 -33.06 6.14 1.36
CA ILE A 279 -33.16 7.12 2.44
C ILE A 279 -32.62 6.53 3.74
N SER A 280 -32.05 7.40 4.57
CA SER A 280 -31.55 7.06 5.90
C SER A 280 -31.81 8.24 6.81
N ILE A 281 -32.64 8.05 7.83
CA ILE A 281 -33.01 9.11 8.77
C ILE A 281 -32.77 8.63 10.20
N ASP A 282 -32.12 9.48 10.99
CA ASP A 282 -31.89 9.20 12.40
C ASP A 282 -33.00 9.85 13.23
N ILE A 283 -33.81 9.03 13.88
CA ILE A 283 -34.88 9.55 14.74
C ILE A 283 -34.30 9.84 16.11
N PRO A 284 -34.50 11.03 16.68
CA PRO A 284 -33.94 11.32 18.00
C PRO A 284 -34.47 10.37 19.06
N ASP A 285 -33.60 10.04 20.02
CA ASP A 285 -33.95 9.08 21.07
C ASP A 285 -35.17 9.53 21.87
N ALA A 286 -35.37 10.84 22.03
CA ALA A 286 -36.51 11.34 22.78
C ALA A 286 -37.85 10.98 22.13
N ALA A 287 -37.85 10.64 20.84
CA ALA A 287 -39.09 10.33 20.14
C ALA A 287 -39.66 8.96 20.50
N PHE A 288 -38.91 8.10 21.17
CA PHE A 288 -39.33 6.75 21.46
C PHE A 288 -39.80 6.57 22.90
N THR A 289 -40.92 5.89 23.07
CA THR A 289 -41.48 5.54 24.36
C THR A 289 -41.35 4.04 24.58
N ARG A 290 -40.99 3.65 25.80
CA ARG A 290 -40.82 2.24 26.11
C ARG A 290 -42.14 1.48 25.92
N ILE A 291 -42.02 0.23 25.47
CA ILE A 291 -43.19 -0.59 25.17
C ILE A 291 -44.09 -0.74 26.41
N SER A 292 -43.49 -0.98 27.57
CA SER A 292 -44.29 -1.17 28.78
C SER A 292 -45.09 0.07 29.15
N GLU A 293 -44.73 1.24 28.62
CA GLU A 293 -45.43 2.48 28.91
C GLU A 293 -46.53 2.80 27.91
N THR A 294 -46.71 1.97 26.88
CA THR A 294 -47.72 2.20 25.84
C THR A 294 -48.86 1.19 25.94
N PRO A 295 -49.98 1.46 25.29
CA PRO A 295 -51.12 0.53 25.31
C PRO A 295 -50.80 -0.79 24.64
N THR A 296 -51.48 -1.84 25.10
CA THR A 296 -51.41 -3.17 24.51
C THR A 296 -52.77 -3.50 23.91
N VAL A 297 -52.78 -3.82 22.62
CA VAL A 297 -54.01 -4.09 21.86
C VAL A 297 -54.08 -5.58 21.53
N SER A 298 -55.28 -6.14 21.58
CA SER A 298 -55.48 -7.55 21.31
C SER A 298 -56.88 -7.78 20.75
N ASP A 299 -57.09 -9.00 20.23
CA ASP A 299 -58.37 -9.40 19.65
C ASP A 299 -58.81 -8.47 18.53
N LEU A 300 -57.87 -8.09 17.68
CA LEU A 300 -58.16 -7.22 16.55
C LEU A 300 -58.90 -7.96 15.45
N GLU A 301 -60.01 -7.39 14.99
CA GLU A 301 -60.82 -7.94 13.91
C GLU A 301 -61.02 -6.86 12.87
N CYS A 302 -60.51 -7.08 11.65
CA CYS A 302 -60.56 -6.08 10.59
C CYS A 302 -61.59 -6.48 9.54
N LYS A 303 -62.55 -5.59 9.28
CA LYS A 303 -63.58 -5.79 8.27
C LYS A 303 -63.49 -4.70 7.22
N ILE A 304 -63.44 -5.09 5.95
CA ILE A 304 -63.51 -4.13 4.85
C ILE A 304 -64.98 -3.85 4.61
N THR A 305 -65.41 -2.62 4.91
CA THR A 305 -66.82 -2.29 4.81
C THR A 305 -67.21 -1.80 3.41
N GLU A 306 -66.29 -1.18 2.70
CA GLU A 306 -66.51 -0.74 1.33
C GLU A 306 -65.16 -0.56 0.68
N CYS A 307 -65.04 -0.95 -0.58
CA CYS A 307 -63.77 -0.77 -1.28
C CYS A 307 -63.98 -0.60 -2.77
N THR A 308 -63.25 0.36 -3.32
CA THR A 308 -63.15 0.60 -4.75
C THR A 308 -61.67 0.82 -5.04
N TYR A 309 -61.14 0.17 -6.07
CA TYR A 309 -59.72 0.34 -6.35
C TYR A 309 -59.47 1.59 -7.18
N ALA A 310 -60.01 2.71 -6.73
CA ALA A 310 -59.82 4.00 -7.36
C ALA A 310 -58.46 4.59 -6.97
N PHE A 311 -58.06 5.62 -7.71
CA PHE A 311 -56.78 6.26 -7.41
C PHE A 311 -56.78 6.93 -6.04
N ASP A 312 -57.94 7.39 -5.58
CA ASP A 312 -58.04 8.02 -4.27
C ASP A 312 -58.15 6.95 -3.19
N PHE A 313 -58.34 7.38 -1.95
CA PHE A 313 -58.54 6.46 -0.83
C PHE A 313 -59.98 5.96 -0.84
N GLY A 314 -60.27 5.08 -1.79
CA GLY A 314 -61.58 4.50 -1.96
C GLY A 314 -61.93 3.34 -1.07
N GLY A 315 -60.99 2.87 -0.25
CA GLY A 315 -61.25 1.77 0.67
C GLY A 315 -61.58 2.26 2.07
N ILE A 316 -62.55 1.59 2.70
CA ILE A 316 -62.98 1.88 4.06
C ILE A 316 -62.98 0.57 4.82
N ALA A 317 -62.36 0.56 6.01
CA ALA A 317 -62.29 -0.64 6.83
C ALA A 317 -62.57 -0.27 8.28
N THR A 318 -63.13 -1.24 9.02
CA THR A 318 -63.42 -1.10 10.44
C THR A 318 -62.67 -2.17 11.20
N VAL A 319 -61.96 -1.77 12.26
CA VAL A 319 -61.19 -2.69 13.08
C VAL A 319 -61.77 -2.68 14.50
N ALA A 320 -62.25 -3.83 14.95
CA ALA A 320 -62.69 -4.00 16.33
C ALA A 320 -61.48 -4.32 17.20
N TYR A 321 -61.48 -3.81 18.43
CA TYR A 321 -60.31 -3.98 19.27
C TYR A 321 -60.68 -3.88 20.75
N LYS A 322 -59.75 -4.36 21.57
CA LYS A 322 -59.74 -4.15 23.01
C LYS A 322 -58.32 -3.69 23.36
N SER A 323 -58.22 -2.70 24.25
CA SER A 323 -56.91 -2.13 24.54
C SER A 323 -56.84 -1.64 25.97
N SER A 324 -55.66 -1.79 26.58
CA SER A 324 -55.39 -1.23 27.88
C SER A 324 -54.94 0.23 27.77
N LYS A 325 -55.10 0.96 28.87
CA LYS A 325 -54.61 2.33 29.01
C LYS A 325 -55.34 3.34 28.11
N ALA A 326 -56.13 2.86 27.15
CA ALA A 326 -56.91 3.72 26.26
C ALA A 326 -56.09 4.89 25.71
N GLY A 327 -54.97 4.56 25.07
CA GLY A 327 -54.08 5.55 24.51
C GLY A 327 -54.12 5.62 22.98
N ASN A 328 -53.23 6.48 22.47
CA ASN A 328 -53.08 6.66 21.03
C ASN A 328 -52.23 5.54 20.43
N CYS A 329 -52.54 5.18 19.18
CA CYS A 329 -51.89 4.04 18.54
C CYS A 329 -51.55 4.26 17.07
N PRO A 330 -50.27 4.26 16.69
CA PRO A 330 -49.92 4.34 15.27
C PRO A 330 -50.51 3.21 14.44
N ILE A 331 -50.85 3.53 13.19
CA ILE A 331 -51.43 2.58 12.24
C ILE A 331 -50.54 2.55 11.01
N HIS A 332 -50.29 1.34 10.49
CA HIS A 332 -49.45 1.20 9.32
C HIS A 332 -49.78 -0.11 8.60
N SER A 333 -49.44 -0.15 7.31
CA SER A 333 -49.59 -1.35 6.49
C SER A 333 -48.29 -1.59 5.75
N PRO A 334 -47.44 -2.51 6.22
CA PRO A 334 -46.15 -2.72 5.54
C PRO A 334 -46.28 -3.35 4.17
N SER A 335 -47.38 -4.03 3.88
CA SER A 335 -47.57 -4.62 2.56
C SER A 335 -47.87 -3.53 1.53
N GLY A 336 -47.40 -3.76 0.32
CA GLY A 336 -47.62 -2.84 -0.77
C GLY A 336 -49.02 -2.88 -1.36
N VAL A 337 -49.88 -3.76 -0.84
CA VAL A 337 -51.23 -3.88 -1.37
C VAL A 337 -52.03 -2.60 -1.15
N ALA A 338 -51.94 -1.99 0.03
CA ALA A 338 -52.76 -0.83 0.34
C ALA A 338 -51.97 0.25 1.06
N VAL A 339 -52.32 1.50 0.76
CA VAL A 339 -51.76 2.70 1.40
C VAL A 339 -52.79 3.23 2.38
N ILE A 340 -52.37 3.41 3.64
CA ILE A 340 -53.29 3.82 4.70
C ILE A 340 -53.33 5.34 4.78
N LYS A 341 -54.54 5.90 4.84
CA LYS A 341 -54.69 7.35 4.91
C LYS A 341 -54.31 7.88 6.29
N GLU A 342 -54.88 7.32 7.35
CA GLU A 342 -54.59 7.76 8.70
C GLU A 342 -53.22 7.28 9.18
N ASN A 343 -52.57 8.11 9.98
CA ASN A 343 -51.28 7.76 10.57
C ASN A 343 -51.42 7.10 11.94
N ASP A 344 -52.44 7.46 12.71
CA ASP A 344 -52.65 6.88 14.03
C ASP A 344 -54.11 7.02 14.40
N VAL A 345 -54.53 6.27 15.41
CA VAL A 345 -55.90 6.27 15.90
C VAL A 345 -55.91 6.35 17.42
N THR A 346 -57.04 6.80 17.95
CA THR A 346 -57.24 6.92 19.39
C THR A 346 -58.03 5.70 19.86
N LEU A 347 -57.45 4.95 20.80
CA LEU A 347 -58.04 3.72 21.30
C LEU A 347 -58.68 3.92 22.67
N ALA A 348 -59.79 3.24 22.89
CA ALA A 348 -60.47 3.19 24.17
C ALA A 348 -60.19 1.82 24.80
N GLU A 349 -60.84 1.54 25.92
CA GLU A 349 -60.66 0.22 26.52
C GLU A 349 -61.16 -0.87 25.56
N SER A 350 -62.27 -0.61 24.88
CA SER A 350 -62.79 -1.55 23.91
C SER A 350 -63.65 -0.77 22.92
N GLY A 351 -63.76 -1.31 21.72
CA GLY A 351 -64.57 -0.69 20.69
C GLY A 351 -64.03 -1.04 19.31
N SER A 352 -64.22 -0.11 18.37
CA SER A 352 -63.70 -0.27 17.03
C SER A 352 -63.39 1.10 16.45
N PHE A 353 -62.50 1.09 15.45
CA PHE A 353 -62.14 2.31 14.73
C PHE A 353 -62.13 2.01 13.24
N THR A 354 -62.27 3.05 12.44
CA THR A 354 -62.25 2.94 10.99
C THR A 354 -61.04 3.67 10.42
N PHE A 355 -60.57 3.18 9.28
CA PHE A 355 -59.46 3.78 8.56
C PHE A 355 -59.73 3.67 7.07
N HIS A 356 -59.08 4.54 6.30
CA HIS A 356 -59.25 4.60 4.86
C HIS A 356 -57.94 4.22 4.18
N PHE A 357 -58.06 3.55 3.04
CA PHE A 357 -56.87 3.10 2.32
C PHE A 357 -57.14 3.13 0.82
N SER A 358 -56.04 3.16 0.06
CA SER A 358 -56.07 3.16 -1.39
C SER A 358 -55.35 1.90 -1.88
N THR A 359 -56.02 1.10 -2.69
CA THR A 359 -55.44 -0.13 -3.18
C THR A 359 -55.79 -0.34 -4.65
N ALA A 360 -54.87 -0.96 -5.39
CA ALA A 360 -55.10 -1.34 -6.77
C ALA A 360 -55.71 -2.72 -6.92
N ASN A 361 -55.69 -3.53 -5.86
CA ASN A 361 -56.11 -4.92 -5.95
C ASN A 361 -57.62 -5.06 -6.00
N ILE A 362 -58.09 -6.01 -6.82
CA ILE A 362 -59.50 -6.34 -6.88
C ILE A 362 -59.92 -7.15 -5.65
N HIS A 363 -58.99 -7.93 -5.08
CA HIS A 363 -59.19 -8.66 -3.84
C HIS A 363 -58.00 -8.35 -2.95
N PRO A 364 -58.01 -7.19 -2.29
CA PRO A 364 -56.87 -6.85 -1.43
C PRO A 364 -56.80 -7.71 -0.18
N ALA A 365 -55.57 -7.94 0.26
CA ALA A 365 -55.29 -8.63 1.51
C ALA A 365 -54.02 -8.01 2.05
N PHE A 366 -54.10 -7.37 3.22
CA PHE A 366 -52.94 -6.67 3.75
C PHE A 366 -52.92 -6.73 5.26
N LYS A 367 -51.71 -6.58 5.80
CA LYS A 367 -51.45 -6.56 7.23
C LYS A 367 -51.52 -5.13 7.73
N LEU A 368 -52.38 -4.88 8.71
CA LEU A 368 -52.48 -3.57 9.35
C LEU A 368 -51.77 -3.64 10.69
N GLN A 369 -50.65 -2.91 10.80
CA GLN A 369 -49.84 -2.89 12.03
C GLN A 369 -50.42 -1.92 13.05
N VAL A 370 -51.44 -2.37 13.76
CA VAL A 370 -51.89 -1.60 14.92
C VAL A 370 -50.78 -1.67 15.94
N CYS A 371 -50.33 -0.49 16.42
CA CYS A 371 -49.13 -0.38 17.23
C CYS A 371 -48.87 -1.61 18.10
N THR A 372 -47.70 -2.22 17.91
CA THR A 372 -47.23 -3.43 18.60
C THR A 372 -48.02 -4.67 18.20
N SER A 373 -49.06 -4.54 17.39
CA SER A 373 -49.87 -5.69 17.00
C SER A 373 -50.10 -5.69 15.50
N ALA A 374 -50.96 -6.59 15.01
CA ALA A 374 -51.27 -6.64 13.59
C ALA A 374 -52.56 -7.42 13.38
N VAL A 375 -53.31 -6.99 12.36
CA VAL A 375 -54.54 -7.66 11.94
C VAL A 375 -54.54 -7.72 10.43
N THR A 376 -54.94 -8.88 9.89
CA THR A 376 -55.00 -9.08 8.44
C THR A 376 -56.39 -8.68 7.94
N CYS A 377 -56.40 -7.78 6.96
CA CYS A 377 -57.63 -7.27 6.35
C CYS A 377 -57.81 -7.87 4.96
N LYS A 378 -59.00 -8.39 4.68
CA LYS A 378 -59.33 -8.97 3.38
C LYS A 378 -60.71 -8.50 2.94
N GLY A 379 -60.88 -8.28 1.64
CA GLY A 379 -62.15 -7.81 1.13
C GLY A 379 -62.19 -7.84 -0.38
N ASP A 380 -63.32 -7.38 -0.92
CA ASP A 380 -63.57 -7.32 -2.35
C ASP A 380 -63.77 -5.87 -2.77
N CYS A 381 -62.99 -5.42 -3.75
CA CYS A 381 -63.07 -4.04 -4.23
C CYS A 381 -63.75 -3.98 -5.59
N LYS A 382 -64.62 -2.97 -5.75
CA LYS A 382 -65.38 -2.70 -6.96
C LYS A 382 -64.56 -1.83 -7.92
N PRO A 383 -64.89 -1.86 -9.22
CA PRO A 383 -64.16 -1.01 -10.16
C PRO A 383 -64.53 0.45 -10.00
N PRO A 384 -63.60 1.36 -10.24
CA PRO A 384 -63.93 2.79 -10.17
C PRO A 384 -64.83 3.21 -11.32
N LYS A 385 -65.66 4.21 -11.05
CA LYS A 385 -66.61 4.71 -12.04
C LYS A 385 -66.05 5.83 -12.91
N ASP A 386 -65.15 6.66 -12.37
CA ASP A 386 -64.61 7.78 -13.12
C ASP A 386 -63.49 7.32 -14.05
N HIS A 387 -63.61 7.65 -15.33
CA HIS A 387 -62.62 7.25 -16.33
C HIS A 387 -61.33 8.02 -16.18
N ILE A 388 -61.41 9.34 -16.01
CA ILE A 388 -60.24 10.21 -15.97
C ILE A 388 -60.30 11.05 -14.71
N VAL A 389 -59.16 11.18 -14.04
CA VAL A 389 -59.04 11.95 -12.81
C VAL A 389 -57.84 12.88 -12.94
N ASP A 390 -57.87 13.95 -12.16
CA ASP A 390 -56.85 14.99 -12.20
C ASP A 390 -55.82 14.85 -11.07
N TYR A 391 -55.75 13.69 -10.43
CA TYR A 391 -54.80 13.42 -9.37
C TYR A 391 -54.15 12.06 -9.62
N ALA A 392 -52.89 11.94 -9.20
CA ALA A 392 -52.16 10.70 -9.39
C ALA A 392 -52.62 9.62 -8.40
N ALA A 393 -52.38 8.38 -8.78
CA ALA A 393 -52.72 7.25 -7.93
C ALA A 393 -51.87 7.24 -6.67
N GLN A 394 -52.53 6.97 -5.54
CA GLN A 394 -51.87 6.88 -4.25
C GLN A 394 -51.20 5.53 -4.03
N HIS A 395 -51.51 4.54 -4.85
CA HIS A 395 -51.04 3.17 -4.70
C HIS A 395 -50.13 2.77 -5.86
N THR A 396 -49.60 1.55 -5.75
CA THR A 396 -48.75 0.96 -6.77
C THR A 396 -49.40 -0.35 -7.23
N GLU A 397 -49.56 -0.49 -8.55
CA GLU A 397 -50.13 -1.71 -9.12
C GLU A 397 -49.04 -2.74 -9.38
N SER A 398 -49.39 -4.01 -9.18
CA SER A 398 -48.49 -5.13 -9.42
C SER A 398 -48.98 -6.00 -10.56
N PHE A 399 -48.18 -7.02 -10.90
CA PHE A 399 -48.53 -7.93 -11.98
C PHE A 399 -49.84 -8.66 -11.74
N THR A 400 -50.10 -9.07 -10.50
CA THR A 400 -51.27 -9.84 -10.14
C THR A 400 -52.38 -9.00 -9.52
N SER A 401 -52.27 -7.67 -9.54
CA SER A 401 -53.25 -6.83 -8.89
C SER A 401 -54.66 -7.02 -9.46
N ALA A 402 -54.78 -7.25 -10.76
CA ALA A 402 -56.08 -7.35 -11.41
C ALA A 402 -56.69 -8.75 -11.42
N ILE A 403 -55.97 -9.79 -11.02
CA ILE A 403 -56.44 -11.15 -11.18
C ILE A 403 -57.47 -11.47 -10.10
N SER A 404 -58.72 -11.67 -10.53
CA SER A 404 -59.83 -11.95 -9.62
C SER A 404 -59.80 -13.42 -9.18
N ALA A 405 -60.67 -13.73 -8.21
CA ALA A 405 -60.80 -15.11 -7.76
C ALA A 405 -61.27 -16.03 -8.89
N THR A 406 -62.22 -15.55 -9.71
CA THR A 406 -62.67 -16.32 -10.85
C THR A 406 -61.55 -16.49 -11.87
N ALA A 407 -60.71 -15.46 -12.04
CA ALA A 407 -59.57 -15.59 -12.94
C ALA A 407 -58.59 -16.64 -12.43
N TRP A 408 -58.32 -16.65 -11.12
CA TRP A 408 -57.45 -17.69 -10.57
C TRP A 408 -58.09 -19.06 -10.69
N SER A 409 -59.41 -19.14 -10.50
CA SER A 409 -60.10 -20.40 -10.66
C SER A 409 -59.88 -20.98 -12.05
N TRP A 410 -60.06 -20.15 -13.07
CA TRP A 410 -59.84 -20.61 -14.45
C TRP A 410 -58.37 -20.91 -14.70
N ILE A 411 -57.46 -20.10 -14.18
CA ILE A 411 -56.04 -20.36 -14.37
C ILE A 411 -55.66 -21.67 -13.70
N LYS A 412 -56.14 -21.90 -12.48
CA LYS A 412 -55.83 -23.12 -11.76
C LYS A 412 -56.37 -24.35 -12.48
N VAL A 413 -57.61 -24.29 -12.97
CA VAL A 413 -58.20 -25.43 -13.65
C VAL A 413 -57.51 -25.70 -14.98
N LEU A 414 -57.27 -24.65 -15.77
CA LEU A 414 -56.62 -24.87 -17.07
C LEU A 414 -55.19 -25.35 -16.91
N VAL A 415 -54.43 -24.74 -16.00
CA VAL A 415 -53.06 -25.19 -15.79
C VAL A 415 -53.04 -26.56 -15.13
N GLY A 416 -53.86 -26.74 -14.08
CA GLY A 416 -53.91 -28.02 -13.41
C GLY A 416 -54.47 -29.12 -14.29
N GLY A 417 -55.54 -28.83 -15.04
CA GLY A 417 -56.15 -29.84 -15.89
C GLY A 417 -55.20 -30.38 -16.94
N THR A 418 -54.51 -29.48 -17.66
CA THR A 418 -53.57 -29.93 -18.68
C THR A 418 -52.39 -30.69 -18.05
N SER A 419 -51.91 -30.23 -16.90
CA SER A 419 -50.82 -30.93 -16.22
C SER A 419 -51.26 -32.32 -15.77
N ALA A 420 -52.46 -32.41 -15.18
CA ALA A 420 -52.96 -33.71 -14.74
C ALA A 420 -53.18 -34.66 -15.92
N PHE A 421 -53.67 -34.12 -17.04
CA PHE A 421 -53.89 -34.97 -18.21
C PHE A 421 -52.57 -35.50 -18.76
N ILE A 422 -51.53 -34.67 -18.76
CA ILE A 422 -50.20 -35.13 -19.17
C ILE A 422 -49.71 -36.21 -18.24
N VAL A 423 -49.83 -35.98 -16.93
CA VAL A 423 -49.39 -36.98 -15.95
C VAL A 423 -50.18 -38.27 -16.09
N LEU A 424 -51.50 -38.16 -16.29
CA LEU A 424 -52.32 -39.34 -16.46
C LEU A 424 -51.81 -40.20 -17.61
N GLY A 425 -51.42 -39.57 -18.72
CA GLY A 425 -50.86 -40.33 -19.82
C GLY A 425 -49.54 -41.00 -19.45
N LEU A 426 -48.66 -40.26 -18.78
CA LEU A 426 -47.38 -40.84 -18.37
C LEU A 426 -47.58 -41.99 -17.38
N ILE A 427 -48.52 -41.85 -16.46
CA ILE A 427 -48.79 -42.92 -15.51
C ILE A 427 -49.26 -44.17 -16.26
N ALA A 428 -50.18 -44.00 -17.21
CA ALA A 428 -50.62 -45.14 -18.00
C ALA A 428 -49.47 -45.72 -18.80
N THR A 429 -48.58 -44.87 -19.32
CA THR A 429 -47.43 -45.35 -20.08
C THR A 429 -46.52 -46.21 -19.21
N ALA A 430 -46.28 -45.78 -17.97
CA ALA A 430 -45.45 -46.58 -17.06
C ALA A 430 -46.11 -47.89 -16.68
N VAL A 431 -47.42 -47.87 -16.39
CA VAL A 431 -48.11 -49.09 -15.98
C VAL A 431 -48.13 -50.12 -17.09
N VAL A 432 -48.46 -49.70 -18.32
CA VAL A 432 -48.53 -50.66 -19.41
C VAL A 432 -47.17 -51.30 -19.68
N ALA A 433 -46.09 -50.53 -19.52
CA ALA A 433 -44.77 -51.12 -19.67
C ALA A 433 -44.56 -52.24 -18.65
N LEU A 434 -45.02 -52.02 -17.42
CA LEU A 434 -44.91 -53.06 -16.40
C LEU A 434 -45.87 -54.22 -16.68
N VAL A 435 -47.07 -53.92 -17.20
CA VAL A 435 -48.01 -54.99 -17.52
C VAL A 435 -47.39 -55.94 -18.54
N LEU A 436 -46.75 -55.39 -19.57
CA LEU A 436 -46.10 -56.24 -20.56
C LEU A 436 -44.95 -57.02 -19.93
N PHE A 437 -44.21 -56.39 -19.02
CA PHE A 437 -43.12 -57.08 -18.33
C PHE A 437 -43.63 -58.32 -17.61
N PHE A 438 -44.72 -58.19 -16.86
CA PHE A 438 -45.26 -59.34 -16.14
C PHE A 438 -45.72 -60.44 -17.08
N HIS A 439 -46.11 -60.10 -18.31
CA HIS A 439 -46.46 -61.15 -19.26
C HIS A 439 -45.26 -62.05 -19.55
N ARG A 440 -44.09 -61.44 -19.74
CA ARG A 440 -42.89 -62.24 -20.00
C ARG A 440 -42.38 -62.91 -18.73
N HIS A 441 -42.46 -62.22 -17.60
CA HIS A 441 -41.96 -62.74 -16.34
C HIS A 441 -43.11 -63.08 -15.39
N ASP B 1 -34.41 66.35 -15.06
CA ASP B 1 -35.03 67.13 -16.13
C ASP B 1 -34.76 66.50 -17.49
N LEU B 2 -35.39 67.06 -18.52
CA LEU B 2 -35.16 66.58 -19.88
C LEU B 2 -33.80 67.04 -20.40
N ASP B 3 -33.32 68.19 -19.94
CA ASP B 3 -32.05 68.73 -20.42
C ASP B 3 -30.90 67.74 -20.25
N THR B 4 -30.97 66.88 -19.23
CA THR B 4 -29.90 65.90 -19.03
C THR B 4 -29.77 64.96 -20.23
N HIS B 5 -30.90 64.55 -20.82
CA HIS B 5 -30.86 63.60 -21.92
C HIS B 5 -30.50 64.23 -23.27
N PHE B 6 -30.61 65.55 -23.40
CA PHE B 6 -30.26 66.25 -24.63
C PHE B 6 -28.86 66.86 -24.57
N THR B 7 -28.07 66.50 -23.57
CA THR B 7 -26.74 67.07 -23.43
C THR B 7 -25.90 66.86 -24.69
N GLN B 8 -25.92 65.65 -25.24
CA GLN B 8 -25.13 65.35 -26.44
C GLN B 8 -25.86 65.69 -27.73
N TYR B 9 -27.18 65.62 -27.75
CA TYR B 9 -27.93 65.93 -28.97
C TYR B 9 -27.87 67.41 -29.32
N LYS B 10 -27.62 68.29 -28.34
CA LYS B 10 -27.45 69.71 -28.65
C LYS B 10 -26.23 69.94 -29.54
N LEU B 11 -25.30 68.99 -29.59
CA LEU B 11 -24.10 69.11 -30.40
C LEU B 11 -24.30 68.64 -31.84
N ALA B 12 -25.41 67.99 -32.15
CA ALA B 12 -25.70 67.49 -33.49
C ALA B 12 -26.79 68.32 -34.15
N ARG B 13 -26.88 68.21 -35.47
CA ARG B 13 -27.88 68.90 -36.26
C ARG B 13 -28.62 67.94 -37.19
N PRO B 14 -29.79 68.34 -37.68
CA PRO B 14 -30.46 67.56 -38.72
C PRO B 14 -29.68 67.61 -40.02
N TYR B 15 -30.03 66.73 -40.95
CA TYR B 15 -29.39 66.72 -42.25
C TYR B 15 -30.37 66.26 -43.32
N ILE B 16 -30.00 66.51 -44.57
CA ILE B 16 -30.77 66.09 -45.73
C ILE B 16 -30.07 64.91 -46.38
N ALA B 17 -30.82 63.84 -46.62
CA ALA B 17 -30.28 62.62 -47.20
C ALA B 17 -31.28 62.03 -48.18
N ASP B 18 -30.77 61.13 -49.02
CA ASP B 18 -31.60 60.46 -50.01
C ASP B 18 -32.74 59.69 -49.36
N CYS B 19 -33.95 59.86 -49.91
CA CYS B 19 -35.12 59.12 -49.48
C CYS B 19 -35.67 58.35 -50.68
N PRO B 20 -35.76 57.02 -50.62
CA PRO B 20 -36.24 56.27 -51.80
C PRO B 20 -37.57 56.75 -52.36
N ASN B 21 -38.51 57.18 -51.50
CA ASN B 21 -39.81 57.65 -51.95
C ASN B 21 -40.20 58.86 -51.13
N CYS B 22 -40.20 60.04 -51.75
CA CYS B 22 -40.66 61.27 -51.15
C CYS B 22 -42.10 61.56 -51.50
N GLY B 23 -42.76 60.60 -52.15
CA GLY B 23 -44.10 60.76 -52.67
C GLY B 23 -44.18 59.96 -53.94
N HIS B 24 -44.48 60.63 -55.04
CA HIS B 24 -44.50 59.97 -56.34
C HIS B 24 -43.11 59.78 -56.94
N SER B 25 -42.07 60.33 -56.32
CA SER B 25 -40.73 60.24 -56.87
C SER B 25 -39.69 60.21 -55.75
N ARG B 26 -38.46 59.92 -56.14
CA ARG B 26 -37.33 59.89 -55.23
C ARG B 26 -36.75 61.30 -55.07
N CYS B 27 -36.26 61.61 -53.87
CA CYS B 27 -35.71 62.93 -53.63
C CYS B 27 -34.80 62.89 -52.41
N ASP B 28 -34.12 64.01 -52.18
CA ASP B 28 -33.33 64.23 -50.97
C ASP B 28 -34.26 64.84 -49.93
N SER B 29 -34.45 64.15 -48.81
CA SER B 29 -35.48 64.55 -47.85
C SER B 29 -34.89 64.97 -46.51
N PRO B 30 -35.44 66.03 -45.89
CA PRO B 30 -35.03 66.38 -44.53
C PRO B 30 -35.49 65.40 -43.47
N ILE B 31 -36.45 64.54 -43.81
CA ILE B 31 -37.01 63.54 -42.89
C ILE B 31 -36.67 62.14 -43.38
N ALA B 32 -35.54 62.01 -44.07
CA ALA B 32 -35.12 60.71 -44.58
C ALA B 32 -35.03 59.70 -43.45
N ILE B 33 -35.50 58.48 -43.72
CA ILE B 33 -35.51 57.40 -42.75
C ILE B 33 -34.20 56.62 -42.87
N GLU B 34 -33.49 56.50 -41.75
CA GLU B 34 -32.21 55.79 -41.73
C GLU B 34 -32.36 54.34 -41.30
N GLU B 35 -33.21 54.07 -40.30
CA GLU B 35 -33.36 52.72 -39.77
C GLU B 35 -34.75 52.58 -39.17
N VAL B 36 -35.32 51.39 -39.30
CA VAL B 36 -36.60 51.03 -38.67
C VAL B 36 -36.37 49.77 -37.86
N ARG B 37 -36.68 49.85 -36.57
CA ARG B 37 -36.56 48.72 -35.65
C ARG B 37 -37.93 48.08 -35.46
N GLY B 38 -38.05 46.81 -35.83
CA GLY B 38 -39.32 46.11 -35.75
C GLY B 38 -39.33 44.86 -34.88
N ASP B 39 -38.32 44.67 -34.03
CA ASP B 39 -38.22 43.46 -33.21
C ASP B 39 -38.89 43.67 -31.85
N ALA B 40 -40.22 43.83 -31.88
CA ALA B 40 -41.01 44.02 -30.67
C ALA B 40 -42.35 43.31 -30.82
N HIS B 41 -42.86 42.82 -29.70
CA HIS B 41 -44.09 42.02 -29.72
C HIS B 41 -45.37 42.85 -29.90
N ALA B 42 -45.43 44.03 -29.27
CA ALA B 42 -46.66 44.80 -29.31
C ALA B 42 -46.84 45.60 -30.59
N GLY B 43 -45.99 45.40 -31.60
CA GLY B 43 -46.07 46.18 -32.81
C GLY B 43 -45.37 47.52 -32.72
N VAL B 44 -44.58 47.74 -31.68
CA VAL B 44 -43.84 48.98 -31.52
C VAL B 44 -42.64 48.98 -32.47
N ILE B 45 -42.48 50.08 -33.19
CA ILE B 45 -41.32 50.26 -34.07
C ILE B 45 -40.65 51.58 -33.71
N ARG B 46 -39.33 51.61 -33.85
CA ARG B 46 -38.53 52.81 -33.61
C ARG B 46 -37.86 53.20 -34.91
N ILE B 47 -38.09 54.44 -35.34
CA ILE B 47 -37.61 54.94 -36.62
C ILE B 47 -36.57 56.03 -36.37
N GLN B 48 -35.38 55.85 -36.94
CA GLN B 48 -34.34 56.86 -36.91
C GLN B 48 -34.42 57.66 -38.20
N THR B 49 -34.48 58.98 -38.07
CA THR B 49 -34.61 59.86 -39.21
C THR B 49 -33.45 60.86 -39.23
N SER B 50 -33.42 61.66 -40.29
CA SER B 50 -32.42 62.73 -40.41
C SER B 50 -32.85 64.01 -39.71
N ALA B 51 -34.12 64.11 -39.29
CA ALA B 51 -34.59 65.27 -38.57
C ALA B 51 -34.38 65.07 -37.08
N MET B 52 -34.42 66.17 -36.33
CA MET B 52 -34.26 66.14 -34.88
C MET B 52 -35.52 66.65 -34.21
N PHE B 53 -35.96 65.92 -33.19
CA PHE B 53 -37.18 66.22 -32.45
C PHE B 53 -36.84 66.50 -30.99
N GLY B 54 -37.55 67.45 -30.40
CA GLY B 54 -37.30 67.83 -29.02
C GLY B 54 -36.32 68.96 -28.82
N LEU B 55 -35.70 69.45 -29.90
CA LEU B 55 -34.74 70.53 -29.81
C LEU B 55 -35.13 71.67 -30.74
N LYS B 56 -35.02 72.89 -30.21
CA LYS B 56 -35.21 74.12 -30.97
C LYS B 56 -33.95 74.95 -30.82
N THR B 57 -33.81 75.97 -31.67
CA THR B 57 -32.63 76.82 -31.59
C THR B 57 -32.50 77.52 -30.25
N ASP B 58 -33.59 77.62 -29.49
CA ASP B 58 -33.58 78.27 -28.19
C ASP B 58 -33.39 77.29 -27.03
N GLY B 59 -33.26 76.00 -27.30
CA GLY B 59 -33.06 75.03 -26.24
C GLY B 59 -33.91 73.79 -26.45
N VAL B 60 -34.12 73.07 -25.34
CA VAL B 60 -34.89 71.83 -25.35
C VAL B 60 -36.37 72.15 -25.25
N ASP B 61 -37.17 71.55 -26.12
CA ASP B 61 -38.62 71.70 -26.08
C ASP B 61 -39.23 70.54 -26.86
N LEU B 62 -39.96 69.67 -26.16
CA LEU B 62 -40.55 68.51 -26.81
C LEU B 62 -41.64 68.88 -27.81
N ALA B 63 -42.13 70.12 -27.78
CA ALA B 63 -43.14 70.57 -28.72
C ALA B 63 -42.55 71.07 -30.04
N TYR B 64 -41.23 71.13 -30.15
CA TYR B 64 -40.56 71.65 -31.33
C TYR B 64 -39.67 70.58 -31.97
N MET B 65 -39.47 70.72 -33.27
CA MET B 65 -38.58 69.87 -34.04
C MET B 65 -37.75 70.73 -34.96
N SER B 66 -36.54 70.28 -35.25
CA SER B 66 -35.62 70.98 -36.13
C SER B 66 -35.28 70.14 -37.35
N PHE B 67 -35.18 70.79 -38.50
CA PHE B 67 -34.82 70.13 -39.74
C PHE B 67 -34.07 71.15 -40.60
N MET B 68 -33.30 70.65 -41.55
CA MET B 68 -32.54 71.53 -42.43
C MET B 68 -33.39 71.95 -43.63
N ASN B 69 -33.26 73.22 -43.99
CA ASN B 69 -33.87 73.79 -45.18
C ASN B 69 -32.71 74.32 -46.00
N GLY B 70 -32.14 73.46 -46.85
CA GLY B 70 -30.93 73.81 -47.56
C GLY B 70 -29.74 73.93 -46.61
N LYS B 71 -29.06 75.07 -46.63
CA LYS B 71 -27.91 75.27 -45.75
C LYS B 71 -28.28 75.60 -44.31
N THR B 72 -29.50 76.09 -44.07
CA THR B 72 -29.90 76.59 -42.77
C THR B 72 -30.81 75.61 -42.03
N GLN B 73 -30.66 75.58 -40.70
CA GLN B 73 -31.47 74.74 -39.82
C GLN B 73 -32.70 75.52 -39.37
N LYS B 74 -33.88 74.94 -39.59
CA LYS B 74 -35.15 75.58 -39.25
C LYS B 74 -35.83 74.82 -38.12
N SER B 75 -36.32 75.57 -37.13
CA SER B 75 -37.02 75.00 -35.97
C SER B 75 -38.47 75.45 -35.98
N ILE B 76 -39.40 74.50 -35.96
CA ILE B 76 -40.83 74.76 -35.98
C ILE B 76 -41.51 73.87 -34.95
N LYS B 77 -42.72 74.24 -34.56
CA LYS B 77 -43.52 73.38 -33.70
C LYS B 77 -43.91 72.13 -34.49
N ILE B 78 -43.97 71.01 -33.79
CA ILE B 78 -44.34 69.75 -34.44
C ILE B 78 -45.77 69.87 -34.92
N ASP B 79 -45.99 69.64 -36.22
CA ASP B 79 -47.30 69.78 -36.82
C ASP B 79 -47.59 68.56 -37.70
N ASN B 80 -48.59 67.77 -37.31
CA ASN B 80 -49.02 66.59 -38.06
C ASN B 80 -47.87 65.61 -38.33
N LEU B 81 -46.97 65.46 -37.36
CA LEU B 81 -45.96 64.42 -37.44
C LEU B 81 -46.64 63.07 -37.38
N HIS B 82 -46.34 62.18 -38.32
CA HIS B 82 -47.05 60.91 -38.38
C HIS B 82 -46.17 59.79 -38.89
N VAL B 83 -46.65 58.56 -38.66
CA VAL B 83 -46.04 57.34 -39.16
C VAL B 83 -47.15 56.45 -39.71
N ARG B 84 -46.89 55.79 -40.84
CA ARG B 84 -47.87 54.90 -41.45
C ARG B 84 -47.23 53.59 -41.90
N THR B 85 -47.99 52.50 -41.74
CA THR B 85 -47.63 51.17 -42.21
C THR B 85 -48.86 50.54 -42.85
N SER B 86 -49.44 51.24 -43.82
CA SER B 86 -50.69 50.90 -44.49
C SER B 86 -51.87 51.35 -43.62
N ALA B 87 -51.62 52.00 -42.49
CA ALA B 87 -52.64 52.55 -41.63
C ALA B 87 -51.94 53.47 -40.63
N PRO B 88 -52.59 54.54 -40.18
CA PRO B 88 -51.92 55.47 -39.26
C PRO B 88 -51.47 54.77 -37.98
N CYS B 89 -50.27 55.15 -37.53
CA CYS B 89 -49.67 54.62 -36.32
C CYS B 89 -49.79 55.65 -35.20
N SER B 90 -49.92 55.14 -33.97
CA SER B 90 -49.95 56.00 -32.79
C SER B 90 -48.53 56.32 -32.36
N LEU B 91 -48.23 57.59 -32.17
CA LEU B 91 -46.90 58.00 -31.75
C LEU B 91 -46.76 57.88 -30.23
N VAL B 92 -45.61 57.38 -29.80
CA VAL B 92 -45.32 57.22 -28.38
C VAL B 92 -44.49 58.37 -27.86
N SER B 93 -43.36 58.65 -28.50
CA SER B 93 -42.48 59.74 -28.10
C SER B 93 -41.45 59.95 -29.20
N HIS B 94 -40.68 61.02 -29.06
CA HIS B 94 -39.60 61.35 -30.00
C HIS B 94 -38.43 61.94 -29.22
N HIS B 95 -37.23 61.70 -29.72
CA HIS B 95 -36.02 62.18 -29.07
C HIS B 95 -34.89 62.21 -30.09
N GLY B 96 -34.37 63.39 -30.36
CA GLY B 96 -33.28 63.50 -31.33
C GLY B 96 -33.72 63.02 -32.68
N TYR B 97 -32.96 62.08 -33.24
CA TYR B 97 -33.23 61.53 -34.56
C TYR B 97 -34.30 60.44 -34.56
N TYR B 98 -34.80 60.04 -33.39
CA TYR B 98 -35.66 58.86 -33.27
C TYR B 98 -37.13 59.19 -33.03
N ILE B 99 -37.99 58.37 -33.63
CA ILE B 99 -39.44 58.41 -33.41
C ILE B 99 -39.86 57.02 -32.94
N LEU B 100 -40.68 56.98 -31.90
CA LEU B 100 -41.25 55.73 -31.39
C LEU B 100 -42.73 55.71 -31.69
N ALA B 101 -43.23 54.61 -32.27
CA ALA B 101 -44.63 54.51 -32.64
C ALA B 101 -45.10 53.07 -32.57
N GLN B 102 -46.42 52.91 -32.47
CA GLN B 102 -47.11 51.63 -32.48
C GLN B 102 -47.81 51.48 -33.83
N CYS B 103 -47.34 50.52 -34.64
CA CYS B 103 -47.83 50.38 -36.02
C CYS B 103 -48.46 49.02 -36.29
N PRO B 104 -49.48 48.98 -37.15
CA PRO B 104 -50.01 47.70 -37.61
C PRO B 104 -49.09 47.09 -38.66
N PRO B 105 -49.28 45.83 -39.00
CA PRO B 105 -48.43 45.22 -40.04
C PRO B 105 -48.57 45.95 -41.36
N GLY B 106 -47.48 45.97 -42.12
CA GLY B 106 -47.48 46.62 -43.42
C GLY B 106 -46.17 46.37 -44.14
N ASP B 107 -46.19 46.67 -45.44
CA ASP B 107 -45.03 46.43 -46.30
C ASP B 107 -44.11 47.64 -46.39
N THR B 108 -44.59 48.83 -46.05
CA THR B 108 -43.79 50.05 -46.09
C THR B 108 -43.95 50.81 -44.79
N VAL B 109 -42.99 51.69 -44.52
CA VAL B 109 -43.01 52.58 -43.37
C VAL B 109 -42.87 54.00 -43.90
N THR B 110 -43.86 54.85 -43.60
CA THR B 110 -43.88 56.23 -44.05
C THR B 110 -43.85 57.17 -42.85
N VAL B 111 -43.01 58.19 -42.92
CA VAL B 111 -42.89 59.22 -41.90
C VAL B 111 -43.01 60.57 -42.57
N GLY B 112 -43.60 61.54 -41.88
CA GLY B 112 -43.70 62.87 -42.44
C GLY B 112 -44.18 63.89 -41.44
N PHE B 113 -44.09 65.16 -41.85
CA PHE B 113 -44.49 66.29 -41.03
C PHE B 113 -44.87 67.45 -41.95
N HIS B 114 -45.57 68.42 -41.40
CA HIS B 114 -46.04 69.59 -42.14
C HIS B 114 -45.32 70.86 -41.68
N ASP B 115 -45.14 71.79 -42.63
CA ASP B 115 -44.55 73.11 -42.36
C ASP B 115 -45.28 74.12 -43.24
N GLY B 116 -46.33 74.73 -42.69
CA GLY B 116 -47.14 75.67 -43.44
C GLY B 116 -47.73 75.00 -44.67
N PRO B 117 -47.50 75.59 -45.85
CA PRO B 117 -47.99 74.95 -47.08
C PRO B 117 -47.17 73.75 -47.52
N ASN B 118 -46.02 73.50 -46.92
CA ASN B 118 -45.14 72.41 -47.32
C ASN B 118 -45.49 71.11 -46.60
N ARG B 119 -45.25 70.00 -47.29
CA ARG B 119 -45.47 68.65 -46.77
C ARG B 119 -44.20 67.86 -47.00
N HIS B 120 -43.66 67.26 -45.94
CA HIS B 120 -42.42 66.49 -46.00
C HIS B 120 -42.70 65.05 -45.59
N THR B 121 -42.55 64.11 -46.53
CA THR B 121 -42.78 62.70 -46.26
C THR B 121 -41.63 61.85 -46.81
N CYS B 122 -41.43 60.68 -46.22
CA CYS B 122 -40.44 59.72 -46.69
C CYS B 122 -40.96 58.31 -46.46
N THR B 123 -41.08 57.53 -47.54
CA THR B 123 -41.56 56.17 -47.50
C THR B 123 -40.44 55.20 -47.87
N VAL B 124 -40.21 54.20 -47.02
CA VAL B 124 -39.21 53.16 -47.26
C VAL B 124 -39.90 51.81 -47.17
N ALA B 125 -39.51 50.89 -48.06
CA ALA B 125 -40.03 49.54 -48.00
C ALA B 125 -39.44 48.80 -46.81
N HIS B 126 -40.31 48.23 -45.98
CA HIS B 126 -39.87 47.53 -44.77
C HIS B 126 -41.01 46.64 -44.30
N LYS B 127 -40.68 45.40 -43.94
CA LYS B 127 -41.68 44.44 -43.49
C LYS B 127 -41.94 44.68 -42.01
N VAL B 128 -43.11 45.23 -41.69
CA VAL B 128 -43.55 45.43 -40.32
C VAL B 128 -44.54 44.33 -40.00
N GLU B 129 -44.26 43.56 -38.96
CA GLU B 129 -45.08 42.43 -38.57
C GLU B 129 -45.54 42.59 -37.12
N PHE B 130 -46.77 42.19 -36.85
CA PHE B 130 -47.23 42.12 -35.47
C PHE B 130 -46.74 40.78 -34.93
N ARG B 131 -46.12 40.80 -33.75
CA ARG B 131 -45.50 39.61 -33.20
C ARG B 131 -46.17 39.23 -31.89
N PRO B 132 -47.20 38.40 -31.94
CA PRO B 132 -47.86 37.99 -30.69
C PRO B 132 -46.89 37.26 -29.78
N VAL B 133 -47.08 37.44 -28.49
CA VAL B 133 -46.31 36.74 -27.48
C VAL B 133 -47.19 35.63 -26.92
N GLY B 134 -46.60 34.45 -26.76
CA GLY B 134 -47.32 33.31 -26.23
C GLY B 134 -47.75 32.31 -27.29
N ARG B 135 -48.75 31.52 -26.92
CA ARG B 135 -49.23 30.41 -27.72
C ARG B 135 -50.49 30.71 -28.52
N GLU B 136 -50.89 31.97 -28.65
CA GLU B 136 -52.08 32.31 -29.42
C GLU B 136 -51.76 33.46 -30.36
N LYS B 137 -52.07 33.29 -31.64
CA LYS B 137 -51.74 34.28 -32.66
C LYS B 137 -52.86 35.32 -32.81
N TYR B 138 -52.93 36.19 -31.81
CA TYR B 138 -53.85 37.32 -31.87
C TYR B 138 -53.29 38.37 -32.81
N ARG B 139 -54.19 39.17 -33.39
CA ARG B 139 -53.80 40.16 -34.38
C ARG B 139 -53.77 41.58 -33.83
N HIS B 140 -54.10 41.78 -32.56
CA HIS B 140 -54.07 43.10 -31.95
C HIS B 140 -54.05 42.88 -30.45
N PRO B 141 -53.32 43.69 -29.68
CA PRO B 141 -53.26 43.46 -28.24
C PRO B 141 -54.64 43.45 -27.61
N PRO B 142 -54.94 42.46 -26.77
CA PRO B 142 -56.26 42.40 -26.15
C PRO B 142 -56.36 43.29 -24.93
N GLU B 143 -57.60 43.58 -24.54
CA GLU B 143 -57.82 44.38 -23.34
C GLU B 143 -57.64 43.55 -22.07
N HIS B 144 -57.73 42.23 -22.17
CA HIS B 144 -57.53 41.35 -21.03
C HIS B 144 -57.01 40.00 -21.52
N GLY B 145 -56.37 39.28 -20.61
CA GLY B 145 -55.81 37.98 -20.90
C GLY B 145 -54.74 37.57 -19.91
N VAL B 146 -53.70 36.87 -20.38
CA VAL B 146 -52.60 36.45 -19.52
C VAL B 146 -51.42 37.37 -19.76
N GLU B 147 -50.83 37.87 -18.68
CA GLU B 147 -49.67 38.74 -18.76
C GLU B 147 -48.40 37.91 -18.91
N LEU B 148 -47.70 38.09 -20.04
CA LEU B 148 -46.49 37.33 -20.36
C LEU B 148 -45.30 38.26 -20.58
N PRO B 149 -44.09 37.80 -20.30
CA PRO B 149 -42.91 38.62 -20.58
C PRO B 149 -42.72 38.79 -22.08
N CYS B 150 -42.27 39.98 -22.47
CA CYS B 150 -42.14 40.30 -23.88
C CYS B 150 -41.00 41.30 -24.07
N ASN B 151 -40.64 41.51 -25.33
CA ASN B 151 -39.60 42.45 -25.72
C ASN B 151 -40.29 43.71 -26.25
N ARG B 152 -39.93 44.86 -25.69
CA ARG B 152 -40.51 46.13 -26.08
C ARG B 152 -39.43 47.19 -26.17
N TYR B 153 -39.70 48.21 -26.97
CA TYR B 153 -38.86 49.40 -27.00
C TYR B 153 -39.43 50.35 -25.96
N THR B 154 -38.62 50.72 -24.98
CA THR B 154 -39.13 51.55 -23.91
C THR B 154 -39.44 52.95 -24.41
N HIS B 155 -40.39 53.60 -23.74
CA HIS B 155 -40.77 54.97 -24.07
C HIS B 155 -39.85 55.99 -23.41
N LYS B 156 -38.95 55.55 -22.56
CA LYS B 156 -38.04 56.43 -21.84
C LYS B 156 -36.93 56.95 -22.74
N ARG B 157 -36.60 58.23 -22.57
CA ARG B 157 -35.55 58.90 -23.31
C ARG B 157 -34.17 58.74 -22.66
N ALA B 158 -34.10 58.09 -21.50
CA ALA B 158 -32.86 57.97 -20.75
C ALA B 158 -31.81 57.16 -21.48
N ASP B 159 -30.55 57.44 -21.15
CA ASP B 159 -29.41 56.69 -21.67
C ASP B 159 -29.34 55.34 -20.96
N GLN B 160 -29.48 54.26 -21.73
CA GLN B 160 -29.51 52.91 -21.17
C GLN B 160 -28.37 52.03 -21.67
N GLY B 161 -27.26 52.64 -22.11
CA GLY B 161 -26.08 51.89 -22.48
C GLY B 161 -25.87 51.63 -23.96
N HIS B 162 -26.74 52.11 -24.84
CA HIS B 162 -26.60 51.93 -26.28
C HIS B 162 -26.36 53.28 -26.93
N TYR B 163 -25.37 53.34 -27.82
CA TYR B 163 -24.94 54.60 -28.40
C TYR B 163 -24.73 54.48 -29.91
N VAL B 164 -24.81 55.64 -30.56
CA VAL B 164 -24.45 55.83 -31.95
C VAL B 164 -23.42 56.96 -31.98
N GLU B 165 -22.63 56.98 -33.04
CA GLU B 165 -21.56 57.96 -33.19
C GLU B 165 -22.01 59.13 -34.05
N MET B 166 -21.63 60.34 -33.63
CA MET B 166 -21.85 61.55 -34.40
C MET B 166 -20.49 62.02 -34.92
N HIS B 167 -20.44 62.34 -36.20
CA HIS B 167 -19.20 62.65 -36.89
C HIS B 167 -19.25 64.03 -37.51
N GLN B 168 -18.07 64.60 -37.72
CA GLN B 168 -17.98 65.86 -38.44
C GLN B 168 -18.60 65.70 -39.82
N PRO B 169 -19.51 66.58 -40.24
CA PRO B 169 -20.14 66.42 -41.55
C PRO B 169 -19.12 66.54 -42.67
N GLY B 170 -19.39 65.82 -43.76
CA GLY B 170 -18.56 65.89 -44.94
C GLY B 170 -18.87 67.14 -45.75
N LEU B 171 -18.19 67.24 -46.90
CA LEU B 171 -18.40 68.39 -47.77
C LEU B 171 -19.84 68.42 -48.25
N VAL B 172 -20.47 69.59 -48.14
CA VAL B 172 -21.86 69.78 -48.54
C VAL B 172 -21.87 70.59 -49.83
N ALA B 173 -22.00 69.91 -50.97
CA ALA B 173 -22.04 70.60 -52.25
C ALA B 173 -23.25 71.53 -52.33
N ASP B 174 -23.03 72.73 -52.88
CA ASP B 174 -24.11 73.71 -53.01
C ASP B 174 -23.79 74.64 -54.18
N HIS B 175 -24.45 74.42 -55.31
CA HIS B 175 -24.21 75.27 -56.48
C HIS B 175 -24.73 76.69 -56.30
N SER B 176 -25.57 76.95 -55.30
CA SER B 176 -26.10 78.31 -55.09
C SER B 176 -25.07 79.24 -54.47
N LEU B 177 -23.92 78.71 -54.06
CA LEU B 177 -22.82 79.54 -53.57
C LEU B 177 -22.14 80.31 -54.68
N LEU B 178 -22.43 79.98 -55.94
CA LEU B 178 -21.82 80.60 -57.11
C LEU B 178 -22.78 81.59 -57.75
N SER B 179 -22.23 82.71 -58.23
CA SER B 179 -23.02 83.73 -58.91
C SER B 179 -22.21 84.32 -60.06
N ILE B 180 -22.93 84.72 -61.12
CA ILE B 180 -22.28 85.29 -62.31
C ILE B 180 -21.61 86.62 -61.99
N HIS B 181 -22.13 87.37 -61.01
CA HIS B 181 -21.57 88.66 -60.60
C HIS B 181 -21.36 89.55 -61.84
N SER B 182 -20.21 90.22 -61.98
CA SER B 182 -19.91 91.06 -63.13
C SER B 182 -19.23 90.24 -64.21
N ALA B 183 -20.00 89.29 -64.76
CA ALA B 183 -19.50 88.37 -65.78
C ALA B 183 -18.30 87.56 -65.27
N LYS B 184 -18.29 87.27 -63.98
CA LYS B 184 -17.21 86.50 -63.37
C LYS B 184 -17.80 85.71 -62.21
N VAL B 185 -17.57 84.40 -62.19
CA VAL B 185 -18.14 83.56 -61.15
C VAL B 185 -17.57 83.98 -59.79
N LYS B 186 -18.47 84.28 -58.85
CA LYS B 186 -18.11 84.70 -57.51
C LYS B 186 -18.65 83.71 -56.49
N ILE B 187 -17.85 83.43 -55.47
CA ILE B 187 -18.20 82.49 -54.41
C ILE B 187 -18.65 83.27 -53.19
N THR B 188 -19.90 83.08 -52.78
CA THR B 188 -20.44 83.70 -51.58
C THR B 188 -20.24 82.76 -50.39
N VAL B 189 -19.60 83.26 -49.34
CA VAL B 189 -19.29 82.47 -48.16
C VAL B 189 -20.15 82.96 -46.99
N PRO B 190 -21.05 82.13 -46.45
CA PRO B 190 -21.82 82.55 -45.26
C PRO B 190 -20.91 82.84 -44.08
N SER B 191 -21.33 83.79 -43.26
CA SER B 191 -20.55 84.16 -42.07
C SER B 191 -20.40 82.96 -41.15
N GLY B 192 -19.21 82.81 -40.59
CA GLY B 192 -18.92 81.69 -39.70
C GLY B 192 -18.80 80.36 -40.41
N ALA B 193 -18.44 80.37 -41.69
CA ALA B 193 -18.29 79.14 -42.44
C ALA B 193 -17.22 79.32 -43.51
N GLN B 194 -16.73 78.18 -44.01
CA GLN B 194 -15.76 78.14 -45.08
C GLN B 194 -16.36 77.43 -46.28
N VAL B 195 -15.89 77.77 -47.48
CA VAL B 195 -16.37 77.16 -48.71
C VAL B 195 -15.17 76.62 -49.49
N LYS B 196 -15.15 75.31 -49.71
CA LYS B 196 -14.17 74.71 -50.59
C LYS B 196 -14.67 74.82 -52.02
N TYR B 197 -13.77 75.09 -52.96
CA TYR B 197 -14.17 75.23 -54.35
C TYR B 197 -13.19 74.50 -55.26
N TYR B 198 -13.72 74.08 -56.41
CA TYR B 198 -12.97 73.44 -57.47
C TYR B 198 -13.57 73.90 -58.78
N CYS B 199 -12.74 74.39 -59.70
CA CYS B 199 -13.27 74.90 -60.96
C CYS B 199 -12.23 74.66 -62.04
N LYS B 200 -12.39 73.58 -62.79
CA LYS B 200 -11.43 73.19 -63.83
C LYS B 200 -11.75 73.89 -65.16
N CYS B 201 -11.58 75.20 -65.13
CA CYS B 201 -11.64 76.02 -66.33
C CYS B 201 -10.26 76.13 -66.92
N PRO B 202 -10.08 76.76 -68.08
CA PRO B 202 -8.72 76.98 -68.57
C PRO B 202 -7.83 77.53 -67.48
N ASP B 203 -8.38 78.40 -66.64
CA ASP B 203 -7.71 78.85 -65.42
C ASP B 203 -8.19 77.97 -64.27
N VAL B 204 -7.56 76.80 -64.14
CA VAL B 204 -7.95 75.83 -63.12
C VAL B 204 -7.63 76.41 -61.74
N ARG B 205 -8.63 76.42 -60.87
CA ARG B 205 -8.49 76.95 -59.52
C ARG B 205 -9.16 76.01 -58.52
N LYS B 206 -8.60 75.96 -57.31
CA LYS B 206 -9.16 75.18 -56.23
C LYS B 206 -8.63 75.71 -54.90
N GLY B 207 -9.32 75.38 -53.83
CA GLY B 207 -8.90 75.78 -52.50
C GLY B 207 -10.08 75.98 -51.57
N ILE B 208 -9.78 76.54 -50.41
CA ILE B 208 -10.76 76.85 -49.37
C ILE B 208 -10.67 78.34 -49.06
N THR B 209 -11.80 79.03 -49.19
CA THR B 209 -11.89 80.45 -48.87
C THR B 209 -12.86 80.66 -47.71
N SER B 210 -12.52 81.60 -46.83
CA SER B 210 -13.34 81.95 -45.68
C SER B 210 -14.11 83.25 -45.89
N SER B 211 -14.06 83.82 -47.10
CA SER B 211 -14.74 85.07 -47.40
C SER B 211 -15.07 85.09 -48.88
N ASP B 212 -15.93 86.03 -49.27
CA ASP B 212 -16.34 86.14 -50.66
C ASP B 212 -15.14 86.26 -51.58
N HIS B 213 -15.15 85.45 -52.65
CA HIS B 213 -14.06 85.38 -53.60
C HIS B 213 -14.59 85.37 -55.02
N THR B 214 -13.93 86.15 -55.90
CA THR B 214 -14.26 86.21 -57.31
C THR B 214 -13.11 85.61 -58.12
N THR B 215 -13.44 84.64 -58.97
CA THR B 215 -12.46 84.01 -59.84
C THR B 215 -12.56 84.58 -61.25
N THR B 216 -11.72 84.06 -62.14
CA THR B 216 -11.68 84.53 -63.52
C THR B 216 -12.51 83.69 -64.50
N CYS B 217 -13.14 82.62 -64.04
CA CYS B 217 -13.98 81.82 -64.92
C CYS B 217 -15.37 82.44 -65.00
N THR B 218 -15.96 82.42 -66.20
CA THR B 218 -17.21 83.13 -66.45
C THR B 218 -18.46 82.27 -66.37
N ASP B 219 -18.36 80.96 -66.58
CA ASP B 219 -19.53 80.09 -66.56
C ASP B 219 -19.69 79.46 -65.17
N VAL B 220 -20.82 79.72 -64.53
CA VAL B 220 -21.09 79.16 -63.21
C VAL B 220 -21.07 77.64 -63.24
N LYS B 221 -21.51 77.05 -64.36
CA LYS B 221 -21.56 75.59 -64.46
C LYS B 221 -20.18 74.95 -64.41
N GLN B 222 -19.12 75.71 -64.66
CA GLN B 222 -17.77 75.14 -64.64
C GLN B 222 -17.16 75.01 -63.25
N CYS B 223 -17.78 75.58 -62.22
CA CYS B 223 -17.23 75.51 -60.86
C CYS B 223 -18.10 74.63 -59.96
N ARG B 224 -17.46 74.03 -58.96
CA ARG B 224 -18.13 73.24 -57.94
C ARG B 224 -17.74 73.79 -56.58
N ALA B 225 -18.73 74.16 -55.77
CA ALA B 225 -18.51 74.72 -54.45
C ALA B 225 -19.07 73.80 -53.37
N TYR B 226 -18.33 73.70 -52.26
CA TYR B 226 -18.72 72.86 -51.13
C TYR B 226 -18.70 73.70 -49.85
N LEU B 227 -19.77 73.61 -49.08
CA LEU B 227 -19.86 74.33 -47.82
C LEU B 227 -19.19 73.54 -46.71
N ILE B 228 -18.32 74.20 -45.95
CA ILE B 228 -17.67 73.61 -44.79
C ILE B 228 -18.26 74.29 -43.56
N ASP B 229 -18.97 73.52 -42.75
CA ASP B 229 -19.60 74.04 -41.53
C ASP B 229 -19.56 72.92 -40.49
N ASN B 230 -18.63 73.03 -39.54
CA ASN B 230 -18.45 72.01 -38.51
C ASN B 230 -18.99 72.46 -37.15
N LYS B 231 -19.85 73.49 -37.13
CA LYS B 231 -20.38 73.95 -35.85
C LYS B 231 -21.25 72.88 -35.20
N LYS B 232 -21.99 72.12 -35.99
CA LYS B 232 -22.82 71.03 -35.50
C LYS B 232 -22.44 69.74 -36.21
N TRP B 233 -22.45 68.64 -35.47
CA TRP B 233 -22.09 67.33 -35.98
C TRP B 233 -23.32 66.58 -36.49
N VAL B 234 -23.09 65.53 -37.29
CA VAL B 234 -24.16 64.73 -37.87
C VAL B 234 -23.90 63.26 -37.60
N TYR B 235 -24.96 62.47 -37.71
CA TYR B 235 -24.85 61.03 -37.58
C TYR B 235 -23.97 60.45 -38.69
N ASN B 236 -23.28 59.36 -38.37
CA ASN B 236 -22.45 58.65 -39.33
C ASN B 236 -23.32 57.90 -40.35
N SER B 237 -24.11 58.65 -41.11
CA SER B 237 -25.07 58.07 -42.04
C SER B 237 -24.42 57.55 -43.31
N GLY B 238 -24.90 56.39 -43.76
CA GLY B 238 -24.42 55.80 -44.99
C GLY B 238 -24.88 56.52 -46.24
N ARG B 239 -25.70 57.56 -46.11
CA ARG B 239 -26.19 58.34 -47.23
C ARG B 239 -25.53 59.70 -47.32
N LEU B 240 -24.48 59.95 -46.52
CA LEU B 240 -23.74 61.20 -46.52
C LEU B 240 -22.26 60.95 -46.81
N PRO B 241 -21.59 61.83 -47.56
CA PRO B 241 -20.15 61.67 -47.73
C PRO B 241 -19.43 61.71 -46.39
N ARG B 242 -18.43 60.84 -46.23
CA ARG B 242 -17.77 60.67 -44.94
C ARG B 242 -17.04 61.93 -44.49
N GLY B 243 -16.30 62.56 -45.39
CA GLY B 243 -15.44 63.66 -44.98
C GLY B 243 -14.02 63.18 -44.71
N GLU B 244 -13.06 64.07 -44.95
CA GLU B 244 -11.65 63.71 -44.86
C GLU B 244 -11.17 63.62 -43.43
N GLY B 245 -10.17 62.75 -43.22
CA GLY B 245 -9.57 62.53 -41.93
C GLY B 245 -10.43 61.68 -41.01
N ASP B 246 -10.11 61.74 -39.72
CA ASP B 246 -10.87 61.03 -38.69
C ASP B 246 -11.97 61.98 -38.22
N THR B 247 -13.20 61.71 -38.64
CA THR B 247 -14.33 62.59 -38.37
C THR B 247 -15.08 62.26 -37.09
N PHE B 248 -14.68 61.25 -36.33
CA PHE B 248 -15.39 60.94 -35.10
C PHE B 248 -15.24 62.07 -34.08
N LYS B 249 -16.38 62.56 -33.59
CA LYS B 249 -16.41 63.65 -32.62
C LYS B 249 -17.04 63.29 -31.29
N GLY B 250 -18.01 62.39 -31.25
CA GLY B 250 -18.62 62.01 -29.99
C GLY B 250 -19.71 60.98 -30.20
N LYS B 251 -20.31 60.57 -29.09
CA LYS B 251 -21.37 59.58 -29.09
C LYS B 251 -22.72 60.18 -28.70
N LEU B 252 -23.77 59.58 -29.26
CA LEU B 252 -25.16 59.88 -28.94
C LEU B 252 -25.79 58.62 -28.39
N HIS B 253 -26.53 58.74 -27.29
CA HIS B 253 -27.19 57.55 -26.78
C HIS B 253 -28.45 57.28 -27.59
N VAL B 254 -28.86 56.02 -27.61
CA VAL B 254 -30.10 55.60 -28.27
C VAL B 254 -31.22 55.71 -27.22
N PRO B 255 -32.23 56.54 -27.44
CA PRO B 255 -33.25 56.76 -26.40
C PRO B 255 -34.11 55.55 -26.05
N PHE B 256 -34.82 55.02 -27.04
CA PHE B 256 -35.83 53.98 -26.80
C PHE B 256 -35.21 52.59 -26.94
N VAL B 257 -34.35 52.29 -25.97
CA VAL B 257 -33.60 51.03 -25.93
C VAL B 257 -34.56 49.87 -25.71
N PRO B 258 -34.32 48.70 -26.31
CA PRO B 258 -35.15 47.52 -26.01
C PRO B 258 -35.07 47.14 -24.54
N VAL B 259 -36.23 46.77 -23.97
CA VAL B 259 -36.32 46.33 -22.58
C VAL B 259 -37.22 45.12 -22.50
N LYS B 260 -37.04 44.34 -21.44
CA LYS B 260 -37.97 43.26 -21.14
C LYS B 260 -39.19 43.87 -20.46
N ALA B 261 -40.38 43.46 -20.88
CA ALA B 261 -41.60 44.02 -20.35
C ALA B 261 -42.67 42.95 -20.33
N LYS B 262 -43.78 43.26 -19.68
CA LYS B 262 -44.92 42.35 -19.59
C LYS B 262 -45.99 42.79 -20.58
N CYS B 263 -46.43 41.85 -21.42
CA CYS B 263 -47.46 42.08 -22.41
C CYS B 263 -48.67 41.21 -22.08
N ILE B 264 -49.85 41.69 -22.43
CA ILE B 264 -51.08 40.95 -22.19
C ILE B 264 -51.35 40.07 -23.41
N ALA B 265 -51.33 38.77 -23.21
CA ALA B 265 -51.63 37.79 -24.23
C ALA B 265 -53.04 37.25 -24.02
N THR B 266 -53.68 36.87 -25.11
CA THR B 266 -55.05 36.39 -25.04
C THR B 266 -55.15 35.05 -24.33
N LEU B 267 -56.36 34.73 -23.88
CA LEU B 267 -56.72 33.43 -23.34
C LEU B 267 -57.77 32.79 -24.25
N ALA B 268 -57.49 31.59 -24.72
CA ALA B 268 -58.46 30.90 -25.55
C ALA B 268 -59.67 30.48 -24.72
N PRO B 269 -60.84 30.35 -25.35
CA PRO B 269 -62.01 29.85 -24.62
C PRO B 269 -61.72 28.50 -23.97
N GLU B 270 -62.22 28.33 -22.76
CA GLU B 270 -61.95 27.12 -22.01
C GLU B 270 -62.45 25.91 -22.79
N PRO B 271 -61.62 24.88 -23.00
CA PRO B 271 -62.06 23.72 -23.76
C PRO B 271 -63.10 22.90 -23.00
N LEU B 272 -63.99 22.27 -23.76
CA LEU B 272 -64.98 21.38 -23.19
C LEU B 272 -64.41 19.96 -23.20
N VAL B 273 -64.37 19.32 -22.04
CA VAL B 273 -63.66 18.06 -21.86
C VAL B 273 -64.65 16.93 -21.58
N GLU B 274 -64.52 15.85 -22.34
CA GLU B 274 -65.29 14.62 -22.17
C GLU B 274 -64.31 13.47 -21.94
N HIS B 275 -64.78 12.44 -21.23
CA HIS B 275 -63.93 11.33 -20.86
C HIS B 275 -64.53 9.99 -21.31
N LYS B 276 -63.65 9.14 -21.83
CA LYS B 276 -63.95 7.77 -22.17
C LYS B 276 -62.85 6.92 -21.55
N HIS B 277 -63.03 5.61 -21.57
CA HIS B 277 -62.01 4.74 -21.00
C HIS B 277 -60.64 5.02 -21.63
N ARG B 278 -59.71 5.48 -20.82
CA ARG B 278 -58.35 5.80 -21.26
C ARG B 278 -58.30 6.80 -22.40
N THR B 279 -59.30 7.67 -22.50
CA THR B 279 -59.33 8.65 -23.59
C THR B 279 -59.79 10.01 -23.08
N LEU B 280 -59.06 11.05 -23.45
CA LEU B 280 -59.39 12.44 -23.16
C LEU B 280 -59.84 13.09 -24.47
N ILE B 281 -61.07 13.61 -24.48
CA ILE B 281 -61.63 14.25 -25.67
C ILE B 281 -61.78 15.73 -25.37
N LEU B 282 -61.14 16.56 -26.20
CA LEU B 282 -61.16 18.02 -26.08
C LEU B 282 -61.92 18.62 -27.25
N HIS B 283 -62.92 19.44 -26.94
CA HIS B 283 -63.67 20.19 -27.95
C HIS B 283 -63.13 21.62 -27.88
N LEU B 284 -62.45 22.05 -28.94
CA LEU B 284 -61.70 23.30 -28.95
C LEU B 284 -62.37 24.34 -29.84
N HIS B 285 -62.49 25.56 -29.32
CA HIS B 285 -63.07 26.71 -30.03
C HIS B 285 -62.14 27.89 -29.78
N PRO B 286 -61.05 28.00 -30.56
CA PRO B 286 -59.97 28.94 -30.19
C PRO B 286 -60.16 30.43 -30.44
N ASP B 287 -60.90 30.83 -31.48
CA ASP B 287 -61.06 32.23 -31.86
C ASP B 287 -59.80 32.83 -32.49
N HIS B 288 -58.66 32.18 -32.31
CA HIS B 288 -57.40 32.56 -32.92
C HIS B 288 -56.59 31.30 -33.12
N PRO B 289 -55.65 31.29 -34.06
CA PRO B 289 -54.78 30.13 -34.17
C PRO B 289 -54.12 29.87 -32.82
N THR B 290 -54.48 28.77 -32.16
CA THR B 290 -54.06 28.49 -30.80
C THR B 290 -53.32 27.16 -30.76
N LEU B 291 -52.18 27.14 -30.07
CA LEU B 291 -51.34 25.95 -29.99
C LEU B 291 -51.82 25.00 -28.90
N LEU B 292 -52.00 23.73 -29.28
CA LEU B 292 -52.32 22.65 -28.35
C LEU B 292 -51.15 21.68 -28.33
N THR B 293 -50.60 21.43 -27.14
CA THR B 293 -49.53 20.45 -26.98
C THR B 293 -49.88 19.48 -25.86
N THR B 294 -49.44 18.24 -26.02
CA THR B 294 -49.65 17.21 -25.02
C THR B 294 -48.43 16.32 -24.93
N ARG B 295 -48.30 15.65 -23.80
CA ARG B 295 -47.24 14.66 -23.59
C ARG B 295 -47.68 13.71 -22.50
N SER B 296 -47.28 12.45 -22.62
CA SER B 296 -47.51 11.51 -21.55
C SER B 296 -46.47 11.73 -20.45
N LEU B 297 -46.82 11.32 -19.24
CA LEU B 297 -45.95 11.51 -18.08
C LEU B 297 -45.13 10.26 -17.77
N GLY B 298 -45.06 9.32 -18.70
CA GLY B 298 -44.26 8.12 -18.52
C GLY B 298 -42.87 8.27 -19.13
N SER B 299 -42.20 7.14 -19.25
CA SER B 299 -40.85 7.13 -19.81
C SER B 299 -40.84 7.38 -21.31
N ASP B 300 -41.95 7.10 -21.99
CA ASP B 300 -42.05 7.28 -23.43
C ASP B 300 -43.06 8.38 -23.70
N ALA B 301 -42.57 9.61 -23.72
CA ALA B 301 -43.42 10.73 -24.10
C ALA B 301 -43.75 10.65 -25.57
N ASN B 302 -44.99 10.97 -25.92
CA ASN B 302 -45.47 10.99 -27.30
C ASN B 302 -46.01 12.39 -27.52
N PRO B 303 -45.13 13.38 -27.69
CA PRO B 303 -45.57 14.77 -27.74
C PRO B 303 -46.49 15.05 -28.92
N THR B 304 -47.45 15.94 -28.69
CA THR B 304 -48.34 16.47 -29.71
C THR B 304 -48.12 17.97 -29.77
N ARG B 305 -48.12 18.51 -30.98
CA ARG B 305 -47.98 19.96 -31.18
C ARG B 305 -48.73 20.32 -32.45
N GLN B 306 -49.85 21.03 -32.31
CA GLN B 306 -50.59 21.47 -33.47
C GLN B 306 -51.26 22.80 -33.19
N TRP B 307 -51.32 23.64 -34.22
CA TRP B 307 -52.01 24.92 -34.15
C TRP B 307 -53.43 24.71 -34.62
N ILE B 308 -54.38 25.10 -33.77
CA ILE B 308 -55.80 24.88 -34.03
C ILE B 308 -56.44 26.22 -34.33
N GLU B 309 -56.97 26.35 -35.56
CA GLU B 309 -57.53 27.60 -36.06
C GLU B 309 -59.04 27.60 -36.13
N ARG B 310 -59.67 26.43 -36.20
CA ARG B 310 -61.10 26.27 -36.32
C ARG B 310 -61.59 25.26 -35.30
N PRO B 311 -62.90 25.22 -35.04
CA PRO B 311 -63.42 24.25 -34.07
C PRO B 311 -63.05 22.83 -34.45
N THR B 312 -62.61 22.05 -33.46
CA THR B 312 -62.19 20.69 -33.71
C THR B 312 -62.30 19.88 -32.42
N THR B 313 -62.38 18.56 -32.59
CA THR B 313 -62.43 17.61 -31.50
C THR B 313 -61.17 16.75 -31.54
N VAL B 314 -60.42 16.75 -30.45
CA VAL B 314 -59.13 16.05 -30.36
C VAL B 314 -59.21 14.98 -29.29
N ASN B 315 -58.84 13.75 -29.64
CA ASN B 315 -58.89 12.59 -28.77
C ASN B 315 -57.48 12.13 -28.43
N PHE B 316 -57.14 12.11 -27.14
CA PHE B 316 -55.85 11.65 -26.66
C PHE B 316 -56.00 10.40 -25.79
N THR B 317 -55.08 9.46 -25.94
CA THR B 317 -55.05 8.27 -25.11
C THR B 317 -54.35 8.57 -23.78
N VAL B 318 -55.04 8.28 -22.68
CA VAL B 318 -54.52 8.52 -21.33
C VAL B 318 -54.42 7.18 -20.61
N THR B 319 -53.27 6.93 -19.99
CA THR B 319 -53.04 5.72 -19.21
C THR B 319 -52.84 6.09 -17.74
N GLY B 320 -52.58 5.09 -16.91
CA GLY B 320 -52.33 5.33 -15.50
C GLY B 320 -51.08 6.14 -15.23
N GLU B 321 -50.21 6.29 -16.23
CA GLU B 321 -49.02 7.12 -16.07
C GLU B 321 -49.37 8.60 -16.14
N GLY B 322 -50.41 8.96 -16.88
CA GLY B 322 -50.89 10.32 -16.95
C GLY B 322 -50.60 10.98 -18.29
N LEU B 323 -51.34 12.06 -18.54
CA LEU B 323 -51.18 12.88 -19.74
C LEU B 323 -51.25 14.34 -19.33
N GLU B 324 -50.30 15.13 -19.82
CA GLU B 324 -50.32 16.57 -19.64
C GLU B 324 -50.67 17.24 -20.96
N TYR B 325 -51.58 18.21 -20.93
CA TYR B 325 -51.94 18.96 -22.12
C TYR B 325 -51.97 20.44 -21.81
N THR B 326 -51.59 21.25 -22.79
CA THR B 326 -51.59 22.69 -22.67
C THR B 326 -52.36 23.29 -23.83
N TRP B 327 -53.35 24.10 -23.52
CA TRP B 327 -54.15 24.82 -24.50
C TRP B 327 -53.63 26.26 -24.49
N GLY B 328 -53.34 26.79 -25.67
CA GLY B 328 -52.61 28.04 -25.78
C GLY B 328 -52.86 29.09 -24.72
N ASN B 329 -51.78 29.47 -24.02
CA ASN B 329 -51.76 30.47 -22.96
C ASN B 329 -52.47 30.02 -21.68
N HIS B 330 -52.93 28.76 -21.62
CA HIS B 330 -53.50 28.25 -20.38
C HIS B 330 -52.45 27.44 -19.63
N PRO B 331 -52.52 27.36 -18.30
CA PRO B 331 -51.55 26.54 -17.59
C PRO B 331 -51.67 25.09 -17.99
N PRO B 332 -50.58 24.34 -17.98
CA PRO B 332 -50.67 22.91 -18.31
C PRO B 332 -51.56 22.18 -17.32
N LYS B 333 -52.37 21.26 -17.84
CA LYS B 333 -53.26 20.43 -17.04
C LYS B 333 -52.84 18.98 -17.19
N ARG B 334 -52.93 18.23 -16.09
CA ARG B 334 -52.56 16.82 -16.07
C ARG B 334 -53.77 15.97 -15.69
N VAL B 335 -53.91 14.83 -16.35
CA VAL B 335 -54.98 13.90 -16.09
C VAL B 335 -54.42 12.48 -16.08
N TRP B 336 -55.08 11.60 -15.34
CA TRP B 336 -54.70 10.20 -15.25
C TRP B 336 -55.94 9.34 -15.45
N ALA B 337 -55.75 8.19 -16.07
CA ALA B 337 -56.81 7.24 -16.34
C ALA B 337 -56.88 6.17 -15.25
N GLN B 338 -58.09 5.86 -14.82
CA GLN B 338 -58.34 4.80 -13.86
C GLN B 338 -58.67 3.50 -14.58
N GLU B 339 -58.56 2.39 -13.85
CA GLU B 339 -58.85 1.06 -14.40
C GLU B 339 -60.36 0.80 -14.35
N SER B 340 -61.07 1.59 -15.13
CA SER B 340 -62.54 1.57 -15.18
C SER B 340 -63.08 0.94 -16.45
N GLY B 341 -62.35 0.00 -17.04
CA GLY B 341 -62.79 -0.61 -18.27
C GLY B 341 -64.03 -1.46 -18.11
N GLU B 342 -64.63 -1.77 -19.26
CA GLU B 342 -65.85 -2.57 -19.31
C GLU B 342 -65.53 -4.05 -19.13
N GLY B 343 -66.52 -4.79 -18.62
CA GLY B 343 -66.39 -6.21 -18.37
C GLY B 343 -66.76 -6.54 -16.93
N ASN B 344 -66.72 -7.84 -16.64
CA ASN B 344 -67.01 -8.35 -15.31
C ASN B 344 -66.01 -9.44 -14.97
N PRO B 345 -64.98 -9.14 -14.18
CA PRO B 345 -63.97 -10.16 -13.86
C PRO B 345 -64.50 -11.30 -12.98
N HIS B 346 -65.70 -11.16 -12.43
CA HIS B 346 -66.30 -12.18 -11.56
C HIS B 346 -67.38 -12.97 -12.25
N GLY B 347 -67.58 -12.78 -13.55
CA GLY B 347 -68.65 -13.43 -14.27
C GLY B 347 -68.21 -14.63 -15.07
N TRP B 348 -68.94 -14.90 -16.15
CA TRP B 348 -68.68 -16.03 -17.02
C TRP B 348 -67.40 -15.82 -17.82
N PRO B 349 -66.87 -16.90 -18.42
CA PRO B 349 -65.64 -16.76 -19.23
C PRO B 349 -65.72 -15.66 -20.27
N HIS B 350 -66.87 -15.49 -20.91
CA HIS B 350 -67.01 -14.40 -21.88
C HIS B 350 -66.82 -13.05 -21.19
N GLU B 351 -67.46 -12.87 -20.04
CA GLU B 351 -67.37 -11.62 -19.31
C GLU B 351 -65.98 -11.43 -18.69
N VAL B 352 -65.34 -12.52 -18.26
CA VAL B 352 -63.99 -12.43 -17.70
C VAL B 352 -62.98 -12.02 -18.77
N VAL B 353 -63.06 -12.64 -19.94
CA VAL B 353 -62.13 -12.31 -21.02
C VAL B 353 -62.33 -10.86 -21.48
N VAL B 354 -63.57 -10.41 -21.55
CA VAL B 354 -63.84 -9.02 -21.95
C VAL B 354 -63.17 -8.05 -20.99
N TYR B 355 -63.29 -8.29 -19.68
CA TYR B 355 -62.67 -7.40 -18.71
C TYR B 355 -61.16 -7.33 -18.89
N TYR B 356 -60.50 -8.49 -18.92
CA TYR B 356 -59.04 -8.49 -19.01
C TYR B 356 -58.55 -8.06 -20.38
N TYR B 357 -59.32 -8.30 -21.44
CA TYR B 357 -58.93 -7.78 -22.74
C TYR B 357 -58.95 -6.26 -22.74
N ASN B 358 -60.03 -5.68 -22.22
CA ASN B 358 -60.14 -4.22 -22.17
C ASN B 358 -59.07 -3.61 -21.27
N ARG B 359 -58.71 -4.28 -20.18
CA ARG B 359 -57.69 -3.75 -19.28
C ARG B 359 -56.28 -4.04 -19.77
N TYR B 360 -56.06 -5.22 -20.35
CA TYR B 360 -54.74 -5.63 -20.87
C TYR B 360 -54.92 -6.21 -22.26
N PRO B 361 -55.11 -5.36 -23.27
CA PRO B 361 -55.38 -5.86 -24.62
C PRO B 361 -54.37 -6.86 -25.17
N LEU B 362 -53.09 -6.47 -25.22
CA LEU B 362 -52.09 -7.35 -25.82
C LEU B 362 -51.81 -8.57 -24.95
N THR B 363 -51.70 -8.39 -23.63
CA THR B 363 -51.42 -9.52 -22.75
C THR B 363 -52.53 -10.56 -22.82
N THR B 364 -53.79 -10.12 -22.90
CA THR B 364 -54.89 -11.07 -22.99
C THR B 364 -54.85 -11.86 -24.29
N ILE B 365 -54.55 -11.19 -25.41
CA ILE B 365 -54.45 -11.90 -26.69
C ILE B 365 -53.30 -12.89 -26.66
N ILE B 366 -52.15 -12.47 -26.16
CA ILE B 366 -51.02 -13.40 -26.04
C ILE B 366 -51.36 -14.51 -25.05
N GLY B 367 -51.95 -14.15 -23.91
CA GLY B 367 -52.29 -15.16 -22.91
C GLY B 367 -53.29 -16.18 -23.41
N LEU B 368 -54.38 -15.72 -24.04
CA LEU B 368 -55.38 -16.65 -24.54
C LEU B 368 -54.83 -17.55 -25.64
N CYS B 369 -54.05 -17.00 -26.56
CA CYS B 369 -53.45 -17.83 -27.60
C CYS B 369 -52.51 -18.86 -27.00
N THR B 370 -51.71 -18.45 -26.02
CA THR B 370 -50.81 -19.39 -25.34
C THR B 370 -51.58 -20.47 -24.59
N CYS B 371 -52.65 -20.08 -23.89
CA CYS B 371 -53.44 -21.07 -23.17
C CYS B 371 -54.04 -22.11 -24.11
N VAL B 372 -54.60 -21.67 -25.25
CA VAL B 372 -55.16 -22.61 -26.20
C VAL B 372 -54.07 -23.50 -26.79
N ALA B 373 -52.90 -22.92 -27.07
CA ALA B 373 -51.79 -23.71 -27.57
C ALA B 373 -51.36 -24.78 -26.57
N ILE B 374 -51.25 -24.41 -25.30
CA ILE B 374 -50.90 -25.38 -24.26
C ILE B 374 -51.97 -26.44 -24.15
N ILE B 375 -53.24 -26.05 -24.23
CA ILE B 375 -54.33 -27.02 -24.18
C ILE B 375 -54.22 -28.01 -25.32
N MET B 376 -54.03 -27.51 -26.55
CA MET B 376 -53.92 -28.40 -27.69
C MET B 376 -52.70 -29.30 -27.58
N VAL B 377 -51.55 -28.73 -27.21
CA VAL B 377 -50.34 -29.54 -27.08
C VAL B 377 -50.50 -30.57 -25.97
N SER B 378 -51.09 -30.17 -24.84
CA SER B 378 -51.26 -31.11 -23.74
C SER B 378 -52.27 -32.20 -24.07
N CYS B 379 -53.40 -31.82 -24.67
CA CYS B 379 -54.42 -32.81 -25.00
C CYS B 379 -53.96 -33.77 -26.09
N VAL B 380 -53.29 -33.26 -27.12
CA VAL B 380 -52.81 -34.14 -28.18
C VAL B 380 -51.76 -35.10 -27.64
N THR B 381 -50.83 -34.61 -26.84
CA THR B 381 -49.79 -35.48 -26.28
C THR B 381 -50.40 -36.56 -25.41
N SER B 382 -51.35 -36.21 -24.55
CA SER B 382 -51.97 -37.18 -23.66
C SER B 382 -52.79 -38.21 -24.42
N VAL B 383 -53.54 -37.78 -25.44
CA VAL B 383 -54.32 -38.73 -26.23
C VAL B 383 -53.40 -39.68 -26.97
N TRP B 384 -52.29 -39.19 -27.51
CA TRP B 384 -51.33 -40.07 -28.16
C TRP B 384 -50.75 -41.07 -27.16
N LEU B 385 -50.39 -40.60 -25.97
CA LEU B 385 -49.88 -41.49 -24.94
C LEU B 385 -50.88 -42.56 -24.56
N LEU B 386 -52.15 -42.19 -24.42
CA LEU B 386 -53.18 -43.18 -24.09
C LEU B 386 -53.49 -44.09 -25.27
N CYS B 387 -53.54 -43.53 -26.48
CA CYS B 387 -53.76 -44.39 -27.65
C CYS B 387 -52.60 -45.35 -27.84
N ARG B 388 -51.36 -44.87 -27.63
CA ARG B 388 -50.21 -45.76 -27.66
C ARG B 388 -50.33 -46.81 -26.56
N THR B 389 -50.73 -46.39 -25.37
CA THR B 389 -50.93 -47.32 -24.26
C THR B 389 -52.04 -48.33 -24.58
N ARG B 390 -53.15 -47.87 -25.15
CA ARG B 390 -54.24 -48.79 -25.48
C ARG B 390 -53.80 -49.84 -26.49
N ASN B 391 -53.05 -49.45 -27.51
CA ASN B 391 -52.57 -50.43 -28.49
C ASN B 391 -51.72 -51.49 -27.81
N LEU B 392 -50.81 -51.07 -26.93
CA LEU B 392 -50.01 -52.04 -26.19
C LEU B 392 -50.89 -52.90 -25.29
N CYS B 393 -51.97 -52.32 -24.76
CA CYS B 393 -52.88 -53.07 -23.91
C CYS B 393 -53.61 -54.17 -24.69
N ILE B 394 -54.11 -53.85 -25.88
CA ILE B 394 -54.93 -54.81 -26.61
C ILE B 394 -54.14 -55.72 -27.55
N THR B 395 -53.01 -55.27 -28.08
CA THR B 395 -52.25 -56.08 -29.03
C THR B 395 -51.97 -57.49 -28.54
N PRO B 396 -51.51 -57.71 -27.31
CA PRO B 396 -51.26 -59.10 -26.87
C PRO B 396 -52.48 -59.99 -26.94
N TYR B 397 -53.68 -59.43 -26.93
CA TYR B 397 -54.92 -60.21 -26.96
C TYR B 397 -55.56 -60.27 -28.34
N LYS B 398 -55.32 -59.26 -29.18
CA LYS B 398 -55.84 -59.31 -30.54
C LYS B 398 -55.18 -60.44 -31.32
N LEU B 399 -53.93 -60.76 -31.00
CA LEU B 399 -53.16 -61.81 -31.66
C LEU B 399 -53.45 -63.20 -31.11
N ALA B 400 -54.30 -63.33 -30.09
CA ALA B 400 -54.59 -64.62 -29.45
C ALA B 400 -56.09 -64.81 -29.33
N PRO B 401 -56.74 -65.29 -30.38
CA PRO B 401 -58.19 -65.54 -30.32
C PRO B 401 -58.66 -66.33 -29.11
N ASN B 402 -57.83 -67.20 -28.53
CA ASN B 402 -58.24 -68.01 -27.38
C ASN B 402 -57.77 -67.42 -26.05
N ALA B 403 -57.30 -66.18 -26.03
CA ALA B 403 -56.82 -65.57 -24.79
C ALA B 403 -57.94 -65.42 -23.78
N GLN B 404 -57.53 -65.34 -22.50
CA GLN B 404 -58.50 -65.17 -21.42
C GLN B 404 -59.25 -63.85 -21.52
N VAL B 405 -58.57 -62.80 -21.97
CA VAL B 405 -59.17 -61.47 -22.09
C VAL B 405 -59.79 -61.03 -20.76
N PRO B 406 -58.98 -60.60 -19.78
CA PRO B 406 -59.52 -60.19 -18.48
C PRO B 406 -60.62 -59.14 -18.62
N ILE B 407 -61.60 -59.21 -17.71
CA ILE B 407 -62.75 -58.31 -17.77
C ILE B 407 -62.32 -56.85 -17.60
N LEU B 408 -61.37 -56.59 -16.71
CA LEU B 408 -60.91 -55.21 -16.53
C LEU B 408 -60.34 -54.65 -17.82
N LEU B 409 -59.54 -55.44 -18.53
CA LEU B 409 -59.01 -54.99 -19.81
C LEU B 409 -60.12 -54.83 -20.84
N ALA B 410 -61.10 -55.73 -20.83
CA ALA B 410 -62.23 -55.62 -21.75
C ALA B 410 -63.01 -54.32 -21.55
N LEU B 411 -63.06 -53.82 -20.32
CA LEU B 411 -63.78 -52.59 -20.02
C LEU B 411 -62.90 -51.34 -20.12
N LEU B 412 -61.62 -51.44 -19.73
CA LEU B 412 -60.75 -50.28 -19.72
C LEU B 412 -60.01 -50.06 -21.04
N CYS B 413 -59.76 -51.12 -21.81
CA CYS B 413 -59.07 -50.99 -23.09
C CYS B 413 -59.96 -51.31 -24.28
N CYS B 414 -60.81 -52.33 -24.18
CA CYS B 414 -61.70 -52.70 -25.27
C CYS B 414 -63.13 -52.22 -24.99
N ASP C 1 -51.14 -74.97 -48.82
CA ASP C 1 -50.01 -74.33 -48.14
C ASP C 1 -50.47 -73.18 -47.26
N LYS C 2 -49.87 -73.09 -46.07
CA LYS C 2 -50.14 -72.01 -45.14
C LYS C 2 -48.93 -71.10 -44.93
N THR C 3 -47.79 -71.39 -45.56
CA THR C 3 -46.58 -70.60 -45.47
C THR C 3 -46.28 -69.99 -46.84
N PHE C 4 -46.02 -68.69 -46.88
CA PHE C 4 -45.77 -67.98 -48.13
C PHE C 4 -44.51 -67.13 -48.01
N PRO C 5 -43.50 -67.35 -48.86
CA PRO C 5 -42.25 -66.58 -48.77
C PRO C 5 -42.43 -65.11 -49.14
N ILE C 6 -41.58 -64.27 -48.52
CA ILE C 6 -41.51 -62.84 -48.79
C ILE C 6 -40.23 -62.57 -49.56
N MET C 7 -40.35 -62.02 -50.76
CA MET C 7 -39.21 -61.74 -51.62
C MET C 7 -39.20 -60.28 -52.05
N LEU C 8 -38.03 -59.65 -51.96
CA LEU C 8 -37.84 -58.25 -52.34
C LEU C 8 -37.31 -58.11 -53.76
N ASN C 9 -36.27 -58.87 -54.10
CA ASN C 9 -35.65 -58.85 -55.43
C ASN C 9 -35.64 -60.23 -56.06
N GLY C 10 -36.56 -61.11 -55.65
CA GLY C 10 -36.59 -62.48 -56.08
C GLY C 10 -35.97 -63.46 -55.11
N GLN C 11 -35.22 -62.95 -54.14
CA GLN C 11 -34.62 -63.78 -53.10
C GLN C 11 -35.47 -63.68 -51.83
N VAL C 12 -35.49 -64.78 -51.08
CA VAL C 12 -36.32 -64.86 -49.89
C VAL C 12 -35.62 -64.21 -48.70
N ASN C 13 -36.27 -63.21 -48.11
CA ASN C 13 -35.79 -62.57 -46.89
C ASN C 13 -36.45 -63.15 -45.64
N GLY C 14 -37.63 -63.76 -45.79
CA GLY C 14 -38.34 -64.34 -44.67
C GLY C 14 -39.63 -64.95 -45.17
N TYR C 15 -40.41 -65.49 -44.24
CA TYR C 15 -41.65 -66.17 -44.57
C TYR C 15 -42.82 -65.58 -43.79
N ALA C 16 -44.00 -65.65 -44.39
CA ALA C 16 -45.26 -65.28 -43.76
C ALA C 16 -46.12 -66.52 -43.60
N CYS C 17 -46.95 -66.54 -42.56
CA CYS C 17 -47.83 -67.66 -42.29
C CYS C 17 -49.17 -67.15 -41.76
N VAL C 18 -50.19 -67.99 -41.93
CA VAL C 18 -51.54 -67.71 -41.45
C VAL C 18 -51.77 -68.56 -40.21
N VAL C 19 -51.83 -67.91 -39.04
CA VAL C 19 -51.97 -68.58 -37.76
C VAL C 19 -53.16 -67.99 -37.04
N GLY C 20 -54.14 -68.83 -36.70
CA GLY C 20 -55.32 -68.38 -35.98
C GLY C 20 -56.27 -67.52 -36.78
N GLY C 21 -56.00 -67.33 -38.07
CA GLY C 21 -56.79 -66.47 -38.92
C GLY C 21 -56.16 -65.14 -39.22
N ARG C 22 -54.93 -64.91 -38.77
CA ARG C 22 -54.20 -63.67 -39.00
C ARG C 22 -52.92 -63.96 -39.77
N VAL C 23 -52.52 -63.01 -40.60
CA VAL C 23 -51.28 -63.10 -41.37
C VAL C 23 -50.16 -62.50 -40.54
N PHE C 24 -49.05 -63.23 -40.41
CA PHE C 24 -47.90 -62.78 -39.64
C PHE C 24 -46.66 -62.67 -40.52
N LYS C 25 -45.87 -61.61 -40.28
CA LYS C 25 -44.55 -61.47 -40.88
C LYS C 25 -43.73 -60.58 -39.95
N PRO C 26 -42.43 -60.82 -39.80
CA PRO C 26 -41.62 -59.94 -38.96
C PRO C 26 -41.47 -58.55 -39.57
N LEU C 27 -41.22 -57.57 -38.70
CA LEU C 27 -41.05 -56.19 -39.14
C LEU C 27 -39.81 -56.03 -40.02
N HIS C 28 -38.73 -56.76 -39.69
CA HIS C 28 -37.48 -56.61 -40.42
C HIS C 28 -37.45 -57.33 -41.77
N VAL C 29 -38.47 -58.11 -42.11
CA VAL C 29 -38.50 -58.81 -43.39
C VAL C 29 -39.06 -57.90 -44.46
N GLU C 30 -38.24 -57.61 -45.48
CA GLU C 30 -38.59 -56.75 -46.59
C GLU C 30 -38.98 -57.58 -47.81
N GLY C 31 -39.86 -57.02 -48.63
CA GLY C 31 -40.31 -57.65 -49.86
C GLY C 31 -41.81 -57.85 -49.89
N ARG C 32 -42.25 -58.55 -50.94
CA ARG C 32 -43.66 -58.84 -51.18
C ARG C 32 -43.89 -60.35 -51.13
N ILE C 33 -45.05 -60.73 -50.58
CA ILE C 33 -45.43 -62.13 -50.50
C ILE C 33 -45.79 -62.65 -51.89
N ASP C 34 -45.31 -63.85 -52.22
CA ASP C 34 -45.60 -64.44 -53.52
C ASP C 34 -47.10 -64.61 -53.75
N ASN C 35 -47.87 -64.88 -52.69
CA ASN C 35 -49.32 -64.98 -52.79
C ASN C 35 -49.90 -63.57 -52.75
N GLU C 36 -50.53 -63.16 -53.85
CA GLU C 36 -51.09 -61.81 -53.94
C GLU C 36 -52.20 -61.57 -52.93
N GLN C 37 -52.89 -62.63 -52.49
CA GLN C 37 -53.97 -62.43 -51.52
C GLN C 37 -53.45 -61.89 -50.19
N LEU C 38 -52.22 -62.25 -49.83
CA LEU C 38 -51.61 -61.79 -48.59
C LEU C 38 -50.86 -60.48 -48.75
N ALA C 39 -50.20 -60.29 -49.90
CA ALA C 39 -49.42 -59.08 -50.12
C ALA C 39 -50.27 -57.82 -50.13
N ALA C 40 -51.53 -57.91 -50.56
CA ALA C 40 -52.39 -56.74 -50.64
C ALA C 40 -52.98 -56.31 -49.30
N ILE C 41 -52.76 -57.08 -48.23
CA ILE C 41 -53.33 -56.75 -46.92
C ILE C 41 -52.49 -55.69 -46.23
N LYS C 42 -53.14 -54.65 -45.73
CA LYS C 42 -52.48 -53.63 -44.93
C LYS C 42 -52.26 -54.17 -43.52
N LEU C 43 -51.01 -54.19 -43.08
CA LEU C 43 -50.63 -54.79 -41.81
C LEU C 43 -50.34 -53.76 -40.72
N LYS C 44 -50.75 -54.08 -39.50
CA LYS C 44 -50.48 -53.24 -38.34
C LYS C 44 -49.07 -53.53 -37.81
N LYS C 45 -48.40 -52.48 -37.35
CA LYS C 45 -47.01 -52.57 -36.90
C LYS C 45 -46.93 -52.83 -35.40
N ALA C 46 -46.72 -54.10 -35.03
CA ALA C 46 -46.53 -54.47 -33.63
C ALA C 46 -45.04 -54.46 -33.28
N SER C 47 -44.50 -53.26 -33.13
CA SER C 47 -43.10 -53.14 -32.73
C SER C 47 -42.89 -53.74 -31.34
N ILE C 48 -43.96 -53.92 -30.58
CA ILE C 48 -43.89 -54.60 -29.29
C ILE C 48 -43.35 -56.03 -29.46
N TYR C 49 -43.73 -56.69 -30.56
CA TYR C 49 -43.33 -58.07 -30.82
C TYR C 49 -42.60 -58.24 -32.14
N ASP C 50 -42.25 -57.17 -32.83
CA ASP C 50 -41.57 -57.26 -34.13
C ASP C 50 -42.37 -58.09 -35.12
N LEU C 51 -43.67 -57.86 -35.20
CA LEU C 51 -44.54 -58.55 -36.14
C LEU C 51 -45.52 -57.59 -36.80
N GLU C 52 -45.72 -57.78 -38.10
CA GLU C 52 -46.79 -57.14 -38.84
C GLU C 52 -47.94 -58.13 -38.92
N TYR C 53 -49.17 -57.65 -38.74
CA TYR C 53 -50.30 -58.56 -38.79
C TYR C 53 -51.52 -57.88 -39.42
N GLY C 54 -52.42 -58.71 -39.95
CA GLY C 54 -53.61 -58.24 -40.61
C GLY C 54 -54.65 -59.34 -40.70
N ASP C 55 -55.81 -58.96 -41.25
CA ASP C 55 -56.97 -59.85 -41.33
C ASP C 55 -56.98 -60.66 -42.62
N VAL C 56 -57.14 -61.96 -42.48
CA VAL C 56 -57.23 -62.86 -43.64
C VAL C 56 -58.57 -62.66 -44.35
N PRO C 57 -58.61 -62.49 -45.67
CA PRO C 57 -59.89 -62.38 -46.36
C PRO C 57 -60.74 -63.63 -46.17
N GLN C 58 -62.07 -63.43 -46.18
CA GLN C 58 -62.98 -64.55 -46.01
C GLN C 58 -62.74 -65.66 -47.02
N CYS C 59 -62.30 -65.32 -48.24
CA CYS C 59 -61.99 -66.34 -49.23
C CYS C 59 -60.77 -67.17 -48.84
N MET C 60 -59.94 -66.67 -47.93
CA MET C 60 -58.74 -67.36 -47.48
C MET C 60 -58.86 -67.90 -46.06
N LYS C 61 -60.03 -67.79 -45.43
CA LYS C 61 -60.18 -68.20 -44.04
C LYS C 61 -59.90 -69.68 -43.83
N SER C 62 -60.14 -70.52 -44.84
CA SER C 62 -59.91 -71.95 -44.68
C SER C 62 -58.43 -72.32 -44.61
N ASP C 63 -57.55 -71.48 -45.14
CA ASP C 63 -56.11 -71.74 -45.09
C ASP C 63 -55.49 -71.15 -43.83
N THR C 64 -55.95 -71.66 -42.69
CA THR C 64 -55.54 -71.17 -41.38
C THR C 64 -54.95 -72.29 -40.53
N LEU C 65 -53.80 -72.04 -39.94
CA LEU C 65 -53.17 -72.97 -39.00
C LEU C 65 -53.69 -72.72 -37.59
N GLN C 66 -54.05 -73.79 -36.90
CA GLN C 66 -54.47 -73.69 -35.51
C GLN C 66 -53.25 -73.48 -34.62
N TYR C 67 -53.42 -72.64 -33.60
CA TYR C 67 -52.35 -72.37 -32.65
C TYR C 67 -52.80 -72.75 -31.24
N THR C 68 -51.83 -72.91 -30.35
CA THR C 68 -52.12 -73.22 -28.97
C THR C 68 -51.01 -72.69 -28.07
N SER C 69 -51.36 -72.46 -26.81
CA SER C 69 -50.40 -72.08 -25.78
C SER C 69 -49.88 -73.28 -25.00
N ASP C 70 -50.41 -74.47 -25.25
CA ASP C 70 -50.01 -75.69 -24.54
C ASP C 70 -48.72 -76.22 -25.15
N LYS C 71 -47.59 -75.88 -24.52
CA LYS C 71 -46.26 -76.30 -24.98
C LYS C 71 -45.53 -77.03 -23.86
N PRO C 72 -45.86 -78.29 -23.61
CA PRO C 72 -45.13 -79.05 -22.60
C PRO C 72 -43.73 -79.39 -23.09
N PRO C 73 -42.80 -79.73 -22.20
CA PRO C 73 -41.47 -80.11 -22.65
C PRO C 73 -41.53 -81.27 -23.63
N GLY C 74 -40.70 -81.19 -24.67
CA GLY C 74 -40.71 -82.20 -25.70
C GLY C 74 -40.14 -81.65 -27.01
N PHE C 75 -40.43 -82.36 -28.08
CA PHE C 75 -39.92 -82.03 -29.41
C PHE C 75 -41.02 -81.57 -30.35
N TYR C 76 -40.73 -80.51 -31.11
CA TYR C 76 -41.66 -79.90 -32.04
C TYR C 76 -41.01 -79.84 -33.42
N ASN C 77 -41.87 -79.77 -34.45
CA ASN C 77 -41.43 -79.79 -35.84
C ASN C 77 -41.51 -78.40 -36.47
N TRP C 78 -40.65 -78.19 -37.47
CA TRP C 78 -40.71 -77.01 -38.32
C TRP C 78 -40.14 -77.40 -39.68
N HIS C 79 -40.08 -76.44 -40.61
CA HIS C 79 -39.66 -76.76 -41.98
C HIS C 79 -38.27 -77.38 -42.07
N HIS C 80 -37.38 -77.14 -41.11
CA HIS C 80 -36.04 -77.70 -41.17
C HIS C 80 -35.87 -78.96 -40.32
N GLY C 81 -36.94 -79.46 -39.72
CA GLY C 81 -36.82 -80.67 -38.93
C GLY C 81 -37.36 -80.58 -37.52
N ALA C 82 -36.72 -81.30 -36.61
CA ALA C 82 -37.12 -81.33 -35.22
C ALA C 82 -36.61 -80.12 -34.44
N VAL C 83 -37.38 -79.75 -33.42
CA VAL C 83 -37.04 -78.67 -32.50
C VAL C 83 -37.17 -79.21 -31.09
N GLN C 84 -36.16 -79.00 -30.26
CA GLN C 84 -36.19 -79.40 -28.87
C GLN C 84 -36.63 -78.21 -28.02
N TYR C 85 -37.66 -78.41 -27.20
CA TYR C 85 -38.21 -77.36 -26.34
C TYR C 85 -38.11 -77.77 -24.88
N GLU C 86 -37.42 -76.95 -24.10
CA GLU C 86 -37.32 -77.15 -22.66
C GLU C 86 -37.09 -75.81 -21.98
N ASN C 87 -37.57 -75.69 -20.75
CA ASN C 87 -37.36 -74.50 -19.93
C ASN C 87 -37.84 -73.23 -20.65
N ASN C 88 -38.98 -73.32 -21.33
CA ASN C 88 -39.55 -72.21 -22.09
C ASN C 88 -38.61 -71.71 -23.18
N ARG C 89 -37.77 -72.60 -23.71
CA ARG C 89 -36.80 -72.26 -24.75
C ARG C 89 -36.92 -73.24 -25.90
N PHE C 90 -36.92 -72.71 -27.13
CA PHE C 90 -36.95 -73.51 -28.35
C PHE C 90 -35.54 -73.57 -28.93
N THR C 91 -35.04 -74.78 -29.15
CA THR C 91 -33.67 -74.98 -29.59
C THR C 91 -33.59 -75.98 -30.72
N VAL C 92 -32.68 -75.71 -31.67
CA VAL C 92 -32.44 -76.59 -32.81
C VAL C 92 -30.95 -76.90 -32.92
N PRO C 93 -30.57 -78.02 -33.54
CA PRO C 93 -29.15 -78.34 -33.69
C PRO C 93 -28.42 -77.29 -34.51
N ARG C 94 -27.14 -77.09 -34.18
CA ARG C 94 -26.31 -76.15 -34.92
C ARG C 94 -26.27 -76.52 -36.39
N GLY C 95 -26.38 -75.52 -37.26
CA GLY C 95 -26.42 -75.72 -38.68
C GLY C 95 -27.82 -75.85 -39.24
N VAL C 96 -28.83 -75.95 -38.38
CA VAL C 96 -30.23 -76.05 -38.78
C VAL C 96 -30.84 -74.65 -38.66
N GLY C 97 -30.99 -73.98 -39.80
CA GLY C 97 -31.61 -72.67 -39.81
C GLY C 97 -30.60 -71.53 -39.82
N GLY C 98 -31.07 -70.38 -40.27
CA GLY C 98 -30.25 -69.19 -40.33
C GLY C 98 -31.04 -68.05 -40.92
N LYS C 99 -30.34 -67.01 -41.36
CA LYS C 99 -31.02 -65.88 -42.00
C LYS C 99 -31.85 -66.34 -43.19
N GLY C 100 -33.09 -65.85 -43.27
CA GLY C 100 -34.04 -66.24 -44.28
C GLY C 100 -35.15 -67.14 -43.75
N ASP C 101 -34.98 -67.69 -42.54
CA ASP C 101 -35.97 -68.55 -41.92
C ASP C 101 -36.92 -67.82 -40.98
N SER C 102 -36.79 -66.50 -40.85
CA SER C 102 -37.67 -65.77 -39.96
C SER C 102 -39.12 -65.86 -40.42
N GLY C 103 -40.03 -65.95 -39.45
CA GLY C 103 -41.44 -66.05 -39.73
C GLY C 103 -41.97 -67.47 -39.87
N ARG C 104 -41.09 -68.47 -39.89
CA ARG C 104 -41.55 -69.85 -39.96
C ARG C 104 -42.26 -70.26 -38.67
N PRO C 105 -43.26 -71.12 -38.74
CA PRO C 105 -43.94 -71.61 -37.53
C PRO C 105 -43.30 -72.87 -36.96
N ILE C 106 -43.56 -73.09 -35.68
CA ILE C 106 -43.19 -74.32 -34.99
C ILE C 106 -44.47 -75.05 -34.64
N LEU C 107 -44.56 -76.32 -35.03
CA LEU C 107 -45.77 -77.11 -34.88
C LEU C 107 -45.56 -78.29 -33.93
N ASP C 108 -46.59 -78.62 -33.17
CA ASP C 108 -46.58 -79.74 -32.24
C ASP C 108 -47.06 -81.01 -32.94
N ASN C 109 -47.32 -82.06 -32.14
CA ASN C 109 -47.72 -83.36 -32.66
C ASN C 109 -49.14 -83.40 -33.22
N LYS C 110 -49.94 -82.36 -33.01
CA LYS C 110 -51.30 -82.32 -33.54
C LYS C 110 -51.44 -81.31 -34.69
N GLY C 111 -50.33 -80.76 -35.17
CA GLY C 111 -50.36 -79.80 -36.26
C GLY C 111 -50.70 -78.40 -35.85
N ARG C 112 -50.61 -78.08 -34.56
CA ARG C 112 -50.91 -76.74 -34.06
C ARG C 112 -49.62 -75.94 -33.92
N VAL C 113 -49.66 -74.70 -34.39
CA VAL C 113 -48.50 -73.83 -34.32
C VAL C 113 -48.32 -73.35 -32.89
N VAL C 114 -47.13 -73.53 -32.34
CA VAL C 114 -46.83 -73.10 -30.98
C VAL C 114 -45.91 -71.89 -30.93
N ALA C 115 -45.20 -71.57 -32.00
CA ALA C 115 -44.33 -70.41 -31.98
C ALA C 115 -44.00 -69.96 -33.40
N ILE C 116 -43.59 -68.69 -33.50
CA ILE C 116 -43.13 -68.10 -34.76
C ILE C 116 -41.70 -67.61 -34.52
N VAL C 117 -40.80 -68.02 -35.41
CA VAL C 117 -39.37 -67.76 -35.26
C VAL C 117 -39.00 -66.38 -35.81
N LEU C 118 -38.38 -65.56 -34.98
CA LEU C 118 -37.89 -64.25 -35.38
C LEU C 118 -36.38 -64.23 -35.59
N GLY C 119 -35.65 -65.06 -34.86
CA GLY C 119 -34.20 -65.07 -34.95
C GLY C 119 -33.64 -66.18 -34.11
N GLY C 120 -32.36 -66.08 -33.75
CA GLY C 120 -31.78 -67.10 -32.89
C GLY C 120 -30.36 -66.77 -32.50
N VAL C 121 -29.83 -67.58 -31.58
CA VAL C 121 -28.49 -67.45 -31.04
C VAL C 121 -27.80 -68.81 -31.16
N ASN C 122 -26.56 -68.82 -31.64
CA ASN C 122 -25.76 -70.04 -31.66
C ASN C 122 -25.17 -70.24 -30.28
N GLU C 123 -25.57 -71.32 -29.61
CA GLU C 123 -25.08 -71.67 -28.27
C GLU C 123 -24.34 -73.00 -28.36
N GLY C 124 -23.07 -72.93 -28.75
CA GLY C 124 -22.30 -74.14 -28.87
C GLY C 124 -22.86 -75.08 -29.92
N SER C 125 -23.09 -76.33 -29.52
CA SER C 125 -23.62 -77.35 -30.41
C SER C 125 -25.09 -77.16 -30.76
N ARG C 126 -25.83 -76.29 -30.05
CA ARG C 126 -27.24 -76.11 -30.30
C ARG C 126 -27.54 -74.63 -30.49
N THR C 127 -28.59 -74.34 -31.27
CA THR C 127 -28.99 -72.97 -31.59
C THR C 127 -30.33 -72.66 -30.94
N ALA C 128 -30.35 -71.61 -30.12
CA ALA C 128 -31.58 -71.14 -29.50
C ALA C 128 -32.30 -70.18 -30.44
N LEU C 129 -33.62 -70.25 -30.46
CA LEU C 129 -34.45 -69.44 -31.35
C LEU C 129 -35.16 -68.33 -30.58
N SER C 130 -35.19 -67.14 -31.18
CA SER C 130 -36.02 -66.05 -30.70
C SER C 130 -37.42 -66.24 -31.30
N VAL C 131 -38.42 -66.43 -30.44
CA VAL C 131 -39.75 -66.77 -30.92
C VAL C 131 -40.81 -65.91 -30.25
N VAL C 132 -41.95 -65.79 -30.94
CA VAL C 132 -43.14 -65.16 -30.39
C VAL C 132 -44.07 -66.30 -29.99
N THR C 133 -44.39 -66.38 -28.70
CA THR C 133 -45.16 -67.48 -28.16
C THR C 133 -46.28 -66.94 -27.28
N TRP C 134 -47.20 -67.82 -26.94
CA TRP C 134 -48.29 -67.52 -26.04
C TRP C 134 -48.00 -68.16 -24.69
N ASN C 135 -48.23 -67.39 -23.63
CA ASN C 135 -47.98 -67.86 -22.28
C ASN C 135 -49.10 -68.80 -21.82
N GLN C 136 -49.00 -69.24 -20.56
CA GLN C 136 -49.95 -70.21 -20.03
C GLN C 136 -51.39 -69.69 -20.04
N LYS C 137 -51.60 -68.38 -20.14
CA LYS C 137 -52.94 -67.82 -20.24
C LYS C 137 -53.33 -67.48 -21.67
N GLY C 138 -52.51 -67.86 -22.64
CA GLY C 138 -52.78 -67.60 -24.04
C GLY C 138 -52.47 -66.19 -24.51
N VAL C 139 -51.68 -65.44 -23.74
CA VAL C 139 -51.33 -64.07 -24.09
C VAL C 139 -50.01 -64.09 -24.84
N THR C 140 -49.97 -63.38 -25.97
CA THR C 140 -48.78 -63.37 -26.81
C THR C 140 -47.61 -62.70 -26.10
N VAL C 141 -46.45 -63.36 -26.13
CA VAL C 141 -45.22 -62.86 -25.52
C VAL C 141 -44.07 -63.10 -26.50
N LYS C 142 -42.98 -62.38 -26.26
CA LYS C 142 -41.78 -62.45 -27.10
C LYS C 142 -40.61 -63.02 -26.30
N ASP C 143 -40.05 -64.14 -26.77
CA ASP C 143 -38.91 -64.79 -26.13
C ASP C 143 -37.66 -64.51 -26.97
N THR C 144 -36.68 -63.85 -26.37
CA THR C 144 -35.46 -63.44 -27.08
C THR C 144 -34.18 -63.84 -26.35
N PRO C 145 -33.54 -64.95 -26.75
CA PRO C 145 -32.23 -65.26 -26.18
C PRO C 145 -31.24 -64.13 -26.42
N GLU C 146 -30.37 -63.90 -25.43
CA GLU C 146 -29.42 -62.79 -25.50
C GLU C 146 -28.52 -62.89 -26.71
N GLY C 147 -28.38 -61.79 -27.43
CA GLY C 147 -27.54 -61.72 -28.62
C GLY C 147 -28.19 -62.21 -29.90
N SER C 148 -29.47 -62.51 -29.89
CA SER C 148 -30.13 -63.03 -31.07
C SER C 148 -30.10 -62.06 -32.24
N GLU C 149 -29.74 -62.57 -33.42
CA GLU C 149 -29.69 -61.83 -34.67
C GLU C 149 -30.97 -62.07 -35.45
N PRO C 150 -31.69 -61.03 -35.86
CA PRO C 150 -32.91 -61.28 -36.65
C PRO C 150 -32.58 -62.01 -37.94
N TRP C 151 -33.44 -62.97 -38.29
CA TRP C 151 -33.23 -63.78 -39.48
C TRP C 151 -34.09 -63.27 -40.64
N TYR D 1 -5.59 26.88 -51.54
CA TYR D 1 -5.54 25.43 -51.69
C TYR D 1 -5.49 24.78 -50.31
N GLU D 2 -6.44 23.88 -50.05
CA GLU D 2 -6.55 23.21 -48.76
C GLU D 2 -5.66 21.97 -48.70
N HIS D 3 -4.78 21.93 -47.71
CA HIS D 3 -3.89 20.80 -47.45
C HIS D 3 -4.33 20.11 -46.18
N THR D 4 -4.60 18.81 -46.27
CA THR D 4 -5.02 18.00 -45.13
C THR D 4 -3.97 16.95 -44.81
N ALA D 5 -3.72 16.73 -43.52
CA ALA D 5 -2.72 15.76 -43.09
C ALA D 5 -2.93 15.49 -41.60
N VAL D 6 -2.12 14.58 -41.06
CA VAL D 6 -2.11 14.25 -39.65
C VAL D 6 -0.71 14.47 -39.11
N MET D 7 -0.60 15.24 -38.04
CA MET D 7 0.67 15.48 -37.38
C MET D 7 0.65 14.89 -35.97
N PRO D 8 1.78 14.41 -35.47
CA PRO D 8 1.80 13.88 -34.10
C PRO D 8 1.62 14.99 -33.07
N ASN D 9 1.06 14.62 -31.92
CA ASN D 9 0.84 15.55 -30.83
C ASN D 9 2.14 15.75 -30.05
N LYS D 10 3.08 16.44 -30.71
CA LYS D 10 4.39 16.75 -30.15
C LYS D 10 4.60 18.26 -30.16
N VAL D 11 5.25 18.77 -29.12
CA VAL D 11 5.54 20.19 -28.97
C VAL D 11 7.03 20.39 -29.17
N GLY D 12 7.38 21.34 -30.03
CA GLY D 12 8.76 21.63 -30.34
C GLY D 12 9.32 20.86 -31.51
N ILE D 13 8.61 19.84 -31.98
CA ILE D 13 9.02 19.07 -33.15
C ILE D 13 8.16 19.53 -34.32
N PRO D 14 8.71 20.24 -35.31
CA PRO D 14 7.87 20.77 -36.39
C PRO D 14 7.40 19.71 -37.36
N TYR D 15 6.19 19.92 -37.87
CA TYR D 15 5.62 19.13 -38.95
C TYR D 15 5.96 19.80 -40.27
N LYS D 16 6.56 19.05 -41.19
CA LYS D 16 6.97 19.58 -42.47
C LYS D 16 6.27 18.84 -43.60
N ALA D 17 5.90 19.58 -44.64
CA ALA D 17 5.25 19.00 -45.81
C ALA D 17 5.42 19.93 -47.00
N LEU D 18 5.26 19.39 -48.20
CA LEU D 18 5.19 20.17 -49.42
C LEU D 18 3.74 20.18 -49.89
N VAL D 19 3.18 21.37 -50.02
CA VAL D 19 1.82 21.54 -50.51
C VAL D 19 1.89 21.55 -52.03
N GLU D 20 1.32 20.52 -52.65
CA GLU D 20 1.38 20.35 -54.10
C GLU D 20 0.02 20.66 -54.72
N ARG D 21 -0.10 21.86 -55.25
CA ARG D 21 -1.31 22.28 -55.95
C ARG D 21 -1.13 22.01 -57.43
N PRO D 22 -1.96 21.17 -58.05
CA PRO D 22 -1.74 20.83 -59.47
C PRO D 22 -1.54 22.07 -60.33
N GLY D 23 -0.49 22.02 -61.15
CA GLY D 23 -0.13 23.12 -62.03
C GLY D 23 0.84 24.11 -61.45
N TYR D 24 1.14 24.02 -60.14
CA TYR D 24 2.02 24.95 -59.47
C TYR D 24 3.15 24.19 -58.78
N ALA D 25 4.29 24.86 -58.64
CA ALA D 25 5.43 24.25 -57.97
C ALA D 25 5.12 24.04 -56.49
N PRO D 26 5.67 22.98 -55.89
CA PRO D 26 5.35 22.69 -54.48
C PRO D 26 5.71 23.84 -53.55
N VAL D 27 4.85 24.05 -52.55
CA VAL D 27 5.04 25.07 -51.52
C VAL D 27 5.36 24.34 -50.23
N HIS D 28 6.52 24.62 -49.65
CA HIS D 28 6.90 23.98 -48.40
C HIS D 28 6.07 24.53 -47.25
N LEU D 29 5.54 23.63 -46.43
CA LEU D 29 4.70 23.98 -45.28
C LEU D 29 5.35 23.43 -44.02
N GLN D 30 5.42 24.26 -42.98
CA GLN D 30 5.96 23.84 -41.68
C GLN D 30 5.03 24.31 -40.58
N ILE D 31 4.51 23.36 -39.81
CA ILE D 31 3.58 23.63 -38.71
C ILE D 31 4.21 23.12 -37.42
N GLN D 32 4.38 24.03 -36.47
CA GLN D 32 4.98 23.72 -35.17
C GLN D 32 4.02 24.11 -34.06
N LEU D 33 3.80 23.21 -33.11
CA LEU D 33 3.00 23.50 -31.94
C LEU D 33 3.88 24.15 -30.88
N VAL D 34 3.43 25.29 -30.36
CA VAL D 34 4.16 25.95 -29.28
C VAL D 34 3.75 25.38 -27.94
N ASN D 35 2.45 25.12 -27.76
CA ASN D 35 1.94 24.45 -26.58
C ASN D 35 0.58 23.88 -26.92
N THR D 36 0.19 22.84 -26.18
CA THR D 36 -1.12 22.24 -26.28
C THR D 36 -1.68 22.19 -24.86
N ARG D 37 -2.91 22.65 -24.69
CA ARG D 37 -3.51 22.79 -23.37
C ARG D 37 -4.83 22.04 -23.30
N ILE D 38 -4.93 21.09 -22.38
CA ILE D 38 -6.18 20.41 -22.09
C ILE D 38 -6.82 21.19 -20.94
N ILE D 39 -7.92 21.89 -21.25
CA ILE D 39 -8.53 22.79 -20.28
C ILE D 39 -9.89 22.22 -19.85
N PRO D 40 -9.94 21.44 -18.77
CA PRO D 40 -11.22 20.87 -18.35
C PRO D 40 -12.14 21.90 -17.73
N SER D 41 -13.43 21.52 -17.66
CA SER D 41 -14.44 22.32 -16.98
C SER D 41 -14.46 21.92 -15.51
N THR D 42 -14.41 22.92 -14.63
CA THR D 42 -14.34 22.67 -13.20
C THR D 42 -15.49 23.36 -12.46
N ASN D 43 -15.98 22.69 -11.42
CA ASN D 43 -17.01 23.23 -10.52
C ASN D 43 -16.49 23.15 -9.10
N LEU D 44 -16.31 24.31 -8.47
CA LEU D 44 -15.83 24.34 -7.09
C LEU D 44 -16.86 23.69 -6.18
N GLU D 45 -16.45 22.66 -5.45
CA GLU D 45 -17.31 21.98 -4.50
C GLU D 45 -17.31 22.67 -3.15
N TYR D 46 -16.12 22.90 -2.59
CA TYR D 46 -15.97 23.62 -1.32
C TYR D 46 -14.50 23.99 -1.15
N ILE D 47 -14.25 24.83 -0.16
CA ILE D 47 -12.91 25.31 0.18
C ILE D 47 -12.54 24.82 1.57
N THR D 48 -11.35 24.25 1.70
CA THR D 48 -10.82 23.72 2.95
C THR D 48 -9.64 24.55 3.43
N CYS D 49 -9.59 24.81 4.73
CA CYS D 49 -8.49 25.55 5.32
C CYS D 49 -8.40 25.20 6.81
N LYS D 50 -7.38 25.75 7.47
CA LYS D 50 -7.20 25.54 8.90
C LYS D 50 -8.26 26.33 9.66
N TYR D 51 -8.82 25.71 10.69
CA TYR D 51 -9.87 26.34 11.46
C TYR D 51 -9.32 27.17 12.62
N LYS D 52 -10.16 28.08 13.11
CA LYS D 52 -9.91 28.84 14.32
C LYS D 52 -11.07 28.58 15.26
N THR D 53 -10.78 28.43 16.55
CA THR D 53 -11.81 28.24 17.56
C THR D 53 -12.05 29.55 18.28
N LYS D 54 -13.29 30.03 18.24
CA LYS D 54 -13.67 31.27 18.88
C LYS D 54 -14.24 30.95 20.26
N VAL D 55 -13.71 31.61 21.28
CA VAL D 55 -14.12 31.35 22.66
C VAL D 55 -14.56 32.65 23.33
N PRO D 56 -15.86 32.95 23.36
CA PRO D 56 -16.31 34.18 24.03
C PRO D 56 -16.03 34.15 25.52
N SER D 57 -16.13 35.32 26.13
CA SER D 57 -15.95 35.42 27.57
C SER D 57 -16.92 34.49 28.29
N PRO D 58 -16.46 33.67 29.23
CA PRO D 58 -17.39 32.79 29.96
C PRO D 58 -18.31 33.57 30.88
N VAL D 59 -19.50 33.02 31.09
CA VAL D 59 -20.48 33.62 32.00
C VAL D 59 -20.24 33.01 33.38
N VAL D 60 -19.81 33.82 34.32
CA VAL D 60 -19.55 33.39 35.69
C VAL D 60 -20.69 33.92 36.55
N LYS D 61 -21.53 33.01 37.02
CA LYS D 61 -22.69 33.34 37.85
C LYS D 61 -22.35 33.03 39.29
N CYS D 62 -22.32 34.06 40.13
CA CYS D 62 -22.00 33.89 41.54
C CYS D 62 -23.28 33.71 42.34
N CYS D 63 -23.23 32.76 43.29
CA CYS D 63 -24.37 32.44 44.13
C CYS D 63 -25.62 32.21 43.28
N GLY D 64 -25.48 31.34 42.29
CA GLY D 64 -26.60 31.04 41.40
C GLY D 64 -26.15 30.09 40.32
N ALA D 65 -27.00 29.97 39.29
CA ALA D 65 -26.70 29.08 38.18
C ALA D 65 -27.33 29.61 36.90
N THR D 66 -26.76 29.18 35.78
CA THR D 66 -27.24 29.53 34.45
C THR D 66 -27.42 28.25 33.64
N GLN D 67 -27.96 28.40 32.43
CA GLN D 67 -28.24 27.27 31.56
C GLN D 67 -27.75 27.54 30.14
N CYS D 68 -27.27 26.49 29.48
CA CYS D 68 -26.82 26.57 28.10
C CYS D 68 -27.98 26.48 27.11
N THR D 69 -27.81 27.14 25.97
CA THR D 69 -28.76 27.10 24.87
C THR D 69 -28.00 26.78 23.59
N SER D 70 -28.70 26.21 22.61
CA SER D 70 -28.07 25.97 21.33
C SER D 70 -27.98 27.26 20.53
N LYS D 71 -27.00 27.30 19.62
CA LYS D 71 -26.79 28.47 18.79
C LYS D 71 -26.38 28.03 17.38
N PRO D 72 -26.67 28.84 16.37
CA PRO D 72 -26.32 28.50 14.99
C PRO D 72 -24.87 28.81 14.65
N HIS D 73 -23.94 28.14 15.33
CA HIS D 73 -22.52 28.32 15.10
C HIS D 73 -21.89 26.98 14.73
N PRO D 74 -20.86 26.99 13.89
CA PRO D 74 -20.22 25.72 13.51
C PRO D 74 -19.58 25.01 14.70
N ASP D 75 -19.92 23.73 14.86
CA ASP D 75 -19.37 22.90 15.94
C ASP D 75 -19.50 23.59 17.30
N TYR D 76 -20.62 24.27 17.51
CA TYR D 76 -20.86 25.00 18.74
C TYR D 76 -20.90 24.09 19.96
N GLN D 77 -20.19 24.47 21.01
CA GLN D 77 -20.18 23.75 22.28
C GLN D 77 -20.55 24.71 23.40
N CYS D 78 -21.30 24.21 24.38
CA CYS D 78 -21.66 25.00 25.55
C CYS D 78 -21.84 24.04 26.73
N GLN D 79 -21.27 24.39 27.88
CA GLN D 79 -21.43 23.58 29.07
C GLN D 79 -21.32 24.45 30.31
N VAL D 80 -22.13 24.15 31.31
CA VAL D 80 -22.13 24.87 32.57
C VAL D 80 -21.41 24.01 33.61
N PHE D 81 -20.39 24.59 34.23
CA PHE D 81 -19.58 23.92 35.25
C PHE D 81 -19.93 24.53 36.61
N SER D 82 -20.55 23.73 37.46
CA SER D 82 -20.95 24.16 38.78
C SER D 82 -19.87 23.87 39.82
N GLY D 83 -19.96 24.58 40.94
CA GLY D 83 -19.00 24.40 42.02
C GLY D 83 -17.67 25.10 41.81
N VAL D 84 -17.65 26.18 41.06
CA VAL D 84 -16.44 26.94 40.79
C VAL D 84 -16.30 28.05 41.82
N TYR D 85 -15.06 28.40 42.13
CA TYR D 85 -14.75 29.51 43.03
C TYR D 85 -13.58 30.29 42.44
N PRO D 86 -13.82 30.99 41.32
CA PRO D 86 -12.74 31.68 40.62
C PRO D 86 -12.18 32.88 41.37
N PHE D 87 -10.92 33.17 41.08
CA PHE D 87 -10.21 34.34 41.60
C PHE D 87 -9.75 35.21 40.45
N MET D 88 -9.78 36.52 40.66
CA MET D 88 -9.30 37.50 39.71
C MET D 88 -8.12 38.24 40.36
N TYR D 89 -7.63 39.27 39.69
CA TYR D 89 -6.53 40.04 40.27
C TYR D 89 -6.94 40.68 41.59
N GLY D 90 -8.23 40.97 41.75
CA GLY D 90 -8.76 41.63 42.92
C GLY D 90 -9.27 40.71 44.01
N GLY D 91 -9.02 39.41 43.90
CA GLY D 91 -9.46 38.46 44.91
C GLY D 91 -10.56 37.55 44.39
N ALA D 92 -11.17 36.84 45.33
CA ALA D 92 -12.26 35.93 45.00
C ALA D 92 -13.36 36.65 44.26
N TYR D 93 -13.74 36.10 43.10
CA TYR D 93 -14.78 36.72 42.29
C TYR D 93 -16.16 36.53 42.89
N CYS D 94 -16.46 35.32 43.36
CA CYS D 94 -17.78 35.00 43.91
C CYS D 94 -17.75 34.92 45.43
N PHE D 95 -18.91 35.14 46.04
CA PHE D 95 -19.04 35.06 47.49
C PHE D 95 -19.27 33.63 47.95
N CYS D 96 -20.21 32.93 47.33
CA CYS D 96 -20.54 31.58 47.75
C CYS D 96 -19.38 30.64 47.45
N ASP D 97 -19.23 29.63 48.32
CA ASP D 97 -18.11 28.70 48.20
C ASP D 97 -18.32 27.69 47.09
N THR D 98 -19.55 27.22 46.88
CA THR D 98 -19.84 26.23 45.87
C THR D 98 -21.03 26.56 44.98
N GLU D 99 -21.91 27.47 45.39
CA GLU D 99 -23.11 27.78 44.63
C GLU D 99 -22.80 28.77 43.49
N ASN D 100 -21.80 28.45 42.68
CA ASN D 100 -21.41 29.29 41.56
C ASN D 100 -21.19 28.42 40.34
N THR D 101 -21.49 28.97 39.17
CA THR D 101 -21.33 28.25 37.91
C THR D 101 -20.60 29.12 36.89
N GLN D 102 -19.84 28.46 36.03
CA GLN D 102 -19.22 29.08 34.86
C GLN D 102 -19.78 28.39 33.63
N MET D 103 -20.34 29.17 32.70
CA MET D 103 -20.83 28.64 31.44
C MET D 103 -19.80 28.96 30.36
N SER D 104 -19.19 27.90 29.81
CA SER D 104 -18.19 28.03 28.76
C SER D 104 -18.82 27.84 27.39
N GLU D 105 -18.34 28.60 26.41
CA GLU D 105 -18.80 28.51 25.04
C GLU D 105 -17.62 28.46 24.09
N ALA D 106 -17.79 27.75 22.99
CA ALA D 106 -16.76 27.69 21.96
C ALA D 106 -17.40 27.26 20.65
N TYR D 107 -16.85 27.76 19.55
CA TYR D 107 -17.30 27.36 18.22
C TYR D 107 -16.15 27.57 17.25
N VAL D 108 -16.27 26.96 16.08
CA VAL D 108 -15.21 26.95 15.07
C VAL D 108 -15.46 28.01 14.00
N GLU D 109 -14.38 28.67 13.59
CA GLU D 109 -14.38 29.69 12.56
C GLU D 109 -13.28 29.38 11.55
N ARG D 110 -13.37 30.03 10.39
CA ARG D 110 -12.26 30.02 9.46
C ARG D 110 -11.18 30.95 9.98
N SER D 111 -9.93 30.50 9.92
CA SER D 111 -8.84 31.33 10.39
C SER D 111 -8.55 32.46 9.39
N GLU D 112 -7.78 33.44 9.86
CA GLU D 112 -7.41 34.56 8.99
C GLU D 112 -6.62 34.08 7.77
N GLU D 113 -5.80 33.05 7.95
CA GLU D 113 -5.02 32.52 6.84
C GLU D 113 -5.88 31.90 5.75
N CYS D 114 -7.14 31.57 6.05
CA CYS D 114 -8.01 30.93 5.08
C CYS D 114 -8.20 31.75 3.82
N SER D 115 -7.96 33.06 3.87
CA SER D 115 -8.10 33.90 2.68
C SER D 115 -6.98 33.68 1.67
N ILE D 116 -5.83 33.18 2.11
CA ILE D 116 -4.68 32.95 1.24
C ILE D 116 -4.26 31.48 1.23
N ASP D 117 -4.36 30.80 2.36
CA ASP D 117 -3.90 29.42 2.51
C ASP D 117 -5.11 28.50 2.65
N HIS D 118 -5.59 27.98 1.53
CA HIS D 118 -6.73 27.08 1.52
C HIS D 118 -6.62 26.16 0.31
N ALA D 119 -7.31 25.02 0.39
CA ALA D 119 -7.38 24.06 -0.69
C ALA D 119 -8.77 24.08 -1.31
N LYS D 120 -8.82 24.09 -2.65
CA LYS D 120 -10.07 24.13 -3.39
C LYS D 120 -10.39 22.74 -3.93
N ALA D 121 -11.56 22.23 -3.60
CA ALA D 121 -12.04 20.94 -4.08
C ALA D 121 -12.92 21.17 -5.31
N TYR D 122 -12.54 20.57 -6.44
CA TYR D 122 -13.25 20.75 -7.69
C TYR D 122 -13.76 19.44 -8.28
N LYS D 123 -14.92 19.53 -8.93
CA LYS D 123 -15.41 18.48 -9.80
C LYS D 123 -14.92 18.82 -11.20
N VAL D 124 -14.30 17.86 -11.88
CA VAL D 124 -13.66 18.10 -13.16
C VAL D 124 -14.39 17.34 -14.25
N HIS D 125 -14.78 18.06 -15.29
CA HIS D 125 -15.49 17.51 -16.44
C HIS D 125 -14.73 17.86 -17.71
N THR D 126 -15.02 17.12 -18.77
CA THR D 126 -14.40 17.41 -20.06
C THR D 126 -14.66 18.85 -20.45
N GLY D 127 -13.61 19.55 -20.86
CA GLY D 127 -13.74 20.94 -21.24
C GLY D 127 -13.40 21.17 -22.70
N THR D 128 -12.33 21.92 -22.94
CA THR D 128 -11.86 22.22 -24.28
C THR D 128 -10.38 21.96 -24.38
N VAL D 129 -9.88 21.93 -25.61
CA VAL D 129 -8.47 21.76 -25.89
C VAL D 129 -8.04 22.92 -26.79
N GLN D 130 -6.99 23.63 -26.38
CA GLN D 130 -6.47 24.76 -27.13
C GLN D 130 -4.98 24.54 -27.35
N ALA D 131 -4.46 25.22 -28.38
CA ALA D 131 -3.05 25.13 -28.68
C ALA D 131 -2.57 26.43 -29.30
N MET D 132 -1.26 26.65 -29.21
CA MET D 132 -0.59 27.75 -29.88
C MET D 132 0.17 27.13 -31.04
N VAL D 133 -0.14 27.57 -32.25
CA VAL D 133 0.43 26.98 -33.46
C VAL D 133 1.29 28.02 -34.16
N ASN D 134 2.52 27.64 -34.48
CA ASN D 134 3.48 28.47 -35.18
C ASN D 134 3.62 27.91 -36.60
N ILE D 135 3.28 28.72 -37.59
CA ILE D 135 3.21 28.27 -38.99
C ILE D 135 4.01 29.19 -39.90
N THR D 136 4.77 28.57 -40.81
CA THR D 136 5.44 29.26 -41.89
C THR D 136 5.24 28.42 -43.16
N TYR D 137 5.15 29.09 -44.29
CA TYR D 137 4.99 28.40 -45.57
C TYR D 137 5.57 29.24 -46.68
N GLY D 138 6.14 28.57 -47.68
CA GLY D 138 6.72 29.28 -48.81
C GLY D 138 7.76 30.28 -48.33
N SER D 139 7.58 31.53 -48.75
CA SER D 139 8.46 32.62 -48.35
C SER D 139 7.86 33.46 -47.23
N VAL D 140 6.77 33.00 -46.62
CA VAL D 140 6.11 33.73 -45.55
C VAL D 140 6.76 33.39 -44.21
N SER D 141 7.13 34.43 -43.47
CA SER D 141 7.77 34.24 -42.17
C SER D 141 6.80 33.62 -41.17
N TRP D 142 7.35 33.19 -40.04
CA TRP D 142 6.57 32.51 -39.01
C TRP D 142 5.46 33.40 -38.44
N ARG D 143 4.25 32.85 -38.38
CA ARG D 143 3.09 33.48 -37.78
C ARG D 143 2.46 32.48 -36.83
N SER D 144 1.86 32.96 -35.75
CA SER D 144 1.26 32.05 -34.77
C SER D 144 -0.02 32.64 -34.21
N ALA D 145 -0.88 31.75 -33.71
CA ALA D 145 -2.12 32.15 -33.07
C ALA D 145 -2.62 31.00 -32.21
N ASP D 146 -3.46 31.35 -31.22
CA ASP D 146 -4.15 30.35 -30.41
C ASP D 146 -5.32 29.76 -31.18
N VAL D 147 -5.42 28.44 -31.16
CA VAL D 147 -6.46 27.72 -31.90
C VAL D 147 -7.16 26.75 -30.96
N TYR D 148 -8.35 26.32 -31.38
CA TYR D 148 -9.14 25.33 -30.66
C TYR D 148 -8.98 23.99 -31.35
N VAL D 149 -8.53 22.99 -30.60
CA VAL D 149 -8.26 21.66 -31.16
C VAL D 149 -9.57 20.88 -31.07
N ASN D 150 -10.45 21.13 -32.04
CA ASN D 150 -11.73 20.44 -32.13
C ASN D 150 -12.10 20.02 -33.55
N GLY D 151 -11.35 20.45 -34.57
CA GLY D 151 -11.63 20.08 -35.94
C GLY D 151 -12.74 20.85 -36.61
N GLU D 152 -13.34 21.82 -35.92
CA GLU D 152 -14.43 22.62 -36.45
C GLU D 152 -14.07 24.09 -36.57
N THR D 153 -13.61 24.69 -35.49
CA THR D 153 -13.35 26.13 -35.44
C THR D 153 -12.09 26.50 -36.22
N PRO D 154 -12.19 27.33 -37.27
CA PRO D 154 -10.99 27.74 -38.00
C PRO D 154 -10.25 28.90 -37.36
N ALA D 155 -8.96 28.97 -37.65
CA ALA D 155 -8.09 30.05 -37.18
C ALA D 155 -7.39 30.66 -38.39
N LYS D 156 -7.26 31.99 -38.39
CA LYS D 156 -6.59 32.71 -39.46
C LYS D 156 -5.20 33.09 -38.98
N ILE D 157 -4.18 32.49 -39.61
CA ILE D 157 -2.79 32.69 -39.24
C ILE D 157 -2.05 33.16 -40.48
N GLY D 158 -1.77 34.46 -40.55
CA GLY D 158 -0.98 34.96 -41.66
C GLY D 158 -1.62 34.76 -43.01
N ASP D 159 -2.91 35.05 -43.13
CA ASP D 159 -3.71 34.87 -44.33
C ASP D 159 -4.02 33.41 -44.62
N ALA D 160 -3.55 32.47 -43.81
CA ALA D 160 -3.86 31.06 -43.98
C ALA D 160 -4.93 30.65 -42.98
N LYS D 161 -5.88 29.84 -43.44
CA LYS D 161 -6.97 29.37 -42.60
C LYS D 161 -6.63 27.99 -42.09
N LEU D 162 -6.47 27.86 -40.78
CA LEU D 162 -6.05 26.63 -40.13
C LEU D 162 -7.16 26.02 -39.30
N ILE D 163 -7.45 24.74 -39.53
CA ILE D 163 -8.38 23.95 -38.73
C ILE D 163 -7.60 22.78 -38.15
N ILE D 164 -7.49 22.73 -36.83
CA ILE D 164 -6.75 21.68 -36.14
C ILE D 164 -7.75 20.66 -35.63
N GLY D 165 -7.64 19.43 -36.11
CA GLY D 165 -8.54 18.36 -35.76
C GLY D 165 -8.45 17.99 -34.29
N PRO D 166 -9.47 17.30 -33.78
CA PRO D 166 -9.46 16.91 -32.38
C PRO D 166 -8.36 15.88 -32.12
N LEU D 167 -7.89 15.85 -30.87
CA LEU D 167 -6.89 14.87 -30.52
C LEU D 167 -7.45 13.48 -30.68
N SER D 168 -6.65 12.58 -31.25
CA SER D 168 -7.11 11.20 -31.45
C SER D 168 -7.34 10.49 -30.12
N SER D 169 -6.74 10.97 -29.04
CA SER D 169 -6.92 10.41 -27.71
C SER D 169 -7.67 11.40 -26.82
N ALA D 170 -8.72 10.91 -26.16
CA ALA D 170 -9.47 11.71 -25.20
C ALA D 170 -8.86 11.69 -23.81
N TRP D 171 -7.65 11.15 -23.68
CA TRP D 171 -7.00 11.02 -22.38
C TRP D 171 -6.82 12.38 -21.72
N SER D 172 -7.02 12.41 -20.40
CA SER D 172 -6.85 13.60 -19.57
C SER D 172 -6.21 13.17 -18.26
N PRO D 173 -5.24 13.93 -17.75
CA PRO D 173 -4.59 13.54 -16.48
C PRO D 173 -5.45 13.77 -15.25
N PHE D 174 -6.55 14.50 -15.35
CA PHE D 174 -7.38 14.84 -14.20
C PHE D 174 -8.48 13.80 -14.01
N ASP D 175 -8.69 13.40 -12.76
CA ASP D 175 -9.81 12.55 -12.43
C ASP D 175 -11.05 13.41 -12.24
N ASN D 176 -12.18 12.78 -11.93
CA ASN D 176 -13.41 13.53 -11.75
C ASN D 176 -13.37 14.44 -10.54
N LYS D 177 -12.43 14.22 -9.62
CA LYS D 177 -12.26 15.04 -8.43
C LYS D 177 -10.80 15.41 -8.29
N VAL D 178 -10.52 16.71 -8.14
CA VAL D 178 -9.17 17.18 -7.89
C VAL D 178 -9.21 18.20 -6.76
N VAL D 179 -8.06 18.35 -6.10
CA VAL D 179 -7.85 19.37 -5.08
C VAL D 179 -6.71 20.26 -5.54
N VAL D 180 -6.96 21.57 -5.57
CA VAL D 180 -5.95 22.55 -5.98
C VAL D 180 -5.52 23.31 -4.74
N TYR D 181 -4.23 23.19 -4.42
CA TYR D 181 -3.64 23.87 -3.28
C TYR D 181 -2.40 24.61 -3.76
N GLY D 182 -2.39 25.93 -3.61
CA GLY D 182 -1.26 26.68 -4.11
C GLY D 182 -1.16 26.52 -5.62
N HIS D 183 0.03 26.15 -6.08
CA HIS D 183 0.26 25.86 -7.49
C HIS D 183 0.09 24.38 -7.82
N GLU D 184 -0.17 23.53 -6.84
CA GLU D 184 -0.22 22.09 -7.03
C GLU D 184 -1.63 21.56 -7.17
N VAL D 185 -1.80 20.55 -8.02
CA VAL D 185 -3.06 19.88 -8.26
C VAL D 185 -2.90 18.44 -7.81
N TYR D 186 -3.89 17.94 -7.06
CA TYR D 186 -3.89 16.56 -6.58
C TYR D 186 -5.15 15.85 -7.05
N ASN D 187 -4.99 14.63 -7.55
CA ASN D 187 -6.13 13.77 -7.84
C ASN D 187 -6.54 13.15 -6.50
N TYR D 188 -7.63 13.64 -5.92
CA TYR D 188 -8.01 13.23 -4.58
C TYR D 188 -9.53 13.12 -4.49
N ASP D 189 -10.01 11.95 -4.06
CA ASP D 189 -11.45 11.70 -3.89
C ASP D 189 -11.86 12.30 -2.55
N PHE D 190 -11.97 13.63 -2.53
CA PHE D 190 -12.32 14.34 -1.32
C PHE D 190 -13.74 14.00 -0.87
N PRO D 191 -14.00 14.06 0.44
CA PRO D 191 -15.34 13.77 0.94
C PRO D 191 -16.36 14.81 0.49
N GLU D 192 -17.60 14.37 0.36
CA GLU D 192 -18.67 15.27 -0.04
C GLU D 192 -18.87 16.32 1.05
N TYR D 193 -19.42 17.46 0.65
CA TYR D 193 -19.66 18.53 1.61
C TYR D 193 -20.56 18.03 2.73
N GLY D 194 -20.21 18.39 3.97
CA GLY D 194 -20.95 17.99 5.13
C GLY D 194 -20.62 16.62 5.68
N THR D 195 -19.68 15.90 5.06
CA THR D 195 -19.31 14.56 5.48
C THR D 195 -17.86 14.45 5.92
N GLY D 196 -17.12 15.55 5.99
CA GLY D 196 -15.72 15.47 6.37
C GLY D 196 -15.56 15.03 7.82
N LYS D 197 -14.50 14.27 8.07
CA LYS D 197 -14.21 13.69 9.37
C LYS D 197 -13.21 14.56 10.13
N ALA D 198 -13.28 14.50 11.45
CA ALA D 198 -12.38 15.26 12.30
C ALA D 198 -10.94 14.80 12.12
N GLY D 199 -10.03 15.75 12.01
CA GLY D 199 -8.63 15.45 11.85
C GLY D 199 -8.24 15.02 10.45
N SER D 200 -9.18 15.00 9.52
CA SER D 200 -8.94 14.63 8.14
C SER D 200 -9.16 15.83 7.24
N PHE D 201 -8.91 15.65 5.95
CA PHE D 201 -8.93 16.76 5.00
C PHE D 201 -10.19 17.61 5.12
N GLY D 202 -11.36 17.00 5.15
CA GLY D 202 -12.60 17.75 5.16
C GLY D 202 -13.20 18.13 6.50
N ASP D 203 -12.41 18.12 7.58
CA ASP D 203 -12.97 18.49 8.88
C ASP D 203 -13.62 19.88 8.83
N LEU D 204 -13.05 20.80 8.07
CA LEU D 204 -13.62 22.13 7.87
C LEU D 204 -13.92 22.31 6.38
N GLN D 205 -15.17 22.65 6.07
CA GLN D 205 -15.60 22.82 4.69
C GLN D 205 -16.44 24.08 4.55
N SER D 206 -16.20 24.82 3.46
CA SER D 206 -16.95 26.02 3.14
C SER D 206 -17.21 26.04 1.65
N ARG D 207 -18.44 26.39 1.26
CA ARG D 207 -18.77 26.42 -0.15
C ARG D 207 -17.92 27.44 -0.91
N THR D 208 -17.63 28.57 -0.27
CA THR D 208 -16.75 29.58 -0.84
C THR D 208 -16.02 30.24 0.32
N SER D 209 -14.89 30.88 0.00
CA SER D 209 -14.05 31.47 1.03
C SER D 209 -14.71 32.65 1.75
N THR D 210 -15.80 33.20 1.22
CA THR D 210 -16.47 34.33 1.86
C THR D 210 -17.89 34.00 2.30
N SER D 211 -18.25 32.72 2.35
CA SER D 211 -19.60 32.35 2.77
C SER D 211 -19.79 32.55 4.27
N ASN D 212 -21.06 32.56 4.68
CA ASN D 212 -21.44 32.70 6.07
C ASN D 212 -22.12 31.45 6.59
N ASP D 213 -21.89 30.31 5.94
CA ASP D 213 -22.44 29.02 6.34
C ASP D 213 -21.27 28.04 6.24
N LEU D 214 -20.71 27.69 7.40
CA LEU D 214 -19.49 26.89 7.50
C LEU D 214 -19.77 25.54 8.14
N TYR D 215 -19.23 24.49 7.54
CA TYR D 215 -19.27 23.15 8.10
C TYR D 215 -17.96 22.90 8.84
N ALA D 216 -18.07 22.43 10.08
CA ALA D 216 -16.90 22.10 10.89
C ALA D 216 -17.15 20.81 11.63
N ASN D 217 -16.18 19.90 11.60
CA ASN D 217 -16.30 18.61 12.30
C ASN D 217 -14.98 18.35 13.04
N THR D 218 -14.93 18.80 14.28
CA THR D 218 -13.80 18.56 15.16
C THR D 218 -14.38 18.10 16.49
N ASN D 219 -13.60 17.34 17.26
CA ASN D 219 -14.07 16.92 18.58
C ASN D 219 -13.80 18.04 19.59
N LEU D 220 -14.40 19.19 19.30
CA LEU D 220 -14.29 20.32 20.20
C LEU D 220 -15.10 19.99 21.44
N LYS D 221 -14.43 19.90 22.58
CA LYS D 221 -15.07 19.58 23.84
C LYS D 221 -14.58 20.54 24.91
N LEU D 222 -15.52 21.16 25.60
CA LEU D 222 -15.18 22.09 26.67
C LEU D 222 -14.75 21.30 27.91
N GLN D 223 -13.66 21.74 28.52
CA GLN D 223 -13.12 21.10 29.71
C GLN D 223 -13.41 21.99 30.91
N ARG D 224 -13.43 21.36 32.09
CA ARG D 224 -13.71 22.12 33.29
C ARG D 224 -12.56 23.09 33.58
N PRO D 225 -12.86 24.33 33.94
CA PRO D 225 -11.78 25.27 34.28
C PRO D 225 -11.01 24.82 35.49
N GLN D 226 -9.72 25.16 35.50
CA GLN D 226 -8.88 24.82 36.64
C GLN D 226 -9.38 25.56 37.88
N ALA D 227 -9.17 24.94 39.04
CA ALA D 227 -9.69 25.49 40.29
C ALA D 227 -9.18 26.90 40.55
N GLY D 228 -10.11 27.82 40.75
CA GLY D 228 -9.79 29.20 41.06
C GLY D 228 -9.40 30.06 39.88
N ILE D 229 -9.49 29.55 38.65
CA ILE D 229 -9.01 30.24 37.46
C ILE D 229 -10.17 30.49 36.51
N VAL D 230 -10.27 31.73 36.02
CA VAL D 230 -11.26 32.09 35.02
C VAL D 230 -10.61 31.96 33.65
N HIS D 231 -11.00 30.92 32.92
CA HIS D 231 -10.55 30.68 31.56
C HIS D 231 -11.49 29.63 30.98
N THR D 232 -11.36 29.38 29.68
CA THR D 232 -12.21 28.43 28.98
C THR D 232 -11.35 27.36 28.32
N PRO D 233 -10.96 26.33 29.07
CA PRO D 233 -10.18 25.25 28.47
C PRO D 233 -11.02 24.34 27.61
N PHE D 234 -10.38 23.74 26.60
CA PHE D 234 -11.07 22.81 25.73
C PHE D 234 -10.03 21.93 25.05
N THR D 235 -10.52 20.82 24.49
CA THR D 235 -9.72 19.92 23.68
C THR D 235 -10.35 19.85 22.30
N GLN D 236 -9.52 19.57 21.30
CA GLN D 236 -10.01 19.54 19.93
C GLN D 236 -9.05 18.74 19.09
N VAL D 237 -9.57 18.11 18.05
CA VAL D 237 -8.73 17.31 17.15
C VAL D 237 -7.84 18.24 16.33
N PRO D 238 -6.54 18.00 16.22
CA PRO D 238 -5.69 18.86 15.40
C PRO D 238 -6.22 18.97 13.97
N SER D 239 -6.05 20.16 13.40
CA SER D 239 -6.60 20.46 12.08
C SER D 239 -6.15 19.44 11.05
N GLY D 240 -7.13 18.92 10.29
CA GLY D 240 -6.85 17.97 9.24
C GLY D 240 -6.30 18.59 7.98
N PHE D 241 -6.42 19.92 7.85
CA PHE D 241 -5.79 20.62 6.75
C PHE D 241 -4.28 20.69 6.95
N GLU D 242 -3.84 20.98 8.17
CA GLU D 242 -2.42 20.94 8.47
C GLU D 242 -1.90 19.51 8.36
N ARG D 243 -2.69 18.52 8.80
CA ARG D 243 -2.30 17.13 8.63
C ARG D 243 -2.15 16.78 7.16
N TRP D 244 -3.12 17.18 6.34
CA TRP D 244 -3.06 16.88 4.91
C TRP D 244 -1.83 17.51 4.28
N LYS D 245 -1.55 18.77 4.61
CA LYS D 245 -0.35 19.43 4.06
C LYS D 245 0.91 18.66 4.39
N LYS D 246 0.94 17.93 5.51
CA LYS D 246 2.09 17.09 5.80
C LYS D 246 2.08 15.81 4.97
N ASP D 247 0.91 15.21 4.79
CA ASP D 247 0.75 13.93 4.13
C ASP D 247 0.20 14.05 2.71
N LYS D 248 0.37 15.19 2.05
CA LYS D 248 -0.18 15.36 0.70
C LYS D 248 0.35 14.31 -0.26
N GLY D 249 1.64 14.00 -0.17
CA GLY D 249 2.25 13.11 -1.13
C GLY D 249 2.64 13.85 -2.40
N ALA D 250 2.85 13.09 -3.47
CA ALA D 250 3.24 13.67 -4.74
C ALA D 250 2.05 14.33 -5.42
N PRO D 251 2.17 15.56 -5.91
CA PRO D 251 1.08 16.19 -6.65
C PRO D 251 0.99 15.66 -8.08
N LEU D 252 -0.14 15.95 -8.71
CA LEU D 252 -0.30 15.58 -10.11
C LEU D 252 0.77 16.24 -10.97
N ASN D 253 1.26 17.40 -10.55
CA ASN D 253 2.33 18.10 -11.26
C ASN D 253 3.57 17.23 -11.41
N ASP D 254 3.78 16.28 -10.50
CA ASP D 254 4.98 15.46 -10.49
C ASP D 254 4.77 14.02 -10.95
N VAL D 255 3.55 13.61 -11.26
CA VAL D 255 3.29 12.21 -11.60
C VAL D 255 2.49 12.07 -12.91
N ALA D 256 2.06 13.18 -13.48
CA ALA D 256 1.25 13.12 -14.69
C ALA D 256 2.01 12.40 -15.81
N PRO D 257 1.41 11.40 -16.46
CA PRO D 257 2.07 10.73 -17.59
C PRO D 257 2.19 11.64 -18.80
N PHE D 258 2.96 11.15 -19.78
CA PHE D 258 3.15 11.81 -21.08
C PHE D 258 3.81 13.18 -20.96
N GLY D 259 4.45 13.48 -19.84
CA GLY D 259 5.13 14.75 -19.71
C GLY D 259 4.23 15.96 -19.56
N CYS D 260 3.00 15.77 -19.07
CA CYS D 260 2.10 16.88 -18.89
C CYS D 260 2.63 17.89 -17.88
N SER D 261 2.40 19.17 -18.15
CA SER D 261 2.72 20.28 -17.25
C SER D 261 1.40 20.86 -16.77
N ILE D 262 1.21 20.90 -15.46
CA ILE D 262 -0.06 21.34 -14.86
C ILE D 262 0.02 22.82 -14.50
N ALA D 263 -0.95 23.59 -14.99
CA ALA D 263 -1.09 25.01 -14.71
C ALA D 263 -2.48 25.27 -14.14
N LEU D 264 -2.64 26.38 -13.42
CA LEU D 264 -3.88 26.63 -12.68
C LEU D 264 -4.78 27.75 -13.17
N GLU D 265 -4.29 28.68 -13.99
CA GLU D 265 -5.09 29.84 -14.38
C GLU D 265 -5.25 29.92 -15.89
N PRO D 266 -6.22 29.20 -16.46
CA PRO D 266 -7.16 28.26 -15.82
C PRO D 266 -6.54 26.90 -15.56
N LEU D 267 -7.15 26.06 -14.73
CA LEU D 267 -6.62 24.72 -14.53
C LEU D 267 -6.52 24.00 -15.86
N ARG D 268 -5.34 23.49 -16.17
CA ARG D 268 -5.13 22.84 -17.45
C ARG D 268 -3.89 21.96 -17.38
N ALA D 269 -3.81 21.01 -18.30
CA ALA D 269 -2.65 20.15 -18.48
C ALA D 269 -2.02 20.49 -19.82
N GLU D 270 -0.78 20.98 -19.78
CA GLU D 270 -0.09 21.41 -20.98
C GLU D 270 0.89 20.37 -21.51
N ASN D 271 1.02 20.36 -22.85
CA ASN D 271 2.04 19.57 -23.55
C ASN D 271 1.98 18.08 -23.23
N CYS D 272 0.79 17.51 -23.18
CA CYS D 272 0.63 16.06 -23.02
C CYS D 272 0.80 15.41 -24.38
N ALA D 273 1.85 14.60 -24.55
CA ALA D 273 2.17 13.97 -25.83
C ALA D 273 1.39 12.67 -26.04
N VAL D 274 0.08 12.83 -26.26
CA VAL D 274 -0.83 11.70 -26.47
C VAL D 274 -1.45 11.79 -27.86
N GLY D 275 -1.40 10.68 -28.60
CA GLY D 275 -2.05 10.55 -29.89
C GLY D 275 -1.49 11.42 -30.99
N SER D 276 -2.37 11.78 -31.92
CA SER D 276 -2.03 12.57 -33.10
C SER D 276 -3.10 13.64 -33.32
N ILE D 277 -2.79 14.58 -34.21
CA ILE D 277 -3.67 15.72 -34.47
C ILE D 277 -3.97 15.84 -35.96
N PRO D 278 -5.20 15.57 -36.41
CA PRO D 278 -5.55 15.88 -37.80
C PRO D 278 -5.45 17.39 -38.04
N ILE D 279 -5.00 17.77 -39.23
CA ILE D 279 -4.87 19.19 -39.56
C ILE D 279 -5.36 19.44 -40.98
N SER D 280 -5.83 20.67 -41.20
CA SER D 280 -6.26 21.14 -42.51
C SER D 280 -5.96 22.62 -42.58
N ILE D 281 -5.12 23.02 -43.54
CA ILE D 281 -4.71 24.42 -43.70
C ILE D 281 -4.98 24.84 -45.13
N ASP D 282 -5.64 25.98 -45.30
CA ASP D 282 -5.96 26.55 -46.60
C ASP D 282 -4.91 27.60 -46.95
N ILE D 283 -4.02 27.26 -47.86
CA ILE D 283 -2.92 28.13 -48.27
C ILE D 283 -3.41 29.18 -49.27
N PRO D 284 -3.02 30.44 -49.13
CA PRO D 284 -3.46 31.45 -50.10
C PRO D 284 -3.04 31.10 -51.53
N ASP D 285 -3.93 31.41 -52.47
CA ASP D 285 -3.65 31.13 -53.87
C ASP D 285 -2.48 31.95 -54.41
N ALA D 286 -2.15 33.06 -53.77
CA ALA D 286 -1.02 33.88 -54.19
C ALA D 286 0.32 33.27 -53.82
N ALA D 287 0.34 32.29 -52.93
CA ALA D 287 1.59 31.65 -52.51
C ALA D 287 2.09 30.62 -53.49
N PHE D 288 1.33 30.29 -54.54
CA PHE D 288 1.70 29.25 -55.50
C PHE D 288 2.19 29.86 -56.80
N THR D 289 3.28 29.30 -57.32
CA THR D 289 3.88 29.71 -58.58
C THR D 289 3.79 28.57 -59.57
N ARG D 290 3.48 28.90 -60.82
CA ARG D 290 3.25 27.89 -61.85
C ARG D 290 4.54 27.12 -62.16
N ILE D 291 4.35 25.88 -62.60
CA ILE D 291 5.49 24.99 -62.89
C ILE D 291 6.40 25.61 -63.94
N SER D 292 5.83 26.14 -65.02
CA SER D 292 6.64 26.74 -66.08
C SER D 292 7.39 27.98 -65.63
N GLU D 293 7.02 28.56 -64.49
CA GLU D 293 7.69 29.74 -63.97
C GLU D 293 8.81 29.43 -62.99
N THR D 294 9.02 28.16 -62.65
CA THR D 294 10.02 27.76 -61.68
C THR D 294 11.17 26.98 -62.31
N PRO D 295 12.32 26.90 -61.63
CA PRO D 295 13.47 26.16 -62.17
C PRO D 295 13.20 24.68 -62.36
N THR D 296 13.80 24.12 -63.40
CA THR D 296 13.74 22.69 -63.69
C THR D 296 15.02 22.04 -63.18
N VAL D 297 14.88 21.02 -62.34
CA VAL D 297 16.00 20.34 -61.70
C VAL D 297 16.09 18.92 -62.26
N SER D 298 17.29 18.51 -62.68
CA SER D 298 17.47 17.19 -63.27
C SER D 298 18.85 16.65 -62.91
N ASP D 299 19.08 15.39 -63.29
CA ASP D 299 20.36 14.70 -63.10
C ASP D 299 20.81 14.71 -61.64
N LEU D 300 19.88 14.41 -60.73
CA LEU D 300 20.16 14.40 -59.30
C LEU D 300 20.91 13.14 -58.88
N GLU D 301 21.94 13.31 -58.05
CA GLU D 301 22.69 12.20 -57.47
C GLU D 301 22.97 12.53 -56.01
N CYS D 302 22.46 11.69 -55.10
CA CYS D 302 22.54 11.92 -53.66
C CYS D 302 23.56 10.98 -53.01
N LYS D 303 24.53 11.57 -52.31
CA LYS D 303 25.56 10.83 -51.59
C LYS D 303 25.52 11.16 -50.10
N ILE D 304 25.43 10.14 -49.26
CA ILE D 304 25.50 10.34 -47.82
C ILE D 304 26.97 10.40 -47.44
N THR D 305 27.40 11.56 -46.93
CA THR D 305 28.81 11.73 -46.58
C THR D 305 29.10 11.38 -45.12
N GLU D 306 28.11 11.48 -44.25
CA GLU D 306 28.27 11.12 -42.85
C GLU D 306 26.89 10.83 -42.28
N CYS D 307 26.81 9.85 -41.39
CA CYS D 307 25.53 9.57 -40.76
C CYS D 307 25.71 8.81 -39.47
N THR D 308 24.95 9.21 -38.47
CA THR D 308 24.80 8.52 -37.20
C THR D 308 23.35 8.67 -36.81
N TYR D 309 22.75 7.59 -36.30
CA TYR D 309 21.33 7.64 -35.96
C TYR D 309 21.09 8.22 -34.58
N ALA D 310 21.66 9.40 -34.35
CA ALA D 310 21.48 10.15 -33.11
C ALA D 310 20.13 10.87 -33.13
N PHE D 311 19.75 11.39 -31.96
CA PHE D 311 18.50 12.12 -31.86
C PHE D 311 18.58 13.47 -32.57
N ASP D 312 19.77 14.04 -32.70
CA ASP D 312 19.94 15.29 -33.42
C ASP D 312 20.05 15.00 -34.91
N PHE D 313 20.30 16.05 -35.70
CA PHE D 313 20.49 15.93 -37.14
C PHE D 313 21.90 15.40 -37.43
N GLY D 314 22.10 14.12 -37.09
CA GLY D 314 23.40 13.50 -37.24
C GLY D 314 23.80 13.17 -38.67
N GLY D 315 22.84 13.16 -39.60
CA GLY D 315 23.13 12.84 -40.98
C GLY D 315 23.56 14.04 -41.81
N ILE D 316 24.46 13.77 -42.77
CA ILE D 316 24.94 14.76 -43.72
C ILE D 316 24.93 14.13 -45.10
N ALA D 317 24.32 14.81 -46.06
CA ALA D 317 24.24 14.32 -47.44
C ALA D 317 24.57 15.43 -48.41
N THR D 318 25.15 15.05 -49.55
CA THR D 318 25.49 15.97 -50.63
C THR D 318 24.78 15.50 -51.89
N VAL D 319 24.06 16.42 -52.54
CA VAL D 319 23.31 16.12 -53.75
C VAL D 319 23.87 16.93 -54.90
N ALA D 320 24.32 16.24 -55.95
CA ALA D 320 24.75 16.89 -57.18
C ALA D 320 23.54 17.07 -58.09
N TYR D 321 23.55 18.16 -58.86
CA TYR D 321 22.39 18.47 -59.68
C TYR D 321 22.77 19.31 -60.89
N LYS D 322 21.88 19.30 -61.88
CA LYS D 322 21.91 20.21 -63.02
C LYS D 322 20.54 20.87 -63.09
N SER D 323 20.50 22.14 -63.44
CA SER D 323 19.22 22.85 -63.45
C SER D 323 19.29 24.01 -64.46
N SER D 324 18.33 24.92 -64.34
CA SER D 324 18.22 26.10 -65.19
C SER D 324 17.51 27.17 -64.38
N LYS D 325 17.62 28.41 -64.85
CA LYS D 325 16.98 29.55 -64.18
C LYS D 325 17.24 29.49 -62.68
N ALA D 326 18.51 29.61 -62.34
CA ALA D 326 18.97 29.50 -60.95
C ALA D 326 18.06 30.22 -59.98
N GLY D 327 17.71 29.54 -58.89
CA GLY D 327 16.82 30.13 -57.90
C GLY D 327 16.55 29.14 -56.79
N ASN D 328 15.82 29.63 -55.78
CA ASN D 328 15.48 28.82 -54.61
C ASN D 328 14.57 27.65 -54.96
N CYS D 329 14.82 26.51 -54.30
CA CYS D 329 14.07 25.28 -54.54
C CYS D 329 13.81 24.54 -53.22
N PRO D 330 12.54 24.32 -52.84
CA PRO D 330 12.25 23.61 -51.59
C PRO D 330 12.76 22.17 -51.58
N ILE D 331 13.11 21.70 -50.38
CA ILE D 331 13.63 20.36 -50.14
C ILE D 331 12.74 19.67 -49.11
N HIS D 332 12.35 18.43 -49.38
CA HIS D 332 11.51 17.68 -48.46
C HIS D 332 11.72 16.19 -48.65
N SER D 333 11.60 15.45 -47.54
CA SER D 333 11.65 13.98 -47.55
C SER D 333 10.27 13.44 -47.21
N PRO D 334 9.50 12.93 -48.17
CA PRO D 334 8.14 12.49 -47.85
C PRO D 334 8.06 11.27 -46.95
N SER D 335 9.07 10.40 -46.93
CA SER D 335 9.01 9.22 -46.08
C SER D 335 9.46 9.55 -44.67
N GLY D 336 9.11 8.65 -43.75
CA GLY D 336 9.47 8.79 -42.36
C GLY D 336 10.85 8.32 -41.99
N VAL D 337 11.61 7.86 -42.99
CA VAL D 337 12.96 7.33 -42.73
C VAL D 337 13.89 8.44 -42.23
N ALA D 338 13.79 9.65 -42.81
CA ALA D 338 14.69 10.73 -42.41
C ALA D 338 13.96 12.06 -42.36
N VAL D 339 14.37 12.89 -41.39
CA VAL D 339 13.86 14.24 -41.20
C VAL D 339 14.92 15.22 -41.71
N ILE D 340 14.55 16.11 -42.61
CA ILE D 340 15.48 17.03 -43.24
C ILE D 340 15.56 18.33 -42.44
N LYS D 341 16.78 18.78 -42.15
CA LYS D 341 16.95 20.02 -41.39
C LYS D 341 16.64 21.24 -42.25
N GLU D 342 17.18 21.28 -43.48
CA GLU D 342 16.94 22.39 -44.38
C GLU D 342 15.54 22.32 -45.01
N ASN D 343 14.96 23.49 -45.23
CA ASN D 343 13.66 23.59 -45.87
C ASN D 343 13.75 23.94 -47.35
N ASP D 344 14.81 24.62 -47.77
CA ASP D 344 14.97 24.97 -49.18
C ASP D 344 16.44 25.24 -49.45
N VAL D 345 16.79 25.21 -50.74
CA VAL D 345 18.16 25.45 -51.19
C VAL D 345 18.12 26.34 -52.42
N THR D 346 19.26 26.98 -52.68
CA THR D 346 19.44 27.82 -53.86
C THR D 346 20.21 26.99 -54.90
N LEU D 347 19.63 26.85 -56.08
CA LEU D 347 20.19 26.04 -57.15
C LEU D 347 20.75 26.90 -58.28
N ALA D 348 21.95 26.55 -58.73
CA ALA D 348 22.53 27.16 -59.91
C ALA D 348 22.19 26.30 -61.13
N GLU D 349 22.69 26.69 -62.30
CA GLU D 349 22.48 25.85 -63.47
C GLU D 349 23.09 24.47 -63.29
N SER D 350 24.16 24.36 -62.51
CA SER D 350 24.74 23.06 -62.19
C SER D 350 25.58 23.21 -60.94
N GLY D 351 25.76 22.12 -60.23
CA GLY D 351 26.57 22.10 -59.05
C GLY D 351 26.10 21.02 -58.09
N SER D 352 26.26 21.30 -56.79
CA SER D 352 25.79 20.41 -55.75
C SER D 352 25.45 21.20 -54.51
N PHE D 353 24.61 20.61 -53.66
CA PHE D 353 24.22 21.22 -52.40
C PHE D 353 24.22 20.14 -51.33
N THR D 354 24.31 20.56 -50.08
CA THR D 354 24.32 19.66 -48.94
C THR D 354 23.14 19.95 -48.02
N PHE D 355 22.70 18.91 -47.31
CA PHE D 355 21.64 19.04 -46.33
C PHE D 355 21.90 18.06 -45.20
N HIS D 356 21.28 18.33 -44.05
CA HIS D 356 21.41 17.51 -42.87
C HIS D 356 20.08 16.83 -42.58
N PHE D 357 20.15 15.64 -42.00
CA PHE D 357 18.94 14.88 -41.72
C PHE D 357 19.09 14.09 -40.44
N SER D 358 17.95 13.73 -39.86
CA SER D 358 17.89 12.91 -38.65
C SER D 358 17.18 11.61 -38.97
N THR D 359 17.80 10.49 -38.63
CA THR D 359 17.21 9.18 -38.90
C THR D 359 17.57 8.22 -37.77
N ALA D 360 16.63 7.32 -37.49
CA ALA D 360 16.87 6.23 -36.54
C ALA D 360 17.34 4.96 -37.24
N ASN D 361 17.33 4.95 -38.57
CA ASN D 361 17.62 3.75 -39.34
C ASN D 361 19.13 3.53 -39.48
N ILE D 362 19.54 2.27 -39.30
CA ILE D 362 20.94 1.90 -39.43
C ILE D 362 21.36 1.90 -40.90
N HIS D 363 20.45 1.57 -41.81
CA HIS D 363 20.69 1.61 -43.26
C HIS D 363 19.59 2.44 -43.88
N PRO D 364 19.61 3.76 -43.70
CA PRO D 364 18.54 4.59 -44.24
C PRO D 364 18.48 4.58 -45.76
N ALA D 365 17.27 4.54 -46.27
CA ALA D 365 16.99 4.66 -47.70
C ALA D 365 15.74 5.49 -47.79
N PHE D 366 15.87 6.72 -48.29
CA PHE D 366 14.75 7.63 -48.32
C PHE D 366 14.77 8.46 -49.59
N LYS D 367 13.57 8.87 -50.00
CA LYS D 367 13.37 9.72 -51.16
C LYS D 367 13.50 11.18 -50.73
N LEU D 368 14.23 11.96 -51.52
CA LEU D 368 14.36 13.39 -51.30
C LEU D 368 13.67 14.10 -52.46
N GLN D 369 12.73 14.98 -52.14
CA GLN D 369 12.04 15.75 -53.15
C GLN D 369 12.72 17.09 -53.34
N VAL D 370 13.15 17.36 -54.56
CA VAL D 370 13.70 18.64 -54.96
C VAL D 370 12.69 19.21 -55.94
N CYS D 371 12.21 20.42 -55.67
CA CYS D 371 11.04 20.97 -56.36
C CYS D 371 10.85 20.41 -57.77
N THR D 372 9.74 19.70 -57.96
CA THR D 372 9.37 19.04 -59.21
C THR D 372 10.19 17.79 -59.51
N SER D 373 11.20 17.49 -58.70
CA SER D 373 12.08 16.35 -58.93
C SER D 373 12.28 15.58 -57.63
N ALA D 374 12.94 14.42 -57.75
CA ALA D 374 13.25 13.62 -56.57
C ALA D 374 14.45 12.72 -56.85
N VAL D 375 15.17 12.40 -55.78
CA VAL D 375 16.34 11.53 -55.82
C VAL D 375 16.29 10.61 -54.61
N THR D 376 16.89 9.42 -54.75
CA THR D 376 16.94 8.43 -53.68
C THR D 376 18.30 8.47 -52.99
N CYS D 377 18.27 8.66 -51.67
CA CYS D 377 19.48 8.73 -50.85
C CYS D 377 19.63 7.44 -50.05
N LYS D 378 20.83 6.84 -50.12
CA LYS D 378 21.11 5.61 -49.40
C LYS D 378 22.50 5.67 -48.78
N GLY D 379 22.65 5.00 -47.64
CA GLY D 379 23.93 4.97 -46.95
C GLY D 379 23.83 4.18 -45.66
N ASP D 380 24.95 4.12 -44.95
CA ASP D 380 25.06 3.43 -43.67
C ASP D 380 25.26 4.47 -42.56
N CYS D 381 24.67 4.21 -41.40
CA CYS D 381 24.75 5.11 -40.26
C CYS D 381 25.38 4.42 -39.07
N LYS D 382 26.30 5.11 -38.41
CA LYS D 382 27.01 4.60 -37.25
C LYS D 382 26.26 4.91 -35.97
N PRO D 383 26.49 4.16 -34.89
CA PRO D 383 25.78 4.42 -33.65
C PRO D 383 26.16 5.77 -33.06
N PRO D 384 25.26 6.42 -32.33
CA PRO D 384 25.62 7.66 -31.64
C PRO D 384 26.54 7.40 -30.46
N LYS D 385 27.38 8.38 -30.16
CA LYS D 385 28.35 8.26 -29.08
C LYS D 385 27.78 8.63 -27.71
N ASP D 386 26.84 9.57 -27.66
CA ASP D 386 26.28 10.03 -26.39
C ASP D 386 25.18 9.11 -25.90
N HIS D 387 25.31 8.66 -24.65
CA HIS D 387 24.30 7.77 -24.06
C HIS D 387 23.02 8.52 -23.72
N ILE D 388 23.13 9.73 -23.20
CA ILE D 388 21.99 10.52 -22.76
C ILE D 388 22.09 11.92 -23.36
N VAL D 389 20.95 12.43 -23.84
CA VAL D 389 20.86 13.77 -24.39
C VAL D 389 19.71 14.50 -23.71
N ASP D 390 19.76 15.83 -23.76
CA ASP D 390 18.78 16.68 -23.12
C ASP D 390 17.72 17.21 -24.07
N TYR D 391 17.59 16.60 -25.25
CA TYR D 391 16.59 16.99 -26.24
C TYR D 391 15.94 15.76 -26.82
N ALA D 392 14.69 15.92 -27.25
CA ALA D 392 13.93 14.82 -27.82
C ALA D 392 14.41 14.47 -29.22
N ALA D 393 14.10 13.24 -29.62
CA ALA D 393 14.46 12.75 -30.95
C ALA D 393 13.66 13.47 -32.03
N GLN D 394 14.37 13.87 -33.09
CA GLN D 394 13.70 14.48 -34.24
C GLN D 394 13.02 13.44 -35.13
N HIS D 395 13.63 12.25 -35.24
CA HIS D 395 13.15 11.15 -36.06
C HIS D 395 12.14 10.27 -35.32
N THR D 396 11.66 9.24 -36.02
CA THR D 396 10.75 8.24 -35.49
C THR D 396 11.32 6.86 -35.73
N GLU D 397 11.31 6.02 -34.69
CA GLU D 397 11.86 4.67 -34.77
C GLU D 397 10.81 3.66 -35.19
N SER D 398 11.13 2.83 -36.18
CA SER D 398 10.27 1.77 -36.67
C SER D 398 10.73 0.40 -36.17
N PHE D 399 9.86 -0.58 -36.37
CA PHE D 399 10.19 -1.96 -35.98
C PHE D 399 11.46 -2.44 -36.68
N THR D 400 11.61 -2.15 -37.96
CA THR D 400 12.75 -2.58 -38.76
C THR D 400 13.88 -1.57 -38.82
N SER D 401 13.82 -0.50 -38.05
CA SER D 401 14.85 0.54 -38.12
C SER D 401 16.22 0.01 -37.67
N ALA D 402 16.24 -0.87 -36.67
CA ALA D 402 17.51 -1.37 -36.13
C ALA D 402 18.09 -2.56 -36.89
N ILE D 403 17.37 -3.15 -37.82
CA ILE D 403 17.83 -4.38 -38.48
C ILE D 403 18.87 -4.02 -39.54
N SER D 404 20.08 -4.54 -39.36
CA SER D 404 21.17 -4.32 -40.29
C SER D 404 21.09 -5.27 -41.48
N ALA D 405 21.87 -4.96 -42.52
CA ALA D 405 21.94 -5.86 -43.68
C ALA D 405 22.43 -7.23 -43.27
N THR D 406 23.35 -7.29 -42.31
CA THR D 406 23.82 -8.58 -41.80
C THR D 406 22.70 -9.32 -41.09
N ALA D 407 21.92 -8.62 -40.27
CA ALA D 407 20.80 -9.26 -39.60
C ALA D 407 19.76 -9.74 -40.61
N TRP D 408 19.48 -8.94 -41.64
CA TRP D 408 18.56 -9.40 -42.67
C TRP D 408 19.09 -10.64 -43.38
N SER D 409 20.39 -10.66 -43.65
CA SER D 409 20.99 -11.83 -44.30
C SER D 409 20.80 -13.08 -43.46
N TRP D 410 21.01 -12.99 -42.15
CA TRP D 410 20.81 -14.15 -41.29
C TRP D 410 19.34 -14.57 -41.25
N ILE D 411 18.43 -13.59 -41.24
CA ILE D 411 17.01 -13.93 -41.27
C ILE D 411 16.66 -14.59 -42.61
N LYS D 412 17.20 -14.08 -43.71
CA LYS D 412 16.94 -14.67 -45.01
C LYS D 412 17.43 -16.11 -45.06
N VAL D 413 18.63 -16.36 -44.56
CA VAL D 413 19.15 -17.73 -44.52
C VAL D 413 18.31 -18.60 -43.59
N LEU D 414 17.93 -18.05 -42.44
CA LEU D 414 17.09 -18.80 -41.50
C LEU D 414 15.82 -19.30 -42.17
N VAL D 415 15.07 -18.38 -42.78
CA VAL D 415 13.81 -18.76 -43.42
C VAL D 415 14.07 -19.61 -44.67
N GLY D 416 15.04 -19.20 -45.49
CA GLY D 416 15.33 -19.95 -46.71
C GLY D 416 15.84 -21.35 -46.41
N GLY D 417 16.78 -21.46 -45.47
CA GLY D 417 17.30 -22.77 -45.11
C GLY D 417 16.24 -23.66 -44.48
N THR D 418 15.46 -23.10 -43.54
CA THR D 418 14.39 -23.87 -42.92
C THR D 418 13.42 -24.40 -43.96
N SER D 419 13.00 -23.55 -44.90
CA SER D 419 12.09 -23.98 -45.95
C SER D 419 12.73 -25.04 -46.83
N ALA D 420 14.00 -24.84 -47.22
CA ALA D 420 14.68 -25.80 -48.08
C ALA D 420 14.73 -27.19 -47.47
N PHE D 421 14.88 -27.30 -46.15
CA PHE D 421 14.90 -28.61 -45.51
C PHE D 421 13.56 -29.31 -45.66
N ILE D 422 12.47 -28.61 -45.39
CA ILE D 422 11.15 -29.21 -45.52
C ILE D 422 10.83 -29.52 -46.96
N VAL D 423 11.23 -28.65 -47.89
CA VAL D 423 10.97 -28.89 -49.30
C VAL D 423 11.63 -30.19 -49.75
N LEU D 424 12.88 -30.41 -49.35
CA LEU D 424 13.54 -31.66 -49.72
C LEU D 424 12.79 -32.86 -49.16
N GLY D 425 12.32 -32.76 -47.92
CA GLY D 425 11.56 -33.85 -47.33
C GLY D 425 10.25 -34.10 -48.08
N LEU D 426 9.59 -33.03 -48.53
CA LEU D 426 8.35 -33.19 -49.27
C LEU D 426 8.60 -33.71 -50.67
N ILE D 427 9.67 -33.26 -51.33
CA ILE D 427 9.99 -33.76 -52.66
C ILE D 427 10.30 -35.25 -52.59
N ALA D 428 11.11 -35.66 -51.62
CA ALA D 428 11.43 -37.07 -51.47
C ALA D 428 10.17 -37.89 -51.25
N THR D 429 9.23 -37.38 -50.45
CA THR D 429 7.98 -38.08 -50.23
C THR D 429 7.18 -38.21 -51.52
N ALA D 430 7.10 -37.15 -52.31
CA ALA D 430 6.36 -37.21 -53.58
C ALA D 430 7.00 -38.17 -54.56
N VAL D 431 8.33 -38.17 -54.66
CA VAL D 431 9.00 -39.07 -55.59
C VAL D 431 8.78 -40.52 -55.22
N VAL D 432 8.97 -40.86 -53.94
CA VAL D 432 8.77 -42.24 -53.52
C VAL D 432 7.31 -42.64 -53.66
N ALA D 433 6.39 -41.71 -53.40
CA ALA D 433 4.97 -42.02 -53.55
C ALA D 433 4.63 -42.43 -54.98
N LEU D 434 5.21 -41.73 -55.96
CA LEU D 434 4.99 -42.12 -57.35
C LEU D 434 5.65 -43.45 -57.69
N VAL D 435 6.87 -43.67 -57.20
CA VAL D 435 7.56 -44.93 -57.46
C VAL D 435 6.75 -46.10 -56.91
N LEU D 436 6.17 -45.93 -55.72
CA LEU D 436 5.32 -46.98 -55.16
C LEU D 436 4.14 -47.27 -56.07
N PHE D 437 3.58 -46.22 -56.69
CA PHE D 437 2.52 -46.42 -57.66
C PHE D 437 3.02 -47.19 -58.89
N PHE D 438 4.16 -46.78 -59.44
CA PHE D 438 4.67 -47.44 -60.63
C PHE D 438 5.07 -48.89 -60.36
N HIS D 439 5.48 -49.21 -59.13
CA HIS D 439 5.78 -50.60 -58.81
C HIS D 439 4.53 -51.46 -59.00
N ARG D 440 3.39 -51.04 -58.44
CA ARG D 440 2.17 -51.80 -58.62
C ARG D 440 1.70 -51.77 -60.07
N HIS D 441 1.90 -50.64 -60.75
CA HIS D 441 1.51 -50.50 -62.14
C HIS D 441 2.73 -50.52 -63.05
N ASP E 1 -1.32 58.81 6.96
CA ASP E 1 -1.33 59.09 8.39
C ASP E 1 -1.19 57.81 9.21
N LEU E 2 -0.73 57.96 10.44
CA LEU E 2 -0.59 56.86 11.39
C LEU E 2 -1.76 56.77 12.36
N ASP E 3 -2.30 57.92 12.77
CA ASP E 3 -3.40 57.94 13.73
C ASP E 3 -4.65 57.27 13.19
N THR E 4 -4.83 57.26 11.87
CA THR E 4 -6.02 56.65 11.28
C THR E 4 -6.16 55.17 11.61
N HIS E 5 -5.08 54.51 11.99
CA HIS E 5 -5.11 53.09 12.30
C HIS E 5 -5.48 52.80 13.75
N PHE E 6 -5.56 53.81 14.61
CA PHE E 6 -5.87 53.65 16.02
C PHE E 6 -7.23 54.22 16.42
N THR E 7 -8.09 54.56 15.47
CA THR E 7 -9.35 55.20 15.81
C THR E 7 -10.22 54.33 16.70
N GLN E 8 -10.24 53.02 16.47
CA GLN E 8 -11.02 52.11 17.31
C GLN E 8 -10.24 51.58 18.50
N TYR E 9 -8.92 51.45 18.38
CA TYR E 9 -8.12 51.00 19.51
C TYR E 9 -8.10 52.02 20.63
N LYS E 10 -8.27 53.31 20.30
CA LYS E 10 -8.37 54.32 21.34
C LYS E 10 -9.61 54.13 22.21
N LEU E 11 -10.58 53.36 21.73
CA LEU E 11 -11.79 53.09 22.48
C LEU E 11 -11.69 51.86 23.37
N ALA E 12 -10.59 51.12 23.27
CA ALA E 12 -10.35 49.92 24.08
C ALA E 12 -9.21 50.16 25.04
N ARG E 13 -9.21 49.40 26.13
CA ARG E 13 -8.18 49.48 27.16
C ARG E 13 -7.50 48.14 27.34
N PRO E 14 -6.29 48.13 27.90
CA PRO E 14 -5.67 46.86 28.28
C PRO E 14 -6.37 46.26 29.48
N TYR E 15 -6.10 44.98 29.73
CA TYR E 15 -6.73 44.29 30.84
C TYR E 15 -5.78 43.27 31.41
N ILE E 16 -6.10 42.80 32.62
CA ILE E 16 -5.34 41.77 33.31
C ILE E 16 -6.10 40.47 33.16
N ALA E 17 -5.42 39.43 32.70
CA ALA E 17 -6.03 38.12 32.51
C ALA E 17 -5.06 37.06 33.00
N ASP E 18 -5.61 35.88 33.27
CA ASP E 18 -4.81 34.77 33.75
C ASP E 18 -3.71 34.41 32.77
N CYS E 19 -2.51 34.18 33.30
CA CYS E 19 -1.38 33.71 32.53
C CYS E 19 -0.85 32.42 33.14
N PRO E 20 -0.71 31.35 32.37
CA PRO E 20 -0.25 30.08 32.96
C PRO E 20 1.13 30.14 33.59
N ASN E 21 2.00 31.05 33.16
CA ASN E 21 3.34 31.17 33.73
C ASN E 21 3.75 32.63 33.81
N CYS E 22 3.70 33.19 35.01
CA CYS E 22 4.23 34.52 35.29
C CYS E 22 5.58 34.30 35.95
N GLY E 23 6.60 34.10 35.13
CA GLY E 23 7.86 33.67 35.68
C GLY E 23 7.78 32.20 36.03
N HIS E 24 7.78 31.88 37.32
CA HIS E 24 7.71 30.49 37.76
C HIS E 24 6.31 29.99 38.10
N SER E 25 5.31 30.85 38.18
CA SER E 25 3.99 30.39 38.60
C SER E 25 2.88 31.15 37.89
N ARG E 26 1.70 30.55 37.90
CA ARG E 26 0.52 31.14 37.29
C ARG E 26 0.08 32.39 38.03
N CYS E 27 -0.33 33.41 37.29
CA CYS E 27 -0.80 34.65 37.91
C CYS E 27 -1.70 35.37 36.91
N ASP E 28 -2.31 36.46 37.38
CA ASP E 28 -3.09 37.36 36.53
C ASP E 28 -2.11 38.39 35.97
N SER E 29 -1.88 38.33 34.66
CA SER E 29 -0.81 39.11 34.04
C SER E 29 -1.33 40.25 33.17
N PRO E 30 -0.74 41.45 33.26
CA PRO E 30 -1.12 42.53 32.35
C PRO E 30 -0.65 42.34 30.92
N ILE E 31 0.22 41.35 30.68
CA ILE E 31 0.73 41.01 29.36
C ILE E 31 0.29 39.60 28.95
N ALA E 32 -0.82 39.13 29.52
CA ALA E 32 -1.29 37.78 29.24
C ALA E 32 -1.45 37.54 27.74
N ILE E 33 -1.02 36.38 27.29
CA ILE E 33 -1.06 36.01 25.88
C ILE E 33 -2.41 35.37 25.59
N GLU E 34 -3.15 35.94 24.63
CA GLU E 34 -4.46 35.44 24.24
C GLU E 34 -4.38 34.44 23.10
N GLU E 35 -3.53 34.71 22.11
CA GLU E 35 -3.42 33.89 20.93
C GLU E 35 -2.02 34.03 20.34
N VAL E 36 -1.53 32.95 19.75
CA VAL E 36 -0.29 32.96 18.99
C VAL E 36 -0.60 32.40 17.62
N ARG E 37 -0.38 33.22 16.59
CA ARG E 37 -0.55 32.80 15.20
C ARG E 37 0.83 32.49 14.63
N GLY E 38 1.05 31.24 14.25
CA GLY E 38 2.34 30.83 13.74
C GLY E 38 2.25 30.01 12.46
N ASP E 39 1.35 30.37 11.57
CA ASP E 39 1.15 29.63 10.33
C ASP E 39 1.91 30.23 9.15
N ALA E 40 2.69 31.28 9.36
CA ALA E 40 3.50 31.84 8.29
C ALA E 40 4.73 30.96 8.06
N HIS E 41 5.34 31.13 6.89
CA HIS E 41 6.47 30.29 6.51
C HIS E 41 7.78 30.58 7.21
N ALA E 42 8.36 31.76 6.99
CA ALA E 42 9.72 32.00 7.47
C ALA E 42 9.81 32.37 8.95
N GLY E 43 9.14 31.60 9.80
CA GLY E 43 9.25 31.80 11.23
C GLY E 43 8.56 33.02 11.81
N VAL E 44 7.72 33.71 11.05
CA VAL E 44 7.02 34.88 11.57
C VAL E 44 5.80 34.42 12.36
N ILE E 45 5.62 34.98 13.55
CA ILE E 45 4.47 34.70 14.39
C ILE E 45 3.85 36.02 14.84
N ARG E 46 2.54 35.99 15.06
CA ARG E 46 1.79 37.14 15.55
C ARG E 46 1.18 36.77 16.89
N ILE E 47 1.44 37.58 17.90
CA ILE E 47 1.00 37.31 19.27
C ILE E 47 0.00 38.37 19.70
N GLN E 48 -1.15 37.92 20.20
CA GLN E 48 -2.15 38.79 20.80
C GLN E 48 -2.00 38.74 22.31
N THR E 49 -1.94 39.90 22.94
CA THR E 49 -1.80 40.00 24.38
C THR E 49 -2.90 40.90 24.93
N SER E 50 -2.94 41.01 26.26
CA SER E 50 -3.89 41.90 26.93
C SER E 50 -3.38 43.33 27.06
N ALA E 51 -2.15 43.60 26.66
CA ALA E 51 -1.57 44.93 26.74
C ALA E 51 -1.77 45.69 25.44
N MET E 52 -1.76 47.01 25.55
CA MET E 52 -1.92 47.91 24.41
C MET E 52 -0.57 48.51 24.05
N PHE E 53 -0.23 48.49 22.78
CA PHE E 53 1.03 49.02 22.28
C PHE E 53 0.75 50.12 21.25
N GLY E 54 1.56 51.17 21.29
CA GLY E 54 1.43 52.27 20.36
C GLY E 54 0.58 53.42 20.83
N LEU E 55 -0.08 53.31 21.98
CA LEU E 55 -0.92 54.38 22.51
C LEU E 55 -0.42 54.86 23.85
N LYS E 56 -0.55 56.17 24.07
CA LYS E 56 -0.29 56.82 25.33
C LYS E 56 -1.51 57.64 25.70
N THR E 57 -1.51 58.18 26.92
CA THR E 57 -2.67 58.94 27.37
C THR E 57 -2.95 60.16 26.51
N ASP E 58 -1.96 60.66 25.79
CA ASP E 58 -2.13 61.85 24.95
C ASP E 58 -2.35 61.54 23.48
N GLY E 59 -2.41 60.26 23.10
CA GLY E 59 -2.61 59.91 21.72
C GLY E 59 -1.78 58.74 21.23
N VAL E 60 -1.52 58.68 19.94
CA VAL E 60 -0.75 57.61 19.33
C VAL E 60 0.74 57.93 19.45
N ASP E 61 1.51 56.93 19.88
CA ASP E 61 2.96 57.05 19.96
C ASP E 61 3.52 55.63 19.96
N LEU E 62 4.20 55.24 18.89
CA LEU E 62 4.70 53.88 18.76
C LEU E 62 5.80 53.56 19.76
N ALA E 63 6.37 54.55 20.43
CA ALA E 63 7.38 54.32 21.43
C ALA E 63 6.79 54.05 22.81
N TYR E 64 5.47 54.16 22.96
CA TYR E 64 4.77 53.99 24.22
C TYR E 64 3.87 52.77 24.20
N MET E 65 3.58 52.26 25.39
CA MET E 65 2.65 51.17 25.58
C MET E 65 1.83 51.46 26.82
N SER E 66 0.69 50.79 26.94
CA SER E 66 -0.21 50.95 28.07
C SER E 66 -0.64 49.59 28.58
N PHE E 67 -0.72 49.47 29.91
CA PHE E 67 -1.13 48.24 30.55
C PHE E 67 -1.85 48.59 31.85
N MET E 68 -2.61 47.64 32.37
CA MET E 68 -3.34 47.85 33.60
C MET E 68 -2.47 47.48 34.80
N ASN E 69 -2.52 48.34 35.81
CA ASN E 69 -1.85 48.13 37.09
C ASN E 69 -2.94 48.19 38.15
N GLY E 70 -3.63 47.07 38.34
CA GLY E 70 -4.81 47.04 39.17
C GLY E 70 -5.98 47.65 38.43
N LYS E 71 -6.78 48.47 39.12
CA LYS E 71 -7.90 49.14 38.47
C LYS E 71 -7.45 50.32 37.62
N THR E 72 -6.22 50.80 37.81
CA THR E 72 -5.71 51.96 37.11
C THR E 72 -4.88 51.55 35.90
N GLN E 73 -5.14 52.21 34.76
CA GLN E 73 -4.36 52.00 33.54
C GLN E 73 -3.10 52.83 33.60
N LYS E 74 -1.96 52.22 33.30
CA LYS E 74 -0.67 52.89 33.31
C LYS E 74 -0.09 52.96 31.90
N SER E 75 0.57 54.07 31.59
CA SER E 75 1.19 54.31 30.30
C SER E 75 2.67 54.59 30.48
N ILE E 76 3.52 53.81 29.81
CA ILE E 76 4.97 53.93 29.93
C ILE E 76 5.58 53.86 28.54
N LYS E 77 6.84 54.29 28.46
CA LYS E 77 7.61 54.06 27.25
C LYS E 77 7.98 52.58 27.17
N ILE E 78 8.00 52.04 25.95
CA ILE E 78 8.36 50.64 25.80
C ILE E 78 9.81 50.45 26.25
N ASP E 79 10.00 49.54 27.20
CA ASP E 79 11.32 49.28 27.79
C ASP E 79 11.58 47.77 27.76
N ASN E 80 12.53 47.35 26.95
CA ASN E 80 12.92 45.94 26.84
C ASN E 80 11.73 45.02 26.61
N LEU E 81 10.79 45.47 25.79
CA LEU E 81 9.73 44.58 25.35
C LEU E 81 10.36 43.47 24.51
N HIS E 82 10.11 42.22 24.88
CA HIS E 82 10.78 41.11 24.22
C HIS E 82 9.84 39.93 24.02
N VAL E 83 10.21 39.08 23.06
CA VAL E 83 9.52 37.84 22.76
C VAL E 83 10.56 36.74 22.64
N ARG E 84 10.29 35.59 23.24
CA ARG E 84 11.20 34.46 23.20
C ARG E 84 10.41 33.17 23.03
N THR E 85 10.93 32.25 22.19
CA THR E 85 10.35 30.91 22.05
C THR E 85 11.36 29.89 22.56
N SER E 86 12.47 29.73 21.85
CA SER E 86 13.62 28.96 22.31
C SER E 86 14.86 29.85 22.42
N ALA E 87 14.81 31.02 21.80
CA ALA E 87 15.89 32.01 21.82
C ALA E 87 15.26 33.36 21.54
N PRO E 88 15.98 34.45 21.79
CA PRO E 88 15.40 35.77 21.57
C PRO E 88 14.87 35.95 20.15
N CYS E 89 13.69 36.53 20.05
CA CYS E 89 13.05 36.83 18.78
C CYS E 89 13.21 38.30 18.43
N SER E 90 13.29 38.59 17.13
CA SER E 90 13.33 39.95 16.65
C SER E 90 11.91 40.46 16.50
N LEU E 91 11.65 41.66 17.01
CA LEU E 91 10.33 42.25 16.89
C LEU E 91 10.24 43.04 15.60
N VAL E 92 9.13 42.88 14.90
CA VAL E 92 8.91 43.55 13.62
C VAL E 92 8.11 44.82 13.82
N SER E 93 6.99 44.74 14.51
CA SER E 93 6.14 45.89 14.79
C SER E 93 5.15 45.48 15.86
N HIS E 94 4.45 46.48 16.40
CA HIS E 94 3.42 46.24 17.41
C HIS E 94 2.25 47.18 17.18
N HIS E 95 1.08 46.72 17.61
CA HIS E 95 -0.17 47.44 17.46
C HIS E 95 -1.04 47.02 18.63
N GLY E 96 -2.07 47.80 18.91
CA GLY E 96 -2.93 47.50 20.04
C GLY E 96 -3.22 46.02 20.19
N TYR E 97 -2.87 45.45 21.34
CA TYR E 97 -3.03 44.03 21.64
C TYR E 97 -2.15 43.09 20.84
N TYR E 98 -1.47 43.56 19.80
CA TYR E 98 -0.76 42.68 18.88
C TYR E 98 0.73 42.98 18.78
N ILE E 99 1.51 41.90 18.68
CA ILE E 99 2.95 41.94 18.49
C ILE E 99 3.28 41.05 17.31
N LEU E 100 4.11 41.55 16.39
CA LEU E 100 4.61 40.78 15.27
C LEU E 100 6.09 40.48 15.51
N ALA E 101 6.46 39.21 15.48
CA ALA E 101 7.84 38.82 15.78
C ALA E 101 8.35 37.77 14.81
N GLN E 102 9.68 37.73 14.69
CA GLN E 102 10.43 36.80 13.86
C GLN E 102 11.15 35.85 14.82
N CYS E 103 10.63 34.62 14.96
CA CYS E 103 11.10 33.70 15.99
C CYS E 103 11.67 32.40 15.45
N PRO E 104 12.61 31.79 16.18
CA PRO E 104 13.06 30.43 15.86
C PRO E 104 12.08 29.40 16.40
N PRO E 105 12.21 28.14 16.00
CA PRO E 105 11.31 27.11 16.53
C PRO E 105 11.42 27.00 18.04
N GLY E 106 10.35 26.52 18.66
CA GLY E 106 10.35 26.36 20.10
C GLY E 106 9.07 25.70 20.57
N ASP E 107 9.09 25.31 21.84
CA ASP E 107 7.95 24.67 22.49
C ASP E 107 7.11 25.64 23.29
N THR E 108 7.58 26.87 23.48
CA THR E 108 6.87 27.87 24.25
C THR E 108 6.96 29.21 23.54
N VAL E 109 6.13 30.15 23.98
CA VAL E 109 6.19 31.54 23.53
C VAL E 109 6.18 32.41 24.77
N THR E 110 7.21 33.23 24.93
CA THR E 110 7.35 34.11 26.08
C THR E 110 7.32 35.56 25.62
N VAL E 111 6.50 36.36 26.28
CA VAL E 111 6.39 37.79 26.00
C VAL E 111 6.50 38.52 27.34
N GLY E 112 7.19 39.65 27.34
CA GLY E 112 7.31 40.43 28.56
C GLY E 112 7.85 41.80 28.29
N PHE E 113 7.77 42.65 29.32
CA PHE E 113 8.23 44.02 29.24
C PHE E 113 8.71 44.46 30.61
N HIS E 114 9.46 45.55 30.65
CA HIS E 114 9.98 46.11 31.89
C HIS E 114 9.28 47.43 32.21
N ASP E 115 9.13 47.69 33.51
CA ASP E 115 8.55 48.94 34.00
C ASP E 115 9.40 49.37 35.20
N GLY E 116 10.44 50.15 34.92
CA GLY E 116 11.38 50.54 35.95
C GLY E 116 12.00 49.30 36.56
N PRO E 117 11.90 49.15 37.88
CA PRO E 117 12.44 47.94 38.51
C PRO E 117 11.56 46.70 38.33
N ASN E 118 10.35 46.86 37.81
CA ASN E 118 9.41 45.76 37.65
C ASN E 118 9.65 45.01 36.34
N ARG E 119 9.32 43.72 36.36
CA ARG E 119 9.44 42.83 35.20
C ARG E 119 8.14 42.06 35.06
N HIS E 120 7.52 42.13 33.88
CA HIS E 120 6.28 41.43 33.60
C HIS E 120 6.47 40.52 32.40
N THR E 121 6.31 39.20 32.61
CA THR E 121 6.43 38.23 31.53
C THR E 121 5.25 37.26 31.59
N CYS E 122 4.99 36.61 30.46
CA CYS E 122 3.97 35.58 30.35
C CYS E 122 4.44 34.53 29.36
N THR E 123 4.53 33.28 29.81
CA THR E 123 4.96 32.16 28.97
C THR E 123 3.82 31.17 28.81
N VAL E 124 3.56 30.77 27.57
CA VAL E 124 2.53 29.79 27.26
C VAL E 124 3.17 28.65 26.46
N ALA E 125 2.57 27.48 26.53
CA ALA E 125 3.03 26.34 25.75
C ALA E 125 2.43 26.43 24.35
N HIS E 126 3.29 26.46 23.35
CA HIS E 126 2.85 26.60 21.96
C HIS E 126 3.99 26.16 21.06
N LYS E 127 3.74 25.17 20.21
CA LYS E 127 4.77 24.67 19.30
C LYS E 127 4.95 25.65 18.16
N VAL E 128 6.11 26.27 18.10
CA VAL E 128 6.47 27.20 17.03
C VAL E 128 7.41 26.45 16.10
N GLU E 129 7.03 26.36 14.83
CA GLU E 129 7.81 25.66 13.83
C GLU E 129 8.29 26.62 12.76
N PHE E 130 9.48 26.35 12.23
CA PHE E 130 9.97 27.08 11.07
C PHE E 130 9.50 26.33 9.84
N ARG E 131 8.81 27.04 8.96
CA ARG E 131 8.24 26.41 7.77
C ARG E 131 8.98 26.87 6.51
N PRO E 132 9.90 26.08 5.99
CA PRO E 132 10.58 26.47 4.75
C PRO E 132 9.65 26.39 3.55
N VAL E 133 9.95 27.18 2.54
CA VAL E 133 9.19 27.21 1.31
C VAL E 133 9.91 26.37 0.27
N GLY E 134 9.18 25.49 -0.39
CA GLY E 134 9.75 24.69 -1.47
C GLY E 134 10.15 23.27 -1.13
N ARG E 135 11.13 22.78 -1.89
CA ARG E 135 11.60 21.40 -1.83
C ARG E 135 12.82 21.19 -0.95
N GLU E 136 13.21 22.19 -0.16
CA GLU E 136 14.37 22.07 0.72
C GLU E 136 13.98 22.48 2.13
N LYS E 137 14.37 21.66 3.11
CA LYS E 137 14.04 21.93 4.52
C LYS E 137 15.18 22.71 5.18
N TYR E 138 15.28 23.98 4.79
CA TYR E 138 16.24 24.87 5.41
C TYR E 138 15.73 25.33 6.77
N ARG E 139 16.66 25.68 7.66
CA ARG E 139 16.33 26.02 9.03
C ARG E 139 16.42 27.51 9.33
N HIS E 140 16.79 28.34 8.36
CA HIS E 140 16.83 29.78 8.54
C HIS E 140 16.80 30.41 7.16
N PRO E 141 16.09 31.52 6.97
CA PRO E 141 16.01 32.12 5.62
C PRO E 141 17.40 32.36 5.05
N PRO E 142 17.67 31.86 3.85
CA PRO E 142 19.01 32.02 3.27
C PRO E 142 19.26 33.43 2.75
N GLU E 143 20.54 33.74 2.63
CA GLU E 143 20.96 35.02 2.06
C GLU E 143 20.53 35.12 0.61
N HIS E 144 20.64 34.01 -0.12
CA HIS E 144 20.34 33.98 -1.54
C HIS E 144 19.74 32.63 -1.90
N GLY E 145 19.08 32.59 -3.05
CA GLY E 145 18.48 31.36 -3.54
C GLY E 145 17.40 31.62 -4.57
N VAL E 146 16.36 30.80 -4.56
CA VAL E 146 15.23 30.95 -5.47
C VAL E 146 14.09 31.59 -4.71
N GLU E 147 13.50 32.63 -5.29
CA GLU E 147 12.40 33.35 -4.68
C GLU E 147 11.08 32.65 -5.01
N LEU E 148 10.36 32.23 -3.97
CA LEU E 148 9.12 31.48 -4.11
C LEU E 148 7.98 32.19 -3.37
N PRO E 149 6.74 32.02 -3.83
CA PRO E 149 5.61 32.61 -3.11
C PRO E 149 5.44 31.93 -1.75
N CYS E 150 5.05 32.71 -0.77
CA CYS E 150 4.92 32.20 0.60
C CYS E 150 3.84 32.97 1.34
N ASN E 151 3.45 32.43 2.48
CA ASN E 151 2.47 33.04 3.36
C ASN E 151 3.21 33.74 4.48
N ARG E 152 2.92 35.02 4.67
CA ARG E 152 3.57 35.82 5.71
C ARG E 152 2.54 36.70 6.36
N TYR E 153 2.81 37.08 7.62
CA TYR E 153 2.01 38.09 8.29
C TYR E 153 2.62 39.43 7.94
N THR E 154 1.82 40.32 7.36
CA THR E 154 2.35 41.60 6.91
C THR E 154 2.74 42.47 8.09
N HIS E 155 3.69 43.37 7.83
CA HIS E 155 4.15 44.31 8.84
C HIS E 155 3.27 45.56 8.92
N LYS E 156 2.31 45.69 8.01
CA LYS E 156 1.45 46.85 7.94
C LYS E 156 0.39 46.84 9.03
N ARG E 157 0.08 48.02 9.57
CA ARG E 157 -0.93 48.21 10.59
C ARG E 157 -2.31 48.51 10.00
N ALA E 158 -2.43 48.54 8.68
CA ALA E 158 -3.67 48.92 8.02
C ALA E 158 -4.78 47.90 8.25
N ASP E 159 -6.02 48.39 8.22
CA ASP E 159 -7.19 47.54 8.28
C ASP E 159 -7.34 46.80 6.96
N GLN E 160 -7.26 45.46 7.00
CA GLN E 160 -7.25 44.65 5.80
C GLN E 160 -8.39 43.62 5.76
N GLY E 161 -9.52 43.93 6.39
CA GLY E 161 -10.70 43.08 6.32
C GLY E 161 -10.87 42.04 7.39
N HIS E 162 -10.00 41.98 8.38
CA HIS E 162 -10.13 41.03 9.48
C HIS E 162 -10.36 41.81 10.77
N TYR E 163 -11.35 41.40 11.56
CA TYR E 163 -11.74 42.14 12.75
C TYR E 163 -11.96 41.21 13.93
N VAL E 164 -11.83 41.79 15.12
CA VAL E 164 -12.16 41.15 16.39
C VAL E 164 -13.13 42.09 17.09
N GLU E 165 -13.92 41.52 18.00
CA GLU E 165 -14.95 42.27 18.71
C GLU E 165 -14.43 42.79 20.04
N MET E 166 -14.80 44.02 20.35
CA MET E 166 -14.53 44.64 21.65
C MET E 166 -15.86 44.81 22.37
N HIS E 167 -15.92 44.37 23.62
CA HIS E 167 -17.15 44.32 24.38
C HIS E 167 -17.05 45.14 25.65
N GLN E 168 -18.22 45.52 26.16
CA GLN E 168 -18.30 46.19 27.45
C GLN E 168 -17.71 45.27 28.52
N PRO E 169 -16.76 45.74 29.33
CA PRO E 169 -16.14 44.84 30.30
C PRO E 169 -17.15 44.29 31.30
N GLY E 170 -16.91 43.06 31.74
CA GLY E 170 -17.74 42.46 32.77
C GLY E 170 -17.38 43.01 34.13
N LEU E 171 -18.02 42.46 35.15
CA LEU E 171 -17.73 42.90 36.51
C LEU E 171 -16.29 42.58 36.86
N VAL E 172 -15.60 43.54 37.46
CA VAL E 172 -14.22 43.39 37.88
C VAL E 172 -14.20 43.29 39.40
N ALA E 173 -13.94 42.09 39.91
CA ALA E 173 -13.86 41.91 41.36
C ALA E 173 -12.66 42.67 41.90
N ASP E 174 -12.87 43.43 42.96
CA ASP E 174 -11.78 44.22 43.56
C ASP E 174 -12.10 44.38 45.04
N HIS E 175 -11.40 43.61 45.87
CA HIS E 175 -11.60 43.67 47.32
C HIS E 175 -10.91 44.86 47.97
N SER E 176 -10.08 45.60 47.23
CA SER E 176 -9.44 46.78 47.78
C SER E 176 -10.40 47.94 47.94
N LEU E 177 -11.59 47.85 47.34
CA LEU E 177 -12.62 48.87 47.48
C LEU E 177 -13.26 48.87 48.86
N LEU E 178 -13.03 47.82 49.65
CA LEU E 178 -13.65 47.64 50.96
C LEU E 178 -12.69 47.97 52.09
N SER E 179 -13.21 48.65 53.11
CA SER E 179 -12.44 48.98 54.30
C SER E 179 -13.35 48.89 55.52
N ILE E 180 -12.81 48.36 56.62
CA ILE E 180 -13.61 48.21 57.84
C ILE E 180 -13.98 49.57 58.42
N HIS E 181 -13.11 50.57 58.27
CA HIS E 181 -13.39 51.94 58.71
C HIS E 181 -13.73 51.93 60.20
N SER E 182 -14.86 52.51 60.62
CA SER E 182 -15.26 52.56 62.03
C SER E 182 -15.98 51.28 62.45
N ALA E 183 -15.28 50.16 62.34
CA ALA E 183 -15.85 48.86 62.67
C ALA E 183 -17.15 48.64 61.90
N LYS E 184 -17.18 49.12 60.66
CA LYS E 184 -18.36 49.03 59.82
C LYS E 184 -17.89 49.19 58.38
N VAL E 185 -18.02 48.13 57.59
CA VAL E 185 -17.44 48.10 56.25
C VAL E 185 -17.94 49.26 55.41
N LYS E 186 -17.00 49.97 54.79
CA LYS E 186 -17.26 51.09 53.89
C LYS E 186 -16.82 50.71 52.47
N ILE E 187 -17.57 51.19 51.49
CA ILE E 187 -17.26 50.97 50.07
C ILE E 187 -16.78 52.28 49.47
N THR E 188 -15.55 52.29 48.97
CA THR E 188 -14.99 53.45 48.30
C THR E 188 -15.23 53.31 46.79
N VAL E 189 -15.76 54.35 46.18
CA VAL E 189 -16.11 54.33 44.76
C VAL E 189 -15.18 55.30 44.01
N PRO E 190 -14.36 54.83 43.07
CA PRO E 190 -13.54 55.74 42.27
C PRO E 190 -14.39 56.71 41.47
N SER E 191 -13.86 57.92 41.26
CA SER E 191 -14.59 58.96 40.54
C SER E 191 -14.98 58.49 39.15
N GLY E 192 -16.24 58.73 38.78
CA GLY E 192 -16.76 58.37 37.49
C GLY E 192 -17.20 56.93 37.33
N ALA E 193 -16.91 56.07 38.30
CA ALA E 193 -17.27 54.67 38.24
C ALA E 193 -18.39 54.35 39.23
N GLN E 194 -18.98 53.17 39.05
CA GLN E 194 -19.98 52.62 39.95
C GLN E 194 -19.43 51.31 40.50
N VAL E 195 -19.82 51.00 41.73
CA VAL E 195 -19.38 49.77 42.40
C VAL E 195 -20.59 48.95 42.79
N LYS E 196 -20.67 47.72 42.29
CA LYS E 196 -21.66 46.77 42.73
C LYS E 196 -21.11 46.02 43.92
N TYR E 197 -21.95 45.81 44.94
CA TYR E 197 -21.53 45.13 46.14
C TYR E 197 -22.54 44.05 46.52
N TYR E 198 -22.04 43.05 47.24
CA TYR E 198 -22.85 41.93 47.72
C TYR E 198 -22.35 41.52 49.09
N CYS E 199 -23.16 41.73 50.12
CA CYS E 199 -22.81 41.42 51.49
C CYS E 199 -23.82 40.44 52.05
N LYS E 200 -23.35 39.42 52.76
CA LYS E 200 -24.23 38.39 53.31
C LYS E 200 -23.90 38.14 54.78
N CYS E 201 -23.84 39.23 55.55
CA CYS E 201 -23.72 39.15 57.01
C CYS E 201 -25.14 39.06 57.55
N PRO E 202 -25.36 39.06 58.87
CA PRO E 202 -26.75 38.96 59.36
C PRO E 202 -27.73 39.86 58.61
N ASP E 203 -27.29 41.04 58.20
CA ASP E 203 -28.08 41.91 57.31
C ASP E 203 -27.54 41.71 55.90
N VAL E 204 -28.27 40.92 55.11
CA VAL E 204 -27.87 40.64 53.73
C VAL E 204 -28.21 41.84 52.86
N ARG E 205 -27.22 42.36 52.15
CA ARG E 205 -27.35 43.58 51.36
C ARG E 205 -26.66 43.42 50.02
N LYS E 206 -27.24 44.06 48.99
CA LYS E 206 -26.64 44.09 47.67
C LYS E 206 -27.16 45.30 46.91
N GLY E 207 -26.42 45.70 45.90
CA GLY E 207 -26.82 46.83 45.08
C GLY E 207 -25.63 47.46 44.39
N ILE E 208 -25.93 48.55 43.67
CA ILE E 208 -24.93 49.32 42.93
C ILE E 208 -24.94 50.75 43.47
N THR E 209 -23.78 51.23 43.89
CA THR E 209 -23.60 52.58 44.40
C THR E 209 -22.68 53.38 43.50
N SER E 210 -22.99 54.67 43.35
CA SER E 210 -22.16 55.59 42.58
C SER E 210 -21.32 56.50 43.46
N SER E 211 -21.35 56.30 44.77
CA SER E 211 -20.59 57.13 45.70
C SER E 211 -20.24 56.28 46.91
N ASP E 212 -19.33 56.80 47.74
CA ASP E 212 -18.90 56.07 48.92
C ASP E 212 -20.11 55.65 49.76
N HIS E 213 -20.15 54.37 50.09
CA HIS E 213 -21.28 53.76 50.81
C HIS E 213 -20.79 52.96 52.00
N THR E 214 -21.50 53.08 53.11
CA THR E 214 -21.22 52.31 54.33
C THR E 214 -22.34 51.31 54.51
N THR E 215 -21.98 50.03 54.61
CA THR E 215 -22.95 48.95 54.75
C THR E 215 -23.10 48.55 56.21
N THR E 216 -23.99 47.60 56.46
CA THR E 216 -24.32 47.13 57.79
C THR E 216 -23.41 46.01 58.30
N CYS E 217 -22.45 45.56 57.50
CA CYS E 217 -21.56 44.48 57.90
C CYS E 217 -20.25 45.03 58.47
N THR E 218 -19.66 44.26 59.38
CA THR E 218 -18.47 44.69 60.11
C THR E 218 -17.22 43.92 59.72
N ASP E 219 -17.26 43.12 58.66
CA ASP E 219 -16.10 42.33 58.25
C ASP E 219 -16.02 42.32 56.74
N VAL E 220 -14.86 42.71 56.20
CA VAL E 220 -14.67 42.74 54.76
C VAL E 220 -14.90 41.38 54.13
N LYS E 221 -14.56 40.31 54.83
CA LYS E 221 -14.77 38.97 54.27
C LYS E 221 -16.24 38.67 54.03
N GLN E 222 -17.13 39.40 54.69
CA GLN E 222 -18.57 39.20 54.50
C GLN E 222 -19.11 39.89 53.25
N CYS E 223 -18.30 40.68 52.56
CA CYS E 223 -18.76 41.43 51.40
C CYS E 223 -17.90 41.16 50.18
N ARG E 224 -18.51 41.39 49.01
CA ARG E 224 -17.84 41.41 47.73
C ARG E 224 -18.09 42.76 47.07
N ALA E 225 -17.12 43.23 46.30
CA ALA E 225 -17.25 44.50 45.59
C ALA E 225 -16.76 44.33 44.16
N TYR E 226 -17.48 44.92 43.23
CA TYR E 226 -17.15 44.84 41.81
C TYR E 226 -17.12 46.26 41.23
N LEU E 227 -16.09 46.56 40.47
CA LEU E 227 -15.94 47.86 39.85
C LEU E 227 -16.64 47.86 38.48
N ILE E 228 -17.50 48.84 38.26
CA ILE E 228 -18.20 49.02 36.99
C ILE E 228 -17.61 50.25 36.33
N ASP E 229 -16.91 50.05 35.22
CA ASP E 229 -16.28 51.14 34.49
C ASP E 229 -16.34 50.77 33.00
N ASN E 230 -17.29 51.37 32.28
CA ASN E 230 -17.52 51.05 30.88
C ASN E 230 -17.00 52.15 29.95
N LYS E 231 -16.16 53.05 30.44
CA LYS E 231 -15.65 54.11 29.59
C LYS E 231 -14.69 53.59 28.53
N LYS E 232 -14.05 52.45 28.76
CA LYS E 232 -13.18 51.80 27.80
C LYS E 232 -13.62 50.35 27.66
N TRP E 233 -13.55 49.84 26.44
CA TRP E 233 -13.99 48.48 26.13
C TRP E 233 -12.78 47.54 26.07
N VAL E 234 -13.07 46.24 26.12
CA VAL E 234 -12.02 45.23 26.11
C VAL E 234 -12.36 44.15 25.07
N TYR E 235 -11.32 43.42 24.67
CA TYR E 235 -11.50 42.30 23.76
C TYR E 235 -12.41 41.26 24.39
N ASN E 236 -13.16 40.56 23.54
CA ASN E 236 -14.04 39.48 23.98
C ASN E 236 -13.21 38.27 24.39
N SER E 237 -12.41 38.45 25.44
CA SER E 237 -11.46 37.43 25.88
C SER E 237 -12.13 36.27 26.59
N GLY E 238 -11.65 35.06 26.31
CA GLY E 238 -12.14 33.87 26.97
C GLY E 238 -11.67 33.72 28.41
N ARG E 239 -10.79 34.60 28.87
CA ARG E 239 -10.27 34.59 30.23
C ARG E 239 -10.86 35.70 31.10
N LEU E 240 -11.84 36.45 30.58
CA LEU E 240 -12.50 37.50 31.33
C LEU E 240 -13.97 37.14 31.55
N PRO E 241 -14.55 37.53 32.68
CA PRO E 241 -15.99 37.28 32.88
C PRO E 241 -16.82 38.17 31.97
N ARG E 242 -17.88 37.58 31.41
CA ARG E 242 -18.78 38.30 30.53
C ARG E 242 -19.70 39.23 31.32
N GLY E 243 -20.09 40.32 30.67
CA GLY E 243 -21.07 41.22 31.24
C GLY E 243 -22.49 40.72 30.99
N GLU E 244 -23.45 41.48 31.50
CA GLU E 244 -24.86 41.13 31.35
C GLU E 244 -25.45 41.85 30.14
N GLY E 245 -26.39 41.18 29.49
CA GLY E 245 -27.02 41.70 28.30
C GLY E 245 -26.12 41.59 27.08
N ASP E 246 -26.42 42.41 26.08
CA ASP E 246 -25.60 42.47 24.87
C ASP E 246 -24.45 43.43 25.13
N THR E 247 -23.26 42.88 25.30
CA THR E 247 -22.07 43.66 25.62
C THR E 247 -21.26 44.09 24.40
N PHE E 248 -21.66 43.70 23.19
CA PHE E 248 -20.91 44.09 22.00
C PHE E 248 -20.99 45.59 21.78
N LYS E 249 -19.84 46.24 21.65
CA LYS E 249 -19.76 47.68 21.46
C LYS E 249 -19.08 48.12 20.18
N GLY E 250 -18.22 47.31 19.58
CA GLY E 250 -17.56 47.71 18.34
C GLY E 250 -16.62 46.63 17.85
N LYS E 251 -15.95 46.96 16.75
CA LYS E 251 -14.96 46.08 16.13
C LYS E 251 -13.57 46.70 16.15
N LEU E 252 -12.57 45.84 16.27
CA LEU E 252 -11.16 46.20 16.18
C LEU E 252 -10.56 45.42 15.02
N HIS E 253 -9.87 46.10 14.12
CA HIS E 253 -9.23 45.41 13.02
C HIS E 253 -7.98 44.68 13.50
N VAL E 254 -7.66 43.59 12.82
CA VAL E 254 -6.45 42.82 13.09
C VAL E 254 -5.33 43.42 12.22
N PRO E 255 -4.27 43.96 12.82
CA PRO E 255 -3.27 44.68 12.01
C PRO E 255 -2.45 43.83 11.05
N PHE E 256 -1.74 42.84 11.57
CA PHE E 256 -0.77 42.07 10.80
C PHE E 256 -1.42 40.80 10.22
N VAL E 257 -2.32 41.02 9.28
CA VAL E 257 -3.08 39.94 8.64
C VAL E 257 -2.17 39.12 7.74
N PRO E 258 -2.47 37.84 7.54
CA PRO E 258 -1.66 37.03 6.61
C PRO E 258 -1.85 37.49 5.16
N VAL E 259 -0.73 37.56 4.43
CA VAL E 259 -0.73 37.97 3.04
C VAL E 259 0.17 37.03 2.25
N LYS E 260 0.00 37.03 0.94
CA LYS E 260 0.92 36.32 0.06
C LYS E 260 2.16 37.19 -0.16
N ALA E 261 3.32 36.55 -0.13
CA ALA E 261 4.58 37.27 -0.29
C ALA E 261 5.57 36.36 -0.98
N LYS E 262 6.71 36.92 -1.34
CA LYS E 262 7.79 36.18 -1.97
C LYS E 262 8.90 35.96 -0.95
N CYS E 263 9.25 34.70 -0.74
CA CYS E 263 10.31 34.30 0.19
C CYS E 263 11.48 33.71 -0.58
N ILE E 264 12.69 33.90 -0.05
CA ILE E 264 13.88 33.34 -0.66
C ILE E 264 14.10 31.95 -0.06
N ALA E 265 14.07 30.93 -0.91
CA ALA E 265 14.34 29.56 -0.50
C ALA E 265 15.74 29.16 -0.95
N THR E 266 16.30 28.17 -0.26
CA THR E 266 17.63 27.70 -0.61
C THR E 266 17.60 27.03 -1.99
N LEU E 267 18.78 26.93 -2.58
CA LEU E 267 18.96 26.29 -3.88
C LEU E 267 20.09 25.27 -3.75
N ALA E 268 19.75 23.98 -3.89
CA ALA E 268 20.70 22.91 -3.67
C ALA E 268 21.88 22.96 -4.65
N PRO E 269 23.01 22.37 -4.27
CA PRO E 269 24.16 22.32 -5.18
C PRO E 269 23.85 21.54 -6.45
N GLU E 270 24.51 21.93 -7.53
CA GLU E 270 24.30 21.27 -8.82
C GLU E 270 24.78 19.83 -8.76
N PRO E 271 23.95 18.84 -9.13
CA PRO E 271 24.40 17.45 -9.10
C PRO E 271 25.45 17.15 -10.14
N LEU E 272 26.26 16.12 -9.85
CA LEU E 272 27.16 15.54 -10.84
C LEU E 272 26.36 14.49 -11.58
N VAL E 273 26.40 14.53 -12.91
CA VAL E 273 25.58 13.65 -13.74
C VAL E 273 26.51 12.80 -14.60
N GLU E 274 26.36 11.48 -14.49
CA GLU E 274 27.11 10.51 -15.27
C GLU E 274 26.14 9.72 -16.12
N HIS E 275 26.55 9.37 -17.33
CA HIS E 275 25.67 8.71 -18.31
C HIS E 275 26.19 7.33 -18.65
N LYS E 276 25.27 6.36 -18.62
CA LYS E 276 25.50 5.00 -19.05
C LYS E 276 24.35 4.62 -19.97
N HIS E 277 24.49 3.49 -20.64
CA HIS E 277 23.44 3.06 -21.57
C HIS E 277 22.08 3.01 -20.88
N ARG E 278 21.18 3.88 -21.33
CA ARG E 278 19.81 3.95 -20.80
C ARG E 278 19.78 4.15 -19.30
N THR E 279 20.80 4.80 -18.73
CA THR E 279 20.85 5.02 -17.29
C THR E 279 21.35 6.42 -17.00
N LEU E 280 20.68 7.10 -16.06
CA LEU E 280 21.08 8.40 -15.56
C LEU E 280 21.60 8.23 -14.14
N ILE E 281 22.84 8.61 -13.90
CA ILE E 281 23.47 8.49 -12.59
C ILE E 281 23.65 9.90 -12.03
N LEU E 282 23.01 10.17 -10.90
CA LEU E 282 23.09 11.45 -10.22
C LEU E 282 23.82 11.29 -8.89
N HIS E 283 24.79 12.16 -8.65
CA HIS E 283 25.51 12.21 -7.38
C HIS E 283 25.01 13.46 -6.67
N LEU E 284 24.23 13.27 -5.61
CA LEU E 284 23.56 14.35 -4.90
C LEU E 284 24.29 14.65 -3.59
N HIS E 285 24.62 15.92 -3.38
CA HIS E 285 25.35 16.37 -2.19
C HIS E 285 24.57 17.52 -1.57
N PRO E 286 23.49 17.22 -0.85
CA PRO E 286 22.65 18.28 -0.30
C PRO E 286 23.28 19.00 0.88
N ASP E 287 22.82 20.23 1.08
CA ASP E 287 23.13 21.03 2.26
C ASP E 287 22.06 20.86 3.33
N HIS E 288 20.82 20.67 2.90
CA HIS E 288 19.65 20.48 3.75
C HIS E 288 18.86 19.34 3.14
N PRO E 289 17.96 18.73 3.91
CA PRO E 289 17.09 17.70 3.32
C PRO E 289 16.45 18.23 2.05
N THR E 290 16.77 17.63 0.91
CA THR E 290 16.36 18.10 -0.40
C THR E 290 15.53 17.04 -1.09
N LEU E 291 14.37 17.43 -1.60
CA LEU E 291 13.45 16.52 -2.25
C LEU E 291 13.85 16.27 -3.71
N LEU E 292 13.97 15.00 -4.07
CA LEU E 292 14.24 14.56 -5.44
C LEU E 292 13.04 13.82 -5.99
N THR E 293 12.52 14.26 -7.12
CA THR E 293 11.42 13.58 -7.79
C THR E 293 11.77 13.33 -9.25
N THR E 294 11.28 12.21 -9.78
CA THR E 294 11.47 11.86 -11.18
C THR E 294 10.21 11.22 -11.72
N ARG E 295 10.08 11.25 -13.05
CA ARG E 295 8.98 10.59 -13.72
C ARG E 295 9.37 10.32 -15.16
N SER E 296 8.88 9.21 -15.70
CA SER E 296 9.04 8.92 -17.12
C SER E 296 8.07 9.76 -17.93
N LEU E 297 8.47 10.09 -19.14
CA LEU E 297 7.65 10.91 -20.02
C LEU E 297 6.78 10.07 -20.95
N GLY E 298 6.64 8.78 -20.69
CA GLY E 298 5.81 7.91 -21.47
C GLY E 298 4.44 7.72 -20.86
N SER E 299 3.75 6.67 -21.31
CA SER E 299 2.40 6.39 -20.84
C SER E 299 2.38 5.92 -19.39
N ASP E 300 3.51 5.51 -18.83
CA ASP E 300 3.61 5.09 -17.43
C ASP E 300 4.65 6.00 -16.79
N ALA E 301 4.18 6.95 -15.98
CA ALA E 301 5.08 7.92 -15.36
C ALA E 301 6.11 7.26 -14.46
N ASN E 302 5.77 6.17 -13.79
CA ASN E 302 6.63 5.47 -12.85
C ASN E 302 7.33 6.48 -11.93
N PRO E 303 6.56 7.33 -11.23
CA PRO E 303 7.17 8.40 -10.44
C PRO E 303 7.98 7.91 -9.25
N THR E 304 8.99 8.69 -8.91
CA THR E 304 9.86 8.44 -7.76
C THR E 304 9.89 9.72 -6.91
N ARG E 305 9.76 9.56 -5.60
CA ARG E 305 9.77 10.70 -4.69
C ARG E 305 10.54 10.33 -3.42
N GLN E 306 11.65 11.00 -3.16
CA GLN E 306 12.44 10.73 -1.97
C GLN E 306 13.18 11.99 -1.53
N TRP E 307 13.31 12.14 -0.21
CA TRP E 307 14.05 13.24 0.39
C TRP E 307 15.50 12.82 0.59
N ILE E 308 16.42 13.63 0.08
CA ILE E 308 17.85 13.34 0.17
C ILE E 308 18.42 14.18 1.31
N GLU E 309 18.83 13.51 2.38
CA GLU E 309 19.35 14.20 3.56
C GLU E 309 20.87 14.18 3.64
N ARG E 310 21.52 13.20 3.03
CA ARG E 310 22.97 13.09 3.02
C ARG E 310 23.45 12.75 1.61
N PRO E 311 24.74 12.89 1.32
CA PRO E 311 25.23 12.55 -0.03
C PRO E 311 24.86 11.13 -0.41
N THR E 312 24.39 10.97 -1.64
CA THR E 312 23.95 9.67 -2.13
C THR E 312 24.01 9.66 -3.65
N THR E 313 24.04 8.44 -4.20
CA THR E 313 24.03 8.21 -5.63
C THR E 313 22.75 7.46 -6.00
N VAL E 314 22.01 7.99 -6.97
CA VAL E 314 20.77 7.39 -7.43
C VAL E 314 20.87 7.15 -8.93
N ASN E 315 20.44 5.96 -9.36
CA ASN E 315 20.51 5.54 -10.76
C ASN E 315 19.10 5.36 -11.29
N PHE E 316 18.77 6.08 -12.36
CA PHE E 316 17.46 6.00 -13.00
C PHE E 316 17.58 5.46 -14.40
N THR E 317 16.64 4.60 -14.79
CA THR E 317 16.60 4.05 -16.14
C THR E 317 15.91 5.05 -17.05
N VAL E 318 16.58 5.44 -18.14
CA VAL E 318 16.05 6.40 -19.11
C VAL E 318 15.94 5.70 -20.45
N THR E 319 14.77 5.80 -21.07
CA THR E 319 14.50 5.21 -22.37
C THR E 319 14.36 6.33 -23.40
N GLY E 320 14.06 5.94 -24.64
CA GLY E 320 13.84 6.93 -25.69
C GLY E 320 12.61 7.78 -25.47
N GLU E 321 11.72 7.37 -24.56
CA GLU E 321 10.55 8.16 -24.25
C GLU E 321 10.92 9.36 -23.39
N GLY E 322 12.01 9.27 -22.65
CA GLY E 322 12.52 10.35 -21.84
C GLY E 322 12.22 10.17 -20.36
N LEU E 323 12.96 10.92 -19.55
CA LEU E 323 12.78 10.96 -18.10
C LEU E 323 13.01 12.38 -17.61
N GLU E 324 12.18 12.82 -16.67
CA GLU E 324 12.32 14.12 -16.05
C GLU E 324 12.64 13.96 -14.57
N TYR E 325 13.59 14.74 -14.08
CA TYR E 325 13.94 14.74 -12.67
C TYR E 325 14.01 16.17 -12.15
N THR E 326 13.60 16.35 -10.90
CA THR E 326 13.61 17.65 -10.25
C THR E 326 14.42 17.54 -8.96
N TRP E 327 15.53 18.26 -8.90
CA TRP E 327 16.34 18.37 -7.70
C TRP E 327 15.86 19.61 -6.96
N GLY E 328 15.64 19.48 -5.66
CA GLY E 328 14.94 20.50 -4.90
C GLY E 328 15.17 21.94 -5.28
N ASN E 329 14.07 22.66 -5.52
CA ASN E 329 14.04 24.07 -5.86
C ASN E 329 14.75 24.39 -7.19
N HIS E 330 15.08 23.38 -7.98
CA HIS E 330 15.66 23.62 -9.31
C HIS E 330 14.60 23.35 -10.37
N PRO E 331 14.69 24.00 -11.53
CA PRO E 331 13.74 23.71 -12.60
C PRO E 331 13.84 22.25 -13.01
N PRO E 332 12.73 21.60 -13.33
CA PRO E 332 12.81 20.19 -13.76
C PRO E 332 13.65 20.06 -15.03
N LYS E 333 14.47 19.01 -15.07
CA LYS E 333 15.31 18.73 -16.23
C LYS E 333 14.84 17.45 -16.90
N ARG E 334 14.85 17.47 -18.23
CA ARG E 334 14.42 16.33 -19.04
C ARG E 334 15.62 15.81 -19.83
N VAL E 335 15.77 14.48 -19.84
CA VAL E 335 16.85 13.84 -20.56
C VAL E 335 16.29 12.64 -21.31
N TRP E 336 16.90 12.35 -22.46
CA TRP E 336 16.48 11.24 -23.32
C TRP E 336 17.69 10.38 -23.64
N ALA E 337 17.47 9.07 -23.68
CA ALA E 337 18.52 8.12 -23.96
C ALA E 337 18.58 7.78 -25.45
N GLN E 338 19.78 7.78 -26.00
CA GLN E 338 20.00 7.43 -27.39
C GLN E 338 20.28 5.93 -27.53
N GLU E 339 20.14 5.43 -28.74
CA GLU E 339 20.37 4.01 -29.05
C GLU E 339 21.87 3.76 -29.28
N SER E 340 22.64 3.94 -28.21
CA SER E 340 24.09 3.83 -28.24
C SER E 340 24.60 2.56 -27.57
N GLY E 341 23.76 1.52 -27.47
CA GLY E 341 24.19 0.29 -26.83
C GLY E 341 25.39 -0.32 -27.50
N GLU E 342 26.12 -1.11 -26.71
CA GLU E 342 27.35 -1.76 -27.17
C GLU E 342 27.03 -2.99 -28.01
N GLY E 343 27.78 -3.17 -29.08
CA GLY E 343 27.62 -4.31 -29.97
C GLY E 343 28.05 -3.95 -31.38
N ASN E 344 28.02 -4.95 -32.24
CA ASN E 344 28.35 -4.78 -33.65
C ASN E 344 27.31 -5.50 -34.50
N PRO E 345 26.29 -4.78 -35.00
CA PRO E 345 25.25 -5.45 -35.80
C PRO E 345 25.75 -5.97 -37.14
N HIS E 346 26.94 -5.57 -37.57
CA HIS E 346 27.50 -5.99 -38.84
C HIS E 346 28.61 -7.02 -38.69
N GLY E 347 28.82 -7.54 -37.49
CA GLY E 347 29.89 -8.48 -37.23
C GLY E 347 29.43 -9.92 -37.27
N TRP E 348 30.15 -10.77 -36.55
CA TRP E 348 29.85 -12.19 -36.51
C TRP E 348 28.61 -12.46 -35.66
N PRO E 349 28.00 -13.64 -35.83
CA PRO E 349 26.75 -13.94 -35.11
C PRO E 349 26.77 -13.66 -33.62
N HIS E 350 27.90 -13.85 -32.94
CA HIS E 350 27.92 -13.56 -31.51
C HIS E 350 27.90 -12.07 -31.25
N GLU E 351 28.38 -11.27 -32.21
CA GLU E 351 28.35 -9.82 -32.07
C GLU E 351 27.01 -9.24 -32.48
N VAL E 352 26.35 -9.86 -33.46
CA VAL E 352 25.04 -9.39 -33.89
C VAL E 352 24.00 -9.61 -32.79
N VAL E 353 23.99 -10.80 -32.18
CA VAL E 353 23.02 -11.10 -31.13
C VAL E 353 23.26 -10.20 -29.92
N VAL E 354 24.53 -9.91 -29.59
CA VAL E 354 24.80 -9.03 -28.46
C VAL E 354 24.24 -7.63 -28.71
N TYR E 355 24.41 -7.12 -29.93
CA TYR E 355 23.88 -5.79 -30.24
C TYR E 355 22.37 -5.74 -30.04
N TYR E 356 21.66 -6.69 -30.62
CA TYR E 356 20.20 -6.68 -30.52
C TYR E 356 19.71 -7.07 -29.13
N TYR E 357 20.48 -7.89 -28.40
CA TYR E 357 20.08 -8.17 -27.03
C TYR E 357 20.17 -6.91 -26.17
N ASN E 358 21.25 -6.13 -26.33
CA ASN E 358 21.38 -4.90 -25.57
C ASN E 358 20.34 -3.87 -25.98
N ARG E 359 19.99 -3.82 -27.27
CA ARG E 359 18.99 -2.87 -27.73
C ARG E 359 17.56 -3.37 -27.50
N TYR E 360 17.33 -4.66 -27.70
CA TYR E 360 16.00 -5.27 -27.52
C TYR E 360 16.13 -6.54 -26.68
N PRO E 361 16.35 -6.40 -25.37
CA PRO E 361 16.56 -7.59 -24.53
C PRO E 361 15.48 -8.66 -24.63
N LEU E 362 14.23 -8.29 -24.37
CA LEU E 362 13.15 -9.28 -24.36
C LEU E 362 12.84 -9.79 -25.76
N THR E 363 12.79 -8.90 -26.75
CA THR E 363 12.50 -9.34 -28.11
C THR E 363 13.55 -10.32 -28.61
N THR E 364 14.82 -10.06 -28.31
CA THR E 364 15.88 -10.96 -28.74
C THR E 364 15.74 -12.33 -28.09
N ILE E 365 15.45 -12.37 -26.79
CA ILE E 365 15.27 -13.65 -26.12
C ILE E 365 14.13 -14.43 -26.75
N ILE E 366 12.98 -13.77 -26.93
CA ILE E 366 11.84 -14.42 -27.55
C ILE E 366 12.15 -14.79 -29.00
N GLY E 367 12.80 -13.87 -29.73
CA GLY E 367 13.15 -14.15 -31.11
C GLY E 367 14.07 -15.35 -31.27
N LEU E 368 15.13 -15.40 -30.47
CA LEU E 368 16.06 -16.52 -30.56
C LEU E 368 15.39 -17.85 -30.24
N CYS E 369 14.55 -17.89 -29.21
CA CYS E 369 13.87 -19.13 -28.87
C CYS E 369 12.95 -19.55 -30.02
N THR E 370 12.26 -18.60 -30.64
CA THR E 370 11.41 -18.93 -31.78
C THR E 370 12.22 -19.49 -32.94
N CYS E 371 13.39 -18.90 -33.21
CA CYS E 371 14.23 -19.40 -34.29
C CYS E 371 14.68 -20.84 -34.03
N VAL E 372 15.14 -21.13 -32.81
CA VAL E 372 15.57 -22.49 -32.48
C VAL E 372 14.40 -23.46 -32.52
N ALA E 373 13.25 -23.06 -31.98
CA ALA E 373 12.09 -23.94 -32.02
C ALA E 373 11.68 -24.24 -33.45
N ILE E 374 11.70 -23.24 -34.33
CA ILE E 374 11.38 -23.47 -35.73
C ILE E 374 12.39 -24.41 -36.38
N ILE E 375 13.68 -24.21 -36.11
CA ILE E 375 14.69 -25.08 -36.69
C ILE E 375 14.53 -26.53 -36.23
N MET E 376 14.30 -26.72 -34.92
CA MET E 376 14.16 -28.08 -34.42
C MET E 376 12.96 -28.79 -35.06
N VAL E 377 11.81 -28.12 -35.11
CA VAL E 377 10.64 -28.73 -35.72
C VAL E 377 10.88 -29.01 -37.20
N SER E 378 11.49 -28.07 -37.90
CA SER E 378 11.71 -28.25 -39.34
C SER E 378 12.76 -29.32 -39.62
N CYS E 379 13.87 -29.34 -38.87
CA CYS E 379 14.90 -30.34 -39.10
C CYS E 379 14.43 -31.73 -38.73
N VAL E 380 13.73 -31.87 -37.60
CA VAL E 380 13.20 -33.18 -37.22
C VAL E 380 12.18 -33.66 -38.24
N THR E 381 11.29 -32.76 -38.67
CA THR E 381 10.31 -33.13 -39.68
C THR E 381 10.98 -33.48 -41.00
N SER E 382 11.98 -32.70 -41.41
CA SER E 382 12.68 -32.98 -42.65
C SER E 382 13.37 -34.34 -42.61
N VAL E 383 14.10 -34.62 -41.53
CA VAL E 383 14.79 -35.90 -41.41
C VAL E 383 13.79 -37.03 -41.25
N TRP E 384 12.72 -36.81 -40.49
CA TRP E 384 11.71 -37.84 -40.32
C TRP E 384 11.10 -38.24 -41.66
N LEU E 385 10.78 -37.25 -42.50
CA LEU E 385 10.28 -37.56 -43.84
C LEU E 385 11.35 -38.26 -44.69
N LEU E 386 12.61 -37.85 -44.56
CA LEU E 386 13.67 -38.52 -45.30
C LEU E 386 13.89 -39.94 -44.80
N CYS E 387 13.81 -40.14 -43.48
CA CYS E 387 13.88 -41.50 -42.95
C CYS E 387 12.67 -42.30 -43.42
N ARG E 388 11.49 -41.67 -43.41
CA ARG E 388 10.30 -42.33 -43.92
C ARG E 388 10.46 -42.65 -45.40
N THR E 389 11.13 -41.78 -46.14
CA THR E 389 11.40 -42.03 -47.55
C THR E 389 12.24 -43.29 -47.74
N ARG E 390 13.33 -43.41 -46.98
CA ARG E 390 14.18 -44.59 -47.11
C ARG E 390 13.42 -45.86 -46.75
N ASN E 391 12.64 -45.83 -45.67
CA ASN E 391 11.87 -47.02 -45.30
C ASN E 391 10.91 -47.42 -46.41
N LEU E 392 10.15 -46.46 -46.95
CA LEU E 392 9.20 -46.77 -48.01
C LEU E 392 9.90 -47.07 -49.32
N CYS E 393 11.02 -46.39 -49.60
CA CYS E 393 11.73 -46.61 -50.85
C CYS E 393 12.47 -47.95 -50.87
N ILE E 394 13.08 -48.33 -49.76
CA ILE E 394 13.88 -49.56 -49.74
C ILE E 394 13.06 -50.81 -49.45
N THR E 395 12.03 -50.71 -48.61
CA THR E 395 11.24 -51.89 -48.26
C THR E 395 10.83 -52.74 -49.45
N PRO E 396 10.36 -52.20 -50.58
CA PRO E 396 9.98 -53.08 -51.70
C PRO E 396 11.11 -54.00 -52.13
N TYR E 397 12.36 -53.62 -51.89
CA TYR E 397 13.51 -54.43 -52.24
C TYR E 397 14.00 -55.29 -51.09
N LYS E 398 13.70 -54.92 -49.84
CA LYS E 398 14.05 -55.78 -48.71
C LYS E 398 13.32 -57.10 -48.76
N LEU E 399 12.03 -57.06 -49.14
CA LEU E 399 11.20 -58.26 -49.18
C LEU E 399 11.39 -59.07 -50.46
N ALA E 400 12.34 -58.68 -51.31
CA ALA E 400 12.60 -59.39 -52.56
C ALA E 400 14.11 -59.54 -52.74
N PRO E 401 14.72 -60.51 -52.06
CA PRO E 401 16.17 -60.70 -52.21
C PRO E 401 16.62 -60.85 -53.65
N ASN E 402 15.82 -61.52 -54.48
CA ASN E 402 16.13 -61.68 -55.91
C ASN E 402 15.48 -60.51 -56.66
N ALA E 403 16.12 -59.35 -56.57
CA ALA E 403 15.62 -58.13 -57.19
C ALA E 403 16.75 -57.41 -57.92
N GLN E 404 16.35 -56.54 -58.85
CA GLN E 404 17.32 -55.78 -59.64
C GLN E 404 18.16 -54.84 -58.77
N VAL E 405 17.52 -54.16 -57.82
CA VAL E 405 18.19 -53.18 -56.97
C VAL E 405 19.10 -52.26 -57.77
N PRO E 406 18.55 -51.38 -58.60
CA PRO E 406 19.38 -50.51 -59.44
C PRO E 406 20.36 -49.68 -58.63
N ILE E 407 21.54 -49.44 -59.21
CA ILE E 407 22.58 -48.66 -58.54
C ILE E 407 22.07 -47.27 -58.17
N LEU E 408 21.22 -46.68 -59.00
CA LEU E 408 20.68 -45.36 -58.68
C LEU E 408 19.92 -45.38 -57.36
N LEU E 409 19.28 -46.51 -57.04
CA LEU E 409 18.56 -46.62 -55.78
C LEU E 409 19.50 -46.47 -54.59
N ALA E 410 20.68 -47.08 -54.66
CA ALA E 410 21.66 -47.00 -53.58
C ALA E 410 22.21 -45.60 -53.37
N LEU E 411 22.00 -44.69 -54.33
CA LEU E 411 22.53 -43.34 -54.25
C LEU E 411 21.50 -42.31 -53.78
N LEU E 412 20.23 -42.48 -54.14
CA LEU E 412 19.21 -41.52 -53.75
C LEU E 412 18.48 -41.89 -52.45
N CYS E 413 18.11 -43.15 -52.28
CA CYS E 413 17.33 -43.58 -51.13
C CYS E 413 18.17 -44.10 -49.97
N CYS E 414 19.49 -44.10 -50.10
CA CYS E 414 20.35 -44.55 -49.00
C CYS E 414 21.26 -43.41 -48.54
N ASP F 1 8.03 -78.06 -41.54
CA ASP F 1 6.94 -77.13 -41.71
C ASP F 1 7.38 -75.84 -42.40
N LYS F 2 6.58 -75.39 -43.36
CA LYS F 2 6.81 -74.15 -44.07
C LYS F 2 5.86 -73.05 -43.66
N THR F 3 4.66 -73.40 -43.17
CA THR F 3 3.65 -72.45 -42.74
C THR F 3 3.31 -72.70 -41.28
N PHE F 4 3.22 -71.62 -40.50
CA PHE F 4 3.02 -71.72 -39.05
C PHE F 4 1.79 -70.94 -38.61
N PRO F 5 0.79 -71.59 -37.98
CA PRO F 5 -0.41 -70.87 -37.53
C PRO F 5 -0.12 -69.84 -36.44
N ILE F 6 -0.95 -68.79 -36.42
CA ILE F 6 -0.89 -67.73 -35.42
C ILE F 6 -2.09 -67.89 -34.49
N MET F 7 -1.83 -68.08 -33.21
CA MET F 7 -2.86 -68.29 -32.21
C MET F 7 -3.04 -67.06 -31.32
N LEU F 8 -4.28 -66.59 -31.21
CA LEU F 8 -4.62 -65.43 -30.39
C LEU F 8 -5.21 -65.83 -29.05
N ASN F 9 -6.34 -66.54 -29.06
CA ASN F 9 -7.03 -66.98 -27.85
C ASN F 9 -7.14 -68.50 -27.81
N GLY F 10 -6.20 -69.17 -28.46
CA GLY F 10 -6.20 -70.62 -28.60
C GLY F 10 -6.67 -71.09 -29.96
N GLN F 11 -7.36 -70.25 -30.70
CA GLN F 11 -7.78 -70.52 -32.07
C GLN F 11 -6.77 -69.92 -33.04
N VAL F 12 -6.71 -70.48 -34.23
CA VAL F 12 -5.81 -69.97 -35.25
C VAL F 12 -6.41 -68.72 -35.87
N ASN F 13 -5.67 -67.62 -35.81
CA ASN F 13 -6.12 -66.32 -36.30
C ASN F 13 -5.37 -65.89 -37.55
N GLY F 14 -4.67 -66.80 -38.20
CA GLY F 14 -3.86 -66.49 -39.36
C GLY F 14 -2.66 -67.41 -39.43
N TYR F 15 -1.86 -67.23 -40.47
CA TYR F 15 -0.68 -68.05 -40.69
C TYR F 15 0.53 -67.21 -41.06
N ALA F 16 1.68 -67.59 -40.52
CA ALA F 16 2.97 -66.97 -40.85
C ALA F 16 3.77 -67.86 -41.78
N CYS F 17 4.46 -67.25 -42.73
CA CYS F 17 5.27 -67.97 -43.70
C CYS F 17 6.72 -67.52 -43.63
N VAL F 18 7.63 -68.43 -43.97
CA VAL F 18 9.06 -68.17 -44.03
C VAL F 18 9.49 -68.35 -45.47
N VAL F 19 9.93 -67.27 -46.11
CA VAL F 19 10.34 -67.29 -47.51
C VAL F 19 11.72 -66.66 -47.62
N GLY F 20 12.66 -67.39 -48.21
CA GLY F 20 14.00 -66.88 -48.44
C GLY F 20 14.71 -66.43 -47.18
N GLY F 21 14.49 -67.12 -46.06
CA GLY F 21 15.11 -66.75 -44.80
C GLY F 21 14.41 -65.67 -44.01
N ARG F 22 13.28 -65.16 -44.49
CA ARG F 22 12.51 -64.14 -43.79
C ARG F 22 11.12 -64.67 -43.48
N VAL F 23 10.59 -64.26 -42.32
CA VAL F 23 9.28 -64.69 -41.86
C VAL F 23 8.31 -63.52 -42.02
N PHE F 24 7.11 -63.82 -42.53
CA PHE F 24 6.08 -62.82 -42.76
C PHE F 24 4.76 -63.27 -42.13
N LYS F 25 4.04 -62.32 -41.54
CA LYS F 25 2.69 -62.58 -41.03
C LYS F 25 1.81 -61.38 -41.26
N PRO F 26 0.49 -61.57 -41.35
CA PRO F 26 -0.43 -60.45 -41.55
C PRO F 26 -0.30 -59.38 -40.46
N LEU F 27 -0.29 -58.13 -40.90
CA LEU F 27 -0.17 -56.99 -39.99
C LEU F 27 -1.41 -56.85 -39.10
N HIS F 28 -2.58 -57.20 -39.61
CA HIS F 28 -3.84 -57.06 -38.87
C HIS F 28 -4.15 -58.24 -37.95
N VAL F 29 -3.31 -59.27 -37.90
CA VAL F 29 -3.57 -60.45 -37.07
C VAL F 29 -2.71 -60.38 -35.82
N GLU F 30 -3.37 -60.43 -34.67
CA GLU F 30 -2.73 -60.44 -33.37
C GLU F 30 -2.66 -61.87 -32.82
N GLY F 31 -1.62 -62.13 -32.04
CA GLY F 31 -1.40 -63.44 -31.44
C GLY F 31 0.02 -63.91 -31.63
N ARG F 32 0.31 -65.03 -30.96
CA ARG F 32 1.62 -65.65 -31.02
C ARG F 32 1.71 -66.63 -32.18
N ILE F 33 2.91 -66.78 -32.72
CA ILE F 33 3.17 -67.82 -33.71
C ILE F 33 3.38 -69.12 -32.96
N ASP F 34 2.72 -70.19 -33.41
CA ASP F 34 2.83 -71.49 -32.76
C ASP F 34 4.15 -72.19 -33.12
N ASN F 35 5.25 -71.56 -32.74
CA ASN F 35 6.58 -72.11 -32.98
C ASN F 35 7.55 -71.43 -32.04
N GLU F 36 8.21 -72.22 -31.19
CA GLU F 36 9.11 -71.65 -30.18
C GLU F 36 10.22 -70.82 -30.81
N GLN F 37 10.74 -71.26 -31.96
CA GLN F 37 11.79 -70.50 -32.62
C GLN F 37 11.25 -69.20 -33.22
N LEU F 38 10.07 -69.24 -33.85
CA LEU F 38 9.53 -68.05 -34.50
C LEU F 38 8.82 -67.12 -33.54
N ALA F 39 8.26 -67.63 -32.44
CA ALA F 39 7.55 -66.78 -31.50
C ALA F 39 8.43 -65.75 -30.83
N ALA F 40 9.75 -65.95 -30.81
CA ALA F 40 10.67 -65.03 -30.16
C ALA F 40 11.22 -63.95 -31.09
N ILE F 41 10.83 -63.92 -32.36
CA ILE F 41 11.36 -62.97 -33.33
C ILE F 41 10.60 -61.65 -33.25
N LYS F 42 11.35 -60.55 -33.12
CA LYS F 42 10.78 -59.21 -33.17
C LYS F 42 10.76 -58.77 -34.62
N LEU F 43 9.56 -58.54 -35.17
CA LEU F 43 9.37 -58.24 -36.57
C LEU F 43 9.17 -56.76 -36.84
N LYS F 44 9.56 -56.36 -38.05
CA LYS F 44 9.40 -54.99 -38.54
C LYS F 44 8.10 -54.86 -39.31
N LYS F 45 7.53 -53.66 -39.29
CA LYS F 45 6.27 -53.39 -39.99
C LYS F 45 6.53 -52.89 -41.40
N ALA F 46 5.65 -53.30 -42.33
CA ALA F 46 5.67 -52.84 -43.72
C ALA F 46 4.23 -52.48 -44.12
N SER F 47 3.82 -51.25 -43.79
CA SER F 47 2.45 -50.83 -44.08
C SER F 47 2.14 -50.83 -45.57
N ILE F 48 3.15 -50.80 -46.43
CA ILE F 48 2.91 -50.85 -47.87
C ILE F 48 2.20 -52.13 -48.25
N TYR F 49 2.62 -53.25 -47.65
CA TYR F 49 2.12 -54.57 -47.98
C TYR F 49 1.23 -55.19 -46.91
N ASP F 50 0.85 -54.42 -45.90
CA ASP F 50 -0.03 -54.91 -44.83
C ASP F 50 0.54 -56.17 -44.17
N LEU F 51 1.85 -56.22 -44.00
CA LEU F 51 2.49 -57.37 -43.38
C LEU F 51 3.66 -56.92 -42.51
N GLU F 52 4.04 -57.80 -41.59
CA GLU F 52 5.23 -57.66 -40.76
C GLU F 52 6.27 -58.67 -41.23
N TYR F 53 7.54 -58.31 -41.11
CA TYR F 53 8.61 -59.16 -41.61
C TYR F 53 9.82 -59.16 -40.68
N GLY F 54 10.66 -60.16 -40.88
CA GLY F 54 11.90 -60.27 -40.12
C GLY F 54 12.65 -61.51 -40.56
N ASP F 55 13.88 -61.62 -40.05
CA ASP F 55 14.71 -62.79 -40.30
C ASP F 55 14.36 -63.93 -39.34
N VAL F 56 14.74 -65.14 -39.73
CA VAL F 56 14.55 -66.32 -38.90
C VAL F 56 15.89 -66.80 -38.35
N PRO F 57 15.89 -67.65 -37.33
CA PRO F 57 17.16 -68.19 -36.82
C PRO F 57 17.94 -68.96 -37.87
N GLN F 58 19.26 -68.98 -37.68
CA GLN F 58 20.16 -69.63 -38.63
C GLN F 58 19.79 -71.09 -38.89
N CYS F 59 19.19 -71.77 -37.92
CA CYS F 59 18.82 -73.17 -38.11
C CYS F 59 17.65 -73.36 -39.06
N MET F 60 16.81 -72.35 -39.26
CA MET F 60 15.65 -72.46 -40.14
C MET F 60 15.93 -72.00 -41.57
N LYS F 61 16.89 -71.08 -41.74
CA LYS F 61 17.16 -70.51 -43.06
C LYS F 61 17.43 -71.57 -44.13
N SER F 62 18.00 -72.71 -43.75
CA SER F 62 18.38 -73.72 -44.73
C SER F 62 17.21 -74.39 -45.44
N ASP F 63 15.98 -74.32 -44.92
CA ASP F 63 14.85 -75.02 -45.53
C ASP F 63 13.65 -74.09 -45.72
N THR F 64 13.88 -72.82 -46.03
CA THR F 64 12.78 -71.89 -46.22
C THR F 64 12.23 -71.96 -47.65
N LEU F 65 11.03 -71.39 -47.81
CA LEU F 65 10.37 -71.35 -49.11
C LEU F 65 11.16 -70.53 -50.12
N GLN F 66 11.11 -70.97 -51.37
CA GLN F 66 11.81 -70.32 -52.49
C GLN F 66 10.96 -69.21 -53.10
N TYR F 67 11.54 -68.01 -53.20
CA TYR F 67 10.88 -66.90 -53.88
C TYR F 67 10.92 -67.09 -55.38
N THR F 68 9.81 -66.74 -56.04
CA THR F 68 9.84 -66.61 -57.50
C THR F 68 8.83 -65.55 -57.92
N SER F 69 9.16 -64.84 -58.98
CA SER F 69 8.26 -63.88 -59.62
C SER F 69 7.79 -64.37 -60.98
N ASP F 70 8.17 -65.59 -61.36
CA ASP F 70 7.79 -66.20 -62.63
C ASP F 70 6.32 -66.60 -62.56
N LYS F 71 5.44 -65.78 -63.12
CA LYS F 71 3.99 -65.99 -63.03
C LYS F 71 3.36 -66.09 -64.42
N PRO F 72 3.58 -67.18 -65.14
CA PRO F 72 2.89 -67.35 -66.42
C PRO F 72 1.44 -67.71 -66.18
N PRO F 73 0.56 -67.52 -67.16
CA PRO F 73 -0.84 -67.89 -66.99
C PRO F 73 -0.98 -69.38 -66.72
N GLY F 74 -1.95 -69.73 -65.88
CA GLY F 74 -2.21 -71.11 -65.55
C GLY F 74 -2.75 -71.24 -64.13
N PHE F 75 -2.64 -72.46 -63.61
CA PHE F 75 -3.11 -72.77 -62.26
C PHE F 75 -1.95 -72.86 -61.26
N TYR F 76 -2.21 -72.35 -60.06
CA TYR F 76 -1.24 -72.32 -58.96
C TYR F 76 -1.84 -73.04 -57.75
N ASN F 77 -0.96 -73.51 -56.87
CA ASN F 77 -1.33 -74.33 -55.74
C ASN F 77 -1.35 -73.54 -54.43
N TRP F 78 -2.24 -73.95 -53.52
CA TRP F 78 -2.28 -73.40 -52.17
C TRP F 78 -2.93 -74.44 -51.26
N HIS F 79 -3.01 -74.10 -49.96
CA HIS F 79 -3.48 -75.05 -48.96
C HIS F 79 -4.87 -75.63 -49.26
N HIS F 80 -5.83 -74.81 -49.65
CA HIS F 80 -7.19 -75.29 -49.83
C HIS F 80 -7.49 -75.83 -51.22
N GLY F 81 -6.47 -75.94 -52.08
CA GLY F 81 -6.72 -76.46 -53.41
C GLY F 81 -5.90 -75.80 -54.49
N ALA F 82 -6.52 -75.61 -55.65
CA ALA F 82 -5.89 -74.94 -56.78
C ALA F 82 -6.26 -73.46 -56.84
N VAL F 83 -5.38 -72.70 -57.48
CA VAL F 83 -5.56 -71.27 -57.68
C VAL F 83 -5.41 -70.98 -59.17
N GLN F 84 -6.36 -70.26 -59.74
CA GLN F 84 -6.31 -69.87 -61.14
C GLN F 84 -5.72 -68.47 -61.25
N TYR F 85 -4.76 -68.31 -62.16
CA TYR F 85 -4.09 -67.03 -62.40
C TYR F 85 -4.33 -66.59 -63.83
N GLU F 86 -5.13 -65.53 -63.99
CA GLU F 86 -5.45 -64.99 -65.30
C GLU F 86 -5.54 -63.47 -65.21
N ASN F 87 -5.12 -62.81 -66.28
CA ASN F 87 -5.17 -61.34 -66.36
C ASN F 87 -4.48 -60.69 -65.17
N ASN F 88 -3.40 -61.32 -64.69
CA ASN F 88 -2.66 -60.85 -63.53
C ASN F 88 -3.54 -60.78 -62.28
N ARG F 89 -4.46 -61.72 -62.13
CA ARG F 89 -5.34 -61.80 -60.97
C ARG F 89 -5.43 -63.25 -60.50
N PHE F 90 -5.37 -63.45 -59.19
CA PHE F 90 -5.47 -64.77 -58.57
C PHE F 90 -6.89 -64.99 -58.05
N THR F 91 -7.53 -66.07 -58.49
CA THR F 91 -8.89 -66.38 -58.10
C THR F 91 -9.03 -67.85 -57.71
N VAL F 92 -10.01 -68.11 -56.84
CA VAL F 92 -10.34 -69.46 -56.40
C VAL F 92 -11.85 -69.62 -56.38
N PRO F 93 -12.32 -70.87 -56.35
CA PRO F 93 -13.78 -71.10 -56.32
C PRO F 93 -14.44 -70.50 -55.09
N ARG F 94 -15.69 -70.07 -55.27
CA ARG F 94 -16.46 -69.52 -54.16
C ARG F 94 -16.60 -70.56 -53.05
N GLY F 95 -16.47 -70.10 -51.80
CA GLY F 95 -16.54 -70.96 -50.65
C GLY F 95 -15.21 -71.50 -50.18
N VAL F 96 -14.15 -71.30 -50.95
CA VAL F 96 -12.81 -71.78 -50.61
C VAL F 96 -12.02 -70.57 -50.10
N GLY F 97 -11.80 -70.53 -48.79
CA GLY F 97 -11.06 -69.43 -48.18
C GLY F 97 -11.96 -68.47 -47.44
N GLY F 98 -11.50 -68.03 -46.27
CA GLY F 98 -12.27 -67.10 -45.47
C GLY F 98 -11.47 -66.61 -44.29
N LYS F 99 -12.20 -66.08 -43.30
CA LYS F 99 -11.57 -65.55 -42.10
C LYS F 99 -10.69 -66.61 -41.43
N GLY F 100 -9.47 -66.21 -41.06
CA GLY F 100 -8.49 -67.11 -40.48
C GLY F 100 -7.50 -67.71 -41.46
N ASP F 101 -7.73 -67.56 -42.76
CA ASP F 101 -6.82 -68.06 -43.77
C ASP F 101 -5.79 -67.02 -44.21
N SER F 102 -5.76 -65.86 -43.56
CA SER F 102 -4.82 -64.81 -43.94
C SER F 102 -3.38 -65.26 -43.74
N GLY F 103 -2.51 -64.83 -44.66
CA GLY F 103 -1.10 -65.13 -44.62
C GLY F 103 -0.70 -66.42 -45.31
N ARG F 104 -1.66 -67.24 -45.74
CA ARG F 104 -1.31 -68.51 -46.38
C ARG F 104 -0.52 -68.26 -47.67
N PRO F 105 0.40 -69.15 -48.01
CA PRO F 105 1.19 -68.98 -49.23
C PRO F 105 0.58 -69.69 -50.43
N ILE F 106 0.82 -69.12 -51.61
CA ILE F 106 0.43 -69.71 -52.89
C ILE F 106 1.70 -70.06 -53.65
N LEU F 107 1.76 -71.27 -54.17
CA LEU F 107 2.94 -71.81 -54.84
C LEU F 107 2.60 -72.24 -56.26
N ASP F 108 3.61 -72.21 -57.13
CA ASP F 108 3.44 -72.67 -58.50
C ASP F 108 3.58 -74.19 -58.55
N ASN F 109 3.69 -74.74 -59.77
CA ASN F 109 3.85 -76.17 -59.96
C ASN F 109 5.30 -76.63 -59.75
N LYS F 110 6.22 -75.72 -59.43
CA LYS F 110 7.60 -76.05 -59.15
C LYS F 110 7.91 -75.95 -57.66
N GLY F 111 6.92 -75.66 -56.83
CA GLY F 111 7.09 -75.54 -55.40
C GLY F 111 7.61 -74.20 -54.93
N ARG F 112 7.65 -73.19 -55.79
CA ARG F 112 8.12 -71.87 -55.42
C ARG F 112 6.92 -71.01 -55.04
N VAL F 113 7.09 -70.16 -54.04
CA VAL F 113 6.00 -69.32 -53.56
C VAL F 113 5.89 -68.09 -54.44
N VAL F 114 4.66 -67.76 -54.83
CA VAL F 114 4.41 -66.59 -55.67
C VAL F 114 3.65 -65.48 -54.96
N ALA F 115 2.90 -65.77 -53.89
CA ALA F 115 2.15 -64.71 -53.23
C ALA F 115 1.72 -65.14 -51.84
N ILE F 116 1.50 -64.15 -50.98
CA ILE F 116 1.00 -64.32 -49.62
C ILE F 116 -0.40 -63.75 -49.57
N VAL F 117 -1.37 -64.58 -49.21
CA VAL F 117 -2.78 -64.20 -49.25
C VAL F 117 -3.17 -63.47 -47.96
N LEU F 118 -3.48 -62.18 -48.09
CA LEU F 118 -3.91 -61.36 -46.97
C LEU F 118 -5.42 -61.15 -46.92
N GLY F 119 -6.12 -61.30 -48.04
CA GLY F 119 -7.55 -61.09 -48.06
C GLY F 119 -8.15 -61.58 -49.36
N GLY F 120 -9.34 -61.09 -49.67
CA GLY F 120 -9.96 -61.50 -50.92
C GLY F 120 -11.30 -60.81 -51.14
N VAL F 121 -11.90 -61.14 -52.28
CA VAL F 121 -13.19 -60.60 -52.72
C VAL F 121 -14.18 -61.74 -52.87
N ASN F 122 -15.34 -61.61 -52.23
CA ASN F 122 -16.43 -62.59 -52.34
C ASN F 122 -17.33 -62.22 -53.51
N GLU F 123 -17.18 -62.93 -54.63
CA GLU F 123 -17.98 -62.68 -55.82
C GLU F 123 -19.12 -63.69 -55.92
N GLY F 124 -19.92 -63.57 -56.99
CA GLY F 124 -21.07 -64.43 -57.14
C GLY F 124 -20.73 -65.90 -57.29
N SER F 125 -19.74 -66.22 -58.13
CA SER F 125 -19.36 -67.61 -58.37
C SER F 125 -17.90 -67.93 -58.08
N ARG F 126 -17.04 -66.93 -57.98
CA ARG F 126 -15.62 -67.11 -57.72
C ARG F 126 -15.20 -66.10 -56.66
N THR F 127 -13.94 -66.14 -56.29
CA THR F 127 -13.38 -65.14 -55.39
C THR F 127 -12.04 -64.68 -55.92
N ALA F 128 -11.73 -63.41 -55.69
CA ALA F 128 -10.43 -62.84 -56.02
C ALA F 128 -9.65 -62.66 -54.73
N LEU F 129 -8.37 -63.00 -54.76
CA LEU F 129 -7.53 -62.95 -53.58
C LEU F 129 -6.72 -61.66 -53.53
N SER F 130 -6.69 -61.04 -52.35
CA SER F 130 -5.85 -59.88 -52.10
C SER F 130 -4.51 -60.38 -51.58
N VAL F 131 -3.48 -60.31 -52.41
CA VAL F 131 -2.20 -60.94 -52.09
C VAL F 131 -1.07 -59.95 -52.33
N VAL F 132 0.07 -60.27 -51.73
CA VAL F 132 1.33 -59.56 -51.95
C VAL F 132 2.20 -60.47 -52.80
N THR F 133 2.63 -59.95 -53.94
CA THR F 133 3.45 -60.72 -54.88
C THR F 133 4.52 -59.80 -55.44
N TRP F 134 5.16 -60.22 -56.52
CA TRP F 134 6.23 -59.45 -57.15
C TRP F 134 5.89 -59.19 -58.61
N ASN F 135 6.35 -58.04 -59.11
CA ASN F 135 6.10 -57.61 -60.48
C ASN F 135 7.12 -58.22 -61.44
N GLN F 136 7.15 -57.71 -62.68
CA GLN F 136 8.07 -58.22 -63.69
C GLN F 136 9.52 -57.87 -63.41
N LYS F 137 9.79 -56.93 -62.51
CA LYS F 137 11.15 -56.57 -62.15
C LYS F 137 11.61 -57.24 -60.86
N GLY F 138 10.78 -58.11 -60.27
CA GLY F 138 11.12 -58.76 -59.03
C GLY F 138 11.01 -57.88 -57.82
N VAL F 139 10.21 -56.82 -57.88
CA VAL F 139 10.01 -55.89 -56.76
C VAL F 139 8.64 -56.16 -56.15
N THR F 140 8.60 -56.16 -54.83
CA THR F 140 7.37 -56.49 -54.09
C THR F 140 6.24 -55.50 -54.40
N VAL F 141 5.05 -56.04 -54.63
CA VAL F 141 3.85 -55.26 -54.92
C VAL F 141 2.68 -55.89 -54.17
N LYS F 142 1.70 -55.06 -53.82
CA LYS F 142 0.49 -55.52 -53.16
C LYS F 142 -0.66 -55.59 -54.18
N ASP F 143 -1.30 -56.75 -54.25
CA ASP F 143 -2.43 -56.98 -55.16
C ASP F 143 -3.73 -56.92 -54.38
N THR F 144 -4.54 -55.88 -54.65
CA THR F 144 -5.82 -55.69 -53.97
C THR F 144 -6.95 -55.48 -54.97
N PRO F 145 -7.58 -56.57 -55.43
CA PRO F 145 -8.74 -56.41 -56.32
C PRO F 145 -9.82 -55.58 -55.66
N GLU F 146 -10.59 -54.86 -56.49
CA GLU F 146 -11.64 -53.99 -55.97
C GLU F 146 -12.58 -54.76 -55.05
N GLY F 147 -12.82 -54.20 -53.87
CA GLY F 147 -13.68 -54.82 -52.88
C GLY F 147 -12.99 -55.78 -51.93
N SER F 148 -11.66 -55.86 -51.97
CA SER F 148 -10.94 -56.78 -51.11
C SER F 148 -11.17 -56.48 -49.63
N GLU F 149 -11.28 -57.54 -48.84
CA GLU F 149 -11.45 -57.46 -47.40
C GLU F 149 -10.39 -58.33 -46.74
N PRO F 150 -9.68 -57.83 -45.72
CA PRO F 150 -8.70 -58.68 -45.02
C PRO F 150 -9.36 -59.89 -44.39
N TRP F 151 -8.65 -61.02 -44.45
CA TRP F 151 -9.14 -62.27 -43.86
C TRP F 151 -8.53 -62.47 -42.48
N TYR G 1 -33.57 -20.23 58.54
CA TYR G 1 -33.58 -21.23 57.48
C TYR G 1 -32.34 -21.06 56.61
N GLU G 2 -31.57 -22.14 56.46
CA GLU G 2 -30.32 -22.12 55.71
C GLU G 2 -30.56 -22.30 54.21
N HIS G 3 -30.00 -21.38 53.42
CA HIS G 3 -29.99 -21.47 51.97
C HIS G 3 -28.54 -21.54 51.51
N THR G 4 -28.19 -22.61 50.79
CA THR G 4 -26.85 -22.80 50.26
C THR G 4 -26.86 -22.77 48.74
N ALA G 5 -25.83 -22.18 48.15
CA ALA G 5 -25.73 -22.07 46.70
C ALA G 5 -24.30 -21.66 46.34
N VAL G 6 -24.02 -21.63 45.05
CA VAL G 6 -22.76 -21.16 44.51
C VAL G 6 -23.06 -20.07 43.49
N MET G 7 -22.47 -18.90 43.69
CA MET G 7 -22.69 -17.78 42.78
C MET G 7 -21.40 -17.43 42.04
N PRO G 8 -21.50 -16.93 40.82
CA PRO G 8 -20.29 -16.55 40.07
C PRO G 8 -19.60 -15.36 40.71
N ASN G 9 -18.28 -15.30 40.53
CA ASN G 9 -17.46 -14.20 41.04
C ASN G 9 -17.54 -13.03 40.06
N LYS G 10 -18.70 -12.38 40.04
CA LYS G 10 -18.96 -11.24 39.18
C LYS G 10 -19.45 -10.08 40.01
N VAL G 11 -18.69 -8.99 40.02
CA VAL G 11 -19.05 -7.79 40.77
C VAL G 11 -20.06 -6.99 39.95
N GLY G 12 -21.14 -6.56 40.59
CA GLY G 12 -22.17 -5.79 39.95
C GLY G 12 -23.30 -6.60 39.34
N ILE G 13 -23.15 -7.91 39.26
CA ILE G 13 -24.18 -8.80 38.73
C ILE G 13 -24.85 -9.49 39.91
N PRO G 14 -26.15 -9.29 40.13
CA PRO G 14 -26.79 -9.88 41.32
C PRO G 14 -27.06 -11.38 41.18
N TYR G 15 -27.02 -12.04 42.33
CA TYR G 15 -27.45 -13.42 42.47
C TYR G 15 -28.87 -13.40 43.01
N LYS G 16 -29.80 -14.01 42.28
CA LYS G 16 -31.20 -14.05 42.69
C LYS G 16 -31.65 -15.49 42.87
N ALA G 17 -32.44 -15.71 43.92
CA ALA G 17 -32.96 -17.03 44.22
C ALA G 17 -34.18 -16.91 45.12
N LEU G 18 -34.97 -17.96 45.15
CA LEU G 18 -36.10 -18.09 46.08
C LEU G 18 -35.71 -19.04 47.19
N VAL G 19 -35.98 -18.65 48.43
CA VAL G 19 -35.70 -19.48 49.59
C VAL G 19 -37.00 -20.23 49.89
N GLU G 20 -37.03 -21.52 49.55
CA GLU G 20 -38.21 -22.35 49.67
C GLU G 20 -38.15 -23.18 50.94
N ARG G 21 -38.98 -22.83 51.92
CA ARG G 21 -39.08 -23.54 53.18
C ARG G 21 -40.43 -24.26 53.20
N PRO G 22 -40.47 -25.60 53.20
CA PRO G 22 -41.76 -26.30 53.20
C PRO G 22 -42.67 -25.80 54.31
N GLY G 23 -43.92 -25.52 53.94
CA GLY G 23 -44.89 -24.99 54.86
C GLY G 23 -44.97 -23.48 54.87
N TYR G 24 -44.02 -22.80 54.24
CA TYR G 24 -43.97 -21.35 54.17
C TYR G 24 -43.84 -20.92 52.71
N ALA G 25 -44.37 -19.74 52.41
CA ALA G 25 -44.25 -19.22 51.06
C ALA G 25 -42.79 -18.86 50.76
N PRO G 26 -42.34 -19.05 49.52
CA PRO G 26 -40.94 -18.73 49.20
C PRO G 26 -40.59 -17.28 49.46
N VAL G 27 -39.37 -17.04 49.94
CA VAL G 27 -38.84 -15.71 50.20
C VAL G 27 -37.77 -15.43 49.16
N HIS G 28 -37.94 -14.36 48.39
CA HIS G 28 -36.97 -14.01 47.36
C HIS G 28 -35.68 -13.50 47.99
N LEU G 29 -34.56 -14.02 47.54
CA LEU G 29 -33.23 -13.68 48.03
C LEU G 29 -32.40 -13.07 46.91
N GLN G 30 -31.74 -11.95 47.20
CA GLN G 30 -30.87 -11.29 46.22
C GLN G 30 -29.57 -10.90 46.91
N ILE G 31 -28.45 -11.38 46.36
CA ILE G 31 -27.11 -11.13 46.89
C ILE G 31 -26.26 -10.58 45.77
N GLN G 32 -25.71 -9.38 45.97
CA GLN G 32 -24.87 -8.74 44.96
C GLN G 32 -23.54 -8.35 45.57
N LEU G 33 -22.45 -8.69 44.89
CA LEU G 33 -21.11 -8.29 45.31
C LEU G 33 -20.87 -6.83 44.97
N VAL G 34 -20.38 -6.07 45.94
CA VAL G 34 -19.99 -4.69 45.69
C VAL G 34 -18.57 -4.63 45.17
N ASN G 35 -17.68 -5.41 45.78
CA ASN G 35 -16.30 -5.55 45.32
C ASN G 35 -15.74 -6.83 45.91
N THR G 36 -14.70 -7.34 45.25
CA THR G 36 -13.99 -8.52 45.70
C THR G 36 -12.51 -8.16 45.72
N ARG G 37 -11.82 -8.48 46.80
CA ARG G 37 -10.44 -8.06 47.00
C ARG G 37 -9.56 -9.24 47.37
N ILE G 38 -8.51 -9.47 46.59
CA ILE G 38 -7.50 -10.46 46.89
C ILE G 38 -6.36 -9.72 47.58
N ILE G 39 -6.15 -10.01 48.85
CA ILE G 39 -5.15 -9.27 49.64
C ILE G 39 -3.99 -10.20 49.98
N PRO G 40 -2.93 -10.22 49.17
CA PRO G 40 -1.80 -11.08 49.47
C PRO G 40 -1.03 -10.60 50.70
N SER G 41 -0.32 -11.53 51.31
CA SER G 41 0.56 -11.22 52.43
C SER G 41 1.91 -10.81 51.86
N THR G 42 2.35 -9.60 52.18
CA THR G 42 3.58 -9.06 51.64
C THR G 42 4.62 -8.83 52.72
N ASN G 43 5.87 -8.95 52.33
CA ASN G 43 7.02 -8.72 53.20
C ASN G 43 7.99 -7.80 52.44
N LEU G 44 8.20 -6.60 52.97
CA LEU G 44 9.12 -5.67 52.32
C LEU G 44 10.53 -6.23 52.36
N GLU G 45 11.14 -6.36 51.18
CA GLU G 45 12.50 -6.86 51.07
C GLU G 45 13.52 -5.73 51.19
N TYR G 46 13.38 -4.70 50.37
CA TYR G 46 14.27 -3.54 50.40
C TYR G 46 13.63 -2.42 49.60
N ILE G 47 14.25 -1.24 49.69
CA ILE G 47 13.81 -0.04 49.00
C ILE G 47 14.89 0.41 48.03
N THR G 48 14.49 0.69 46.80
CA THR G 48 15.39 1.13 45.74
C THR G 48 15.06 2.56 45.32
N CYS G 49 16.10 3.35 45.08
CA CYS G 49 15.93 4.72 44.64
C CYS G 49 17.22 5.17 43.94
N LYS G 50 17.18 6.39 43.40
CA LYS G 50 18.36 6.94 42.73
C LYS G 50 19.42 7.28 43.77
N TYR G 51 20.66 6.89 43.51
CA TYR G 51 21.74 7.13 44.44
C TYR G 51 22.33 8.53 44.28
N LYS G 52 23.00 8.97 45.34
CA LYS G 52 23.76 10.22 45.34
C LYS G 52 25.18 9.88 45.78
N THR G 53 26.16 10.45 45.09
CA THR G 53 27.57 10.21 45.41
C THR G 53 28.08 11.36 46.27
N LYS G 54 28.60 11.03 47.45
CA LYS G 54 29.15 12.01 48.37
C LYS G 54 30.65 12.09 48.16
N VAL G 55 31.17 13.31 48.03
CA VAL G 55 32.59 13.52 47.77
C VAL G 55 33.17 14.50 48.79
N PRO G 56 33.81 14.00 49.85
CA PRO G 56 34.44 14.90 50.83
C PRO G 56 35.57 15.70 50.20
N SER G 57 35.94 16.78 50.90
CA SER G 57 37.06 17.60 50.45
C SER G 57 38.33 16.75 50.36
N PRO G 58 39.06 16.78 49.25
CA PRO G 58 40.28 15.99 49.16
C PRO G 58 41.38 16.54 50.06
N VAL G 59 42.26 15.64 50.48
CA VAL G 59 43.42 16.01 51.30
C VAL G 59 44.58 16.26 50.37
N VAL G 60 45.11 17.48 50.39
CA VAL G 60 46.25 17.87 49.57
C VAL G 60 47.45 18.02 50.49
N LYS G 61 48.41 17.11 50.35
CA LYS G 61 49.61 17.08 51.18
C LYS G 61 50.77 17.68 50.39
N CYS G 62 51.26 18.82 50.85
CA CYS G 62 52.36 19.50 50.19
C CYS G 62 53.68 19.00 50.74
N CYS G 63 54.63 18.75 49.84
CA CYS G 63 55.96 18.28 50.21
C CYS G 63 55.88 17.04 51.10
N GLY G 64 55.11 16.05 50.63
CA GLY G 64 54.94 14.83 51.38
C GLY G 64 53.90 13.95 50.72
N ALA G 65 53.47 12.93 51.47
CA ALA G 65 52.49 11.98 50.96
C ALA G 65 51.66 11.43 52.11
N THR G 66 50.47 10.94 51.76
CA THR G 66 49.54 10.35 52.72
C THR G 66 49.07 9.00 52.18
N GLN G 67 48.29 8.29 53.00
CA GLN G 67 47.80 6.96 52.65
C GLN G 67 46.31 6.84 52.93
N CYS G 68 45.64 6.07 52.07
CA CYS G 68 44.22 5.78 52.23
C CYS G 68 43.96 4.68 53.24
N THR G 69 42.81 4.77 53.90
CA THR G 69 42.31 3.75 54.80
C THR G 69 40.87 3.42 54.43
N SER G 70 40.44 2.21 54.74
CA SER G 70 39.06 1.82 54.45
C SER G 70 38.11 2.47 55.45
N LYS G 71 36.84 2.59 55.02
CA LYS G 71 35.79 3.16 55.85
C LYS G 71 34.48 2.43 55.58
N PRO G 72 33.58 2.38 56.57
CA PRO G 72 32.29 1.69 56.39
C PRO G 72 31.23 2.54 55.70
N HIS G 73 31.48 2.87 54.43
CA HIS G 73 30.54 3.65 53.64
C HIS G 73 30.13 2.87 52.40
N PRO G 74 28.90 3.03 51.91
CA PRO G 74 28.47 2.28 50.73
C PRO G 74 29.31 2.61 49.50
N ASP G 75 29.83 1.55 48.87
CA ASP G 75 30.63 1.68 47.64
C ASP G 75 31.77 2.69 47.84
N TYR G 76 32.34 2.68 49.04
CA TYR G 76 33.40 3.62 49.39
C TYR G 76 34.63 3.46 48.51
N GLN G 77 35.18 4.58 48.06
CA GLN G 77 36.41 4.62 47.27
C GLN G 77 37.39 5.62 47.89
N CYS G 78 38.68 5.29 47.80
CA CYS G 78 39.73 6.18 48.25
C CYS G 78 40.97 5.87 47.42
N GLN G 79 41.61 6.90 46.88
CA GLN G 79 42.81 6.71 46.09
C GLN G 79 43.74 7.89 46.31
N VAL G 80 45.03 7.60 46.38
CA VAL G 80 46.07 8.61 46.59
C VAL G 80 46.72 8.89 45.24
N PHE G 81 46.70 10.14 44.83
CA PHE G 81 47.29 10.59 43.57
C PHE G 81 48.53 11.41 43.89
N SER G 82 49.69 10.85 43.60
CA SER G 82 50.96 11.53 43.83
C SER G 82 51.39 12.29 42.58
N GLY G 83 52.30 13.24 42.78
CA GLY G 83 52.82 14.03 41.67
C GLY G 83 51.89 15.12 41.18
N VAL G 84 51.03 15.64 42.04
CA VAL G 84 50.08 16.68 41.70
C VAL G 84 50.68 18.04 42.06
N TYR G 85 50.32 19.07 41.32
CA TYR G 85 50.77 20.44 41.61
C TYR G 85 49.59 21.39 41.44
N PRO G 86 48.66 21.39 42.39
CA PRO G 86 47.44 22.18 42.24
C PRO G 86 47.65 23.69 42.39
N PHE G 87 46.77 24.44 41.73
CA PHE G 87 46.70 25.89 41.80
C PHE G 87 45.33 26.32 42.28
N MET G 88 45.27 27.48 42.93
CA MET G 88 44.01 28.06 43.39
C MET G 88 44.03 29.55 43.09
N TYR G 89 43.05 30.28 43.64
CA TYR G 89 43.00 31.71 43.39
C TYR G 89 44.24 32.40 43.90
N GLY G 90 44.89 31.85 44.92
CA GLY G 90 46.08 32.40 45.50
C GLY G 90 47.37 31.90 44.89
N GLY G 91 47.30 31.22 43.76
CA GLY G 91 48.47 30.68 43.09
C GLY G 91 48.70 29.23 43.41
N ALA G 92 49.95 28.81 43.23
CA ALA G 92 50.32 27.43 43.51
C ALA G 92 50.04 27.10 44.97
N TYR G 93 49.35 25.99 45.20
CA TYR G 93 49.00 25.59 46.56
C TYR G 93 50.21 25.05 47.31
N CYS G 94 51.01 24.21 46.66
CA CYS G 94 52.15 23.56 47.28
C CYS G 94 53.47 24.10 46.73
N PHE G 95 54.51 23.99 47.55
CA PHE G 95 55.85 24.41 47.15
C PHE G 95 56.54 23.37 46.28
N CYS G 96 56.53 22.11 46.73
CA CYS G 96 57.25 21.06 46.02
C CYS G 96 56.57 20.71 44.71
N ASP G 97 57.38 20.52 43.67
CA ASP G 97 56.85 20.25 42.33
C ASP G 97 56.37 18.82 42.15
N THR G 98 57.05 17.85 42.78
CA THR G 98 56.72 16.44 42.61
C THR G 98 56.40 15.73 43.91
N GLU G 99 57.02 16.14 45.03
CA GLU G 99 56.75 15.53 46.33
C GLU G 99 55.44 16.13 46.85
N ASN G 100 54.36 15.75 46.18
CA ASN G 100 53.07 16.37 46.43
C ASN G 100 51.97 15.36 46.16
N THR G 101 51.05 15.21 47.13
CA THR G 101 50.03 14.16 47.09
C THR G 101 48.63 14.70 47.36
N GLN G 102 47.66 14.22 46.58
CA GLN G 102 46.24 14.47 46.82
C GLN G 102 45.54 13.13 47.06
N MET G 103 44.80 13.04 48.17
CA MET G 103 44.00 11.85 48.47
C MET G 103 42.53 12.18 48.24
N SER G 104 41.88 11.42 47.35
CA SER G 104 40.49 11.61 47.00
C SER G 104 39.61 10.53 47.65
N GLU G 105 38.42 10.93 48.10
CA GLU G 105 37.45 10.02 48.69
C GLU G 105 36.09 10.24 48.06
N ALA G 106 35.32 9.16 47.96
CA ALA G 106 33.95 9.22 47.48
C ALA G 106 33.19 8.01 47.96
N TYR G 107 31.88 8.17 48.14
CA TYR G 107 31.02 7.06 48.52
C TYR G 107 29.59 7.40 48.12
N VAL G 108 28.75 6.37 48.11
CA VAL G 108 27.36 6.48 47.66
C VAL G 108 26.43 6.55 48.85
N GLU G 109 25.39 7.36 48.72
CA GLU G 109 24.34 7.49 49.72
C GLU G 109 23.02 7.67 49.00
N ARG G 110 21.92 7.53 49.74
CA ARG G 110 20.60 7.74 49.17
C ARG G 110 20.41 9.21 48.82
N SER G 111 19.80 9.46 47.67
CA SER G 111 19.48 10.81 47.26
C SER G 111 18.31 11.35 48.08
N GLU G 112 18.19 12.67 48.08
CA GLU G 112 17.09 13.30 48.82
C GLU G 112 15.73 12.93 48.24
N GLU G 113 15.67 12.69 46.93
CA GLU G 113 14.42 12.25 46.30
C GLU G 113 13.98 10.88 46.81
N CYS G 114 14.89 10.11 47.42
CA CYS G 114 14.54 8.79 47.92
C CYS G 114 13.45 8.82 48.98
N SER G 115 13.20 9.98 49.61
CA SER G 115 12.14 10.06 50.59
C SER G 115 10.75 10.04 49.95
N ILE G 116 10.66 10.41 48.67
CA ILE G 116 9.38 10.44 47.96
C ILE G 116 9.40 9.55 46.72
N ASP G 117 10.51 9.53 45.99
CA ASP G 117 10.62 8.80 44.73
C ASP G 117 11.50 7.57 44.93
N HIS G 118 10.86 6.44 45.24
CA HIS G 118 11.57 5.18 45.44
C HIS G 118 10.62 4.04 45.12
N ALA G 119 11.20 2.87 44.86
CA ALA G 119 10.44 1.65 44.59
C ALA G 119 10.61 0.67 45.74
N LYS G 120 9.52 0.01 46.11
CA LYS G 120 9.51 -0.96 47.19
C LYS G 120 9.45 -2.36 46.62
N ALA G 121 10.42 -3.20 47.00
CA ALA G 121 10.49 -4.59 46.57
C ALA G 121 9.84 -5.47 47.65
N TYR G 122 8.77 -6.17 47.28
CA TYR G 122 8.03 -7.02 48.21
C TYR G 122 8.08 -8.47 47.79
N LYS G 123 8.19 -9.35 48.78
CA LYS G 123 7.95 -10.78 48.59
C LYS G 123 6.46 -10.99 48.81
N VAL G 124 5.80 -11.71 47.90
CA VAL G 124 4.35 -11.84 47.92
C VAL G 124 3.98 -13.30 48.10
N HIS G 125 3.09 -13.55 49.05
CA HIS G 125 2.56 -14.88 49.33
C HIS G 125 1.05 -14.81 49.33
N THR G 126 0.40 -15.97 49.47
CA THR G 126 -1.05 -16.01 49.50
C THR G 126 -1.56 -15.32 50.77
N GLY G 127 -2.82 -14.93 50.74
CA GLY G 127 -3.39 -14.22 51.86
C GLY G 127 -4.90 -14.17 51.85
N THR G 128 -5.42 -13.25 52.63
CA THR G 128 -6.87 -13.11 52.83
C THR G 128 -7.57 -12.65 51.56
N VAL G 129 -8.77 -13.19 51.34
CA VAL G 129 -9.69 -12.74 50.30
C VAL G 129 -10.90 -12.14 51.00
N GLN G 130 -11.22 -10.90 50.66
CA GLN G 130 -12.35 -10.21 51.27
C GLN G 130 -13.30 -9.69 50.19
N ALA G 131 -14.54 -9.48 50.59
CA ALA G 131 -15.55 -8.96 49.67
C ALA G 131 -16.58 -8.19 50.47
N MET G 132 -17.30 -7.31 49.77
CA MET G 132 -18.41 -6.55 50.34
C MET G 132 -19.67 -6.98 49.61
N VAL G 133 -20.73 -7.26 50.36
CA VAL G 133 -21.97 -7.79 49.80
C VAL G 133 -23.13 -6.85 50.07
N ASN G 134 -24.06 -6.83 49.12
CA ASN G 134 -25.31 -6.09 49.22
C ASN G 134 -26.42 -7.13 49.18
N ILE G 135 -27.19 -7.23 50.26
CA ILE G 135 -28.17 -8.31 50.43
C ILE G 135 -29.55 -7.79 50.77
N THR G 136 -30.55 -8.41 50.15
CA THR G 136 -31.96 -8.22 50.47
C THR G 136 -32.62 -9.58 50.61
N TYR G 137 -33.77 -9.61 51.27
CA TYR G 137 -34.56 -10.84 51.35
C TYR G 137 -35.97 -10.49 51.79
N GLY G 138 -36.95 -10.98 51.03
CA GLY G 138 -38.34 -10.68 51.34
C GLY G 138 -38.61 -9.18 51.33
N SER G 139 -39.22 -8.70 52.40
CA SER G 139 -39.52 -7.28 52.55
C SER G 139 -38.36 -6.48 53.14
N VAL G 140 -37.24 -7.12 53.47
CA VAL G 140 -36.09 -6.43 54.04
C VAL G 140 -35.30 -5.76 52.92
N SER G 141 -35.08 -4.46 53.07
CA SER G 141 -34.37 -3.67 52.06
C SER G 141 -32.86 -3.98 52.09
N TRP G 142 -32.15 -3.36 51.15
CA TRP G 142 -30.71 -3.59 51.00
C TRP G 142 -29.93 -3.28 52.27
N ARG G 143 -29.06 -4.21 52.65
CA ARG G 143 -28.10 -4.05 53.73
C ARG G 143 -26.77 -4.57 53.21
N SER G 144 -25.66 -4.04 53.73
CA SER G 144 -24.35 -4.43 53.25
C SER G 144 -23.36 -4.57 54.39
N ALA G 145 -22.34 -5.40 54.16
CA ALA G 145 -21.29 -5.63 55.13
C ALA G 145 -20.05 -6.15 54.42
N ASP G 146 -18.89 -5.94 55.05
CA ASP G 146 -17.63 -6.48 54.56
C ASP G 146 -17.44 -7.87 55.14
N VAL G 147 -17.21 -8.85 54.27
CA VAL G 147 -17.12 -10.24 54.67
C VAL G 147 -15.79 -10.84 54.22
N TYR G 148 -15.40 -11.92 54.90
CA TYR G 148 -14.20 -12.67 54.59
C TYR G 148 -14.58 -13.88 53.74
N VAL G 149 -13.93 -14.02 52.58
CA VAL G 149 -14.23 -15.11 51.65
C VAL G 149 -13.35 -16.28 52.08
N ASN G 150 -13.78 -16.97 53.12
CA ASN G 150 -13.05 -18.12 53.65
C ASN G 150 -13.94 -19.30 54.01
N GLY G 151 -15.26 -19.14 54.03
CA GLY G 151 -16.16 -20.23 54.38
C GLY G 151 -16.27 -20.51 55.85
N GLU G 152 -15.69 -19.67 56.70
CA GLU G 152 -15.67 -19.92 58.14
C GLU G 152 -16.21 -18.75 58.96
N THR G 153 -16.00 -17.52 58.48
CA THR G 153 -16.36 -16.33 59.25
C THR G 153 -17.77 -15.87 58.88
N PRO G 154 -18.75 -15.99 59.77
CA PRO G 154 -20.10 -15.49 59.47
C PRO G 154 -20.21 -13.98 59.60
N ALA G 155 -21.20 -13.43 58.90
CA ALA G 155 -21.51 -12.01 58.95
C ALA G 155 -22.99 -11.82 59.21
N LYS G 156 -23.34 -10.82 60.02
CA LYS G 156 -24.73 -10.49 60.33
C LYS G 156 -25.15 -9.33 59.43
N ILE G 157 -25.95 -9.63 58.42
CA ILE G 157 -26.41 -8.65 57.44
C ILE G 157 -27.93 -8.65 57.49
N GLY G 158 -28.50 -7.57 58.01
CA GLY G 158 -29.95 -7.49 58.09
C GLY G 158 -30.55 -8.59 58.94
N ASP G 159 -29.88 -8.95 60.03
CA ASP G 159 -30.25 -10.04 60.93
C ASP G 159 -30.04 -11.41 60.31
N ALA G 160 -29.54 -11.52 59.08
CA ALA G 160 -29.25 -12.79 58.45
C ALA G 160 -27.77 -13.12 58.63
N LYS G 161 -27.48 -14.39 58.90
CA LYS G 161 -26.12 -14.85 59.14
C LYS G 161 -25.57 -15.43 57.83
N LEU G 162 -24.63 -14.72 57.23
CA LEU G 162 -24.04 -15.09 55.95
C LEU G 162 -22.63 -15.63 56.12
N ILE G 163 -22.37 -16.79 55.51
CA ILE G 163 -21.04 -17.39 55.45
C ILE G 163 -20.68 -17.56 53.98
N ILE G 164 -19.57 -16.94 53.57
CA ILE G 164 -19.12 -16.98 52.18
C ILE G 164 -17.96 -17.95 52.07
N GLY G 165 -18.11 -18.95 51.19
CA GLY G 165 -17.11 -19.96 50.98
C GLY G 165 -15.91 -19.47 50.19
N PRO G 166 -14.84 -20.25 50.20
CA PRO G 166 -13.63 -19.85 49.47
C PRO G 166 -13.84 -19.84 47.97
N LEU G 167 -13.08 -19.01 47.28
CA LEU G 167 -13.18 -18.96 45.82
C LEU G 167 -12.82 -20.30 45.23
N SER G 168 -13.52 -20.68 44.16
CA SER G 168 -13.23 -21.94 43.50
C SER G 168 -11.85 -21.95 42.85
N SER G 169 -11.22 -20.79 42.68
CA SER G 169 -9.90 -20.69 42.07
C SER G 169 -8.94 -20.01 43.03
N ALA G 170 -7.71 -20.53 43.09
CA ALA G 170 -6.64 -19.97 43.91
C ALA G 170 -5.83 -18.93 43.15
N TRP G 171 -6.28 -18.56 41.95
CA TRP G 171 -5.54 -17.63 41.11
C TRP G 171 -5.37 -16.27 41.77
N SER G 172 -4.18 -15.67 41.56
CA SER G 172 -3.85 -14.33 42.03
C SER G 172 -2.97 -13.68 40.97
N PRO G 173 -3.16 -12.37 40.73
CA PRO G 173 -2.36 -11.71 39.69
C PRO G 173 -0.92 -11.41 40.08
N PHE G 174 -0.56 -11.55 41.36
CA PHE G 174 0.77 -11.21 41.83
C PHE G 174 1.68 -12.42 41.80
N ASP G 175 2.90 -12.21 41.32
CA ASP G 175 3.92 -13.25 41.36
C ASP G 175 4.52 -13.27 42.77
N ASN G 176 5.53 -14.11 42.96
CA ASN G 176 6.17 -14.17 44.27
C ASN G 176 6.99 -12.90 44.58
N LYS G 177 7.19 -12.05 43.58
CA LYS G 177 7.96 -10.81 43.74
C LYS G 177 7.25 -9.69 43.00
N VAL G 178 7.01 -8.58 43.68
CA VAL G 178 6.42 -7.40 43.05
C VAL G 178 7.19 -6.17 43.49
N VAL G 179 7.18 -5.16 42.62
CA VAL G 179 7.79 -3.87 42.88
C VAL G 179 6.68 -2.83 42.84
N VAL G 180 6.52 -2.09 43.93
CA VAL G 180 5.51 -1.05 44.05
C VAL G 180 6.20 0.30 43.87
N TYR G 181 5.87 0.98 42.79
CA TYR G 181 6.43 2.30 42.47
C TYR G 181 5.27 3.26 42.24
N GLY G 182 5.11 4.22 43.13
CA GLY G 182 3.98 5.11 43.03
C GLY G 182 2.69 4.35 43.25
N HIS G 183 1.75 4.51 42.33
CA HIS G 183 0.48 3.80 42.37
C HIS G 183 0.52 2.49 41.60
N GLU G 184 1.63 2.19 40.91
CA GLU G 184 1.75 1.03 40.04
C GLU G 184 2.46 -0.13 40.72
N VAL G 185 2.06 -1.34 40.35
CA VAL G 185 2.66 -2.57 40.84
C VAL G 185 3.21 -3.33 39.65
N TYR G 186 4.44 -3.81 39.77
CA TYR G 186 5.10 -4.56 38.70
C TYR G 186 5.49 -5.96 39.17
N ASN G 187 5.22 -6.96 38.33
CA ASN G 187 5.67 -8.32 38.57
C ASN G 187 7.10 -8.46 38.07
N TYR G 188 8.01 -7.84 38.82
CA TYR G 188 9.43 -7.78 38.47
C TYR G 188 10.22 -8.70 39.39
N ASP G 189 11.02 -9.58 38.80
CA ASP G 189 11.88 -10.51 39.55
C ASP G 189 13.15 -9.77 39.95
N PHE G 190 13.01 -8.94 40.99
CA PHE G 190 14.11 -8.11 41.46
C PHE G 190 15.20 -8.95 42.12
N PRO G 191 16.45 -8.48 42.10
CA PRO G 191 17.53 -9.21 42.77
C PRO G 191 17.38 -9.17 44.28
N GLU G 192 17.86 -10.22 44.92
CA GLU G 192 17.79 -10.30 46.37
C GLU G 192 18.67 -9.21 46.99
N TYR G 193 18.36 -8.85 48.22
CA TYR G 193 19.12 -7.82 48.91
C TYR G 193 20.59 -8.23 49.02
N GLY G 194 21.47 -7.31 48.65
CA GLY G 194 22.90 -7.54 48.65
C GLY G 194 23.46 -8.13 47.38
N THR G 195 22.63 -8.40 46.38
CA THR G 195 23.09 -8.99 45.12
C THR G 195 22.80 -8.08 43.92
N GLY G 196 22.48 -6.82 44.15
CA GLY G 196 22.20 -5.91 43.05
C GLY G 196 23.44 -5.60 42.23
N LYS G 197 23.23 -5.36 40.94
CA LYS G 197 24.29 -5.10 39.99
C LYS G 197 24.26 -3.65 39.54
N ALA G 198 25.45 -3.11 39.26
CA ALA G 198 25.58 -1.72 38.82
C ALA G 198 24.82 -1.48 37.53
N GLY G 199 24.10 -0.35 37.49
CA GLY G 199 23.35 0.03 36.32
C GLY G 199 22.00 -0.65 36.17
N SER G 200 21.69 -1.63 37.03
CA SER G 200 20.44 -2.34 36.99
C SER G 200 19.58 -1.92 38.18
N PHE G 201 18.33 -2.39 38.18
CA PHE G 201 17.35 -1.94 39.16
C PHE G 201 17.89 -1.93 40.58
N GLY G 202 18.49 -3.03 41.02
CA GLY G 202 18.93 -3.14 42.39
C GLY G 202 20.31 -2.61 42.74
N ASP G 203 20.89 -1.74 41.92
CA ASP G 203 22.23 -1.25 42.21
C ASP G 203 22.30 -0.61 43.60
N LEU G 204 21.23 0.06 44.03
CA LEU G 204 21.13 0.64 45.36
C LEU G 204 19.98 -0.03 46.10
N GLN G 205 20.27 -0.60 47.27
CA GLN G 205 19.27 -1.30 48.06
C GLN G 205 19.35 -0.87 49.52
N SER G 206 18.19 -0.61 50.11
CA SER G 206 18.08 -0.27 51.52
C SER G 206 16.90 -1.03 52.11
N ARG G 207 17.07 -1.58 53.30
CA ARG G 207 15.99 -2.33 53.92
C ARG G 207 14.78 -1.44 54.18
N THR G 208 15.02 -0.22 54.63
CA THR G 208 13.97 0.76 54.84
C THR G 208 14.47 2.12 54.37
N SER G 209 13.54 3.06 54.20
CA SER G 209 13.90 4.39 53.75
C SER G 209 14.66 5.19 54.79
N THR G 210 14.70 4.72 56.03
CA THR G 210 15.44 5.38 57.11
C THR G 210 16.60 4.54 57.61
N SER G 211 16.90 3.43 56.95
CA SER G 211 17.96 2.53 57.40
C SER G 211 19.33 3.19 57.33
N ASN G 212 20.16 2.90 58.31
CA ASN G 212 21.53 3.39 58.37
C ASN G 212 22.51 2.45 57.69
N ASP G 213 22.05 1.33 57.14
CA ASP G 213 22.88 0.37 56.44
C ASP G 213 22.37 0.32 55.00
N LEU G 214 23.14 0.90 54.10
CA LEU G 214 22.78 1.00 52.69
C LEU G 214 23.72 0.15 51.84
N TYR G 215 23.15 -0.66 50.96
CA TYR G 215 23.92 -1.45 50.00
C TYR G 215 23.97 -0.69 48.68
N ALA G 216 25.17 -0.49 48.16
CA ALA G 216 25.35 0.19 46.88
C ALA G 216 26.36 -0.58 46.06
N ASN G 217 26.06 -0.79 44.78
CA ASN G 217 26.98 -1.49 43.87
C ASN G 217 26.99 -0.74 42.54
N THR G 218 27.90 0.22 42.42
CA THR G 218 28.12 0.96 41.20
C THR G 218 29.62 0.93 40.93
N ASN G 219 30.01 1.10 39.67
CA ASN G 219 31.44 1.13 39.36
C ASN G 219 32.00 2.52 39.66
N LEU G 220 31.93 2.89 40.93
CA LEU G 220 32.45 4.17 41.36
C LEU G 220 33.97 4.05 41.40
N LYS G 221 34.64 4.77 40.50
CA LYS G 221 36.09 4.76 40.40
C LYS G 221 36.59 6.19 40.46
N LEU G 222 37.55 6.44 41.33
CA LEU G 222 38.14 7.76 41.41
C LEU G 222 39.11 7.95 40.25
N GLN G 223 39.02 9.12 39.62
CA GLN G 223 39.90 9.47 38.52
C GLN G 223 40.94 10.47 39.00
N ARG G 224 42.05 10.52 38.29
CA ARG G 224 43.10 11.46 38.65
C ARG G 224 42.65 12.89 38.40
N PRO G 225 42.89 13.81 39.32
CA PRO G 225 42.52 15.20 39.08
C PRO G 225 43.29 15.78 37.91
N GLN G 226 42.65 16.70 37.20
CA GLN G 226 43.30 17.35 36.07
C GLN G 226 44.49 18.16 36.57
N ALA G 227 45.49 18.30 35.71
CA ALA G 227 46.74 18.96 36.09
C ALA G 227 46.49 20.37 36.58
N GLY G 228 46.96 20.67 37.78
CA GLY G 228 46.83 21.98 38.39
C GLY G 228 45.48 22.31 38.98
N ILE G 229 44.53 21.37 38.99
CA ILE G 229 43.17 21.63 39.40
C ILE G 229 42.86 20.80 40.63
N VAL G 230 42.29 21.43 41.65
CA VAL G 230 41.85 20.76 42.87
C VAL G 230 40.39 20.42 42.73
N HIS G 231 40.10 19.13 42.61
CA HIS G 231 38.75 18.61 42.53
C HIS G 231 38.86 17.11 42.71
N THR G 232 37.71 16.44 42.83
CA THR G 232 37.66 14.99 43.01
C THR G 232 36.81 14.39 41.90
N PRO G 233 37.40 14.18 40.72
CA PRO G 233 36.66 13.55 39.63
C PRO G 233 36.49 12.05 39.84
N PHE G 234 35.44 11.52 39.22
CA PHE G 234 35.17 10.10 39.30
C PHE G 234 34.28 9.71 38.14
N THR G 235 34.21 8.40 37.88
CA THR G 235 33.29 7.82 36.92
C THR G 235 32.42 6.82 37.66
N GLN G 236 31.18 6.67 37.19
CA GLN G 236 30.25 5.80 37.86
C GLN G 236 29.19 5.36 36.86
N VAL G 237 28.66 4.16 37.07
CA VAL G 237 27.61 3.66 36.17
C VAL G 237 26.33 4.43 36.43
N PRO G 238 25.64 4.93 35.39
CA PRO G 238 24.39 5.65 35.63
C PRO G 238 23.43 4.85 36.48
N SER G 239 22.66 5.56 37.29
CA SER G 239 21.74 4.92 38.23
C SER G 239 20.82 3.94 37.54
N GLY G 240 20.73 2.74 38.12
CA GLY G 240 19.84 1.72 37.59
C GLY G 240 18.39 1.92 37.93
N PHE G 241 18.10 2.77 38.93
CA PHE G 241 16.72 3.14 39.23
C PHE G 241 16.16 4.04 38.15
N GLU G 242 16.92 5.06 37.74
CA GLU G 242 16.49 5.90 36.63
C GLU G 242 16.42 5.10 35.34
N ARG G 243 17.37 4.18 35.15
CA ARG G 243 17.34 3.29 33.99
C ARG G 243 16.09 2.42 34.00
N TRP G 244 15.76 1.85 35.17
CA TRP G 244 14.57 1.02 35.28
C TRP G 244 13.30 1.80 34.99
N LYS G 245 13.17 3.01 35.56
CA LYS G 245 11.97 3.81 35.31
C LYS G 245 11.74 4.03 33.83
N LYS G 246 12.81 4.18 33.06
CA LYS G 246 12.67 4.31 31.61
C LYS G 246 12.19 3.01 30.97
N ASP G 247 12.69 1.87 31.46
CA ASP G 247 12.39 0.57 30.89
C ASP G 247 11.45 -0.28 31.73
N LYS G 248 10.80 0.29 32.74
CA LYS G 248 9.97 -0.52 33.63
C LYS G 248 8.84 -1.23 32.87
N GLY G 249 8.38 -0.66 31.76
CA GLY G 249 7.37 -1.33 30.95
C GLY G 249 5.95 -1.16 31.45
N ALA G 250 5.10 -2.13 31.08
CA ALA G 250 3.68 -2.10 31.44
C ALA G 250 3.48 -2.56 32.88
N PRO G 251 2.78 -1.78 33.71
CA PRO G 251 2.54 -2.21 35.09
C PRO G 251 1.47 -3.29 35.16
N LEU G 252 1.45 -3.97 36.30
CA LEU G 252 0.41 -4.96 36.53
C LEU G 252 -0.97 -4.31 36.48
N ASN G 253 -1.06 -3.04 36.84
CA ASN G 253 -2.32 -2.30 36.76
C ASN G 253 -2.92 -2.33 35.35
N ASP G 254 -2.07 -2.41 34.32
CA ASP G 254 -2.52 -2.37 32.94
C ASP G 254 -2.62 -3.73 32.26
N VAL G 255 -2.01 -4.78 32.79
CA VAL G 255 -1.97 -6.08 32.15
C VAL G 255 -2.62 -7.19 32.96
N ALA G 256 -3.12 -6.91 34.15
CA ALA G 256 -3.68 -7.96 34.99
C ALA G 256 -4.86 -8.64 34.29
N PRO G 257 -4.90 -9.97 34.25
CA PRO G 257 -6.05 -10.66 33.64
C PRO G 257 -7.32 -10.51 34.47
N PHE G 258 -8.42 -10.92 33.87
CA PHE G 258 -9.74 -10.95 34.50
C PHE G 258 -10.23 -9.56 34.93
N GLY G 259 -9.67 -8.50 34.37
CA GLY G 259 -10.13 -7.18 34.74
C GLY G 259 -9.79 -6.74 36.15
N CYS G 260 -8.75 -7.31 36.74
CA CYS G 260 -8.37 -6.94 38.09
C CYS G 260 -7.94 -5.47 38.18
N SER G 261 -8.38 -4.82 39.25
CA SER G 261 -7.96 -3.46 39.59
C SER G 261 -7.01 -3.55 40.78
N ILE G 262 -5.86 -2.88 40.68
CA ILE G 262 -4.80 -2.99 41.69
C ILE G 262 -4.82 -1.78 42.60
N ALA G 263 -4.87 -2.02 43.91
CA ALA G 263 -4.82 -0.99 44.94
C ALA G 263 -3.64 -1.29 45.86
N LEU G 264 -3.13 -0.25 46.52
CA LEU G 264 -1.89 -0.40 47.30
C LEU G 264 -2.03 -0.39 48.81
N GLU G 265 -3.12 0.11 49.38
CA GLU G 265 -3.26 0.21 50.84
C GLU G 265 -4.49 -0.52 51.33
N PRO G 266 -4.38 -1.83 51.63
CA PRO G 266 -3.20 -2.69 51.48
C PRO G 266 -3.00 -3.12 50.04
N LEU G 267 -1.83 -3.63 49.66
CA LEU G 267 -1.68 -4.14 48.31
C LEU G 267 -2.72 -5.22 48.06
N ARG G 268 -3.50 -5.07 46.99
CA ARG G 268 -4.57 -6.00 46.72
C ARG G 268 -5.01 -5.88 45.27
N ALA G 269 -5.63 -6.96 44.78
CA ALA G 269 -6.22 -7.01 43.45
C ALA G 269 -7.74 -7.04 43.63
N GLU G 270 -8.43 -6.10 43.02
CA GLU G 270 -9.87 -5.95 43.19
C GLU G 270 -10.67 -6.37 41.97
N ASN G 271 -11.86 -6.90 42.25
CA ASN G 271 -12.86 -7.23 41.24
C ASN G 271 -12.34 -8.16 40.13
N CYS G 272 -11.58 -9.17 40.52
CA CYS G 272 -11.11 -10.17 39.56
C CYS G 272 -12.24 -11.17 39.31
N ALA G 273 -12.68 -11.29 38.07
CA ALA G 273 -13.79 -12.18 37.70
C ALA G 273 -13.28 -13.61 37.48
N VAL G 274 -12.95 -14.27 38.58
CA VAL G 274 -12.36 -15.62 38.54
C VAL G 274 -13.23 -16.58 39.34
N GLY G 275 -13.63 -17.68 38.70
CA GLY G 275 -14.34 -18.76 39.35
C GLY G 275 -15.72 -18.41 39.89
N SER G 276 -16.06 -19.04 41.01
CA SER G 276 -17.36 -18.90 41.65
C SER G 276 -17.18 -18.84 43.16
N ILE G 277 -18.25 -18.48 43.86
CA ILE G 277 -18.22 -18.29 45.31
C ILE G 277 -19.29 -19.14 46.00
N PRO G 278 -18.94 -20.23 46.67
CA PRO G 278 -19.95 -20.94 47.48
C PRO G 278 -20.45 -20.03 48.59
N ILE G 279 -21.76 -20.11 48.87
CA ILE G 279 -22.37 -19.26 49.89
C ILE G 279 -23.35 -20.04 50.75
N SER G 280 -23.60 -19.50 51.93
CA SER G 280 -24.58 -20.02 52.88
C SER G 280 -25.13 -18.85 53.67
N ILE G 281 -26.43 -18.58 53.55
CA ILE G 281 -27.08 -17.47 54.25
C ILE G 281 -28.26 -18.01 55.04
N ASP G 282 -28.35 -17.62 56.31
CA ASP G 282 -29.41 -18.03 57.21
C ASP G 282 -30.49 -16.95 57.24
N ILE G 283 -31.64 -17.25 56.66
CA ILE G 283 -32.76 -16.31 56.63
C ILE G 283 -33.52 -16.41 57.96
N PRO G 284 -33.80 -15.30 58.64
CA PRO G 284 -34.55 -15.38 59.89
C PRO G 284 -35.89 -16.07 59.72
N ASP G 285 -36.27 -16.86 60.73
CA ASP G 285 -37.55 -17.57 60.67
C ASP G 285 -38.73 -16.60 60.64
N ALA G 286 -38.59 -15.41 61.23
CA ALA G 286 -39.68 -14.44 61.22
C ALA G 286 -39.99 -13.90 59.83
N ALA G 287 -39.08 -14.08 58.87
CA ALA G 287 -39.29 -13.59 57.51
C ALA G 287 -40.22 -14.45 56.68
N PHE G 288 -40.55 -15.66 57.13
CA PHE G 288 -41.38 -16.58 56.36
C PHE G 288 -42.84 -16.49 56.77
N THR G 289 -43.71 -16.52 55.75
CA THR G 289 -45.15 -16.49 55.92
C THR G 289 -45.73 -17.85 55.52
N ARG G 290 -46.70 -18.33 56.29
CA ARG G 290 -47.31 -19.62 56.00
C ARG G 290 -48.06 -19.58 54.67
N ILE G 291 -48.18 -20.76 54.05
CA ILE G 291 -48.82 -20.86 52.74
C ILE G 291 -50.24 -20.28 52.79
N SER G 292 -51.01 -20.69 53.81
CA SER G 292 -52.40 -20.24 53.89
C SER G 292 -52.54 -18.74 54.15
N GLU G 293 -51.47 -18.07 54.58
CA GLU G 293 -51.54 -16.64 54.84
C GLU G 293 -51.16 -15.79 53.64
N THR G 294 -50.70 -16.40 52.55
CA THR G 294 -50.31 -15.69 51.33
C THR G 294 -51.33 -15.91 50.21
N PRO G 295 -51.36 -15.01 49.23
CA PRO G 295 -52.30 -15.18 48.11
C PRO G 295 -51.97 -16.40 47.27
N THR G 296 -53.02 -17.05 46.77
CA THR G 296 -52.89 -18.21 45.89
C THR G 296 -52.96 -17.74 44.44
N VAL G 297 -51.99 -18.14 43.63
CA VAL G 297 -51.87 -17.73 42.23
C VAL G 297 -52.05 -18.94 41.34
N SER G 298 -52.96 -18.83 40.37
CA SER G 298 -53.22 -19.92 39.43
C SER G 298 -53.65 -19.32 38.10
N ASP G 299 -54.03 -20.19 37.16
CA ASP G 299 -54.49 -19.78 35.82
C ASP G 299 -53.46 -18.89 35.12
N LEU G 300 -52.19 -19.27 35.21
CA LEU G 300 -51.10 -18.48 34.65
C LEU G 300 -50.90 -18.72 33.15
N GLU G 301 -50.67 -17.64 32.42
CA GLU G 301 -50.36 -17.70 30.98
C GLU G 301 -49.31 -16.65 30.71
N CYS G 302 -48.16 -17.07 30.16
CA CYS G 302 -47.02 -16.19 29.91
C CYS G 302 -46.83 -15.97 28.42
N LYS G 303 -46.86 -14.69 28.01
CA LYS G 303 -46.68 -14.29 26.62
C LYS G 303 -45.51 -13.34 26.51
N ILE G 304 -44.51 -13.70 25.71
CA ILE G 304 -43.39 -12.82 25.44
C ILE G 304 -43.77 -11.85 24.34
N THR G 305 -43.77 -10.56 24.65
CA THR G 305 -44.19 -9.54 23.70
C THR G 305 -43.03 -8.92 22.92
N GLU G 306 -41.82 -8.97 23.47
CA GLU G 306 -40.64 -8.46 22.81
C GLU G 306 -39.44 -9.24 23.32
N CYS G 307 -38.45 -9.44 22.45
CA CYS G 307 -37.24 -10.11 22.89
C CYS G 307 -36.09 -9.85 21.93
N THR G 308 -34.96 -9.45 22.49
CA THR G 308 -33.69 -9.33 21.79
C THR G 308 -32.67 -9.92 22.74
N TYR G 309 -31.77 -10.76 22.22
CA TYR G 309 -30.76 -11.33 23.10
C TYR G 309 -29.58 -10.39 23.28
N ALA G 310 -29.89 -9.16 23.67
CA ALA G 310 -28.89 -8.14 23.96
C ALA G 310 -28.41 -8.28 25.40
N PHE G 311 -27.26 -7.67 25.68
CA PHE G 311 -26.69 -7.74 27.02
C PHE G 311 -27.61 -7.09 28.05
N ASP G 312 -28.41 -6.11 27.64
CA ASP G 312 -29.35 -5.47 28.55
C ASP G 312 -30.57 -6.37 28.73
N PHE G 313 -31.56 -5.88 29.49
CA PHE G 313 -32.83 -6.58 29.66
C PHE G 313 -33.68 -6.35 28.42
N GLY G 314 -33.31 -7.04 27.35
CA GLY G 314 -33.97 -6.90 26.06
C GLY G 314 -35.29 -7.63 25.90
N GLY G 315 -35.68 -8.47 26.85
CA GLY G 315 -36.93 -9.19 26.79
C GLY G 315 -38.03 -8.59 27.64
N ILE G 316 -39.27 -8.69 27.14
CA ILE G 316 -40.47 -8.25 27.84
C ILE G 316 -41.53 -9.34 27.70
N ALA G 317 -42.18 -9.69 28.81
CA ALA G 317 -43.22 -10.70 28.80
C ALA G 317 -44.39 -10.23 29.64
N THR G 318 -45.59 -10.67 29.24
CA THR G 318 -46.83 -10.36 29.94
C THR G 318 -47.45 -11.66 30.45
N VAL G 319 -47.77 -11.70 31.74
CA VAL G 319 -48.31 -12.89 32.38
C VAL G 319 -49.74 -12.62 32.84
N ALA G 320 -50.68 -13.37 32.30
CA ALA G 320 -52.08 -13.33 32.73
C ALA G 320 -52.28 -14.29 33.90
N TYR G 321 -53.15 -13.92 34.83
CA TYR G 321 -53.29 -14.71 36.04
C TYR G 321 -54.65 -14.48 36.70
N LYS G 322 -54.97 -15.39 37.62
CA LYS G 322 -56.06 -15.25 38.58
C LYS G 322 -55.50 -15.60 39.95
N SER G 323 -55.84 -14.82 40.96
CA SER G 323 -55.31 -15.08 42.30
C SER G 323 -56.26 -14.57 43.37
N SER G 324 -56.17 -15.19 44.55
CA SER G 324 -56.93 -14.77 45.72
C SER G 324 -56.16 -13.76 46.57
N LYS G 325 -56.91 -13.01 47.36
CA LYS G 325 -56.38 -12.06 48.34
C LYS G 325 -55.69 -10.84 47.74
N ALA G 326 -55.39 -10.87 46.44
CA ALA G 326 -54.81 -9.73 45.72
C ALA G 326 -53.64 -9.09 46.48
N GLY G 327 -52.63 -9.89 46.79
CA GLY G 327 -51.47 -9.43 47.50
C GLY G 327 -50.22 -9.34 46.63
N ASN G 328 -49.09 -9.12 47.30
CA ASN G 328 -47.79 -9.06 46.65
C ASN G 328 -47.27 -10.48 46.41
N CYS G 329 -46.56 -10.67 45.29
CA CYS G 329 -46.10 -12.01 44.92
C CYS G 329 -44.68 -12.01 44.33
N PRO G 330 -43.73 -12.70 44.97
CA PRO G 330 -42.38 -12.83 44.40
C PRO G 330 -42.36 -13.49 43.01
N ILE G 331 -41.42 -13.02 42.19
CA ILE G 331 -41.22 -13.51 40.82
C ILE G 331 -39.78 -13.96 40.68
N HIS G 332 -39.58 -15.17 40.14
CA HIS G 332 -38.23 -15.67 39.94
C HIS G 332 -38.22 -16.76 38.86
N SER G 333 -37.15 -16.77 38.07
CA SER G 333 -36.92 -17.80 37.05
C SER G 333 -35.74 -18.66 37.46
N PRO G 334 -35.94 -19.85 38.02
CA PRO G 334 -34.79 -20.67 38.42
C PRO G 334 -33.93 -21.13 37.26
N SER G 335 -34.48 -21.18 36.05
CA SER G 335 -33.69 -21.58 34.90
C SER G 335 -32.66 -20.52 34.55
N GLY G 336 -31.51 -20.98 34.05
CA GLY G 336 -30.47 -20.08 33.62
C GLY G 336 -30.74 -19.42 32.29
N VAL G 337 -31.88 -19.76 31.66
CA VAL G 337 -32.22 -19.22 30.35
C VAL G 337 -32.39 -17.70 30.40
N ALA G 338 -33.07 -17.19 31.43
CA ALA G 338 -33.34 -15.76 31.50
C ALA G 338 -33.24 -15.22 32.91
N VAL G 339 -32.70 -14.00 33.02
CA VAL G 339 -32.57 -13.26 34.27
C VAL G 339 -33.70 -12.23 34.33
N ILE G 340 -34.48 -12.26 35.40
CA ILE G 340 -35.65 -11.39 35.53
C ILE G 340 -35.26 -10.08 36.19
N LYS G 341 -35.69 -8.97 35.60
CA LYS G 341 -35.40 -7.66 36.16
C LYS G 341 -36.20 -7.40 37.43
N GLU G 342 -37.51 -7.67 37.38
CA GLU G 342 -38.38 -7.47 38.53
C GLU G 342 -38.20 -8.57 39.57
N ASN G 343 -38.29 -8.19 40.84
CA ASN G 343 -38.20 -9.15 41.94
C ASN G 343 -39.57 -9.61 42.39
N ASP G 344 -40.58 -8.76 42.32
CA ASP G 344 -41.93 -9.13 42.73
C ASP G 344 -42.91 -8.20 42.03
N VAL G 345 -44.19 -8.59 42.06
CA VAL G 345 -45.26 -7.81 41.45
C VAL G 345 -46.43 -7.73 42.41
N THR G 346 -47.29 -6.75 42.15
CA THR G 346 -48.53 -6.55 42.92
C THR G 346 -49.67 -7.17 42.12
N LEU G 347 -50.40 -8.08 42.74
CA LEU G 347 -51.47 -8.80 42.09
C LEU G 347 -52.85 -8.26 42.46
N ALA G 348 -53.76 -8.32 41.49
CA ALA G 348 -55.16 -8.03 41.68
C ALA G 348 -55.94 -9.35 41.75
N GLU G 349 -57.26 -9.26 41.88
CA GLU G 349 -58.06 -10.47 41.88
C GLU G 349 -57.85 -11.25 40.58
N SER G 350 -57.82 -10.53 39.46
CA SER G 350 -57.55 -11.13 38.16
C SER G 350 -56.96 -10.06 37.26
N GLY G 351 -56.18 -10.49 36.29
CA GLY G 351 -55.58 -9.57 35.35
C GLY G 351 -54.28 -10.14 34.80
N SER G 352 -53.36 -9.23 34.47
CA SER G 352 -52.05 -9.62 33.98
C SER G 352 -51.02 -8.59 34.39
N PHE G 353 -49.76 -9.01 34.39
CA PHE G 353 -48.63 -8.16 34.72
C PHE G 353 -47.51 -8.44 33.72
N THR G 354 -46.56 -7.51 33.64
CA THR G 354 -45.41 -7.64 32.77
C THR G 354 -44.12 -7.69 33.57
N PHE G 355 -43.10 -8.28 32.96
CA PHE G 355 -41.76 -8.30 33.53
C PHE G 355 -40.75 -8.24 32.40
N HIS G 356 -39.53 -7.83 32.75
CA HIS G 356 -38.44 -7.70 31.81
C HIS G 356 -37.36 -8.73 32.15
N PHE G 357 -36.68 -9.24 31.12
CA PHE G 357 -35.68 -10.25 31.32
C PHE G 357 -34.57 -10.10 30.28
N SER G 358 -33.42 -10.69 30.59
CA SER G 358 -32.27 -10.72 29.70
C SER G 358 -31.94 -12.17 29.39
N THR G 359 -31.65 -12.45 28.12
CA THR G 359 -31.34 -13.82 27.72
C THR G 359 -30.39 -13.81 26.52
N ALA G 360 -29.54 -14.83 26.48
CA ALA G 360 -28.68 -15.06 25.33
C ALA G 360 -29.32 -15.97 24.30
N ASN G 361 -30.43 -16.61 24.66
CA ASN G 361 -31.06 -17.62 23.82
C ASN G 361 -31.85 -16.99 22.69
N ILE G 362 -31.69 -17.55 21.49
CA ILE G 362 -32.47 -17.12 20.33
C ILE G 362 -33.91 -17.62 20.44
N HIS G 363 -34.14 -18.71 21.17
CA HIS G 363 -35.48 -19.23 21.43
C HIS G 363 -35.63 -19.51 22.92
N PRO G 364 -35.93 -18.48 23.72
CA PRO G 364 -36.09 -18.70 25.16
C PRO G 364 -37.21 -19.67 25.48
N ALA G 365 -36.96 -20.50 26.49
CA ALA G 365 -37.96 -21.43 27.02
C ALA G 365 -37.57 -21.61 28.49
N PHE G 366 -38.26 -20.90 29.37
CA PHE G 366 -37.88 -20.91 30.78
C PHE G 366 -39.09 -20.94 31.68
N LYS G 367 -38.88 -21.50 32.87
CA LYS G 367 -39.89 -21.59 33.90
C LYS G 367 -39.83 -20.33 34.76
N LEU G 368 -40.97 -19.66 34.91
CA LEU G 368 -41.09 -18.49 35.77
C LEU G 368 -41.87 -18.91 37.00
N GLN G 369 -41.26 -18.72 38.17
CA GLN G 369 -41.93 -19.06 39.43
C GLN G 369 -42.67 -17.84 39.97
N VAL G 370 -43.95 -18.04 40.23
CA VAL G 370 -44.83 -17.04 40.83
C VAL G 370 -45.27 -17.63 42.16
N CYS G 371 -45.12 -16.85 43.23
CA CYS G 371 -45.27 -17.37 44.59
C CYS G 371 -46.28 -18.51 44.68
N THR G 372 -45.79 -19.67 45.11
CA THR G 372 -46.51 -20.94 45.23
C THR G 372 -46.90 -21.56 43.90
N SER G 373 -46.64 -20.89 42.77
CA SER G 373 -47.05 -21.41 41.46
C SER G 373 -45.92 -21.19 40.46
N ALA G 374 -46.15 -21.56 39.21
CA ALA G 374 -45.15 -21.39 38.17
C ALA G 374 -45.80 -21.48 36.80
N VAL G 375 -45.14 -20.85 35.83
CA VAL G 375 -45.60 -20.82 34.44
C VAL G 375 -44.39 -20.94 33.53
N THR G 376 -44.59 -21.52 32.36
CA THR G 376 -43.54 -21.69 31.36
C THR G 376 -43.67 -20.63 30.26
N CYS G 377 -42.58 -19.90 30.01
CA CYS G 377 -42.53 -18.85 29.02
C CYS G 377 -41.70 -19.30 27.81
N LYS G 378 -42.24 -19.11 26.61
CA LYS G 378 -41.57 -19.48 25.37
C LYS G 378 -41.69 -18.35 24.35
N GLY G 379 -40.68 -18.20 23.52
CA GLY G 379 -40.70 -17.15 22.51
C GLY G 379 -39.44 -17.18 21.67
N ASP G 380 -39.35 -16.17 20.78
CA ASP G 380 -38.23 -15.99 19.88
C ASP G 380 -37.62 -14.62 20.09
N CYS G 381 -36.30 -14.51 19.86
CA CYS G 381 -35.58 -13.27 20.09
C CYS G 381 -34.77 -12.85 18.87
N LYS G 382 -34.73 -11.55 18.61
CA LYS G 382 -34.01 -10.91 17.52
C LYS G 382 -32.57 -10.60 17.93
N PRO G 383 -31.66 -10.46 16.94
CA PRO G 383 -30.29 -10.11 17.28
C PRO G 383 -30.18 -8.65 17.70
N PRO G 384 -29.21 -8.31 18.54
CA PRO G 384 -29.03 -6.90 18.92
C PRO G 384 -28.51 -6.07 17.76
N LYS G 385 -28.76 -4.77 17.85
CA LYS G 385 -28.31 -3.82 16.83
C LYS G 385 -26.90 -3.31 17.10
N ASP G 386 -26.56 -3.07 18.36
CA ASP G 386 -25.28 -2.48 18.71
C ASP G 386 -24.18 -3.54 18.74
N HIS G 387 -23.10 -3.28 18.00
CA HIS G 387 -21.99 -4.23 17.98
C HIS G 387 -21.21 -4.21 19.28
N ILE G 388 -21.00 -3.02 19.84
CA ILE G 388 -20.21 -2.82 21.05
C ILE G 388 -21.04 -2.04 22.06
N VAL G 389 -21.01 -2.49 23.31
CA VAL G 389 -21.71 -1.83 24.40
C VAL G 389 -20.73 -1.58 25.53
N ASP G 390 -21.08 -0.62 26.39
CA ASP G 390 -20.23 -0.21 27.50
C ASP G 390 -20.67 -0.81 28.83
N TYR G 391 -21.42 -1.91 28.80
CA TYR G 391 -21.87 -2.58 30.01
C TYR G 391 -21.74 -4.08 29.83
N ALA G 392 -21.55 -4.78 30.94
CA ALA G 392 -21.41 -6.22 30.91
C ALA G 392 -22.77 -6.91 30.70
N ALA G 393 -22.70 -8.12 30.18
CA ALA G 393 -23.91 -8.91 29.97
C ALA G 393 -24.55 -9.30 31.29
N GLN G 394 -25.88 -9.24 31.33
CA GLN G 394 -26.65 -9.64 32.49
C GLN G 394 -26.94 -11.13 32.51
N HIS G 395 -26.63 -11.85 31.43
CA HIS G 395 -26.95 -13.26 31.28
C HIS G 395 -25.70 -14.06 30.98
N THR G 396 -25.81 -15.38 31.15
CA THR G 396 -24.74 -16.31 30.85
C THR G 396 -25.15 -17.14 29.63
N GLU G 397 -24.31 -17.12 28.60
CA GLU G 397 -24.56 -17.91 27.40
C GLU G 397 -24.17 -19.37 27.62
N SER G 398 -25.00 -20.28 27.12
CA SER G 398 -24.76 -21.71 27.18
C SER G 398 -24.38 -22.24 25.80
N PHE G 399 -24.06 -23.54 25.76
CA PHE G 399 -23.65 -24.17 24.50
C PHE G 399 -24.75 -24.10 23.44
N THR G 400 -25.99 -24.37 23.81
CA THR G 400 -27.10 -24.44 22.88
C THR G 400 -27.88 -23.13 22.74
N SER G 401 -27.40 -22.05 23.35
CA SER G 401 -28.14 -20.79 23.30
C SER G 401 -28.28 -20.25 21.88
N ALA G 402 -27.28 -20.46 21.03
CA ALA G 402 -27.31 -19.92 19.67
C ALA G 402 -28.08 -20.80 18.67
N ILE G 403 -28.44 -22.02 19.03
CA ILE G 403 -29.04 -22.94 18.06
C ILE G 403 -30.49 -22.57 17.82
N SER G 404 -30.80 -22.16 16.59
CA SER G 404 -32.16 -21.80 16.19
C SER G 404 -32.98 -23.05 15.90
N ALA G 405 -34.29 -22.87 15.80
CA ALA G 405 -35.17 -23.98 15.46
C ALA G 405 -34.82 -24.55 14.09
N THR G 406 -34.45 -23.69 13.15
CA THR G 406 -34.00 -24.17 11.85
C THR G 406 -32.73 -25.01 11.99
N ALA G 407 -31.79 -24.55 12.82
CA ALA G 407 -30.58 -25.33 13.05
C ALA G 407 -30.88 -26.63 13.76
N TRP G 408 -31.76 -26.62 14.75
CA TRP G 408 -32.12 -27.86 15.44
C TRP G 408 -32.76 -28.85 14.48
N SER G 409 -33.60 -28.37 13.56
CA SER G 409 -34.19 -29.25 12.57
C SER G 409 -33.13 -29.93 11.73
N TRP G 410 -32.15 -29.16 11.25
CA TRP G 410 -31.07 -29.74 10.46
C TRP G 410 -30.26 -30.73 11.29
N ILE G 411 -29.95 -30.39 12.53
CA ILE G 411 -29.18 -31.30 13.39
C ILE G 411 -29.96 -32.59 13.60
N LYS G 412 -31.26 -32.48 13.90
CA LYS G 412 -32.07 -33.67 14.08
C LYS G 412 -32.22 -34.48 12.79
N VAL G 413 -32.33 -33.81 11.65
CA VAL G 413 -32.45 -34.52 10.39
C VAL G 413 -31.17 -35.28 10.06
N LEU G 414 -30.01 -34.63 10.21
CA LEU G 414 -28.76 -35.32 9.93
C LEU G 414 -28.56 -36.50 10.87
N VAL G 415 -28.84 -36.31 12.15
CA VAL G 415 -28.72 -37.41 13.10
C VAL G 415 -29.77 -38.49 12.81
N GLY G 416 -31.01 -38.07 12.57
CA GLY G 416 -32.06 -39.03 12.27
C GLY G 416 -31.83 -39.73 10.95
N GLY G 417 -31.32 -39.01 9.94
CA GLY G 417 -31.05 -39.64 8.66
C GLY G 417 -30.04 -40.76 8.75
N THR G 418 -28.89 -40.50 9.37
CA THR G 418 -27.87 -41.53 9.49
C THR G 418 -28.31 -42.64 10.44
N SER G 419 -28.99 -42.29 11.53
CA SER G 419 -29.44 -43.30 12.47
C SER G 419 -30.41 -44.28 11.80
N ALA G 420 -31.41 -43.75 11.10
CA ALA G 420 -32.36 -44.60 10.41
C ALA G 420 -31.70 -45.36 9.26
N PHE G 421 -30.79 -44.70 8.54
CA PHE G 421 -30.15 -45.33 7.39
C PHE G 421 -29.19 -46.44 7.83
N ILE G 422 -28.40 -46.20 8.87
CA ILE G 422 -27.49 -47.24 9.37
C ILE G 422 -28.30 -48.42 9.90
N VAL G 423 -29.33 -48.14 10.70
CA VAL G 423 -30.15 -49.21 11.25
C VAL G 423 -30.82 -50.01 10.15
N LEU G 424 -31.23 -49.34 9.08
CA LEU G 424 -31.83 -50.08 7.96
C LEU G 424 -30.86 -51.13 7.43
N GLY G 425 -29.59 -50.76 7.25
CA GLY G 425 -28.60 -51.74 6.82
C GLY G 425 -28.45 -52.87 7.83
N LEU G 426 -28.45 -52.53 9.12
CA LEU G 426 -28.37 -53.56 10.15
C LEU G 426 -29.62 -54.41 10.17
N ILE G 427 -30.80 -53.80 10.01
CA ILE G 427 -32.04 -54.57 9.96
C ILE G 427 -32.03 -55.49 8.75
N ALA G 428 -31.65 -54.95 7.59
CA ALA G 428 -31.60 -55.77 6.39
C ALA G 428 -30.65 -56.95 6.58
N THR G 429 -29.50 -56.72 7.19
CA THR G 429 -28.54 -57.80 7.44
C THR G 429 -29.12 -58.86 8.36
N ALA G 430 -29.81 -58.44 9.42
CA ALA G 430 -30.40 -59.41 10.35
C ALA G 430 -31.49 -60.24 9.68
N VAL G 431 -32.31 -59.61 8.84
CA VAL G 431 -33.39 -60.34 8.17
C VAL G 431 -32.85 -61.31 7.13
N VAL G 432 -31.89 -60.88 6.32
CA VAL G 432 -31.37 -61.76 5.28
C VAL G 432 -30.65 -62.95 5.91
N ALA G 433 -29.94 -62.73 7.01
CA ALA G 433 -29.29 -63.84 7.69
C ALA G 433 -30.32 -64.87 8.16
N LEU G 434 -31.47 -64.39 8.64
CA LEU G 434 -32.54 -65.29 9.06
C LEU G 434 -33.17 -66.00 7.86
N VAL G 435 -33.32 -65.29 6.74
CA VAL G 435 -33.88 -65.92 5.54
C VAL G 435 -33.00 -67.08 5.09
N LEU G 436 -31.68 -66.88 5.08
CA LEU G 436 -30.78 -67.96 4.71
C LEU G 436 -30.90 -69.12 5.69
N PHE G 437 -31.12 -68.82 6.96
CA PHE G 437 -31.32 -69.88 7.96
C PHE G 437 -32.53 -70.74 7.61
N PHE G 438 -33.64 -70.11 7.23
CA PHE G 438 -34.82 -70.89 6.86
C PHE G 438 -34.68 -71.57 5.50
N HIS G 439 -33.80 -71.08 4.63
CA HIS G 439 -33.54 -71.81 3.39
C HIS G 439 -32.94 -73.17 3.70
N ARG G 440 -32.00 -73.21 4.64
CA ARG G 440 -31.42 -74.48 5.06
C ARG G 440 -32.45 -75.33 5.81
N HIS G 441 -33.34 -74.69 6.55
CA HIS G 441 -34.38 -75.38 7.29
C HIS G 441 -35.76 -75.12 6.69
N ASP H 1 8.68 34.70 59.62
CA ASP H 1 9.99 35.24 59.99
C ASP H 1 11.11 34.44 59.31
N LEU H 2 11.92 35.14 58.52
CA LEU H 2 13.04 34.50 57.84
C LEU H 2 14.26 34.33 58.73
N ASP H 3 14.34 35.07 59.83
CA ASP H 3 15.53 35.01 60.68
C ASP H 3 15.80 33.61 61.20
N THR H 4 14.75 32.81 61.41
CA THR H 4 14.91 31.45 61.91
C THR H 4 15.39 30.46 60.86
N HIS H 5 15.37 30.83 59.57
CA HIS H 5 15.84 29.93 58.53
C HIS H 5 17.31 30.12 58.19
N PHE H 6 17.95 31.17 58.71
CA PHE H 6 19.34 31.47 58.41
C PHE H 6 20.26 31.37 59.63
N THR H 7 19.79 30.84 60.75
CA THR H 7 20.63 30.80 61.94
C THR H 7 21.91 30.01 61.73
N GLN H 8 21.86 28.94 60.93
CA GLN H 8 23.05 28.15 60.65
C GLN H 8 23.84 28.70 59.46
N TYR H 9 23.15 29.26 58.47
CA TYR H 9 23.84 29.83 57.31
C TYR H 9 24.63 31.07 57.69
N LYS H 10 24.22 31.78 58.74
CA LYS H 10 24.99 32.91 59.23
C LYS H 10 26.35 32.48 59.77
N LEU H 11 26.53 31.20 60.08
CA LEU H 11 27.79 30.67 60.55
C LEU H 11 28.71 30.23 59.44
N ALA H 12 28.24 30.19 58.19
CA ALA H 12 29.03 29.79 57.05
C ALA H 12 29.29 30.99 56.15
N ARG H 13 30.30 30.85 55.29
CA ARG H 13 30.68 31.89 54.35
C ARG H 13 30.77 31.34 52.94
N PRO H 14 30.74 32.20 51.94
CA PRO H 14 31.01 31.76 50.56
C PRO H 14 32.47 31.36 50.42
N TYR H 15 32.75 30.65 49.32
CA TYR H 15 34.11 30.22 49.03
C TYR H 15 34.32 30.26 47.52
N ILE H 16 35.58 30.21 47.12
CA ILE H 16 35.99 30.19 45.73
C ILE H 16 36.46 28.77 45.41
N ALA H 17 35.95 28.21 44.32
CA ALA H 17 36.30 26.85 43.93
C ALA H 17 36.39 26.77 42.41
N ASP H 18 37.04 25.71 41.94
CA ASP H 18 37.21 25.49 40.52
C ASP H 18 35.88 25.43 39.78
N CYS H 19 35.84 26.07 38.61
CA CYS H 19 34.68 26.04 37.74
C CYS H 19 35.14 25.61 36.35
N PRO H 20 34.50 24.59 35.74
CA PRO H 20 34.94 24.16 34.41
C PRO H 20 34.94 25.24 33.35
N ASN H 21 33.98 26.19 33.40
CA ASN H 21 33.90 27.26 32.41
C ASN H 21 33.55 28.56 33.11
N CYS H 22 34.51 29.48 33.14
CA CYS H 22 34.29 30.85 33.57
C CYS H 22 34.28 31.64 32.26
N GLY H 23 33.13 31.71 31.62
CA GLY H 23 33.10 32.26 30.29
C GLY H 23 33.69 31.29 29.29
N HIS H 24 34.86 31.62 28.75
CA HIS H 24 35.51 30.76 27.76
C HIS H 24 36.53 29.79 28.34
N SER H 25 36.89 29.87 29.62
CA SER H 25 37.92 28.99 30.14
C SER H 25 37.69 28.69 31.61
N ARG H 26 38.35 27.63 32.07
CA ARG H 26 38.26 27.19 33.46
C ARG H 26 38.91 28.21 34.38
N CYS H 27 38.31 28.44 35.55
CA CYS H 27 38.88 29.35 36.52
C CYS H 27 38.35 29.02 37.90
N ASP H 28 38.88 29.72 38.90
CA ASP H 28 38.40 29.63 40.28
C ASP H 28 37.26 30.64 40.40
N SER H 29 36.03 30.15 40.39
CA SER H 29 34.87 31.02 40.36
C SER H 29 34.29 31.25 41.75
N PRO H 30 33.82 32.47 42.04
CA PRO H 30 33.17 32.73 43.33
C PRO H 30 31.75 32.20 43.40
N ILE H 31 31.18 31.76 42.28
CA ILE H 31 29.83 31.19 42.21
C ILE H 31 29.91 29.81 41.56
N ALA H 32 30.97 29.08 41.85
CA ALA H 32 31.14 27.75 41.28
C ALA H 32 29.97 26.86 41.64
N ILE H 33 29.59 25.99 40.70
CA ILE H 33 28.47 25.08 40.88
C ILE H 33 28.97 23.78 41.49
N GLU H 34 28.40 23.42 42.64
CA GLU H 34 28.75 22.18 43.33
C GLU H 34 27.86 21.02 42.91
N GLU H 35 26.58 21.27 42.71
CA GLU H 35 25.63 20.22 42.38
C GLU H 35 24.46 20.83 41.62
N VAL H 36 23.90 20.05 40.70
CA VAL H 36 22.65 20.38 40.03
C VAL H 36 21.69 19.22 40.28
N ARG H 37 20.56 19.53 40.91
CA ARG H 37 19.51 18.57 41.16
C ARG H 37 18.42 18.79 40.13
N GLY H 38 18.19 17.80 39.27
CA GLY H 38 17.21 17.94 38.20
C GLY H 38 16.29 16.74 38.07
N ASP H 39 15.87 16.18 39.18
CA ASP H 39 15.01 15.00 39.18
C ASP H 39 13.53 15.33 39.34
N ALA H 40 13.17 16.61 39.41
CA ALA H 40 11.76 16.97 39.47
C ALA H 40 11.11 16.76 38.12
N HIS H 41 9.78 16.73 38.09
CA HIS H 41 9.08 16.40 36.87
C HIS H 41 9.07 17.51 35.83
N ALA H 42 8.72 18.73 36.21
CA ALA H 42 8.47 19.78 35.21
C ALA H 42 9.44 20.95 35.34
N GLY H 43 10.64 20.76 34.80
CA GLY H 43 11.62 21.82 34.63
C GLY H 43 12.32 22.34 35.87
N VAL H 44 11.89 21.95 37.08
CA VAL H 44 12.49 22.52 38.28
C VAL H 44 13.83 21.85 38.54
N ILE H 45 14.88 22.65 38.71
CA ILE H 45 16.19 22.17 39.09
C ILE H 45 16.66 23.01 40.27
N ARG H 46 17.46 22.40 41.13
CA ARG H 46 18.05 23.07 42.28
C ARG H 46 19.56 23.03 42.12
N ILE H 47 20.20 24.20 42.20
CA ILE H 47 21.63 24.35 41.97
C ILE H 47 22.30 24.81 43.25
N GLN H 48 23.32 24.07 43.68
CA GLN H 48 24.15 24.46 44.81
C GLN H 48 25.39 25.15 44.28
N THR H 49 25.69 26.32 44.83
CA THR H 49 26.82 27.12 44.41
C THR H 49 27.71 27.40 45.61
N SER H 50 28.83 28.10 45.34
CA SER H 50 29.71 28.53 46.41
C SER H 50 29.33 29.89 46.98
N ALA H 51 28.37 30.58 46.37
CA ALA H 51 27.94 31.90 46.82
C ALA H 51 26.81 31.77 47.83
N MET H 52 26.65 32.83 48.63
CA MET H 52 25.60 32.92 49.63
C MET H 52 24.53 33.88 49.14
N PHE H 53 23.27 33.45 49.23
CA PHE H 53 22.14 34.26 48.83
C PHE H 53 21.22 34.52 50.02
N GLY H 54 20.72 35.75 50.12
CA GLY H 54 19.82 36.11 51.18
C GLY H 54 20.48 36.66 52.43
N LEU H 55 21.80 36.69 52.49
CA LEU H 55 22.52 37.18 53.65
C LEU H 55 23.37 38.39 53.28
N LYS H 56 23.45 39.33 54.20
CA LYS H 56 24.33 40.48 54.10
C LYS H 56 25.08 40.62 55.42
N THR H 57 26.06 41.52 55.46
CA THR H 57 26.86 41.68 56.66
C THR H 57 26.05 42.11 57.87
N ASP H 58 24.84 42.63 57.67
CA ASP H 58 24.00 43.10 58.77
C ASP H 58 22.88 42.12 59.12
N GLY H 59 22.79 40.98 58.44
CA GLY H 59 21.74 40.03 58.72
C GLY H 59 21.09 39.43 57.48
N VAL H 60 19.83 39.04 57.60
CA VAL H 60 19.09 38.43 56.51
C VAL H 60 18.47 39.51 55.63
N ASP H 61 18.60 39.33 54.32
CA ASP H 61 17.94 40.20 53.35
C ASP H 61 17.89 39.44 52.04
N LEU H 62 16.69 39.05 51.61
CA LEU H 62 16.57 38.25 50.38
C LEU H 62 16.95 39.03 49.13
N ALA H 63 17.11 40.34 49.22
CA ALA H 63 17.54 41.14 48.09
C ALA H 63 19.06 41.23 47.98
N TYR H 64 19.79 40.73 48.97
CA TYR H 64 21.23 40.80 49.02
C TYR H 64 21.88 39.45 48.75
N MET H 65 23.14 39.52 48.32
CA MET H 65 23.97 38.39 47.99
C MET H 65 25.36 38.61 48.56
N SER H 66 26.04 37.52 48.89
CA SER H 66 27.40 37.58 49.40
C SER H 66 28.27 36.57 48.66
N PHE H 67 29.50 37.00 48.36
CA PHE H 67 30.46 36.15 47.67
C PHE H 67 31.85 36.57 48.12
N MET H 68 32.83 35.71 47.86
CA MET H 68 34.21 36.00 48.22
C MET H 68 34.91 36.74 47.10
N ASN H 69 35.66 37.78 47.46
CA ASN H 69 36.49 38.55 46.56
C ASN H 69 37.92 38.32 47.04
N GLY H 70 38.53 37.26 46.55
CA GLY H 70 39.82 36.87 47.09
C GLY H 70 39.65 36.36 48.52
N LYS H 71 40.42 36.92 49.44
CA LYS H 71 40.31 36.54 50.85
C LYS H 71 39.25 37.32 51.61
N THR H 72 38.66 38.35 50.99
CA THR H 72 37.67 39.20 51.65
C THR H 72 36.27 38.88 51.14
N GLN H 73 35.34 38.69 52.07
CA GLN H 73 33.95 38.44 51.72
C GLN H 73 33.27 39.76 51.35
N LYS H 74 32.58 39.76 50.21
CA LYS H 74 31.91 40.95 49.71
C LYS H 74 30.41 40.71 49.66
N SER H 75 29.64 41.74 50.02
CA SER H 75 28.18 41.68 50.03
C SER H 75 27.62 42.74 49.10
N ILE H 76 26.76 42.30 48.17
CA ILE H 76 26.14 43.18 47.19
C ILE H 76 24.67 42.84 47.07
N LYS H 77 23.91 43.76 46.46
CA LYS H 77 22.55 43.45 46.09
C LYS H 77 22.56 42.55 44.86
N ILE H 78 21.59 41.66 44.78
CA ILE H 78 21.52 40.76 43.63
C ILE H 78 21.33 41.58 42.37
N ASP H 79 22.23 41.39 41.40
CA ASP H 79 22.21 42.13 40.15
C ASP H 79 22.27 41.14 39.00
N ASN H 80 21.14 40.96 38.32
CA ASN H 80 21.01 40.04 37.19
C ASN H 80 21.52 38.64 37.51
N LEU H 81 21.18 38.14 38.70
CA LEU H 81 21.45 36.74 38.99
C LEU H 81 20.61 35.90 38.04
N HIS H 82 21.25 34.95 37.35
CA HIS H 82 20.52 34.19 36.35
C HIS H 82 21.00 32.75 36.28
N VAL H 83 20.13 31.92 35.72
CA VAL H 83 20.40 30.51 35.45
C VAL H 83 19.99 30.28 34.00
N ARG H 84 20.79 29.52 33.27
CA ARG H 84 20.52 29.28 31.86
C ARG H 84 20.85 27.84 31.49
N THR H 85 19.92 27.18 30.76
CA THR H 85 20.14 25.83 30.21
C THR H 85 19.60 25.85 28.78
N SER H 86 20.44 26.31 27.86
CA SER H 86 20.06 26.47 26.46
C SER H 86 19.08 27.63 26.27
N ALA H 87 18.50 28.12 27.35
CA ALA H 87 17.61 29.26 27.32
C ALA H 87 17.49 29.81 28.74
N PRO H 88 17.07 31.07 28.90
CA PRO H 88 16.94 31.62 30.25
C PRO H 88 15.96 30.82 31.09
N CYS H 89 16.32 30.63 32.36
CA CYS H 89 15.48 29.94 33.33
C CYS H 89 14.83 30.94 34.27
N SER H 90 13.63 30.60 34.71
CA SER H 90 12.93 31.43 35.69
C SER H 90 13.43 31.08 37.08
N LEU H 91 13.78 32.09 37.86
CA LEU H 91 14.24 31.87 39.23
C LEU H 91 13.04 31.81 40.16
N VAL H 92 13.04 30.82 41.04
CA VAL H 92 11.95 30.63 41.98
C VAL H 92 12.28 31.23 43.34
N SER H 93 13.43 30.88 43.88
CA SER H 93 13.90 31.42 45.16
C SER H 93 15.36 31.05 45.31
N HIS H 94 16.02 31.67 46.29
CA HIS H 94 17.41 31.42 46.59
C HIS H 94 17.60 31.42 48.09
N HIS H 95 18.54 30.60 48.57
CA HIS H 95 18.76 30.47 50.00
C HIS H 95 20.15 29.90 50.22
N GLY H 96 20.99 30.64 50.94
CA GLY H 96 22.33 30.15 51.24
C GLY H 96 23.09 29.82 49.97
N TYR H 97 23.55 28.58 49.87
CA TYR H 97 24.29 28.11 48.70
C TYR H 97 23.38 27.66 47.56
N TYR H 98 22.06 27.70 47.72
CA TYR H 98 21.15 27.07 46.77
C TYR H 98 20.33 28.07 45.97
N ILE H 99 20.09 27.71 44.71
CA ILE H 99 19.25 28.45 43.78
C ILE H 99 18.20 27.48 43.26
N LEU H 100 16.94 27.92 43.24
CA LEU H 100 15.85 27.14 42.67
C LEU H 100 15.41 27.83 41.39
N ALA H 101 15.32 27.07 40.30
CA ALA H 101 14.95 27.64 39.01
C ALA H 101 14.16 26.63 38.19
N GLN H 102 13.38 27.16 37.26
CA GLN H 102 12.60 26.38 36.29
C GLN H 102 13.30 26.49 34.94
N CYS H 103 13.93 25.40 34.50
CA CYS H 103 14.76 25.43 33.30
C CYS H 103 14.22 24.55 32.18
N PRO H 104 14.35 24.98 30.92
CA PRO H 104 14.04 24.11 29.79
C PRO H 104 15.15 23.08 29.60
N PRO H 105 14.90 22.04 28.81
CA PRO H 105 15.95 21.03 28.59
C PRO H 105 17.20 21.66 28.00
N GLY H 106 18.35 21.07 28.33
CA GLY H 106 19.61 21.56 27.82
C GLY H 106 20.75 20.65 28.19
N ASP H 107 21.90 20.89 27.58
CA ASP H 107 23.10 20.10 27.80
C ASP H 107 24.04 20.72 28.83
N THR H 108 23.83 21.98 29.20
CA THR H 108 24.67 22.69 30.15
C THR H 108 23.79 23.42 31.15
N VAL H 109 24.40 23.79 32.27
CA VAL H 109 23.75 24.63 33.28
C VAL H 109 24.68 25.80 33.57
N THR H 110 24.21 27.00 33.30
CA THR H 110 24.98 28.22 33.51
C THR H 110 24.36 29.05 34.61
N VAL H 111 25.19 29.51 35.54
CA VAL H 111 24.77 30.37 36.64
C VAL H 111 25.75 31.54 36.69
N GLY H 112 25.22 32.73 36.97
CA GLY H 112 26.09 33.89 37.06
C GLY H 112 25.36 35.08 37.64
N PHE H 113 26.15 36.13 37.90
CA PHE H 113 25.64 37.36 38.49
C PHE H 113 26.55 38.50 38.09
N HIS H 114 26.08 39.73 38.31
CA HIS H 114 26.84 40.93 38.04
C HIS H 114 27.27 41.60 39.33
N ASP H 115 28.45 42.24 39.28
CA ASP H 115 28.97 43.04 40.39
C ASP H 115 29.50 44.32 39.76
N GLY H 116 28.62 45.32 39.63
CA GLY H 116 28.97 46.53 38.94
C GLY H 116 29.35 46.22 37.50
N PRO H 117 30.55 46.62 37.07
CA PRO H 117 30.97 46.29 35.70
C PRO H 117 31.43 44.84 35.53
N ASN H 118 31.58 44.09 36.60
CA ASN H 118 32.05 42.72 36.56
C ASN H 118 30.91 41.74 36.35
N ARG H 119 31.21 40.63 35.65
CA ARG H 119 30.27 39.54 35.44
C ARG H 119 30.95 38.23 35.83
N HIS H 120 30.35 37.51 36.76
CA HIS H 120 30.87 36.23 37.25
C HIS H 120 29.89 35.13 36.87
N THR H 121 30.34 34.19 36.04
CA THR H 121 29.50 33.07 35.62
C THR H 121 30.24 31.76 35.79
N CYS H 122 29.47 30.67 35.79
CA CYS H 122 30.01 29.32 35.86
C CYS H 122 29.10 28.39 35.10
N THR H 123 29.65 27.70 34.09
CA THR H 123 28.90 26.75 33.28
C THR H 123 29.46 25.35 33.45
N VAL H 124 28.58 24.38 33.68
CA VAL H 124 28.96 22.99 33.86
C VAL H 124 28.15 22.13 32.90
N ALA H 125 28.75 21.07 32.39
CA ALA H 125 28.02 20.12 31.55
C ALA H 125 27.09 19.30 32.42
N HIS H 126 25.80 19.35 32.13
CA HIS H 126 24.79 18.63 32.89
C HIS H 126 23.54 18.55 32.05
N LYS H 127 23.07 17.34 31.78
CA LYS H 127 21.88 17.17 30.95
C LYS H 127 20.64 17.44 31.79
N VAL H 128 19.88 18.45 31.40
CA VAL H 128 18.63 18.80 32.05
C VAL H 128 17.51 18.33 31.13
N GLU H 129 16.61 17.52 31.67
CA GLU H 129 15.53 16.93 30.90
C GLU H 129 14.19 17.38 31.46
N PHE H 130 13.22 17.54 30.57
CA PHE H 130 11.85 17.81 30.97
C PHE H 130 11.16 16.46 31.16
N ARG H 131 10.50 16.28 32.29
CA ARG H 131 9.87 15.02 32.64
C ARG H 131 8.36 15.19 32.78
N PRO H 132 7.60 15.07 31.69
CA PRO H 132 6.15 15.15 31.83
C PRO H 132 5.65 14.01 32.72
N VAL H 133 4.64 14.31 33.53
CA VAL H 133 4.03 13.33 34.40
C VAL H 133 2.77 12.83 33.72
N GLY H 134 2.62 11.51 33.67
CA GLY H 134 1.45 10.92 33.05
C GLY H 134 1.79 10.06 31.85
N ARG H 135 0.81 9.87 30.97
CA ARG H 135 0.95 9.00 29.81
C ARG H 135 1.03 9.79 28.51
N GLU H 136 1.41 11.06 28.58
CA GLU H 136 1.58 11.94 27.43
C GLU H 136 2.89 12.70 27.59
N LYS H 137 3.69 12.74 26.53
CA LYS H 137 5.00 13.39 26.57
C LYS H 137 4.93 14.84 26.09
N TYR H 138 4.37 15.69 26.96
CA TYR H 138 4.31 17.11 26.66
C TYR H 138 5.66 17.76 26.95
N ARG H 139 5.91 18.89 26.29
CA ARG H 139 7.19 19.57 26.37
C ARG H 139 7.18 20.81 27.25
N HIS H 140 6.02 21.19 27.80
CA HIS H 140 5.97 22.35 28.68
C HIS H 140 4.69 22.25 29.49
N PRO H 141 4.68 22.66 30.76
CA PRO H 141 3.47 22.51 31.58
C PRO H 141 2.24 23.08 30.88
N PRO H 142 1.16 22.30 30.80
CA PRO H 142 -0.05 22.78 30.12
C PRO H 142 -0.79 23.83 30.93
N GLU H 143 -1.58 24.61 30.20
CA GLU H 143 -2.47 25.57 30.84
C GLU H 143 -3.61 24.87 31.55
N HIS H 144 -4.05 23.73 31.00
CA HIS H 144 -5.14 22.96 31.55
C HIS H 144 -4.93 21.49 31.21
N GLY H 145 -5.63 20.63 31.94
CA GLY H 145 -5.55 19.20 31.72
C GLY H 145 -5.97 18.45 32.97
N VAL H 146 -5.36 17.28 33.15
CA VAL H 146 -5.61 16.44 34.31
C VAL H 146 -4.47 16.64 35.31
N GLU H 147 -4.82 16.86 36.57
CA GLU H 147 -3.85 17.08 37.63
C GLU H 147 -3.41 15.74 38.21
N LEU H 148 -2.11 15.47 38.13
CA LEU H 148 -1.53 14.21 38.57
C LEU H 148 -0.47 14.44 39.64
N PRO H 149 -0.28 13.49 40.55
CA PRO H 149 0.79 13.65 41.55
C PRO H 149 2.15 13.63 40.89
N CYS H 150 3.07 14.44 41.40
CA CYS H 150 4.38 14.60 40.78
C CYS H 150 5.42 14.91 41.85
N ASN H 151 6.68 14.87 41.42
CA ASN H 151 7.83 15.20 42.26
C ASN H 151 8.27 16.61 41.93
N ARG H 152 8.39 17.45 42.95
CA ARG H 152 8.81 18.83 42.78
C ARG H 152 9.79 19.19 43.89
N TYR H 153 10.63 20.19 43.61
CA TYR H 153 11.45 20.80 44.65
C TYR H 153 10.63 21.93 45.24
N THR H 154 10.39 21.88 46.54
CA THR H 154 9.53 22.89 47.14
C THR H 154 10.19 24.26 47.10
N HIS H 155 9.37 25.30 47.08
CA HIS H 155 9.83 26.66 47.09
C HIS H 155 10.10 27.18 48.49
N LYS H 156 9.73 26.39 49.51
CA LYS H 156 9.90 26.81 50.89
C LYS H 156 11.36 26.72 51.33
N ARG H 157 11.78 27.68 52.14
CA ARG H 157 13.13 27.75 52.68
C ARG H 157 13.26 27.01 54.01
N ALA H 158 12.18 26.41 54.50
CA ALA H 158 12.17 25.78 55.81
C ALA H 158 13.02 24.51 55.84
N ASP H 159 13.48 24.18 57.05
CA ASP H 159 14.20 22.94 57.30
C ASP H 159 13.22 21.77 57.25
N GLN H 160 13.44 20.83 56.32
CA GLN H 160 12.53 19.72 56.12
C GLN H 160 13.22 18.36 56.25
N GLY H 161 14.24 18.26 57.11
CA GLY H 161 14.87 16.99 57.42
C GLY H 161 16.07 16.60 56.59
N HIS H 162 16.55 17.46 55.70
CA HIS H 162 17.71 17.17 54.87
C HIS H 162 18.81 18.18 55.23
N TYR H 163 20.03 17.69 55.40
CA TYR H 163 21.13 18.53 55.85
C TYR H 163 22.40 18.23 55.06
N VAL H 164 23.28 19.22 55.05
CA VAL H 164 24.63 19.11 54.53
C VAL H 164 25.56 19.56 55.65
N GLU H 165 26.82 19.14 55.57
CA GLU H 165 27.81 19.43 56.60
C GLU H 165 28.64 20.64 56.22
N MET H 166 28.89 21.51 57.21
CA MET H 166 29.79 22.63 57.06
C MET H 166 31.01 22.37 57.95
N HIS H 167 32.20 22.54 57.37
CA HIS H 167 33.44 22.20 58.03
C HIS H 167 34.33 23.42 58.18
N GLN H 168 35.25 23.34 59.12
CA GLN H 168 36.26 24.38 59.27
C GLN H 168 37.09 24.44 57.99
N PRO H 169 37.26 25.61 57.38
CA PRO H 169 37.97 25.66 56.10
C PRO H 169 39.40 25.16 56.21
N GLY H 170 39.88 24.54 55.14
CA GLY H 170 41.25 24.10 55.07
C GLY H 170 42.17 25.28 54.78
N LEU H 171 43.46 24.98 54.65
CA LEU H 171 44.41 26.03 54.36
C LEU H 171 44.08 26.69 53.02
N VAL H 172 44.06 28.01 53.00
CA VAL H 172 43.79 28.78 51.79
C VAL H 172 45.10 29.41 51.33
N ALA H 173 45.59 28.97 50.17
CA ALA H 173 46.80 29.53 49.62
C ALA H 173 46.57 30.98 49.19
N ASP H 174 47.51 31.85 49.52
CA ASP H 174 47.40 33.27 49.16
C ASP H 174 48.81 33.84 49.09
N HIS H 175 49.36 33.95 47.88
CA HIS H 175 50.71 34.50 47.73
C HIS H 175 50.76 36.01 47.94
N SER H 176 49.62 36.69 47.99
CA SER H 176 49.61 38.14 48.17
C SER H 176 50.01 38.54 49.59
N LEU H 177 50.08 37.58 50.51
CA LEU H 177 50.52 37.84 51.87
C LEU H 177 52.03 38.06 51.97
N LEU H 178 52.77 37.79 50.90
CA LEU H 178 54.22 37.89 50.88
C LEU H 178 54.70 39.16 50.20
N SER H 179 55.69 39.81 50.81
CA SER H 179 56.31 41.02 50.26
C SER H 179 57.80 41.01 50.59
N ILE H 180 58.55 41.84 49.89
CA ILE H 180 60.01 41.88 50.05
C ILE H 180 60.45 42.80 51.17
N HIS H 181 59.79 43.94 51.34
CA HIS H 181 60.11 44.90 52.40
C HIS H 181 61.61 45.20 52.33
N SER H 182 62.37 45.03 53.42
CA SER H 182 63.81 45.32 53.45
C SER H 182 64.63 44.16 52.91
N ALA H 183 64.44 43.87 51.62
CA ALA H 183 65.18 42.82 50.92
C ALA H 183 65.07 41.46 51.62
N LYS H 184 63.98 41.27 52.37
CA LYS H 184 63.75 40.02 53.09
C LYS H 184 62.26 39.76 53.06
N VAL H 185 61.88 38.57 52.59
CA VAL H 185 60.47 38.21 52.44
C VAL H 185 59.73 38.43 53.75
N LYS H 186 58.67 39.24 53.70
CA LYS H 186 57.84 39.56 54.84
C LYS H 186 56.47 38.92 54.67
N ILE H 187 55.93 38.40 55.77
CA ILE H 187 54.61 37.79 55.79
C ILE H 187 53.66 38.77 56.47
N THR H 188 52.70 39.29 55.72
CA THR H 188 51.71 40.21 56.24
C THR H 188 50.49 39.41 56.70
N VAL H 189 50.08 39.61 57.94
CA VAL H 189 48.97 38.88 58.54
C VAL H 189 47.78 39.83 58.68
N PRO H 190 46.65 39.56 58.03
CA PRO H 190 45.47 40.41 58.21
C PRO H 190 44.91 40.29 59.62
N SER H 191 44.27 41.36 60.07
CA SER H 191 43.72 41.39 61.42
C SER H 191 42.70 40.27 61.63
N GLY H 192 42.80 39.61 62.79
CA GLY H 192 41.87 38.56 63.15
C GLY H 192 42.16 37.19 62.53
N ALA H 193 43.30 37.01 61.87
CA ALA H 193 43.62 35.74 61.24
C ALA H 193 45.09 35.42 61.44
N GLN H 194 45.42 34.14 61.20
CA GLN H 194 46.77 33.63 61.27
C GLN H 194 47.23 33.23 59.88
N VAL H 195 48.54 33.28 59.65
CA VAL H 195 49.13 32.89 58.38
C VAL H 195 50.15 31.78 58.63
N LYS H 196 49.96 30.65 57.94
CA LYS H 196 50.92 29.56 57.95
C LYS H 196 51.84 29.72 56.74
N TYR H 197 53.14 29.51 56.95
CA TYR H 197 54.11 29.68 55.88
C TYR H 197 55.08 28.50 55.83
N TYR H 198 55.57 28.23 54.62
CA TYR H 198 56.57 27.19 54.36
C TYR H 198 57.57 27.75 53.37
N CYS H 199 58.81 27.96 53.81
CA CYS H 199 59.87 28.52 53.00
C CYS H 199 60.99 27.49 52.89
N LYS H 200 61.49 27.27 51.67
CA LYS H 200 62.54 26.29 51.43
C LYS H 200 63.68 26.91 50.63
N CYS H 201 64.11 28.09 51.02
CA CYS H 201 65.32 28.69 50.49
C CYS H 201 66.48 28.07 51.25
N PRO H 202 67.73 28.49 50.98
CA PRO H 202 68.86 27.87 51.71
C PRO H 202 68.62 27.75 53.21
N ASP H 203 67.95 28.75 53.81
CA ASP H 203 67.55 28.68 55.21
C ASP H 203 66.08 28.28 55.24
N VAL H 204 65.82 27.00 55.48
CA VAL H 204 64.46 26.47 55.47
C VAL H 204 63.74 26.89 56.76
N ARG H 205 62.58 27.50 56.61
CA ARG H 205 61.79 27.98 57.74
C ARG H 205 60.31 27.69 57.49
N LYS H 206 59.60 27.29 58.55
CA LYS H 206 58.18 27.03 58.48
C LYS H 206 57.54 27.33 59.83
N GLY H 207 56.26 27.67 59.82
CA GLY H 207 55.55 27.96 61.05
C GLY H 207 54.28 28.74 60.79
N ILE H 208 53.63 29.09 61.89
CA ILE H 208 52.38 29.86 61.89
C ILE H 208 52.58 31.09 62.75
N THR H 209 52.34 32.26 62.17
CA THR H 209 52.49 33.54 62.86
C THR H 209 51.16 34.30 62.88
N SER H 210 50.84 34.87 64.03
CA SER H 210 49.63 35.68 64.19
C SER H 210 49.87 37.16 63.87
N SER H 211 51.09 37.54 63.54
CA SER H 211 51.40 38.93 63.20
C SER H 211 52.50 38.94 62.15
N ASP H 212 52.88 40.14 61.73
CA ASP H 212 53.89 40.27 60.69
C ASP H 212 55.18 39.56 61.09
N HIS H 213 55.70 38.77 60.16
CA HIS H 213 56.92 38.00 60.38
C HIS H 213 57.81 38.12 59.15
N THR H 214 59.10 38.35 59.38
CA THR H 214 60.09 38.45 58.31
C THR H 214 60.99 37.22 58.36
N THR H 215 61.09 36.53 57.23
CA THR H 215 61.90 35.33 57.13
C THR H 215 63.24 35.65 56.46
N THR H 216 64.10 34.63 56.38
CA THR H 216 65.43 34.79 55.82
C THR H 216 65.49 34.72 54.30
N CYS H 217 64.43 34.30 53.64
CA CYS H 217 64.43 34.22 52.19
C CYS H 217 64.29 35.61 51.57
N THR H 218 64.81 35.77 50.36
CA THR H 218 64.86 37.06 49.68
C THR H 218 63.95 37.17 48.48
N ASP H 219 63.20 36.12 48.13
CA ASP H 219 62.29 36.19 47.00
C ASP H 219 60.98 35.52 47.36
N VAL H 220 59.87 36.15 46.96
CA VAL H 220 58.54 35.64 47.27
C VAL H 220 58.33 34.22 46.75
N LYS H 221 58.85 33.93 45.55
CA LYS H 221 58.62 32.60 44.99
C LYS H 221 59.28 31.51 45.83
N GLN H 222 60.18 31.86 46.74
CA GLN H 222 60.83 30.88 47.61
C GLN H 222 59.95 30.46 48.77
N CYS H 223 58.81 31.12 49.00
CA CYS H 223 57.93 30.82 50.10
C CYS H 223 56.50 30.59 49.62
N ARG H 224 55.73 29.89 50.46
CA ARG H 224 54.30 29.71 50.26
C ARG H 224 53.59 30.16 51.54
N ALA H 225 52.56 30.98 51.38
CA ALA H 225 51.79 31.49 52.51
C ALA H 225 50.37 30.95 52.44
N TYR H 226 49.86 30.52 53.60
CA TYR H 226 48.51 30.00 53.73
C TYR H 226 47.78 30.79 54.80
N LEU H 227 46.53 31.14 54.50
CA LEU H 227 45.70 31.90 55.43
C LEU H 227 44.86 30.96 56.29
N ILE H 228 44.92 31.15 57.60
CA ILE H 228 44.12 30.41 58.56
C ILE H 228 43.08 31.38 59.09
N ASP H 229 41.83 31.18 58.71
CA ASP H 229 40.72 32.05 59.10
C ASP H 229 39.51 31.16 59.36
N ASN H 230 39.24 30.89 60.64
CA ASN H 230 38.20 29.97 61.05
C ASN H 230 36.94 30.67 61.58
N LYS H 231 36.78 31.96 61.31
CA LYS H 231 35.59 32.66 61.79
C LYS H 231 34.33 32.07 61.19
N LYS H 232 34.35 31.75 59.90
CA LYS H 232 33.21 31.19 59.21
C LYS H 232 33.56 29.83 58.64
N TRP H 233 32.58 28.94 58.61
CA TRP H 233 32.73 27.58 58.12
C TRP H 233 32.26 27.48 56.67
N VAL H 234 32.67 26.41 56.00
CA VAL H 234 32.33 26.20 54.61
C VAL H 234 31.81 24.79 54.40
N TYR H 235 31.08 24.62 53.31
CA TYR H 235 30.57 23.31 52.91
C TYR H 235 31.73 22.34 52.67
N ASN H 236 31.48 21.06 52.96
CA ASN H 236 32.46 20.00 52.73
C ASN H 236 32.60 19.77 51.23
N SER H 237 33.10 20.77 50.53
CA SER H 237 33.19 20.75 49.07
C SER H 237 34.30 19.82 48.58
N GLY H 238 34.02 19.09 47.51
CA GLY H 238 35.03 18.25 46.89
C GLY H 238 36.06 19.02 46.09
N ARG H 239 35.86 20.33 45.94
CA ARG H 239 36.76 21.21 45.19
C ARG H 239 37.60 22.09 46.11
N LEU H 240 37.58 21.85 47.41
CA LEU H 240 38.39 22.57 48.39
C LEU H 240 39.31 21.61 49.12
N PRO H 241 40.49 22.07 49.56
CA PRO H 241 41.35 21.19 50.35
C PRO H 241 40.80 20.97 51.75
N ARG H 242 40.93 19.75 52.24
CA ARG H 242 40.47 19.42 53.57
C ARG H 242 41.37 20.02 54.65
N GLY H 243 40.79 20.32 55.79
CA GLY H 243 41.54 20.80 56.92
C GLY H 243 42.18 19.67 57.70
N GLU H 244 42.83 20.04 58.80
CA GLU H 244 43.53 19.07 59.63
C GLU H 244 42.65 18.59 60.78
N GLY H 245 42.74 17.29 61.05
CA GLY H 245 41.94 16.68 62.10
C GLY H 245 40.47 16.55 61.72
N ASP H 246 39.63 16.51 62.74
CA ASP H 246 38.17 16.45 62.56
C ASP H 246 37.67 17.88 62.43
N THR H 247 37.36 18.28 61.20
CA THR H 247 36.94 19.64 60.88
C THR H 247 35.42 19.83 60.88
N PHE H 248 34.63 18.80 61.20
CA PHE H 248 33.19 18.96 61.21
C PHE H 248 32.77 19.93 62.32
N LYS H 249 31.99 20.95 61.95
CA LYS H 249 31.55 21.97 62.88
C LYS H 249 30.04 22.07 63.05
N GLY H 250 29.26 21.71 62.04
CA GLY H 250 27.82 21.78 62.18
C GLY H 250 27.12 21.34 60.91
N LYS H 251 25.80 21.43 60.93
CA LYS H 251 24.96 21.07 59.79
C LYS H 251 24.21 22.28 59.24
N LEU H 252 23.99 22.24 57.93
CA LEU H 252 23.21 23.23 57.21
C LEU H 252 22.04 22.49 56.55
N HIS H 253 20.82 22.97 56.76
CA HIS H 253 19.68 22.33 56.13
C HIS H 253 19.65 22.66 54.64
N VAL H 254 19.04 21.76 53.87
CA VAL H 254 18.83 21.98 52.43
C VAL H 254 17.49 22.67 52.27
N PRO H 255 17.42 23.84 51.65
CA PRO H 255 16.17 24.61 51.69
C PRO H 255 15.06 24.09 50.79
N PHE H 256 15.35 23.62 49.59
CA PHE H 256 14.31 23.26 48.63
C PHE H 256 14.30 21.75 48.45
N VAL H 257 13.69 21.07 49.40
CA VAL H 257 13.62 19.62 49.50
C VAL H 257 12.60 19.05 48.52
N PRO H 258 12.85 17.87 47.93
CA PRO H 258 11.82 17.26 47.09
C PRO H 258 10.56 16.96 47.88
N VAL H 259 9.41 17.26 47.27
CA VAL H 259 8.12 17.02 47.89
C VAL H 259 7.20 16.40 46.85
N LYS H 260 6.16 15.71 47.33
CA LYS H 260 5.10 15.25 46.45
C LYS H 260 4.18 16.43 46.18
N ALA H 261 3.84 16.63 44.92
CA ALA H 261 3.03 17.77 44.52
C ALA H 261 2.09 17.35 43.41
N LYS H 262 1.16 18.23 43.09
CA LYS H 262 0.21 18.02 42.00
C LYS H 262 0.67 18.83 40.79
N CYS H 263 0.72 18.17 39.64
CA CYS H 263 1.10 18.78 38.38
C CYS H 263 -0.01 18.59 37.36
N ILE H 264 -0.17 19.57 36.48
CA ILE H 264 -1.15 19.48 35.40
C ILE H 264 -0.50 18.74 34.24
N ALA H 265 -1.18 17.72 33.75
CA ALA H 265 -0.75 16.94 32.60
C ALA H 265 -1.77 17.12 31.48
N THR H 266 -1.30 17.00 30.24
CA THR H 266 -2.18 17.20 29.10
C THR H 266 -3.26 16.12 29.04
N LEU H 267 -4.31 16.43 28.29
CA LEU H 267 -5.37 15.49 27.94
C LEU H 267 -5.43 15.40 26.42
N ALA H 268 -5.20 14.21 25.89
CA ALA H 268 -5.24 14.03 24.45
C ALA H 268 -6.67 14.23 23.94
N PRO H 269 -6.84 14.64 22.68
CA PRO H 269 -8.20 14.75 22.14
C PRO H 269 -8.89 13.39 22.22
N GLU H 270 -10.16 13.41 22.59
CA GLU H 270 -10.89 12.16 22.75
C GLU H 270 -10.99 11.45 21.40
N PRO H 271 -10.77 10.13 21.36
CA PRO H 271 -10.79 9.42 20.09
C PRO H 271 -12.18 9.24 19.51
N LEU H 272 -12.24 9.16 18.18
CA LEU H 272 -13.47 8.77 17.50
C LEU H 272 -13.54 7.25 17.54
N VAL H 273 -14.71 6.73 17.88
CA VAL H 273 -14.88 5.29 18.06
C VAL H 273 -15.90 4.79 17.06
N GLU H 274 -15.50 3.82 16.24
CA GLU H 274 -16.36 3.12 15.29
C GLU H 274 -16.50 1.68 15.73
N HIS H 275 -17.69 1.12 15.55
CA HIS H 275 -17.98 -0.24 16.00
C HIS H 275 -18.29 -1.13 14.81
N LYS H 276 -17.64 -2.29 14.78
CA LYS H 276 -17.89 -3.34 13.82
C LYS H 276 -18.08 -4.62 14.62
N HIS H 277 -18.50 -5.68 13.96
CA HIS H 277 -18.72 -6.93 14.67
C HIS H 277 -17.47 -7.36 15.44
N ARG H 278 -17.59 -7.38 16.76
CA ARG H 278 -16.50 -7.78 17.64
C ARG H 278 -15.21 -6.99 17.40
N THR H 279 -15.33 -5.73 16.98
CA THR H 279 -14.16 -4.92 16.69
C THR H 279 -14.36 -3.50 17.20
N LEU H 280 -13.32 -2.98 17.87
CA LEU H 280 -13.28 -1.60 18.34
C LEU H 280 -12.28 -0.85 17.48
N ILE H 281 -12.74 0.21 16.82
CA ILE H 281 -11.90 1.02 15.94
C ILE H 281 -11.77 2.40 16.56
N LEU H 282 -10.53 2.79 16.88
CA LEU H 282 -10.22 4.10 17.45
C LEU H 282 -9.45 4.94 16.43
N HIS H 283 -9.87 6.19 16.26
CA HIS H 283 -9.17 7.15 15.42
C HIS H 283 -8.49 8.12 16.37
N LEU H 284 -7.16 8.03 16.45
CA LEU H 284 -6.37 8.74 17.44
C LEU H 284 -5.64 9.90 16.78
N HIS H 285 -5.83 11.11 17.31
CA HIS H 285 -5.23 12.32 16.78
C HIS H 285 -4.51 13.03 17.93
N PRO H 286 -3.31 12.58 18.28
CA PRO H 286 -2.60 13.17 19.42
C PRO H 286 -1.96 14.53 19.11
N ASP H 287 -1.77 15.29 20.17
CA ASP H 287 -1.01 16.53 20.13
C ASP H 287 0.45 16.30 20.49
N HIS H 288 0.70 15.33 21.35
CA HIS H 288 2.01 14.94 21.84
C HIS H 288 2.05 13.42 21.81
N PRO H 289 3.25 12.84 21.86
CA PRO H 289 3.31 11.37 21.94
C PRO H 289 2.43 10.86 23.08
N THR H 290 1.43 10.07 22.74
CA THR H 290 0.43 9.62 23.69
C THR H 290 0.42 8.10 23.76
N LEU H 291 0.37 7.57 24.98
CA LEU H 291 0.42 6.14 25.22
C LEU H 291 -0.99 5.54 25.18
N LEU H 292 -1.20 4.54 24.33
CA LEU H 292 -2.43 3.78 24.26
C LEU H 292 -2.17 2.36 24.74
N THR H 293 -2.98 1.89 25.70
CA THR H 293 -2.87 0.52 26.20
C THR H 293 -4.24 -0.11 26.25
N THR H 294 -4.28 -1.43 25.99
CA THR H 294 -5.52 -2.19 26.04
C THR H 294 -5.25 -3.55 26.67
N ARG H 295 -6.32 -4.16 27.18
CA ARG H 295 -6.26 -5.52 27.72
C ARG H 295 -7.65 -6.13 27.65
N SER H 296 -7.68 -7.45 27.46
CA SER H 296 -8.93 -8.18 27.52
C SER H 296 -9.31 -8.41 28.99
N LEU H 297 -10.61 -8.59 29.22
CA LEU H 297 -11.13 -8.81 30.55
C LEU H 297 -11.37 -10.28 30.85
N GLY H 298 -10.79 -11.17 30.06
CA GLY H 298 -10.90 -12.59 30.26
C GLY H 298 -9.69 -13.17 30.94
N SER H 299 -9.55 -14.49 30.84
CA SER H 299 -8.43 -15.18 31.47
C SER H 299 -7.10 -14.91 30.78
N ASP H 300 -7.13 -14.41 29.55
CA ASP H 300 -5.92 -14.05 28.80
C ASP H 300 -6.02 -12.57 28.49
N ALA H 301 -5.22 -11.76 29.18
CA ALA H 301 -5.29 -10.31 29.02
C ALA H 301 -4.93 -9.86 27.61
N ASN H 302 -4.01 -10.56 26.94
CA ASN H 302 -3.52 -10.18 25.61
C ASN H 302 -3.26 -8.67 25.56
N PRO H 303 -2.42 -8.14 26.46
CA PRO H 303 -2.24 -6.69 26.56
C PRO H 303 -1.53 -6.07 25.37
N THR H 304 -1.85 -4.80 25.13
CA THR H 304 -1.26 -4.01 24.06
C THR H 304 -0.71 -2.71 24.65
N ARG H 305 0.45 -2.26 24.16
CA ARG H 305 1.08 -1.04 24.62
C ARG H 305 1.81 -0.37 23.47
N GLN H 306 1.45 0.87 23.15
CA GLN H 306 2.13 1.60 22.10
C GLN H 306 2.01 3.10 22.31
N TRP H 307 3.07 3.82 21.97
CA TRP H 307 3.09 5.28 22.00
C TRP H 307 2.73 5.80 20.61
N ILE H 308 1.73 6.66 20.54
CA ILE H 308 1.20 7.16 19.28
C ILE H 308 1.57 8.63 19.14
N GLU H 309 2.36 8.94 18.10
CA GLU H 309 2.85 10.29 17.84
C GLU H 309 2.17 10.97 16.68
N ARG H 310 1.64 10.22 15.73
CA ARG H 310 0.97 10.74 14.54
C ARG H 310 -0.45 10.18 14.48
N PRO H 311 -1.34 10.85 13.75
CA PRO H 311 -2.70 10.33 13.62
C PRO H 311 -2.70 8.90 13.09
N THR H 312 -3.49 8.03 13.72
CA THR H 312 -3.50 6.63 13.34
C THR H 312 -4.83 6.01 13.75
N THR H 313 -5.15 4.89 13.09
CA THR H 313 -6.33 4.10 13.36
C THR H 313 -5.90 2.73 13.87
N VAL H 314 -6.44 2.30 15.00
CA VAL H 314 -6.14 1.01 15.60
C VAL H 314 -7.43 0.22 15.75
N ASN H 315 -7.38 -1.07 15.42
CA ASN H 315 -8.53 -1.97 15.46
C ASN H 315 -8.26 -3.05 16.49
N PHE H 316 -9.11 -3.11 17.52
CA PHE H 316 -9.01 -4.09 18.59
C PHE H 316 -10.20 -5.06 18.53
N THR H 317 -9.92 -6.34 18.76
CA THR H 317 -10.97 -7.34 18.83
C THR H 317 -11.59 -7.35 20.22
N VAL H 318 -12.91 -7.23 20.28
CA VAL H 318 -13.67 -7.23 21.52
C VAL H 318 -14.62 -8.41 21.51
N THR H 319 -14.61 -9.20 22.58
CA THR H 319 -15.49 -10.34 22.72
C THR H 319 -16.49 -10.06 23.83
N GLY H 320 -17.33 -11.06 24.12
CA GLY H 320 -18.30 -10.93 25.19
C GLY H 320 -17.67 -10.83 26.56
N GLU H 321 -16.39 -11.18 26.69
CA GLU H 321 -15.68 -11.00 27.95
C GLU H 321 -15.34 -9.54 28.20
N GLY H 322 -15.18 -8.77 27.14
CA GLY H 322 -14.92 -7.35 27.24
C GLY H 322 -13.46 -7.00 26.97
N LEU H 323 -13.24 -5.71 26.71
CA LEU H 323 -11.91 -5.17 26.48
C LEU H 323 -11.83 -3.79 27.12
N GLU H 324 -10.71 -3.51 27.78
CA GLU H 324 -10.44 -2.20 28.38
C GLU H 324 -9.32 -1.51 27.62
N TYR H 325 -9.50 -0.22 27.34
CA TYR H 325 -8.48 0.58 26.67
C TYR H 325 -8.31 1.89 27.41
N THR H 326 -7.06 2.38 27.42
CA THR H 326 -6.74 3.64 28.07
C THR H 326 -5.96 4.51 27.09
N TRP H 327 -6.56 5.64 26.70
CA TRP H 327 -5.91 6.64 25.89
C TRP H 327 -5.25 7.62 26.85
N GLY H 328 -4.02 8.04 26.54
CA GLY H 328 -3.20 8.76 27.49
C GLY H 328 -3.91 9.76 28.39
N ASN H 329 -3.68 9.63 29.69
CA ASN H 329 -4.23 10.48 30.74
C ASN H 329 -5.75 10.47 30.80
N HIS H 330 -6.42 9.57 30.07
CA HIS H 330 -7.87 9.45 30.17
C HIS H 330 -8.23 8.26 31.05
N PRO H 331 -9.37 8.28 31.73
CA PRO H 331 -9.76 7.12 32.52
C PRO H 331 -9.94 5.91 31.61
N PRO H 332 -9.62 4.71 32.09
CA PRO H 332 -9.84 3.52 31.27
C PRO H 332 -11.31 3.34 30.91
N LYS H 333 -11.55 2.93 29.68
CA LYS H 333 -12.90 2.67 29.18
C LYS H 333 -13.03 1.17 28.91
N ARG H 334 -14.13 0.59 29.36
CA ARG H 334 -14.40 -0.83 29.17
C ARG H 334 -15.58 -1.00 28.22
N VAL H 335 -15.40 -1.85 27.22
CA VAL H 335 -16.44 -2.13 26.24
C VAL H 335 -16.58 -3.63 26.08
N TRP H 336 -17.80 -4.06 25.75
CA TRP H 336 -18.13 -5.46 25.53
C TRP H 336 -18.85 -5.57 24.20
N ALA H 337 -18.59 -6.66 23.48
CA ALA H 337 -19.19 -6.90 22.19
C ALA H 337 -20.41 -7.81 22.32
N GLN H 338 -21.50 -7.42 21.68
CA GLN H 338 -22.71 -8.22 21.64
C GLN H 338 -22.68 -9.16 20.44
N GLU H 339 -23.59 -10.13 20.45
CA GLU H 339 -23.69 -11.08 19.35
C GLU H 339 -24.47 -10.49 18.17
N SER H 340 -24.03 -9.31 17.71
CA SER H 340 -24.67 -8.59 16.61
C SER H 340 -24.01 -8.97 15.28
N GLY H 341 -24.08 -10.26 14.94
CA GLY H 341 -23.45 -10.76 13.75
C GLY H 341 -24.32 -10.67 12.52
N GLU H 342 -23.75 -11.10 11.40
CA GLU H 342 -24.40 -11.12 10.10
C GLU H 342 -24.89 -12.53 9.77
N GLY H 343 -25.93 -12.61 8.97
CA GLY H 343 -26.52 -13.87 8.57
C GLY H 343 -27.95 -13.99 9.04
N ASN H 344 -28.54 -15.14 8.72
CA ASN H 344 -29.93 -15.44 9.06
C ASN H 344 -30.02 -16.86 9.62
N PRO H 345 -30.09 -17.03 10.95
CA PRO H 345 -30.16 -18.38 11.50
C PRO H 345 -31.46 -19.10 11.19
N HIS H 346 -32.46 -18.42 10.64
CA HIS H 346 -33.75 -19.01 10.31
C HIS H 346 -33.98 -19.14 8.81
N GLY H 347 -32.98 -18.85 8.00
CA GLY H 347 -33.12 -18.84 6.56
C GLY H 347 -32.69 -20.13 5.90
N TRP H 348 -32.25 -20.00 4.65
CA TRP H 348 -31.82 -21.14 3.86
C TRP H 348 -30.50 -21.71 4.37
N PRO H 349 -30.18 -22.95 3.99
CA PRO H 349 -28.95 -23.58 4.49
C PRO H 349 -27.68 -22.74 4.38
N HIS H 350 -27.52 -21.97 3.30
CA HIS H 350 -26.32 -21.16 3.17
C HIS H 350 -26.39 -19.95 4.11
N GLU H 351 -27.59 -19.49 4.44
CA GLU H 351 -27.74 -18.36 5.34
C GLU H 351 -27.53 -18.78 6.79
N VAL H 352 -27.92 -20.01 7.14
CA VAL H 352 -27.70 -20.52 8.48
C VAL H 352 -26.21 -20.72 8.74
N VAL H 353 -25.51 -21.31 7.77
CA VAL H 353 -24.07 -21.52 7.92
C VAL H 353 -23.33 -20.19 8.05
N VAL H 354 -23.74 -19.19 7.27
CA VAL H 354 -23.10 -17.88 7.36
C VAL H 354 -23.27 -17.29 8.76
N TYR H 355 -24.47 -17.39 9.33
CA TYR H 355 -24.68 -16.85 10.67
C TYR H 355 -23.78 -17.52 11.70
N TYR H 356 -23.77 -18.84 11.73
CA TYR H 356 -22.96 -19.55 12.72
C TYR H 356 -21.47 -19.45 12.42
N TYR H 357 -21.08 -19.33 11.16
CA TYR H 357 -19.68 -19.09 10.87
C TYR H 357 -19.23 -17.75 11.43
N ASN H 358 -20.07 -16.72 11.29
CA ASN H 358 -19.73 -15.42 11.84
C ASN H 358 -19.76 -15.42 13.36
N ARG H 359 -20.64 -16.20 13.97
CA ARG H 359 -20.71 -16.25 15.43
C ARG H 359 -19.69 -17.23 16.02
N TYR H 360 -19.50 -18.37 15.37
CA TYR H 360 -18.57 -19.41 15.82
C TYR H 360 -17.71 -19.86 14.64
N PRO H 361 -16.75 -19.04 14.20
CA PRO H 361 -15.95 -19.43 13.03
C PRO H 361 -15.31 -20.80 13.09
N LEU H 362 -14.52 -21.07 14.15
CA LEU H 362 -13.81 -22.34 14.23
C LEU H 362 -14.76 -23.51 14.51
N THR H 363 -15.70 -23.34 15.43
CA THR H 363 -16.63 -24.43 15.74
C THR H 363 -17.48 -24.79 14.52
N THR H 364 -17.87 -23.78 13.73
CA THR H 364 -18.65 -24.07 12.53
C THR H 364 -17.87 -24.92 11.54
N ILE H 365 -16.60 -24.59 11.31
CA ILE H 365 -15.79 -25.38 10.39
C ILE H 365 -15.65 -26.81 10.90
N ILE H 366 -15.33 -26.97 12.20
CA ILE H 366 -15.20 -28.30 12.76
C ILE H 366 -16.54 -29.03 12.71
N GLY H 367 -17.63 -28.32 13.03
CA GLY H 367 -18.94 -28.95 12.99
C GLY H 367 -19.33 -29.41 11.61
N LEU H 368 -19.10 -28.57 10.60
CA LEU H 368 -19.42 -28.96 9.23
C LEU H 368 -18.58 -30.15 8.78
N CYS H 369 -17.27 -30.13 9.07
CA CYS H 369 -16.43 -31.26 8.69
C CYS H 369 -16.85 -32.53 9.41
N THR H 370 -17.20 -32.42 10.71
CA THR H 370 -17.63 -33.59 11.46
C THR H 370 -18.94 -34.15 10.91
N CYS H 371 -19.91 -33.28 10.61
CA CYS H 371 -21.18 -33.76 10.08
C CYS H 371 -20.99 -34.44 8.73
N VAL H 372 -20.23 -33.82 7.83
CA VAL H 372 -20.00 -34.42 6.52
C VAL H 372 -19.27 -35.75 6.66
N ALA H 373 -18.28 -35.81 7.56
CA ALA H 373 -17.57 -37.05 7.78
C ALA H 373 -18.51 -38.16 8.25
N ILE H 374 -19.41 -37.85 9.18
CA ILE H 374 -20.37 -38.84 9.64
C ILE H 374 -21.31 -39.23 8.51
N ILE H 375 -21.74 -38.27 7.70
CA ILE H 375 -22.61 -38.57 6.57
C ILE H 375 -21.93 -39.56 5.62
N MET H 376 -20.67 -39.31 5.30
CA MET H 376 -19.95 -40.24 4.41
C MET H 376 -19.80 -41.61 5.06
N VAL H 377 -19.35 -41.65 6.32
CA VAL H 377 -19.17 -42.93 6.99
C VAL H 377 -20.51 -43.63 7.19
N SER H 378 -21.54 -42.87 7.57
CA SER H 378 -22.86 -43.48 7.78
C SER H 378 -23.45 -44.03 6.49
N CYS H 379 -23.35 -43.28 5.40
CA CYS H 379 -23.93 -43.74 4.14
C CYS H 379 -23.12 -44.88 3.52
N VAL H 380 -21.79 -44.76 3.50
CA VAL H 380 -20.98 -45.81 2.90
C VAL H 380 -21.14 -47.12 3.66
N THR H 381 -21.10 -47.05 4.99
CA THR H 381 -21.28 -48.26 5.80
C THR H 381 -22.65 -48.87 5.56
N SER H 382 -23.69 -48.03 5.56
CA SER H 382 -25.04 -48.54 5.33
C SER H 382 -25.20 -49.13 3.92
N VAL H 383 -24.66 -48.43 2.91
CA VAL H 383 -24.76 -48.93 1.54
C VAL H 383 -24.04 -50.27 1.41
N TRP H 384 -22.87 -50.40 2.04
CA TRP H 384 -22.18 -51.69 2.00
C TRP H 384 -23.03 -52.77 2.66
N LEU H 385 -23.63 -52.47 3.81
CA LEU H 385 -24.50 -53.44 4.47
C LEU H 385 -25.68 -53.79 3.58
N LEU H 386 -26.21 -52.82 2.83
CA LEU H 386 -27.31 -53.08 1.92
C LEU H 386 -26.86 -53.87 0.70
N CYS H 387 -25.71 -53.52 0.13
CA CYS H 387 -25.20 -54.28 -1.01
C CYS H 387 -24.86 -55.70 -0.60
N ARG H 388 -24.26 -55.88 0.58
CA ARG H 388 -24.00 -57.22 1.08
C ARG H 388 -25.30 -57.98 1.25
N THR H 389 -26.34 -57.32 1.77
CA THR H 389 -27.64 -57.95 1.91
C THR H 389 -28.24 -58.31 0.56
N ARG H 390 -28.10 -57.44 -0.44
CA ARG H 390 -28.64 -57.74 -1.76
C ARG H 390 -27.99 -58.98 -2.36
N ASN H 391 -26.66 -59.07 -2.28
CA ASN H 391 -25.97 -60.25 -2.81
C ASN H 391 -26.42 -61.51 -2.09
N LEU H 392 -26.54 -61.45 -0.76
CA LEU H 392 -27.04 -62.60 -0.02
C LEU H 392 -28.47 -62.92 -0.43
N CYS H 393 -29.25 -61.88 -0.74
CA CYS H 393 -30.65 -62.08 -1.13
C CYS H 393 -30.78 -62.73 -2.49
N ILE H 394 -30.01 -62.28 -3.47
CA ILE H 394 -30.16 -62.79 -4.84
C ILE H 394 -29.32 -64.02 -5.13
N THR H 395 -28.15 -64.15 -4.50
CA THR H 395 -27.27 -65.28 -4.79
C THR H 395 -27.97 -66.64 -4.67
N PRO H 396 -28.81 -66.90 -3.66
CA PRO H 396 -29.48 -68.20 -3.60
C PRO H 396 -30.34 -68.51 -4.82
N TYR H 397 -30.74 -67.49 -5.57
CA TYR H 397 -31.57 -67.67 -6.76
C TYR H 397 -30.79 -67.56 -8.06
N LYS H 398 -29.75 -66.73 -8.10
CA LYS H 398 -28.94 -66.63 -9.32
C LYS H 398 -28.27 -67.96 -9.63
N LEU H 399 -27.96 -68.75 -8.61
CA LEU H 399 -27.37 -70.06 -8.78
C LEU H 399 -28.40 -71.16 -9.00
N ALA H 400 -29.67 -70.80 -9.17
CA ALA H 400 -30.74 -71.75 -9.45
C ALA H 400 -31.65 -71.15 -10.51
N PRO H 401 -31.22 -71.16 -11.79
CA PRO H 401 -32.04 -70.59 -12.86
C PRO H 401 -33.45 -71.15 -12.93
N ASN H 402 -33.68 -72.34 -12.39
CA ASN H 402 -35.01 -72.94 -12.36
C ASN H 402 -35.76 -72.63 -11.07
N ALA H 403 -35.27 -71.70 -10.26
CA ALA H 403 -35.93 -71.35 -9.01
C ALA H 403 -37.23 -70.58 -9.26
N GLN H 404 -38.07 -70.56 -8.22
CA GLN H 404 -39.34 -69.83 -8.29
C GLN H 404 -39.11 -68.33 -8.42
N VAL H 405 -38.10 -67.80 -7.75
CA VAL H 405 -37.81 -66.36 -7.74
C VAL H 405 -39.06 -65.58 -7.31
N PRO H 406 -39.40 -65.58 -6.02
CA PRO H 406 -40.61 -64.88 -5.57
C PRO H 406 -40.64 -63.42 -6.01
N ILE H 407 -41.82 -62.96 -6.41
CA ILE H 407 -42.00 -61.60 -6.89
C ILE H 407 -41.67 -60.57 -5.82
N LEU H 408 -41.96 -60.87 -4.55
CA LEU H 408 -41.63 -59.93 -3.48
C LEU H 408 -40.13 -59.68 -3.41
N LEU H 409 -39.33 -60.74 -3.54
CA LEU H 409 -37.89 -60.55 -3.56
C LEU H 409 -37.41 -59.96 -4.88
N ALA H 410 -38.11 -60.25 -5.98
CA ALA H 410 -37.72 -59.69 -7.27
C ALA H 410 -37.85 -58.17 -7.27
N LEU H 411 -38.86 -57.65 -6.59
CA LEU H 411 -39.06 -56.20 -6.52
C LEU H 411 -38.29 -55.56 -5.37
N LEU H 412 -38.14 -56.28 -4.26
CA LEU H 412 -37.43 -55.72 -3.11
C LEU H 412 -35.92 -55.77 -3.28
N CYS H 413 -35.38 -56.91 -3.70
CA CYS H 413 -33.94 -57.08 -3.84
C CYS H 413 -33.45 -56.81 -5.27
N CYS H 414 -33.99 -57.53 -6.25
CA CYS H 414 -33.57 -57.35 -7.63
C CYS H 414 -34.05 -56.00 -8.16
N ASP I 1 9.63 -88.27 -16.12
CA ASP I 1 11.05 -88.40 -16.42
C ASP I 1 11.89 -87.80 -15.28
N LYS I 2 13.21 -87.95 -15.41
CA LYS I 2 14.16 -87.42 -14.43
C LYS I 2 15.08 -86.35 -14.98
N THR I 3 15.35 -86.35 -16.29
CA THR I 3 16.20 -85.35 -16.92
C THR I 3 15.34 -84.36 -17.69
N PHE I 4 15.58 -83.07 -17.48
CA PHE I 4 14.75 -82.01 -18.04
C PHE I 4 15.56 -81.02 -18.88
N PRO I 5 15.57 -81.15 -20.20
CA PRO I 5 16.38 -80.25 -21.04
C PRO I 5 16.12 -78.78 -20.78
N ILE I 6 17.17 -77.97 -20.92
CA ILE I 6 17.12 -76.53 -20.74
C ILE I 6 17.05 -75.89 -22.13
N MET I 7 16.00 -75.11 -22.37
CA MET I 7 15.75 -74.50 -23.68
C MET I 7 15.83 -72.98 -23.57
N LEU I 8 16.54 -72.35 -24.51
CA LEU I 8 16.71 -70.90 -24.53
C LEU I 8 15.83 -70.23 -25.59
N ASN I 9 15.98 -70.63 -26.84
CA ASN I 9 15.22 -70.07 -27.96
C ASN I 9 14.46 -71.17 -28.70
N GLY I 10 13.96 -72.15 -27.96
CA GLY I 10 13.30 -73.30 -28.55
C GLY I 10 14.25 -74.41 -28.94
N GLN I 11 15.51 -74.35 -28.51
CA GLN I 11 16.50 -75.38 -28.77
C GLN I 11 17.16 -75.76 -27.46
N VAL I 12 17.56 -77.02 -27.36
CA VAL I 12 18.20 -77.53 -26.15
C VAL I 12 19.69 -77.20 -26.19
N ASN I 13 20.16 -76.52 -25.14
CA ASN I 13 21.57 -76.15 -25.00
C ASN I 13 22.14 -76.72 -23.70
N GLY I 14 21.45 -77.69 -23.11
CA GLY I 14 21.86 -78.28 -21.86
C GLY I 14 20.70 -79.02 -21.24
N TYR I 15 20.97 -79.67 -20.12
CA TYR I 15 19.96 -80.47 -19.45
C TYR I 15 20.02 -80.26 -17.94
N ALA I 16 18.84 -80.13 -17.35
CA ALA I 16 18.70 -80.13 -15.90
C ALA I 16 18.35 -81.54 -15.45
N CYS I 17 18.78 -81.89 -14.25
CA CYS I 17 18.52 -83.21 -13.69
C CYS I 17 18.23 -83.04 -12.21
N VAL I 18 17.56 -84.04 -11.64
CA VAL I 18 17.16 -84.04 -10.25
C VAL I 18 17.87 -85.20 -9.56
N VAL I 19 18.75 -84.88 -8.62
CA VAL I 19 19.56 -85.86 -7.91
C VAL I 19 19.37 -85.65 -6.41
N GLY I 20 18.93 -86.69 -5.71
CA GLY I 20 18.83 -86.64 -4.27
C GLY I 20 17.93 -85.54 -3.74
N GLY I 21 16.95 -85.10 -4.52
CA GLY I 21 16.05 -84.05 -4.07
C GLY I 21 16.45 -82.64 -4.43
N ARG I 22 17.54 -82.46 -5.18
CA ARG I 22 17.95 -81.13 -5.64
C ARG I 22 18.01 -81.12 -7.17
N VAL I 23 17.59 -79.99 -7.75
CA VAL I 23 17.58 -79.80 -9.19
C VAL I 23 18.87 -79.09 -9.57
N PHE I 24 19.71 -79.75 -10.36
CA PHE I 24 21.02 -79.23 -10.73
C PHE I 24 21.04 -78.84 -12.19
N LYS I 25 21.40 -77.59 -12.47
CA LYS I 25 21.57 -77.12 -13.82
C LYS I 25 22.95 -76.47 -13.93
N PRO I 26 23.61 -76.59 -15.08
CA PRO I 26 24.87 -75.86 -15.25
C PRO I 26 24.65 -74.36 -15.12
N LEU I 27 25.64 -73.69 -14.53
CA LEU I 27 25.55 -72.24 -14.42
C LEU I 27 25.77 -71.55 -15.77
N HIS I 28 26.62 -72.12 -16.62
CA HIS I 28 26.90 -71.52 -17.92
C HIS I 28 25.81 -71.78 -18.95
N VAL I 29 24.83 -72.63 -18.64
CA VAL I 29 23.72 -72.91 -19.55
C VAL I 29 22.57 -71.98 -19.17
N GLU I 30 22.27 -71.02 -20.04
CA GLU I 30 21.20 -70.06 -19.85
C GLU I 30 19.95 -70.50 -20.60
N GLY I 31 18.82 -70.38 -19.95
CA GLY I 31 17.56 -70.76 -20.55
C GLY I 31 16.59 -71.27 -19.50
N ARG I 32 15.43 -71.69 -20.00
CA ARG I 32 14.35 -72.21 -19.16
C ARG I 32 14.33 -73.74 -19.21
N ILE I 33 14.12 -74.34 -18.04
CA ILE I 33 14.03 -75.80 -17.98
C ILE I 33 12.75 -76.26 -18.64
N ASP I 34 12.84 -77.34 -19.43
CA ASP I 34 11.68 -77.86 -20.13
C ASP I 34 10.76 -78.56 -19.16
N ASN I 35 10.11 -77.79 -18.29
CA ASN I 35 9.17 -78.31 -17.32
C ASN I 35 8.26 -77.18 -16.89
N GLU I 36 7.23 -77.53 -16.11
CA GLU I 36 6.29 -76.57 -15.57
C GLU I 36 6.36 -76.47 -14.06
N GLN I 37 6.59 -77.58 -13.38
CA GLN I 37 6.63 -77.60 -11.93
C GLN I 37 8.02 -77.23 -11.41
N LEU I 38 9.07 -77.82 -12.00
CA LEU I 38 10.44 -77.54 -11.59
C LEU I 38 10.96 -76.20 -12.10
N ALA I 39 10.30 -75.60 -13.09
CA ALA I 39 10.74 -74.31 -13.61
C ALA I 39 10.38 -73.14 -12.70
N ALA I 40 9.51 -73.35 -11.71
CA ALA I 40 9.04 -72.27 -10.85
C ALA I 40 9.86 -72.10 -9.58
N ILE I 41 10.89 -72.92 -9.36
CA ILE I 41 11.68 -72.85 -8.13
C ILE I 41 12.88 -71.92 -8.33
N LYS I 42 13.11 -71.06 -7.35
CA LYS I 42 14.27 -70.18 -7.37
C LYS I 42 15.52 -71.01 -7.10
N LEU I 43 16.56 -70.79 -7.89
CA LEU I 43 17.79 -71.57 -7.79
C LEU I 43 18.93 -70.78 -7.15
N LYS I 44 19.69 -71.47 -6.31
CA LYS I 44 20.87 -70.94 -5.66
C LYS I 44 22.07 -71.22 -6.54
N LYS I 45 23.03 -70.30 -6.55
CA LYS I 45 24.22 -70.47 -7.38
C LYS I 45 25.33 -71.22 -6.65
N ALA I 46 26.08 -72.01 -7.42
CA ALA I 46 27.26 -72.74 -6.97
C ALA I 46 28.36 -72.56 -8.01
N SER I 47 28.65 -71.29 -8.35
CA SER I 47 29.57 -70.98 -9.44
C SER I 47 30.94 -71.62 -9.26
N ILE I 48 31.37 -71.91 -8.03
CA ILE I 48 32.63 -72.61 -7.88
C ILE I 48 32.56 -73.99 -8.52
N TYR I 49 31.35 -74.54 -8.64
CA TYR I 49 31.11 -75.80 -9.32
C TYR I 49 30.39 -75.61 -10.65
N ASP I 50 30.20 -74.36 -11.09
CA ASP I 50 29.51 -74.05 -12.33
C ASP I 50 28.13 -74.70 -12.38
N LEU I 51 27.46 -74.70 -11.23
CA LEU I 51 26.11 -75.26 -11.11
C LEU I 51 25.20 -74.30 -10.36
N GLU I 52 23.90 -74.52 -10.55
CA GLU I 52 22.86 -73.90 -9.76
C GLU I 52 21.99 -75.02 -9.19
N TYR I 53 21.40 -74.79 -8.03
CA TYR I 53 20.62 -75.84 -7.39
C TYR I 53 19.45 -75.24 -6.63
N GLY I 54 18.46 -76.10 -6.38
CA GLY I 54 17.28 -75.73 -5.61
C GLY I 54 16.59 -76.96 -5.07
N ASP I 55 15.55 -76.71 -4.27
CA ASP I 55 14.79 -77.80 -3.66
C ASP I 55 13.71 -78.33 -4.58
N VAL I 56 13.60 -79.66 -4.64
CA VAL I 56 12.57 -80.33 -5.44
C VAL I 56 11.21 -80.16 -4.79
N PRO I 57 10.15 -79.86 -5.54
CA PRO I 57 8.82 -79.79 -4.94
C PRO I 57 8.40 -81.12 -4.30
N GLN I 58 7.53 -81.00 -3.29
CA GLN I 58 7.11 -82.16 -2.50
C GLN I 58 6.61 -83.31 -3.36
N CYS I 59 5.91 -83.02 -4.46
CA CYS I 59 5.37 -84.07 -5.31
C CYS I 59 6.43 -84.75 -6.18
N MET I 60 7.63 -84.20 -6.26
CA MET I 60 8.70 -84.72 -7.09
C MET I 60 9.87 -85.29 -6.30
N LYS I 61 9.89 -85.11 -4.98
CA LYS I 61 11.03 -85.51 -4.16
C LYS I 61 11.32 -87.01 -4.21
N SER I 62 10.29 -87.84 -4.38
CA SER I 62 10.53 -89.29 -4.39
C SER I 62 11.01 -89.81 -5.74
N ASP I 63 10.65 -89.17 -6.84
CA ASP I 63 11.03 -89.62 -8.16
C ASP I 63 12.29 -88.88 -8.65
N THR I 64 13.40 -89.11 -7.94
CA THR I 64 14.65 -88.46 -8.24
C THR I 64 15.78 -89.49 -8.28
N LEU I 65 16.89 -89.08 -8.90
CA LEU I 65 18.06 -89.94 -9.02
C LEU I 65 18.84 -90.00 -7.72
N GLN I 66 19.38 -91.18 -7.43
CA GLN I 66 20.30 -91.36 -6.33
C GLN I 66 21.72 -91.34 -6.89
N TYR I 67 22.67 -90.93 -6.06
CA TYR I 67 24.06 -90.82 -6.48
C TYR I 67 24.97 -91.55 -5.51
N THR I 68 26.18 -91.87 -5.99
CA THR I 68 27.18 -92.56 -5.18
C THR I 68 28.56 -91.97 -5.45
N SER I 69 29.40 -92.01 -4.43
CA SER I 69 30.79 -91.59 -4.55
C SER I 69 31.73 -92.76 -4.84
N ASP I 70 31.21 -93.99 -4.85
CA ASP I 70 32.02 -95.18 -5.11
C ASP I 70 32.23 -95.30 -6.61
N LYS I 71 33.47 -95.12 -7.06
CA LYS I 71 33.82 -95.16 -8.48
C LYS I 71 34.95 -96.15 -8.73
N PRO I 72 34.68 -97.45 -8.66
CA PRO I 72 35.72 -98.43 -8.95
C PRO I 72 36.07 -98.39 -10.44
N PRO I 73 37.29 -98.79 -10.80
CA PRO I 73 37.65 -98.79 -12.22
C PRO I 73 36.73 -99.68 -13.02
N GLY I 74 36.36 -99.23 -14.21
CA GLY I 74 35.45 -99.96 -15.06
C GLY I 74 34.69 -99.02 -15.98
N PHE I 75 33.55 -99.51 -16.47
CA PHE I 75 32.71 -98.75 -17.39
C PHE I 75 31.46 -98.20 -16.72
N TYR I 76 31.18 -96.94 -17.03
CA TYR I 76 30.00 -96.22 -16.58
C TYR I 76 29.25 -95.77 -17.82
N ASN I 77 27.96 -95.47 -17.67
CA ASN I 77 27.11 -95.15 -18.80
C ASN I 77 26.44 -93.79 -18.63
N TRP I 78 25.97 -93.27 -19.75
CA TRP I 78 25.18 -92.06 -19.77
C TRP I 78 24.26 -92.11 -21.00
N HIS I 79 23.64 -90.98 -21.32
CA HIS I 79 22.67 -90.96 -22.41
C HIS I 79 23.21 -91.52 -23.72
N HIS I 80 24.47 -91.25 -24.05
CA HIS I 80 25.03 -91.64 -25.32
C HIS I 80 25.76 -92.98 -25.28
N GLY I 81 25.66 -93.73 -24.19
CA GLY I 81 26.26 -95.05 -24.11
C GLY I 81 27.30 -95.15 -23.01
N ALA I 82 28.30 -96.00 -23.25
CA ALA I 82 29.35 -96.28 -22.28
C ALA I 82 30.29 -95.11 -22.07
N VAL I 83 30.79 -95.01 -20.83
CA VAL I 83 31.78 -94.03 -20.42
C VAL I 83 32.88 -94.77 -19.69
N GLN I 84 34.13 -94.49 -20.03
CA GLN I 84 35.26 -95.11 -19.37
C GLN I 84 35.73 -94.22 -18.24
N TYR I 85 35.91 -94.81 -17.06
CA TYR I 85 36.46 -94.10 -15.90
C TYR I 85 37.78 -94.76 -15.53
N GLU I 86 38.88 -94.15 -15.94
CA GLU I 86 40.22 -94.65 -15.63
C GLU I 86 41.14 -93.46 -15.45
N ASN I 87 42.17 -93.65 -14.64
CA ASN I 87 43.11 -92.58 -14.29
C ASN I 87 42.37 -91.40 -13.70
N ASN I 88 41.31 -91.68 -12.93
CA ASN I 88 40.51 -90.67 -12.21
C ASN I 88 39.81 -89.67 -13.12
N ARG I 89 39.59 -89.99 -14.40
CA ARG I 89 38.89 -89.08 -15.28
C ARG I 89 37.88 -89.83 -16.13
N PHE I 90 36.70 -89.21 -16.33
CA PHE I 90 35.68 -89.79 -17.20
C PHE I 90 35.95 -89.38 -18.64
N THR I 91 35.93 -90.34 -19.55
CA THR I 91 36.24 -90.07 -20.94
C THR I 91 35.34 -90.89 -21.87
N VAL I 92 35.09 -90.32 -23.05
CA VAL I 92 34.21 -90.91 -24.06
C VAL I 92 34.92 -90.93 -25.41
N PRO I 93 34.60 -91.87 -26.30
CA PRO I 93 35.28 -91.89 -27.60
C PRO I 93 35.13 -90.56 -28.34
N ARG I 94 36.16 -90.20 -29.10
CA ARG I 94 36.17 -88.94 -29.83
C ARG I 94 34.89 -88.77 -30.65
N GLY I 95 34.24 -87.62 -30.48
CA GLY I 95 33.03 -87.30 -31.19
C GLY I 95 31.74 -87.76 -30.54
N VAL I 96 31.81 -88.59 -29.50
CA VAL I 96 30.60 -89.06 -28.84
C VAL I 96 29.92 -87.92 -28.09
N GLY I 97 30.71 -87.10 -27.39
CA GLY I 97 30.20 -85.95 -26.68
C GLY I 97 30.46 -84.66 -27.44
N GLY I 98 29.81 -83.60 -26.98
CA GLY I 98 29.97 -82.30 -27.60
C GLY I 98 29.04 -81.28 -26.98
N LYS I 99 29.09 -80.08 -27.55
CA LYS I 99 28.28 -78.98 -27.06
C LYS I 99 26.79 -79.34 -27.10
N GLY I 100 26.09 -78.96 -26.04
CA GLY I 100 24.69 -79.30 -25.84
C GLY I 100 24.50 -80.35 -24.76
N ASP I 101 25.51 -81.19 -24.53
CA ASP I 101 25.48 -82.18 -23.46
C ASP I 101 26.04 -81.58 -22.18
N SER I 102 25.32 -80.58 -21.66
CA SER I 102 25.72 -79.85 -20.46
C SER I 102 24.68 -80.10 -19.37
N GLY I 103 25.11 -80.76 -18.29
CA GLY I 103 24.21 -81.16 -17.24
C GLY I 103 23.76 -82.59 -17.35
N ARG I 104 24.18 -83.29 -18.38
CA ARG I 104 23.81 -84.68 -18.57
C ARG I 104 24.56 -85.54 -17.55
N PRO I 105 23.87 -86.29 -16.69
CA PRO I 105 24.56 -87.10 -15.69
C PRO I 105 25.12 -88.41 -16.26
N ILE I 106 26.15 -88.90 -15.58
CA ILE I 106 26.77 -90.18 -15.88
C ILE I 106 26.32 -91.18 -14.82
N LEU I 107 25.90 -92.36 -15.26
CA LEU I 107 25.32 -93.38 -14.40
C LEU I 107 26.23 -94.60 -14.31
N ASP I 108 26.15 -95.31 -13.18
CA ASP I 108 26.87 -96.56 -13.00
C ASP I 108 26.02 -97.72 -13.52
N ASN I 109 26.42 -98.95 -13.20
CA ASN I 109 25.67 -100.13 -13.62
C ASN I 109 24.38 -100.33 -12.86
N LYS I 110 24.11 -99.54 -11.82
CA LYS I 110 22.86 -99.61 -11.08
C LYS I 110 21.97 -98.40 -11.35
N GLY I 111 22.38 -97.52 -12.27
CA GLY I 111 21.61 -96.34 -12.61
C GLY I 111 21.80 -95.18 -11.66
N ARG I 112 22.80 -95.24 -10.79
CA ARG I 112 23.06 -94.17 -9.83
C ARG I 112 24.01 -93.14 -10.43
N VAL I 113 23.75 -91.88 -10.12
CA VAL I 113 24.57 -90.78 -10.62
C VAL I 113 25.95 -90.84 -9.98
N VAL I 114 26.99 -90.78 -10.82
CA VAL I 114 28.35 -90.66 -10.33
C VAL I 114 28.96 -89.30 -10.67
N ALA I 115 28.51 -88.65 -11.74
CA ALA I 115 29.02 -87.33 -12.09
C ALA I 115 28.05 -86.61 -13.01
N ILE I 116 28.18 -85.29 -13.06
CA ILE I 116 27.42 -84.43 -13.95
C ILE I 116 28.39 -83.79 -14.93
N VAL I 117 28.21 -84.05 -16.22
CA VAL I 117 29.13 -83.58 -17.24
C VAL I 117 28.84 -82.14 -17.62
N LEU I 118 29.86 -81.28 -17.50
CA LEU I 118 29.75 -79.86 -17.86
C LEU I 118 30.57 -79.47 -19.08
N GLY I 119 31.53 -80.28 -19.50
CA GLY I 119 32.37 -79.94 -20.63
C GLY I 119 33.29 -81.09 -20.98
N GLY I 120 34.32 -80.81 -21.78
CA GLY I 120 35.25 -81.87 -22.11
C GLY I 120 36.47 -81.40 -22.88
N VAL I 121 37.42 -82.34 -23.01
CA VAL I 121 38.69 -82.14 -23.72
C VAL I 121 38.89 -83.29 -24.68
N ASN I 122 39.20 -82.98 -25.93
CA ASN I 122 39.38 -83.98 -26.98
C ASN I 122 40.82 -84.48 -26.99
N GLU I 123 41.04 -85.71 -26.51
CA GLU I 123 42.36 -86.31 -26.47
C GLU I 123 42.61 -87.17 -27.71
N GLY I 124 43.75 -87.86 -27.71
CA GLY I 124 44.16 -88.64 -28.88
C GLY I 124 43.17 -89.72 -29.28
N SER I 125 42.54 -90.38 -28.31
CA SER I 125 41.60 -91.46 -28.60
C SER I 125 40.22 -91.26 -28.01
N ARG I 126 40.10 -90.55 -26.89
CA ARG I 126 38.81 -90.32 -26.27
C ARG I 126 38.75 -88.87 -25.80
N THR I 127 37.53 -88.38 -25.59
CA THR I 127 37.32 -87.03 -25.10
C THR I 127 37.21 -87.06 -23.58
N ALA I 128 38.07 -86.32 -22.90
CA ALA I 128 38.00 -86.20 -21.46
C ALA I 128 36.87 -85.24 -21.11
N LEU I 129 36.18 -85.52 -20.00
CA LEU I 129 34.99 -84.76 -19.61
C LEU I 129 35.22 -83.95 -18.35
N SER I 130 34.69 -82.72 -18.36
CA SER I 130 34.65 -81.85 -17.19
C SER I 130 33.37 -82.16 -16.43
N VAL I 131 33.50 -82.75 -15.24
CA VAL I 131 32.34 -83.21 -14.49
C VAL I 131 32.36 -82.69 -13.06
N VAL I 132 31.18 -82.63 -12.46
CA VAL I 132 31.02 -82.39 -11.04
C VAL I 132 30.77 -83.74 -10.40
N THR I 133 31.68 -84.18 -9.54
CA THR I 133 31.59 -85.49 -8.92
C THR I 133 31.84 -85.35 -7.43
N TRP I 134 31.79 -86.49 -6.75
CA TRP I 134 32.02 -86.58 -5.32
C TRP I 134 33.27 -87.41 -5.08
N ASN I 135 34.21 -86.85 -4.31
CA ASN I 135 35.51 -87.47 -4.10
C ASN I 135 35.42 -88.68 -3.17
N GLN I 136 36.58 -89.18 -2.74
CA GLN I 136 36.63 -90.37 -1.91
C GLN I 136 35.92 -90.19 -0.57
N LYS I 137 35.73 -88.94 -0.13
CA LYS I 137 35.01 -88.67 1.11
C LYS I 137 33.59 -88.21 0.85
N GLY I 138 33.14 -88.28 -0.40
CA GLY I 138 31.79 -87.90 -0.77
C GLY I 138 31.52 -86.42 -0.82
N VAL I 139 32.56 -85.59 -0.87
CA VAL I 139 32.38 -84.15 -0.91
C VAL I 139 32.37 -83.71 -2.37
N THR I 140 31.50 -82.75 -2.69
CA THR I 140 31.38 -82.27 -4.06
C THR I 140 32.67 -81.60 -4.51
N VAL I 141 33.19 -82.06 -5.65
CA VAL I 141 34.40 -81.50 -6.25
C VAL I 141 34.16 -81.34 -7.75
N LYS I 142 34.89 -80.40 -8.36
CA LYS I 142 34.83 -80.17 -9.79
C LYS I 142 36.01 -80.90 -10.43
N ASP I 143 35.71 -81.98 -11.17
CA ASP I 143 36.73 -82.82 -11.79
C ASP I 143 36.85 -82.44 -13.26
N THR I 144 37.92 -81.72 -13.60
CA THR I 144 38.09 -81.24 -14.96
C THR I 144 39.47 -81.57 -15.51
N PRO I 145 39.56 -81.96 -16.78
CA PRO I 145 40.86 -82.13 -17.42
C PRO I 145 41.40 -80.77 -17.85
N GLU I 146 42.66 -80.76 -18.27
CA GLU I 146 43.29 -79.51 -18.68
C GLU I 146 42.73 -79.03 -20.02
N GLY I 147 42.27 -77.79 -20.06
CA GLY I 147 41.75 -77.20 -21.28
C GLY I 147 40.32 -77.54 -21.62
N SER I 148 39.50 -77.89 -20.64
CA SER I 148 38.10 -78.24 -20.90
C SER I 148 37.32 -77.03 -21.41
N GLU I 149 36.34 -77.30 -22.27
CA GLU I 149 35.46 -76.31 -22.85
C GLU I 149 34.03 -76.54 -22.38
N PRO I 150 33.29 -75.49 -22.01
CA PRO I 150 31.89 -75.69 -21.64
C PRO I 150 31.08 -76.21 -22.82
N TRP I 151 30.20 -77.17 -22.54
CA TRP I 151 29.33 -77.75 -23.55
C TRP I 151 27.90 -77.24 -23.40
N TYR J 1 81.00 -19.71 17.26
CA TYR J 1 80.17 -20.89 17.06
C TYR J 1 78.76 -20.49 16.65
N GLU J 2 78.42 -20.74 15.39
CA GLU J 2 77.12 -20.37 14.85
C GLU J 2 76.01 -21.31 15.31
N HIS J 3 74.88 -20.73 15.72
CA HIS J 3 73.66 -21.46 16.03
C HIS J 3 72.55 -20.94 15.13
N THR J 4 71.92 -21.82 14.37
CA THR J 4 70.84 -21.47 13.47
C THR J 4 69.54 -22.14 13.91
N ALA J 5 68.43 -21.43 13.76
CA ALA J 5 67.12 -21.93 14.18
C ALA J 5 66.05 -21.07 13.57
N VAL J 6 64.79 -21.41 13.87
CA VAL J 6 63.61 -20.65 13.46
C VAL J 6 62.81 -20.34 14.71
N MET J 7 62.51 -19.05 14.93
CA MET J 7 61.70 -18.67 16.07
C MET J 7 60.36 -18.10 15.64
N PRO J 8 59.29 -18.31 16.40
CA PRO J 8 58.00 -17.72 16.04
C PRO J 8 58.06 -16.20 16.04
N ASN J 9 57.26 -15.60 15.17
CA ASN J 9 57.15 -14.14 15.06
C ASN J 9 56.19 -13.63 16.15
N LYS J 10 56.66 -13.72 17.39
CA LYS J 10 55.91 -13.30 18.56
C LYS J 10 56.70 -12.29 19.37
N VAL J 11 56.00 -11.29 19.91
CA VAL J 11 56.60 -10.23 20.70
C VAL J 11 56.28 -10.48 22.16
N GLY J 12 57.32 -10.42 23.00
CA GLY J 12 57.17 -10.63 24.43
C GLY J 12 57.31 -12.07 24.88
N ILE J 13 57.31 -13.03 23.97
CA ILE J 13 57.47 -14.44 24.28
C ILE J 13 58.84 -14.87 23.76
N PRO J 14 59.81 -15.12 24.65
CA PRO J 14 61.19 -15.37 24.19
C PRO J 14 61.38 -16.72 23.51
N TYR J 15 62.38 -16.74 22.63
CA TYR J 15 62.88 -17.97 22.03
C TYR J 15 64.05 -18.43 22.89
N LYS J 16 63.96 -19.65 23.41
CA LYS J 16 64.97 -20.19 24.31
C LYS J 16 65.60 -21.43 23.70
N ALA J 17 66.92 -21.53 23.81
CA ALA J 17 67.63 -22.68 23.25
C ALA J 17 69.00 -22.78 23.90
N LEU J 18 69.57 -23.98 23.80
CA LEU J 18 70.94 -24.25 24.21
C LEU J 18 71.83 -24.35 22.99
N VAL J 19 73.00 -23.74 23.06
CA VAL J 19 74.01 -23.81 22.01
C VAL J 19 74.99 -24.87 22.47
N GLU J 20 74.89 -26.07 21.88
CA GLU J 20 75.66 -27.22 22.32
C GLU J 20 76.94 -27.35 21.50
N ARG J 21 78.07 -27.25 22.18
CA ARG J 21 79.40 -27.36 21.57
C ARG J 21 80.14 -28.51 22.23
N PRO J 22 80.28 -29.66 21.57
CA PRO J 22 80.94 -30.81 22.21
C PRO J 22 82.30 -30.44 22.80
N GLY J 23 82.50 -30.86 24.05
CA GLY J 23 83.68 -30.53 24.80
C GLY J 23 83.53 -29.32 25.70
N TYR J 24 82.47 -28.54 25.51
CA TYR J 24 82.20 -27.35 26.30
C TYR J 24 80.78 -27.42 26.85
N ALA J 25 80.58 -26.78 27.99
CA ALA J 25 79.26 -26.76 28.60
C ALA J 25 78.28 -26.01 27.70
N PRO J 26 77.04 -26.47 27.57
CA PRO J 26 76.08 -25.76 26.71
C PRO J 26 75.87 -24.32 27.19
N VAL J 27 75.75 -23.42 26.22
CA VAL J 27 75.49 -22.01 26.50
C VAL J 27 74.00 -21.78 26.25
N HIS J 28 73.27 -21.44 27.31
CA HIS J 28 71.85 -21.17 27.15
C HIS J 28 71.67 -19.84 26.42
N LEU J 29 70.86 -19.85 25.37
CA LEU J 29 70.60 -18.70 24.53
C LEU J 29 69.13 -18.32 24.62
N GLN J 30 68.86 -17.02 24.73
CA GLN J 30 67.49 -16.53 24.81
C GLN J 30 67.38 -15.29 23.93
N ILE J 31 66.52 -15.36 22.92
CA ILE J 31 66.31 -14.29 21.96
C ILE J 31 64.85 -13.86 22.06
N GLN J 32 64.61 -12.61 22.42
CA GLN J 32 63.26 -12.07 22.55
C GLN J 32 63.11 -10.85 21.67
N LEU J 33 62.00 -10.77 20.94
CA LEU J 33 61.70 -9.62 20.11
C LEU J 33 61.02 -8.55 20.95
N VAL J 34 61.55 -7.34 20.88
CA VAL J 34 60.91 -6.23 21.59
C VAL J 34 59.78 -5.66 20.77
N ASN J 35 59.99 -5.54 19.47
CA ASN J 35 58.95 -5.12 18.54
C ASN J 35 59.38 -5.57 17.15
N THR J 36 58.39 -5.69 16.26
CA THR J 36 58.61 -6.00 14.86
C THR J 36 57.91 -4.92 14.07
N ARG J 37 58.62 -4.34 13.10
CA ARG J 37 58.11 -3.20 12.34
C ARG J 37 58.17 -3.51 10.85
N ILE J 38 57.00 -3.49 10.21
CA ILE J 38 56.89 -3.62 8.77
C ILE J 38 56.82 -2.20 8.21
N ILE J 39 57.88 -1.78 7.55
CA ILE J 39 58.00 -0.40 7.10
C ILE J 39 57.92 -0.34 5.58
N PRO J 40 56.75 -0.15 4.99
CA PRO J 40 56.65 -0.09 3.53
C PRO J 40 57.26 1.18 2.97
N SER J 41 57.60 1.12 1.69
CA SER J 41 58.10 2.28 0.98
C SER J 41 56.89 3.10 0.51
N THR J 42 56.83 4.36 0.93
CA THR J 42 55.69 5.21 0.64
C THR J 42 56.11 6.42 -0.18
N ASN J 43 55.19 6.88 -1.03
CA ASN J 43 55.38 8.05 -1.87
C ASN J 43 54.15 8.93 -1.73
N LEU J 44 54.33 10.14 -1.21
CA LEU J 44 53.22 11.06 -1.04
C LEU J 44 52.67 11.47 -2.40
N GLU J 45 51.40 11.18 -2.64
CA GLU J 45 50.78 11.52 -3.91
C GLU J 45 50.27 12.96 -3.90
N TYR J 46 49.46 13.30 -2.91
CA TYR J 46 48.96 14.66 -2.77
C TYR J 46 48.34 14.80 -1.39
N ILE J 47 48.01 16.05 -1.04
CA ILE J 47 47.39 16.42 0.23
C ILE J 47 46.03 17.03 -0.07
N THR J 48 44.99 16.55 0.62
CA THR J 48 43.65 17.08 0.49
C THR J 48 43.16 17.60 1.84
N CYS J 49 42.30 18.60 1.79
CA CYS J 49 41.77 19.22 2.99
C CYS J 49 40.50 19.97 2.63
N LYS J 50 39.88 20.61 3.62
CA LYS J 50 38.69 21.40 3.36
C LYS J 50 39.07 22.65 2.58
N TYR J 51 38.26 22.96 1.58
CA TYR J 51 38.53 24.12 0.74
C TYR J 51 37.91 25.39 1.31
N LYS J 52 38.44 26.51 0.85
CA LYS J 52 37.90 27.83 1.13
C LYS J 52 37.62 28.50 -0.21
N THR J 53 36.47 29.14 -0.34
CA THR J 53 36.11 29.83 -1.56
C THR J 53 36.42 31.31 -1.38
N LYS J 54 37.30 31.83 -2.26
CA LYS J 54 37.67 33.24 -2.23
C LYS J 54 36.77 34.01 -3.19
N VAL J 55 36.18 35.08 -2.69
CA VAL J 55 35.24 35.88 -3.49
C VAL J 55 35.68 37.34 -3.51
N PRO J 56 36.40 37.79 -4.53
CA PRO J 56 36.81 39.20 -4.58
C PRO J 56 35.61 40.13 -4.73
N SER J 57 35.84 41.41 -4.46
CA SER J 57 34.80 42.40 -4.62
C SER J 57 34.28 42.39 -6.05
N PRO J 58 32.97 42.33 -6.26
CA PRO J 58 32.44 42.34 -7.63
C PRO J 58 32.63 43.70 -8.29
N VAL J 59 32.73 43.66 -9.61
CA VAL J 59 32.84 44.89 -10.41
C VAL J 59 31.42 45.28 -10.83
N VAL J 60 31.00 46.47 -10.40
CA VAL J 60 29.68 46.99 -10.73
C VAL J 60 29.88 48.14 -11.71
N LYS J 61 29.51 47.92 -12.96
CA LYS J 61 29.64 48.91 -14.03
C LYS J 61 28.28 49.55 -14.25
N CYS J 62 28.19 50.84 -13.93
CA CYS J 62 26.94 51.58 -14.09
C CYS J 62 26.86 52.15 -15.50
N CYS J 63 25.71 51.97 -16.14
CA CYS J 63 25.48 52.44 -17.50
C CYS J 63 26.58 51.93 -18.43
N GLY J 64 26.67 50.61 -18.51
CA GLY J 64 27.67 49.98 -19.34
C GLY J 64 27.73 48.49 -19.07
N ALA J 65 28.77 47.86 -19.60
CA ALA J 65 28.94 46.42 -19.44
C ALA J 65 30.42 46.06 -19.39
N THR J 66 30.69 44.89 -18.83
CA THR J 66 32.04 44.34 -18.71
C THR J 66 32.05 42.92 -19.27
N GLN J 67 33.25 42.38 -19.46
CA GLN J 67 33.43 41.03 -19.99
C GLN J 67 34.38 40.26 -19.09
N CYS J 68 34.07 38.98 -18.87
CA CYS J 68 34.90 38.11 -18.05
C CYS J 68 36.18 37.70 -18.76
N THR J 69 37.27 37.61 -17.99
CA THR J 69 38.57 37.16 -18.46
C THR J 69 39.02 35.98 -17.61
N SER J 70 39.43 34.90 -18.27
CA SER J 70 39.90 33.72 -17.55
C SER J 70 41.17 34.03 -16.76
N LYS J 71 41.27 33.45 -15.57
CA LYS J 71 42.41 33.65 -14.70
C LYS J 71 42.94 32.32 -14.20
N PRO J 72 44.24 32.24 -13.87
CA PRO J 72 44.83 30.98 -13.38
C PRO J 72 44.60 30.75 -11.89
N HIS J 73 43.33 30.53 -11.53
CA HIS J 73 42.96 30.24 -10.15
C HIS J 73 42.24 28.90 -10.08
N PRO J 74 42.39 28.15 -9.00
CA PRO J 74 41.73 26.84 -8.92
C PRO J 74 40.21 26.98 -8.92
N ASP J 75 39.57 26.21 -9.80
CA ASP J 75 38.11 26.21 -9.94
C ASP J 75 37.56 27.63 -10.10
N TYR J 76 38.29 28.43 -10.86
CA TYR J 76 37.91 29.83 -11.08
C TYR J 76 36.58 29.95 -11.82
N GLN J 77 35.72 30.83 -11.33
CA GLN J 77 34.43 31.13 -11.95
C GLN J 77 34.31 32.63 -12.17
N CYS J 78 33.67 33.02 -13.27
CA CYS J 78 33.42 34.42 -13.58
C CYS J 78 32.16 34.50 -14.42
N GLN J 79 31.24 35.37 -14.02
CA GLN J 79 30.01 35.56 -14.77
C GLN J 79 29.58 37.01 -14.65
N VAL J 80 29.04 37.53 -15.74
CA VAL J 80 28.60 38.92 -15.82
C VAL J 80 27.06 38.94 -15.81
N PHE J 81 26.50 39.64 -14.82
CA PHE J 81 25.06 39.74 -14.63
C PHE J 81 24.61 41.14 -15.02
N SER J 82 23.90 41.23 -16.13
CA SER J 82 23.40 42.50 -16.64
C SER J 82 22.00 42.80 -16.10
N GLY J 83 21.62 44.07 -16.18
CA GLY J 83 20.30 44.48 -15.73
C GLY J 83 20.14 44.59 -14.22
N VAL J 84 21.22 44.89 -13.52
CA VAL J 84 21.22 45.03 -12.06
C VAL J 84 20.98 46.49 -11.71
N TYR J 85 20.33 46.72 -10.57
CA TYR J 85 20.13 48.08 -10.04
C TYR J 85 20.40 48.04 -8.54
N PRO J 86 21.65 47.86 -8.15
CA PRO J 86 21.98 47.70 -6.73
C PRO J 86 21.83 48.98 -5.92
N PHE J 87 21.63 48.80 -4.62
CA PHE J 87 21.55 49.88 -3.65
C PHE J 87 22.60 49.68 -2.57
N MET J 88 23.17 50.78 -2.10
CA MET J 88 24.12 50.80 -1.00
C MET J 88 23.48 51.55 0.17
N TYR J 89 24.26 51.80 1.22
CA TYR J 89 23.71 52.56 2.33
C TYR J 89 23.34 53.97 1.89
N GLY J 90 23.99 54.49 0.86
CA GLY J 90 23.77 55.81 0.33
C GLY J 90 22.74 55.90 -0.77
N GLY J 91 21.97 54.85 -1.00
CA GLY J 91 20.95 54.84 -2.02
C GLY J 91 21.35 54.03 -3.23
N ALA J 92 20.64 54.27 -4.33
CA ALA J 92 20.93 53.57 -5.58
C ALA J 92 22.36 53.81 -6.00
N TYR J 93 23.07 52.73 -6.31
CA TYR J 93 24.47 52.83 -6.71
C TYR J 93 24.62 53.35 -8.13
N CYS J 94 23.80 52.86 -9.05
CA CYS J 94 23.87 53.24 -10.45
C CYS J 94 22.73 54.17 -10.83
N PHE J 95 22.95 54.94 -11.91
CA PHE J 95 21.91 55.82 -12.43
C PHE J 95 20.96 55.09 -13.37
N CYS J 96 21.50 54.34 -14.32
CA CYS J 96 20.67 53.66 -15.30
C CYS J 96 19.86 52.55 -14.62
N ASP J 97 18.65 52.33 -15.14
CA ASP J 97 17.74 51.37 -14.53
C ASP J 97 18.02 49.94 -14.98
N THR J 98 18.41 49.74 -16.24
CA THR J 98 18.65 48.39 -16.76
C THR J 98 19.97 48.23 -17.50
N GLU J 99 20.75 49.30 -17.67
CA GLU J 99 22.00 49.25 -18.41
C GLU J 99 23.21 48.97 -17.53
N ASN J 100 23.01 48.66 -16.25
CA ASN J 100 24.12 48.40 -15.34
C ASN J 100 24.51 46.92 -15.38
N THR J 101 25.77 46.65 -15.02
CA THR J 101 26.32 45.30 -15.08
C THR J 101 27.17 45.01 -13.85
N GLN J 102 27.03 43.79 -13.32
CA GLN J 102 27.85 43.30 -12.20
C GLN J 102 28.62 42.06 -12.63
N MET J 103 29.93 42.07 -12.41
CA MET J 103 30.79 40.92 -12.67
C MET J 103 31.15 40.24 -11.35
N SER J 104 30.79 38.97 -11.22
CA SER J 104 31.09 38.18 -10.03
C SER J 104 32.24 37.23 -10.32
N GLU J 105 33.15 37.09 -9.35
CA GLU J 105 34.29 36.18 -9.45
C GLU J 105 34.39 35.34 -8.19
N ALA J 106 34.84 34.10 -8.35
CA ALA J 106 35.06 33.21 -7.22
C ALA J 106 36.07 32.15 -7.62
N TYR J 107 36.87 31.70 -6.64
CA TYR J 107 37.81 30.62 -6.87
C TYR J 107 38.09 29.93 -5.55
N VAL J 108 38.66 28.74 -5.64
CA VAL J 108 38.90 27.88 -4.49
C VAL J 108 40.36 27.93 -4.07
N GLU J 109 40.59 27.97 -2.77
CA GLU J 109 41.92 27.93 -2.19
C GLU J 109 41.87 27.10 -0.90
N ARG J 110 43.04 26.72 -0.42
CA ARG J 110 43.12 25.95 0.81
C ARG J 110 42.68 26.80 1.99
N SER J 111 41.91 26.20 2.90
CA SER J 111 41.48 26.88 4.09
C SER J 111 42.62 26.99 5.09
N GLU J 112 42.42 27.82 6.11
CA GLU J 112 43.43 27.99 7.15
C GLU J 112 43.67 26.68 7.88
N GLU J 113 42.63 25.89 8.09
CA GLU J 113 42.76 24.62 8.80
C GLU J 113 43.62 23.62 8.04
N CYS J 114 43.82 23.80 6.74
CA CYS J 114 44.62 22.86 5.95
C CYS J 114 46.04 22.70 6.48
N SER J 115 46.55 23.69 7.23
CA SER J 115 47.89 23.57 7.78
C SER J 115 47.97 22.58 8.94
N ILE J 116 46.85 22.26 9.58
CA ILE J 116 46.85 21.35 10.72
C ILE J 116 45.88 20.20 10.50
N ASP J 117 44.87 20.40 9.66
CA ASP J 117 43.79 19.43 9.46
C ASP J 117 43.73 19.05 7.97
N HIS J 118 44.50 18.04 7.59
CA HIS J 118 44.55 17.57 6.22
C HIS J 118 44.84 16.08 6.21
N ALA J 119 44.53 15.43 5.09
CA ALA J 119 44.79 14.02 4.88
C ALA J 119 45.84 13.86 3.80
N LYS J 120 46.79 12.96 4.04
CA LYS J 120 47.88 12.69 3.09
C LYS J 120 47.59 11.41 2.32
N ALA J 121 47.61 11.51 0.99
CA ALA J 121 47.40 10.37 0.11
C ALA J 121 48.75 9.80 -0.30
N TYR J 122 49.01 8.55 0.09
CA TYR J 122 50.26 7.87 -0.20
C TYR J 122 50.03 6.65 -1.09
N LYS J 123 50.99 6.41 -1.98
CA LYS J 123 51.08 5.15 -2.71
C LYS J 123 52.10 4.29 -1.97
N VAL J 124 51.72 3.05 -1.66
CA VAL J 124 52.50 2.17 -0.80
C VAL J 124 53.08 1.04 -1.62
N HIS J 125 54.37 0.79 -1.45
CA HIS J 125 55.10 -0.27 -2.14
C HIS J 125 55.81 -1.12 -1.10
N THR J 126 56.15 -2.34 -1.51
CA THR J 126 56.88 -3.22 -0.61
C THR J 126 58.15 -2.55 -0.12
N GLY J 127 58.35 -2.55 1.19
CA GLY J 127 59.50 -1.90 1.79
C GLY J 127 60.41 -2.85 2.53
N THR J 128 60.73 -2.51 3.77
CA THR J 128 61.63 -3.28 4.61
C THR J 128 60.92 -3.70 5.90
N VAL J 129 61.56 -4.62 6.61
CA VAL J 129 61.08 -5.09 7.89
C VAL J 129 62.23 -4.96 8.89
N GLN J 130 61.95 -4.34 10.03
CA GLN J 130 62.93 -4.16 11.08
C GLN J 130 62.35 -4.67 12.39
N ALA J 131 63.25 -4.97 13.33
CA ALA J 131 62.84 -5.41 14.64
C ALA J 131 63.92 -5.04 15.64
N MET J 132 63.53 -4.93 16.91
CA MET J 132 64.45 -4.75 18.01
C MET J 132 64.49 -6.05 18.79
N VAL J 133 65.68 -6.60 18.94
CA VAL J 133 65.86 -7.93 19.53
C VAL J 133 66.63 -7.79 20.83
N ASN J 134 66.10 -8.44 21.87
CA ASN J 134 66.72 -8.48 23.19
C ASN J 134 67.37 -9.84 23.34
N ILE J 135 68.69 -9.87 23.51
CA ILE J 135 69.46 -11.11 23.53
C ILE J 135 70.28 -11.21 24.81
N THR J 136 70.22 -12.38 25.43
CA THR J 136 71.07 -12.75 26.56
C THR J 136 71.54 -14.19 26.33
N TYR J 137 72.77 -14.48 26.74
CA TYR J 137 73.29 -15.83 26.60
C TYR J 137 74.37 -16.06 27.65
N GLY J 138 74.49 -17.31 28.08
CA GLY J 138 75.48 -17.66 29.08
C GLY J 138 75.30 -16.83 30.33
N SER J 139 76.37 -16.15 30.73
CA SER J 139 76.34 -15.24 31.87
C SER J 139 76.27 -13.78 31.42
N VAL J 140 76.06 -13.55 30.13
CA VAL J 140 75.99 -12.19 29.58
C VAL J 140 74.59 -11.64 29.79
N SER J 141 74.51 -10.42 30.30
CA SER J 141 73.24 -9.76 30.55
C SER J 141 72.53 -9.46 29.23
N TRP J 142 71.28 -9.00 29.36
CA TRP J 142 70.47 -8.66 28.19
C TRP J 142 71.08 -7.48 27.43
N ARG J 143 71.16 -7.63 26.10
CA ARG J 143 71.61 -6.60 25.19
C ARG J 143 70.56 -6.50 24.08
N SER J 144 70.42 -5.31 23.50
CA SER J 144 69.43 -5.11 22.45
C SER J 144 69.95 -4.17 21.38
N ALA J 145 69.38 -4.33 20.18
CA ALA J 145 69.72 -3.48 19.05
C ALA J 145 68.62 -3.60 18.00
N ASP J 146 68.55 -2.59 17.13
CA ASP J 146 67.67 -2.65 15.97
C ASP J 146 68.35 -3.44 14.86
N VAL J 147 67.62 -4.37 14.27
CA VAL J 147 68.14 -5.23 13.21
C VAL J 147 67.23 -5.15 12.00
N TYR J 148 67.79 -5.56 10.86
CA TYR J 148 67.06 -5.64 9.60
C TYR J 148 66.63 -7.09 9.40
N VAL J 149 65.33 -7.32 9.33
CA VAL J 149 64.79 -8.69 9.19
C VAL J 149 64.80 -8.99 7.69
N ASN J 150 65.98 -9.37 7.20
CA ASN J 150 66.16 -9.73 5.80
C ASN J 150 67.03 -10.97 5.60
N GLY J 151 67.66 -11.50 6.65
CA GLY J 151 68.51 -12.66 6.53
C GLY J 151 69.87 -12.42 5.92
N GLU J 152 70.22 -11.17 5.65
CA GLU J 152 71.48 -10.82 5.02
C GLU J 152 72.35 -9.88 5.84
N THR J 153 71.75 -8.95 6.59
CA THR J 153 72.52 -7.96 7.32
C THR J 153 72.78 -8.45 8.74
N PRO J 154 74.03 -8.67 9.13
CA PRO J 154 74.31 -9.08 10.51
C PRO J 154 74.27 -7.91 11.46
N ALA J 155 73.80 -8.19 12.68
CA ALA J 155 73.78 -7.23 13.78
C ALA J 155 74.69 -7.75 14.88
N LYS J 156 75.55 -6.88 15.41
CA LYS J 156 76.47 -7.25 16.48
C LYS J 156 75.86 -6.79 17.79
N ILE J 157 75.40 -7.75 18.59
CA ILE J 157 74.75 -7.49 19.87
C ILE J 157 75.56 -8.20 20.94
N GLY J 158 76.31 -7.44 21.72
CA GLY J 158 77.07 -8.03 22.81
C GLY J 158 78.13 -9.02 22.35
N ASP J 159 78.86 -8.68 21.30
CA ASP J 159 79.90 -9.51 20.68
C ASP J 159 79.35 -10.67 19.88
N ALA J 160 78.03 -10.83 19.78
CA ALA J 160 77.41 -11.89 18.99
C ALA J 160 76.85 -11.30 17.70
N LYS J 161 77.11 -11.99 16.59
CA LYS J 161 76.65 -11.53 15.28
C LYS J 161 75.31 -12.18 14.97
N LEU J 162 74.24 -11.40 15.02
CA LEU J 162 72.88 -11.86 14.83
C LEU J 162 72.38 -11.56 13.43
N ILE J 163 71.96 -12.59 12.71
CA ILE J 163 71.32 -12.46 11.40
C ILE J 163 69.90 -13.00 11.54
N ILE J 164 68.91 -12.11 11.40
CA ILE J 164 67.51 -12.49 11.52
C ILE J 164 66.95 -12.65 10.11
N GLY J 165 66.48 -13.85 9.80
CA GLY J 165 66.00 -14.19 8.49
C GLY J 165 64.71 -13.49 8.11
N PRO J 166 64.38 -13.51 6.83
CA PRO J 166 63.14 -12.87 6.37
C PRO J 166 61.92 -13.60 6.91
N LEU J 167 60.82 -12.86 7.06
CA LEU J 167 59.60 -13.46 7.55
C LEU J 167 59.13 -14.53 6.58
N SER J 168 58.67 -15.65 7.13
CA SER J 168 58.20 -16.74 6.28
C SER J 168 56.98 -16.34 5.46
N SER J 169 56.30 -15.26 5.83
CA SER J 169 55.14 -14.76 5.11
C SER J 169 55.33 -13.29 4.80
N ALA J 170 55.36 -12.95 3.52
CA ALA J 170 55.51 -11.57 3.06
C ALA J 170 54.16 -10.86 3.08
N TRP J 171 53.59 -10.76 4.28
CA TRP J 171 52.28 -10.16 4.50
C TRP J 171 52.43 -8.74 5.01
N SER J 172 51.54 -7.86 4.55
CA SER J 172 51.51 -6.46 4.96
C SER J 172 50.07 -6.00 5.05
N PRO J 173 49.71 -5.21 6.07
CA PRO J 173 48.33 -4.74 6.19
C PRO J 173 47.96 -3.60 5.24
N PHE J 174 48.93 -3.00 4.57
CA PHE J 174 48.71 -1.84 3.72
C PHE J 174 48.42 -2.26 2.29
N ASP J 175 47.39 -1.67 1.70
CA ASP J 175 47.10 -1.86 0.29
C ASP J 175 48.00 -0.93 -0.53
N ASN J 176 47.82 -0.95 -1.85
CA ASN J 176 48.66 -0.13 -2.71
C ASN J 176 48.50 1.36 -2.43
N LYS J 177 47.32 1.79 -2.01
CA LYS J 177 47.05 3.20 -1.73
C LYS J 177 46.43 3.34 -0.34
N VAL J 178 46.99 4.23 0.47
CA VAL J 178 46.50 4.49 1.82
C VAL J 178 46.40 5.98 2.05
N VAL J 179 45.54 6.36 2.99
CA VAL J 179 45.33 7.75 3.39
C VAL J 179 45.66 7.86 4.87
N VAL J 180 46.55 8.78 5.21
CA VAL J 180 46.96 9.02 6.59
C VAL J 180 46.31 10.33 7.05
N TYR J 181 45.48 10.24 8.08
CA TYR J 181 44.80 11.40 8.64
C TYR J 181 45.00 11.39 10.16
N GLY J 182 45.68 12.39 10.67
CA GLY J 182 45.98 12.42 12.09
C GLY J 182 46.85 11.25 12.47
N HIS J 183 46.41 10.48 13.46
CA HIS J 183 47.10 9.26 13.86
C HIS J 183 46.57 8.04 13.15
N GLU J 184 45.54 8.18 12.32
CA GLU J 184 44.87 7.07 11.65
C GLU J 184 45.38 6.84 10.24
N VAL J 185 45.33 5.59 9.81
CA VAL J 185 45.71 5.18 8.46
C VAL J 185 44.53 4.42 7.88
N TYR J 186 44.19 4.71 6.63
CA TYR J 186 43.07 4.09 5.94
C TYR J 186 43.51 3.47 4.63
N ASN J 187 42.97 2.29 4.31
CA ASN J 187 43.17 1.66 3.01
C ASN J 187 42.11 2.19 2.05
N TYR J 188 42.30 3.43 1.63
CA TYR J 188 41.36 4.13 0.76
C TYR J 188 41.94 4.29 -0.63
N ASP J 189 41.19 3.85 -1.64
CA ASP J 189 41.59 3.95 -3.04
C ASP J 189 41.22 5.36 -3.53
N PHE J 190 42.11 6.31 -3.28
CA PHE J 190 41.88 7.70 -3.63
C PHE J 190 42.10 7.96 -5.12
N PRO J 191 41.44 8.98 -5.68
CA PRO J 191 41.65 9.33 -7.08
C PRO J 191 43.04 9.88 -7.33
N GLU J 192 43.55 9.59 -8.52
CA GLU J 192 44.88 10.08 -8.88
C GLU J 192 44.87 11.60 -8.97
N TYR J 193 46.04 12.20 -8.80
CA TYR J 193 46.13 13.65 -8.80
C TYR J 193 45.60 14.22 -10.12
N GLY J 194 44.77 15.26 -10.01
CA GLY J 194 44.16 15.90 -11.15
C GLY J 194 42.87 15.27 -11.62
N THR J 195 42.40 14.21 -10.97
CA THR J 195 41.19 13.51 -11.37
C THR J 195 40.12 13.49 -10.29
N GLY J 196 40.26 14.34 -9.26
CA GLY J 196 39.28 14.35 -8.19
C GLY J 196 37.94 14.91 -8.62
N LYS J 197 36.88 14.40 -8.00
CA LYS J 197 35.52 14.79 -8.31
C LYS J 197 34.90 15.52 -7.12
N ALA J 198 33.97 16.42 -7.44
CA ALA J 198 33.33 17.26 -6.44
C ALA J 198 32.58 16.42 -5.41
N GLY J 199 32.73 16.79 -4.14
CA GLY J 199 32.03 16.12 -3.06
C GLY J 199 32.66 14.84 -2.59
N SER J 200 33.71 14.37 -3.26
CA SER J 200 34.42 13.15 -2.89
C SER J 200 35.76 13.52 -2.24
N PHE J 201 36.41 12.49 -1.70
CA PHE J 201 37.63 12.70 -0.92
C PHE J 201 38.63 13.61 -1.61
N GLY J 202 38.92 13.35 -2.88
CA GLY J 202 39.94 14.13 -3.58
C GLY J 202 39.49 15.34 -4.36
N ASP J 203 38.37 15.96 -3.98
CA ASP J 203 37.91 17.14 -4.72
C ASP J 203 38.96 18.24 -4.71
N LEU J 204 39.64 18.44 -3.59
CA LEU J 204 40.73 19.41 -3.46
C LEU J 204 42.03 18.63 -3.32
N GLN J 205 43.01 18.96 -4.15
CA GLN J 205 44.27 18.23 -4.15
C GLN J 205 45.45 19.18 -4.28
N SER J 206 46.50 18.92 -3.51
CA SER J 206 47.74 19.67 -3.57
C SER J 206 48.89 18.69 -3.38
N ARG J 207 49.96 18.89 -4.14
CA ARG J 207 51.11 17.99 -4.01
C ARG J 207 51.72 18.08 -2.62
N THR J 208 51.78 19.28 -2.06
CA THR J 208 52.29 19.49 -0.71
C THR J 208 51.42 20.52 -0.02
N SER J 209 51.54 20.58 1.31
CA SER J 209 50.74 21.53 2.08
C SER J 209 51.15 22.97 1.85
N THR J 210 52.33 23.21 1.30
CA THR J 210 52.81 24.55 1.00
C THR J 210 52.93 24.80 -0.50
N SER J 211 52.45 23.87 -1.31
CA SER J 211 52.53 24.01 -2.76
C SER J 211 51.71 25.19 -3.25
N ASN J 212 52.21 25.87 -4.27
CA ASN J 212 51.52 26.99 -4.90
C ASN J 212 50.60 26.54 -6.03
N ASP J 213 50.66 25.26 -6.43
CA ASP J 213 49.83 24.71 -7.49
C ASP J 213 48.77 23.82 -6.85
N LEU J 214 47.54 24.31 -6.82
CA LEU J 214 46.41 23.64 -6.19
C LEU J 214 45.39 23.20 -7.23
N TYR J 215 44.90 21.98 -7.09
CA TYR J 215 43.82 21.46 -7.92
C TYR J 215 42.54 21.47 -7.11
N ALA J 216 41.47 21.98 -7.71
CA ALA J 216 40.17 22.02 -7.05
C ALA J 216 39.08 21.66 -8.06
N ASN J 217 38.15 20.82 -7.64
CA ASN J 217 37.03 20.41 -8.49
C ASN J 217 35.77 20.37 -7.64
N THR J 218 35.05 21.50 -7.64
CA THR J 218 33.77 21.62 -6.97
C THR J 218 32.81 22.24 -7.98
N ASN J 219 31.51 21.99 -7.81
CA ASN J 219 30.52 22.60 -8.69
C ASN J 219 30.23 24.03 -8.22
N LEU J 220 31.27 24.85 -8.28
CA LEU J 220 31.17 26.24 -7.89
C LEU J 220 30.50 26.98 -9.02
N LYS J 221 29.28 27.47 -8.77
CA LYS J 221 28.50 28.19 -9.77
C LYS J 221 28.08 29.52 -9.19
N LEU J 222 28.36 30.60 -9.92
CA LEU J 222 27.93 31.93 -9.50
C LEU J 222 26.44 32.08 -9.76
N GLN J 223 25.74 32.62 -8.77
CA GLN J 223 24.31 32.86 -8.87
C GLN J 223 24.07 34.35 -9.08
N ARG J 224 22.92 34.67 -9.66
CA ARG J 224 22.59 36.06 -9.90
C ARG J 224 22.35 36.77 -8.56
N PRO J 225 22.91 37.97 -8.37
CA PRO J 225 22.67 38.69 -7.12
C PRO J 225 21.19 38.96 -6.91
N GLN J 226 20.80 39.01 -5.64
CA GLN J 226 19.43 39.36 -5.31
C GLN J 226 19.17 40.80 -5.74
N ALA J 227 17.93 41.09 -6.11
CA ALA J 227 17.58 42.38 -6.66
C ALA J 227 17.94 43.52 -5.71
N GLY J 228 18.72 44.47 -6.20
CA GLY J 228 19.10 45.64 -5.43
C GLY J 228 20.22 45.45 -4.42
N ILE J 229 20.86 44.28 -4.39
CA ILE J 229 21.85 43.96 -3.37
C ILE J 229 23.19 43.72 -4.04
N VAL J 230 24.24 44.32 -3.47
CA VAL J 230 25.61 44.11 -3.93
C VAL J 230 26.21 42.98 -3.11
N HIS J 231 26.31 41.81 -3.72
CA HIS J 231 26.94 40.65 -3.09
C HIS J 231 27.22 39.64 -4.19
N THR J 232 27.96 38.59 -3.84
CA THR J 232 28.37 37.55 -4.79
C THR J 232 27.88 36.19 -4.30
N PRO J 233 26.62 35.86 -4.56
CA PRO J 233 26.11 34.54 -4.19
C PRO J 233 26.65 33.45 -5.10
N PHE J 234 26.69 32.23 -4.56
CA PHE J 234 27.14 31.09 -5.34
C PHE J 234 26.65 29.81 -4.68
N THR J 235 26.68 28.73 -5.44
CA THR J 235 26.40 27.39 -4.95
C THR J 235 27.65 26.55 -5.17
N GLN J 236 27.86 25.58 -4.27
CA GLN J 236 29.05 24.75 -4.35
C GLN J 236 28.77 23.43 -3.65
N VAL J 237 29.42 22.39 -4.11
CA VAL J 237 29.24 21.07 -3.49
C VAL J 237 29.96 21.05 -2.14
N PRO J 238 29.32 20.61 -1.06
CA PRO J 238 30.01 20.53 0.23
C PRO J 238 31.32 19.76 0.10
N SER J 239 32.31 20.20 0.87
CA SER J 239 33.65 19.63 0.79
C SER J 239 33.63 18.12 0.96
N GLY J 240 34.33 17.42 0.08
CA GLY J 240 34.44 15.98 0.16
C GLY J 240 35.40 15.50 1.22
N PHE J 241 36.25 16.40 1.71
CA PHE J 241 37.12 16.06 2.84
C PHE J 241 36.31 15.99 4.13
N GLU J 242 35.44 16.98 4.35
CA GLU J 242 34.54 16.93 5.50
C GLU J 242 33.54 15.79 5.36
N ARG J 243 33.11 15.50 4.12
CA ARG J 243 32.24 14.37 3.87
C ARG J 243 32.96 13.06 4.18
N TRP J 244 34.22 12.94 3.76
CA TRP J 244 34.99 11.74 4.04
C TRP J 244 35.17 11.53 5.55
N LYS J 245 35.43 12.61 6.29
CA LYS J 245 35.55 12.50 7.75
C LYS J 245 34.36 11.79 8.36
N LYS J 246 33.16 12.03 7.83
CA LYS J 246 31.98 11.35 8.33
C LYS J 246 31.92 9.90 7.85
N ASP J 247 32.35 9.64 6.63
CA ASP J 247 32.28 8.32 6.02
C ASP J 247 33.61 7.55 6.07
N LYS J 248 34.56 7.98 6.91
CA LYS J 248 35.84 7.29 6.96
C LYS J 248 35.68 5.81 7.25
N GLY J 249 34.78 5.47 8.17
CA GLY J 249 34.64 4.09 8.61
C GLY J 249 35.72 3.76 9.63
N ALA J 250 35.99 2.46 9.76
CA ALA J 250 37.02 2.02 10.69
C ALA J 250 38.40 2.22 10.08
N PRO J 251 39.36 2.76 10.84
CA PRO J 251 40.72 2.91 10.32
C PRO J 251 41.46 1.58 10.31
N LEU J 252 42.55 1.56 9.55
CA LEU J 252 43.42 0.39 9.55
C LEU J 252 43.93 0.11 10.96
N ASN J 253 44.02 1.15 11.79
CA ASN J 253 44.43 0.98 13.18
C ASN J 253 43.51 0.02 13.94
N ASP J 254 42.24 -0.06 13.56
CA ASP J 254 41.25 -0.86 14.28
C ASP J 254 40.84 -2.15 13.57
N VAL J 255 41.34 -2.43 12.37
CA VAL J 255 40.88 -3.61 11.64
C VAL J 255 42.02 -4.47 11.13
N ALA J 256 43.26 -4.02 11.30
CA ALA J 256 44.39 -4.78 10.80
C ALA J 256 44.43 -6.19 11.41
N PRO J 257 44.57 -7.24 10.61
CA PRO J 257 44.69 -8.59 11.17
C PRO J 257 46.00 -8.78 11.91
N PHE J 258 46.07 -9.90 12.63
CA PHE J 258 47.26 -10.33 13.37
C PHE J 258 47.62 -9.38 14.51
N GLY J 259 46.71 -8.52 14.94
CA GLY J 259 47.01 -7.63 16.04
C GLY J 259 48.02 -6.54 15.74
N CYS J 260 48.12 -6.12 14.49
CA CYS J 260 49.08 -5.08 14.12
C CYS J 260 48.74 -3.74 14.74
N SER J 261 49.79 -2.99 15.08
CA SER J 261 49.71 -1.61 15.52
C SER J 261 50.27 -0.73 14.40
N ILE J 262 49.60 0.38 14.12
CA ILE J 262 49.98 1.26 13.03
C ILE J 262 50.61 2.54 13.58
N ALA J 263 51.86 2.78 13.22
CA ALA J 263 52.60 3.98 13.59
C ALA J 263 52.87 4.81 12.33
N LEU J 264 53.10 6.10 12.51
CA LEU J 264 53.21 7.02 11.38
C LEU J 264 54.59 7.61 11.11
N GLU J 265 55.53 7.54 12.04
CA GLU J 265 56.84 8.17 11.85
C GLU J 265 57.97 7.15 11.98
N PRO J 266 58.29 6.42 10.89
CA PRO J 266 57.64 6.39 9.57
C PRO J 266 56.38 5.55 9.56
N LEU J 267 55.55 5.64 8.52
CA LEU J 267 54.37 4.80 8.43
C LEU J 267 54.79 3.34 8.48
N ARG J 268 54.24 2.58 9.43
CA ARG J 268 54.65 1.20 9.60
C ARG J 268 53.58 0.46 10.41
N ALA J 269 53.57 -0.87 10.23
CA ALA J 269 52.73 -1.77 11.00
C ALA J 269 53.63 -2.51 11.99
N GLU J 270 53.26 -2.46 13.27
CA GLU J 270 54.09 -3.02 14.32
C GLU J 270 53.46 -4.23 14.99
N ASN J 271 54.35 -5.14 15.42
CA ASN J 271 53.99 -6.30 16.22
C ASN J 271 52.92 -7.18 15.57
N CYS J 272 53.06 -7.42 14.26
CA CYS J 272 52.17 -8.33 13.55
C CYS J 272 52.68 -9.75 13.73
N ALA J 273 51.89 -10.60 14.39
CA ALA J 273 52.30 -11.98 14.69
C ALA J 273 52.00 -12.89 13.49
N VAL J 274 52.84 -12.77 12.46
CA VAL J 274 52.67 -13.49 11.22
C VAL J 274 53.86 -14.42 10.98
N GLY J 275 53.57 -15.70 10.79
CA GLY J 275 54.58 -16.68 10.41
C GLY J 275 55.67 -16.89 11.44
N SER J 276 56.88 -17.14 10.94
CA SER J 276 58.05 -17.42 11.75
C SER J 276 59.25 -16.70 11.15
N ILE J 277 60.33 -16.63 11.92
CA ILE J 277 61.53 -15.90 11.52
C ILE J 277 62.77 -16.79 11.63
N PRO J 278 63.42 -17.15 10.54
CA PRO J 278 64.70 -17.86 10.65
C PRO J 278 65.72 -16.97 11.37
N ILE J 279 66.61 -17.61 12.14
CA ILE J 279 67.63 -16.87 12.88
C ILE J 279 68.97 -17.58 12.78
N SER J 280 70.03 -16.80 12.97
CA SER J 280 71.39 -17.30 13.01
C SER J 280 72.21 -16.36 13.88
N ILE J 281 72.82 -16.89 14.94
CA ILE J 281 73.64 -16.09 15.85
C ILE J 281 74.98 -16.79 16.04
N ASP J 282 76.06 -16.04 15.87
CA ASP J 282 77.42 -16.54 16.07
C ASP J 282 77.93 -16.07 17.42
N ILE J 283 78.08 -17.00 18.35
CA ILE J 283 78.50 -16.71 19.72
C ILE J 283 80.01 -16.89 19.86
N PRO J 284 80.73 -15.92 20.43
CA PRO J 284 82.18 -16.04 20.52
C PRO J 284 82.62 -17.18 21.44
N ASP J 285 83.86 -17.62 21.20
CA ASP J 285 84.45 -18.70 21.98
C ASP J 285 84.53 -18.36 23.47
N ALA J 286 84.61 -17.08 23.82
CA ALA J 286 84.70 -16.69 25.23
C ALA J 286 83.51 -17.15 26.04
N ALA J 287 82.36 -17.41 25.41
CA ALA J 287 81.17 -17.84 26.13
C ALA J 287 81.15 -19.32 26.48
N PHE J 288 82.03 -20.14 25.89
CA PHE J 288 81.99 -21.59 26.08
C PHE J 288 83.05 -22.05 27.09
N THR J 289 82.59 -22.64 28.18
CA THR J 289 83.44 -23.20 29.22
C THR J 289 83.58 -24.70 29.02
N ARG J 290 84.79 -25.22 29.19
CA ARG J 290 85.02 -26.64 29.00
C ARG J 290 84.20 -27.46 30.00
N ILE J 291 83.76 -28.64 29.55
CA ILE J 291 82.98 -29.53 30.40
C ILE J 291 83.76 -29.90 31.66
N SER J 292 85.06 -30.13 31.53
CA SER J 292 85.86 -30.52 32.68
C SER J 292 85.83 -29.48 33.79
N GLU J 293 85.42 -28.25 33.48
CA GLU J 293 85.34 -27.19 34.46
C GLU J 293 83.91 -26.91 34.92
N THR J 294 82.93 -27.69 34.47
CA THR J 294 81.53 -27.48 34.79
C THR J 294 80.90 -28.76 35.31
N PRO J 295 79.80 -28.66 36.03
CA PRO J 295 79.12 -29.85 36.55
C PRO J 295 78.47 -30.70 35.46
N THR J 296 78.40 -31.99 35.74
CA THR J 296 77.71 -32.96 34.91
C THR J 296 76.79 -33.77 35.81
N VAL J 297 75.72 -34.31 35.23
CA VAL J 297 74.70 -35.01 36.00
C VAL J 297 74.41 -36.38 35.40
N SER J 298 73.90 -37.26 36.26
CA SER J 298 73.55 -38.63 35.88
C SER J 298 72.45 -39.12 36.81
N ASP J 299 71.87 -40.26 36.46
CA ASP J 299 70.80 -40.90 37.25
C ASP J 299 69.65 -39.94 37.52
N LEU J 300 69.20 -39.26 36.48
CA LEU J 300 68.13 -38.28 36.57
C LEU J 300 66.75 -38.95 36.65
N GLU J 301 65.88 -38.38 37.48
CA GLU J 301 64.50 -38.85 37.60
C GLU J 301 63.61 -37.63 37.76
N CYS J 302 62.64 -37.46 36.86
CA CYS J 302 61.77 -36.29 36.83
C CYS J 302 60.37 -36.63 37.30
N LYS J 303 59.85 -35.84 38.24
CA LYS J 303 58.50 -35.97 38.77
C LYS J 303 57.73 -34.70 38.50
N ILE J 304 56.57 -34.82 37.84
CA ILE J 304 55.67 -33.69 37.67
C ILE J 304 54.72 -33.70 38.85
N THR J 305 54.81 -32.67 39.69
CA THR J 305 54.05 -32.63 40.93
C THR J 305 52.72 -31.91 40.80
N GLU J 306 52.62 -30.95 39.88
CA GLU J 306 51.38 -30.22 39.64
C GLU J 306 51.40 -29.77 38.19
N CYS J 307 50.22 -29.72 37.58
CA CYS J 307 50.15 -29.25 36.21
C CYS J 307 48.74 -28.84 35.84
N THR J 308 48.63 -27.66 35.25
CA THR J 308 47.41 -27.17 34.63
C THR J 308 47.82 -26.67 33.26
N TYR J 309 47.10 -27.06 32.21
CA TYR J 309 47.47 -26.58 30.89
C TYR J 309 46.88 -25.20 30.61
N ALA J 310 47.13 -24.28 31.53
CA ALA J 310 46.73 -22.89 31.40
C ALA J 310 47.76 -22.14 30.56
N PHE J 311 47.40 -20.91 30.18
CA PHE J 311 48.31 -20.08 29.41
C PHE J 311 49.54 -19.68 30.22
N ASP J 312 49.40 -19.58 31.55
CA ASP J 312 50.53 -19.23 32.40
C ASP J 312 51.39 -20.46 32.64
N PHE J 313 52.42 -20.30 33.48
CA PHE J 313 53.29 -21.41 33.87
C PHE J 313 52.64 -22.23 34.97
N GLY J 314 51.60 -22.97 34.57
CA GLY J 314 50.84 -23.80 35.50
C GLY J 314 51.45 -25.15 35.81
N GLY J 315 52.56 -25.50 35.19
CA GLY J 315 53.22 -26.77 35.44
C GLY J 315 54.37 -26.65 36.43
N ILE J 316 54.52 -27.69 37.25
CA ILE J 316 55.59 -27.77 38.25
C ILE J 316 56.15 -29.19 38.22
N ALA J 317 57.47 -29.31 38.23
CA ALA J 317 58.12 -30.62 38.23
C ALA J 317 59.38 -30.57 39.08
N THR J 318 59.79 -31.74 39.56
CA THR J 318 60.99 -31.91 40.37
C THR J 318 61.89 -32.94 39.71
N VAL J 319 63.19 -32.65 39.64
CA VAL J 319 64.17 -33.55 39.05
C VAL J 319 65.19 -33.95 40.10
N ALA J 320 65.28 -35.24 40.37
CA ALA J 320 66.31 -35.79 41.24
C ALA J 320 67.57 -36.04 40.42
N TYR J 321 68.74 -35.84 41.03
CA TYR J 321 69.96 -36.00 40.28
C TYR J 321 71.14 -36.35 41.16
N LYS J 322 72.16 -36.92 40.52
CA LYS J 322 73.49 -37.12 41.08
C LYS J 322 74.45 -36.38 40.16
N SER J 323 75.47 -35.74 40.72
CA SER J 323 76.35 -34.92 39.90
C SER J 323 77.80 -35.01 40.37
N SER J 324 78.67 -34.40 39.56
CA SER J 324 80.10 -34.28 39.84
C SER J 324 80.51 -32.83 39.55
N LYS J 325 81.41 -32.31 40.38
CA LYS J 325 81.85 -30.92 40.26
C LYS J 325 80.65 -29.98 40.30
N ALA J 326 79.85 -30.15 41.34
CA ALA J 326 78.58 -29.42 41.51
C ALA J 326 78.73 -27.93 41.23
N GLY J 327 77.70 -27.38 40.60
CA GLY J 327 77.70 -25.97 40.25
C GLY J 327 76.43 -25.60 39.50
N ASN J 328 76.45 -24.42 38.91
CA ASN J 328 75.31 -23.94 38.12
C ASN J 328 75.15 -24.76 36.85
N CYS J 329 73.89 -25.07 36.49
CA CYS J 329 73.60 -25.87 35.30
C CYS J 329 72.42 -25.35 34.49
N PRO J 330 72.57 -25.18 33.17
CA PRO J 330 71.46 -24.72 32.33
C PRO J 330 70.36 -25.78 32.15
N ILE J 331 69.14 -25.30 31.97
CA ILE J 331 67.94 -26.13 31.80
C ILE J 331 67.24 -25.75 30.51
N HIS J 332 66.82 -26.74 29.73
CA HIS J 332 66.11 -26.49 28.48
C HIS J 332 65.21 -27.67 28.13
N SER J 333 64.14 -27.38 27.39
CA SER J 333 63.22 -28.39 26.88
C SER J 333 63.20 -28.35 25.35
N PRO J 334 63.89 -29.28 24.67
CA PRO J 334 63.95 -29.21 23.20
C PRO J 334 62.60 -29.29 22.50
N SER J 335 61.63 -30.03 23.03
CA SER J 335 60.37 -30.17 22.32
C SER J 335 59.47 -28.96 22.58
N GLY J 336 58.41 -28.88 21.78
CA GLY J 336 57.42 -27.83 21.89
C GLY J 336 56.30 -28.16 22.86
N VAL J 337 56.36 -29.32 23.50
CA VAL J 337 55.31 -29.73 24.43
C VAL J 337 55.24 -28.80 25.63
N ALA J 338 56.38 -28.41 26.17
CA ALA J 338 56.40 -27.57 27.36
C ALA J 338 57.48 -26.50 27.30
N VAL J 339 57.11 -25.30 27.74
CA VAL J 339 58.01 -24.16 27.85
C VAL J 339 58.48 -24.06 29.29
N ILE J 340 59.80 -24.03 29.49
CA ILE J 340 60.38 -24.03 30.83
C ILE J 340 60.64 -22.61 31.28
N LYS J 341 60.23 -22.29 32.51
CA LYS J 341 60.45 -20.95 33.05
C LYS J 341 61.91 -20.73 33.41
N GLU J 342 62.53 -21.69 34.08
CA GLU J 342 63.91 -21.56 34.51
C GLU J 342 64.88 -21.68 33.33
N ASN J 343 66.01 -20.99 33.47
CA ASN J 343 67.11 -21.04 32.51
C ASN J 343 68.28 -21.87 33.01
N ASP J 344 68.51 -21.88 34.32
CA ASP J 344 69.58 -22.66 34.91
C ASP J 344 69.24 -22.92 36.37
N VAL J 345 69.90 -23.91 36.95
CA VAL J 345 69.70 -24.30 38.33
C VAL J 345 71.06 -24.46 38.99
N THR J 346 71.05 -24.42 40.32
CA THR J 346 72.25 -24.64 41.12
C THR J 346 72.24 -26.08 41.60
N LEU J 347 73.27 -26.83 41.23
CA LEU J 347 73.40 -28.24 41.58
C LEU J 347 74.34 -28.44 42.76
N ALA J 348 74.02 -29.43 43.57
CA ALA J 348 74.88 -29.91 44.65
C ALA J 348 75.45 -31.26 44.24
N GLU J 349 76.32 -31.81 45.10
CA GLU J 349 76.86 -33.13 44.80
C GLU J 349 75.75 -34.16 44.61
N SER J 350 74.65 -33.98 45.35
CA SER J 350 73.47 -34.81 45.16
C SER J 350 72.27 -34.03 45.69
N GLY J 351 71.10 -34.36 45.17
CA GLY J 351 69.88 -33.72 45.60
C GLY J 351 68.86 -33.69 44.49
N SER J 352 68.04 -32.64 44.51
CA SER J 352 67.02 -32.44 43.50
C SER J 352 66.74 -30.96 43.32
N PHE J 353 66.16 -30.62 42.18
CA PHE J 353 65.78 -29.25 41.87
C PHE J 353 64.39 -29.26 41.24
N THR J 354 63.72 -28.10 41.31
CA THR J 354 62.40 -27.94 40.76
C THR J 354 62.41 -26.92 39.63
N PHE J 355 61.45 -27.07 38.71
CA PHE J 355 61.29 -26.12 37.62
C PHE J 355 59.81 -26.00 37.29
N HIS J 356 59.46 -24.90 36.64
CA HIS J 356 58.09 -24.60 36.26
C HIS J 356 57.98 -24.56 34.74
N PHE J 357 56.83 -24.97 34.23
CA PHE J 357 56.64 -25.03 32.78
C PHE J 357 55.20 -24.73 32.41
N SER J 358 55.00 -24.43 31.12
CA SER J 358 53.69 -24.17 30.55
C SER J 358 53.47 -25.13 29.39
N THR J 359 52.37 -25.88 29.44
CA THR J 359 52.06 -26.85 28.40
C THR J 359 50.56 -26.83 28.10
N ALA J 360 50.22 -27.14 26.86
CA ALA J 360 48.84 -27.29 26.43
C ALA J 360 48.36 -28.73 26.49
N ASN J 361 49.27 -29.68 26.71
CA ASN J 361 48.94 -31.09 26.65
C ASN J 361 48.20 -31.56 27.89
N ILE J 362 47.24 -32.47 27.69
CA ILE J 362 46.58 -33.10 28.83
C ILE J 362 47.55 -34.05 29.52
N HIS J 363 48.36 -34.77 28.75
CA HIS J 363 49.34 -35.72 29.27
C HIS J 363 50.70 -35.34 28.71
N PRO J 364 51.32 -34.29 29.23
CA PRO J 364 52.62 -33.87 28.71
C PRO J 364 53.68 -34.94 28.88
N ALA J 365 54.54 -35.05 27.87
CA ALA J 365 55.71 -35.92 27.88
C ALA J 365 56.78 -35.17 27.11
N PHE J 366 57.85 -34.76 27.79
CA PHE J 366 58.86 -33.94 27.15
C PHE J 366 60.23 -34.22 27.70
N LYS J 367 61.23 -33.92 26.88
CA LYS J 367 62.63 -34.08 27.22
C LYS J 367 63.17 -32.82 27.88
N LEU J 368 63.88 -32.99 28.99
CA LEU J 368 64.53 -31.89 29.69
C LEU J 368 66.03 -32.11 29.63
N GLN J 369 66.76 -31.14 29.10
CA GLN J 369 68.21 -31.22 29.02
C GLN J 369 68.85 -30.56 30.23
N VAL J 370 69.76 -31.28 30.88
CA VAL J 370 70.47 -30.80 32.05
C VAL J 370 71.95 -31.11 31.86
N CYS J 371 72.74 -30.08 31.55
CA CYS J 371 74.18 -30.22 31.40
C CYS J 371 74.54 -31.39 30.48
N THR J 372 73.99 -31.35 29.27
CA THR J 372 74.21 -32.35 28.23
C THR J 372 73.48 -33.67 28.49
N SER J 373 72.95 -33.85 29.69
CA SER J 373 72.15 -35.02 29.99
C SER J 373 70.68 -34.73 29.66
N ALA J 374 69.86 -35.79 29.67
CA ALA J 374 68.45 -35.64 29.37
C ALA J 374 67.62 -36.55 30.27
N VAL J 375 66.43 -36.07 30.60
CA VAL J 375 65.46 -36.82 31.39
C VAL J 375 64.08 -36.58 30.78
N THR J 376 63.24 -37.60 30.83
CA THR J 376 61.87 -37.52 30.30
C THR J 376 60.90 -37.30 31.44
N CYS J 377 60.09 -36.24 31.34
CA CYS J 377 59.08 -35.90 32.34
C CYS J 377 57.71 -36.29 31.79
N LYS J 378 56.93 -37.01 32.59
CA LYS J 378 55.59 -37.45 32.21
C LYS J 378 54.62 -37.23 33.36
N GLY J 379 53.38 -36.89 33.01
CA GLY J 379 52.35 -36.65 34.00
C GLY J 379 51.07 -36.21 33.34
N ASP J 380 50.05 -35.98 34.18
CA ASP J 380 48.75 -35.52 33.75
C ASP J 380 48.52 -34.07 34.19
N CYS J 381 47.74 -33.35 33.40
CA CYS J 381 47.45 -31.95 33.68
C CYS J 381 45.94 -31.73 33.72
N LYS J 382 45.49 -30.86 34.68
CA LYS J 382 44.07 -30.53 34.77
C LYS J 382 43.75 -29.29 33.94
N PRO J 383 42.51 -29.14 33.48
CA PRO J 383 42.16 -27.93 32.74
C PRO J 383 42.05 -26.73 33.65
N PRO J 384 42.29 -25.52 33.14
CA PRO J 384 42.06 -24.33 33.95
C PRO J 384 40.57 -24.06 34.09
N LYS J 385 40.23 -23.26 35.10
CA LYS J 385 38.84 -22.88 35.32
C LYS J 385 38.53 -21.47 34.84
N ASP J 386 39.55 -20.62 34.66
CA ASP J 386 39.36 -19.25 34.22
C ASP J 386 39.14 -19.22 32.70
N HIS J 387 37.96 -18.78 32.27
CA HIS J 387 37.63 -18.80 30.86
C HIS J 387 38.44 -17.80 30.05
N ILE J 388 38.63 -16.59 30.57
CA ILE J 388 39.31 -15.52 29.84
C ILE J 388 40.46 -14.99 30.68
N VAL J 389 41.59 -14.73 30.01
CA VAL J 389 42.77 -14.16 30.64
C VAL J 389 43.21 -12.94 29.83
N ASP J 390 44.02 -12.10 30.46
CA ASP J 390 44.52 -10.87 29.84
C ASP J 390 45.98 -11.00 29.40
N TYR J 391 46.46 -12.21 29.19
CA TYR J 391 47.83 -12.44 28.72
C TYR J 391 47.80 -13.57 27.69
N ALA J 392 48.79 -13.54 26.80
CA ALA J 392 48.90 -14.53 25.74
C ALA J 392 49.48 -15.85 26.25
N ALA J 393 49.15 -16.92 25.53
CA ALA J 393 49.65 -18.24 25.86
C ALA J 393 51.15 -18.36 25.65
N GLN J 394 51.82 -18.98 26.62
CA GLN J 394 53.26 -19.21 26.51
C GLN J 394 53.55 -20.44 25.66
N HIS J 395 52.72 -21.47 25.78
CA HIS J 395 52.88 -22.74 25.08
C HIS J 395 52.31 -22.68 23.66
N THR J 396 52.39 -23.83 22.97
CA THR J 396 51.92 -23.97 21.60
C THR J 396 51.04 -25.21 21.48
N GLU J 397 49.96 -25.09 20.72
CA GLU J 397 49.03 -26.18 20.48
C GLU J 397 49.51 -27.12 19.37
N SER J 398 48.93 -28.32 19.36
CA SER J 398 49.18 -29.31 18.33
C SER J 398 47.92 -30.16 18.18
N PHE J 399 47.91 -30.98 17.12
CA PHE J 399 46.77 -31.85 16.86
C PHE J 399 46.52 -32.80 18.03
N THR J 400 47.58 -33.44 18.54
CA THR J 400 47.46 -34.45 19.58
C THR J 400 47.59 -33.91 21.00
N SER J 401 47.72 -32.60 21.18
CA SER J 401 47.89 -32.06 22.53
C SER J 401 46.65 -32.29 23.39
N ALA J 402 45.47 -32.22 22.80
CA ALA J 402 44.22 -32.34 23.54
C ALA J 402 43.68 -33.76 23.65
N ILE J 403 44.35 -34.76 23.10
CA ILE J 403 43.85 -36.12 23.12
C ILE J 403 44.31 -36.81 24.41
N SER J 404 43.34 -37.18 25.24
CA SER J 404 43.60 -37.84 26.51
C SER J 404 43.85 -39.33 26.31
N ALA J 405 44.39 -39.96 27.35
CA ALA J 405 44.63 -41.40 27.30
C ALA J 405 43.33 -42.17 27.09
N THR J 406 42.24 -41.69 27.68
CA THR J 406 40.95 -42.33 27.48
C THR J 406 40.51 -42.22 26.02
N ALA J 407 40.70 -41.05 25.42
CA ALA J 407 40.38 -40.89 24.00
C ALA J 407 41.25 -41.79 23.13
N TRP J 408 42.55 -41.88 23.45
CA TRP J 408 43.42 -42.77 22.69
C TRP J 408 42.98 -44.22 22.85
N SER J 409 42.52 -44.60 24.03
CA SER J 409 42.04 -45.95 24.25
C SER J 409 40.85 -46.26 23.34
N TRP J 410 39.89 -45.35 23.26
CA TRP J 410 38.75 -45.57 22.38
C TRP J 410 39.18 -45.59 20.92
N ILE J 411 40.13 -44.74 20.54
CA ILE J 411 40.64 -44.76 19.17
C ILE J 411 41.30 -46.10 18.88
N LYS J 412 42.14 -46.57 19.81
CA LYS J 412 42.81 -47.85 19.62
C LYS J 412 41.82 -49.00 19.59
N VAL J 413 40.80 -48.97 20.45
CA VAL J 413 39.79 -50.01 20.43
C VAL J 413 39.00 -49.96 19.12
N LEU J 414 38.60 -48.76 18.69
CA LEU J 414 37.85 -48.64 17.44
C LEU J 414 38.66 -49.13 16.26
N VAL J 415 39.88 -48.59 16.09
CA VAL J 415 40.71 -48.97 14.94
C VAL J 415 41.12 -50.43 15.05
N GLY J 416 41.52 -50.87 16.24
CA GLY J 416 41.88 -52.27 16.40
C GLY J 416 40.71 -53.22 16.20
N GLY J 417 39.53 -52.84 16.71
CA GLY J 417 38.37 -53.68 16.55
C GLY J 417 37.96 -53.86 15.11
N THR J 418 37.86 -52.76 14.36
CA THR J 418 37.47 -52.87 12.96
C THR J 418 38.52 -53.60 12.13
N SER J 419 39.80 -53.30 12.37
CA SER J 419 40.86 -53.97 11.63
C SER J 419 40.87 -55.47 11.93
N ALA J 420 40.72 -55.84 13.20
CA ALA J 420 40.69 -57.25 13.56
C ALA J 420 39.50 -57.96 12.92
N PHE J 421 38.37 -57.27 12.81
CA PHE J 421 37.19 -57.88 12.21
C PHE J 421 37.40 -58.12 10.71
N ILE J 422 37.99 -57.15 10.02
CA ILE J 422 38.30 -57.34 8.60
C ILE J 422 39.33 -58.45 8.42
N VAL J 423 40.38 -58.45 9.27
CA VAL J 423 41.38 -59.51 9.20
C VAL J 423 40.74 -60.87 9.44
N LEU J 424 39.80 -60.95 10.38
CA LEU J 424 39.09 -62.20 10.60
C LEU J 424 38.39 -62.66 9.32
N GLY J 425 37.71 -61.74 8.64
CA GLY J 425 37.06 -62.09 7.39
C GLY J 425 38.04 -62.53 6.31
N LEU J 426 39.21 -61.88 6.25
CA LEU J 426 40.21 -62.26 5.27
C LEU J 426 40.86 -63.60 5.59
N ILE J 427 41.09 -63.87 6.87
CA ILE J 427 41.64 -65.17 7.25
C ILE J 427 40.63 -66.26 6.93
N ALA J 428 39.36 -66.04 7.25
CA ALA J 428 38.33 -67.01 6.92
C ALA J 428 38.26 -67.22 5.41
N THR J 429 38.37 -66.14 4.64
CA THR J 429 38.37 -66.25 3.19
C THR J 429 39.55 -67.07 2.69
N ALA J 430 40.73 -66.86 3.27
CA ALA J 430 41.91 -67.63 2.86
C ALA J 430 41.81 -69.09 3.24
N VAL J 431 41.28 -69.40 4.43
CA VAL J 431 41.21 -70.78 4.89
C VAL J 431 40.19 -71.58 4.08
N VAL J 432 39.03 -71.00 3.78
CA VAL J 432 38.02 -71.74 3.03
C VAL J 432 38.53 -72.08 1.64
N ALA J 433 39.28 -71.18 1.03
CA ALA J 433 39.86 -71.46 -0.28
C ALA J 433 40.89 -72.59 -0.18
N LEU J 434 41.66 -72.60 0.89
CA LEU J 434 42.63 -73.67 1.11
C LEU J 434 41.93 -75.01 1.37
N VAL J 435 40.82 -74.98 2.11
CA VAL J 435 40.05 -76.20 2.36
C VAL J 435 39.46 -76.73 1.06
N LEU J 436 38.89 -75.84 0.25
CA LEU J 436 38.32 -76.26 -1.03
C LEU J 436 39.39 -76.83 -1.95
N PHE J 437 40.58 -76.23 -1.94
CA PHE J 437 41.68 -76.78 -2.72
C PHE J 437 41.99 -78.22 -2.31
N PHE J 438 42.00 -78.51 -1.01
CA PHE J 438 42.25 -79.87 -0.57
C PHE J 438 41.11 -80.81 -0.94
N HIS J 439 39.89 -80.30 -1.08
CA HIS J 439 38.81 -81.17 -1.54
C HIS J 439 39.13 -81.71 -2.92
N ARG J 440 39.62 -80.86 -3.82
CA ARG J 440 39.99 -81.31 -5.15
C ARG J 440 41.18 -82.25 -5.10
N HIS J 441 42.17 -81.93 -4.26
CA HIS J 441 43.37 -82.73 -4.14
C HIS J 441 43.45 -83.39 -2.77
N ASP K 1 54.94 43.31 23.19
CA ASP K 1 54.10 44.49 23.05
C ASP K 1 52.80 44.15 22.34
N LEU K 2 51.79 44.99 22.55
CA LEU K 2 50.48 44.83 21.92
C LEU K 2 50.30 45.70 20.69
N ASP K 3 50.94 46.86 20.64
CA ASP K 3 50.78 47.76 19.50
C ASP K 3 51.30 47.14 18.21
N THR K 4 52.27 46.23 18.29
CA THR K 4 52.83 45.62 17.09
C THR K 4 51.86 44.69 16.37
N HIS K 5 50.77 44.30 17.00
CA HIS K 5 49.79 43.44 16.35
C HIS K 5 48.77 44.21 15.54
N PHE K 6 48.73 45.55 15.66
CA PHE K 6 47.77 46.39 14.96
C PHE K 6 48.41 47.31 13.92
N THR K 7 49.70 47.14 13.61
CA THR K 7 50.37 48.05 12.69
C THR K 7 49.69 48.08 11.32
N GLN K 8 49.21 46.92 10.85
CA GLN K 8 48.51 46.88 9.56
C GLN K 8 47.03 47.21 9.69
N TYR K 9 46.42 46.89 10.83
CA TYR K 9 45.01 47.20 11.02
C TYR K 9 44.77 48.69 11.19
N LYS K 10 45.79 49.43 11.64
CA LYS K 10 45.66 50.88 11.73
C LYS K 10 45.49 51.52 10.36
N LEU K 11 45.87 50.81 9.29
CA LEU K 11 45.74 51.33 7.94
C LEU K 11 44.40 50.99 7.30
N ALA K 12 43.59 50.17 7.94
CA ALA K 12 42.27 49.78 7.43
C ALA K 12 41.17 50.42 8.25
N ARG K 13 39.99 50.52 7.65
CA ARG K 13 38.81 51.08 8.28
C ARG K 13 37.66 50.09 8.22
N PRO K 14 36.67 50.23 9.11
CA PRO K 14 35.46 49.43 8.99
C PRO K 14 34.64 49.87 7.79
N TYR K 15 33.64 49.06 7.45
CA TYR K 15 32.79 49.38 6.32
C TYR K 15 31.38 48.89 6.56
N ILE K 16 30.45 49.39 5.76
CA ILE K 16 29.04 49.03 5.81
C ILE K 16 28.77 48.13 4.62
N ALA K 17 28.15 46.98 4.86
CA ALA K 17 27.87 46.02 3.81
C ALA K 17 26.53 45.34 4.07
N ASP K 18 26.00 44.74 3.02
CA ASP K 18 24.74 44.02 3.11
C ASP K 18 24.78 42.92 4.16
N CYS K 19 23.71 42.83 4.94
CA CYS K 19 23.51 41.76 5.92
C CYS K 19 22.13 41.18 5.66
N PRO K 20 22.00 39.88 5.40
CA PRO K 20 20.69 39.33 5.03
C PRO K 20 19.60 39.50 6.09
N ASN K 21 19.94 39.56 7.36
CA ASN K 21 18.95 39.70 8.42
C ASN K 21 19.38 40.77 9.41
N CYS K 22 19.84 41.90 8.86
CA CYS K 22 20.18 43.09 9.62
C CYS K 22 18.97 43.54 10.43
N GLY K 23 19.05 43.45 11.74
CA GLY K 23 17.87 43.69 12.57
C GLY K 23 16.85 42.61 12.29
N HIS K 24 15.64 43.00 11.89
CA HIS K 24 14.60 42.04 11.53
C HIS K 24 14.36 41.98 10.03
N SER K 25 15.10 42.76 9.24
CA SER K 25 14.90 42.81 7.80
C SER K 25 16.21 43.20 7.15
N ARG K 26 16.47 42.64 5.97
CA ARG K 26 17.71 42.89 5.26
C ARG K 26 18.01 44.38 5.15
N CYS K 27 19.23 44.75 5.55
CA CYS K 27 19.70 46.13 5.47
C CYS K 27 21.22 46.12 5.53
N ASP K 28 21.81 47.27 5.17
CA ASP K 28 23.25 47.43 5.15
C ASP K 28 23.73 47.68 6.57
N SER K 29 24.46 46.71 7.12
CA SER K 29 24.87 46.76 8.52
C SER K 29 26.32 47.21 8.66
N PRO K 30 26.63 48.00 9.70
CA PRO K 30 28.03 48.35 9.96
C PRO K 30 28.84 47.23 10.57
N ILE K 31 28.20 46.13 10.99
CA ILE K 31 28.87 44.98 11.57
C ILE K 31 28.47 43.73 10.79
N ALA K 32 28.31 43.86 9.48
CA ALA K 32 27.93 42.73 8.65
C ALA K 32 28.95 41.59 8.83
N ILE K 33 28.45 40.37 8.74
CA ILE K 33 29.27 39.17 8.90
C ILE K 33 29.77 38.73 7.54
N GLU K 34 31.10 38.63 7.39
CA GLU K 34 31.73 38.20 6.15
C GLU K 34 32.01 36.70 6.13
N GLU K 35 32.39 36.13 7.27
CA GLU K 35 32.77 34.73 7.33
C GLU K 35 32.55 34.21 8.74
N VAL K 36 32.15 32.94 8.84
CA VAL K 36 32.09 32.21 10.10
C VAL K 36 32.93 30.95 9.93
N ARG K 37 33.96 30.82 10.76
CA ARG K 37 34.81 29.64 10.78
C ARG K 37 34.38 28.77 11.96
N GLY K 38 33.90 27.57 11.67
CA GLY K 38 33.43 26.68 12.72
C GLY K 38 33.93 25.26 12.61
N ASP K 39 35.18 25.09 12.22
CA ASP K 39 35.77 23.77 12.04
C ASP K 39 36.58 23.31 13.24
N ALA K 40 36.60 24.08 14.34
CA ALA K 40 37.29 23.65 15.54
C ALA K 40 36.42 22.68 16.33
N HIS K 41 37.06 21.93 17.22
CA HIS K 41 36.35 20.88 17.96
C HIS K 41 35.45 21.43 19.06
N ALA K 42 36.03 22.09 20.06
CA ALA K 42 35.23 22.41 21.25
C ALA K 42 34.30 23.60 21.09
N GLY K 43 33.52 23.62 20.01
CA GLY K 43 32.52 24.65 19.81
C GLY K 43 33.04 26.06 19.68
N VAL K 44 34.32 26.25 19.37
CA VAL K 44 34.88 27.59 19.22
C VAL K 44 34.79 27.99 17.75
N ILE K 45 34.32 29.20 17.49
CA ILE K 45 34.19 29.71 16.13
C ILE K 45 34.85 31.07 16.05
N ARG K 46 35.25 31.43 14.83
CA ARG K 46 35.83 32.73 14.53
C ARG K 46 34.95 33.42 13.49
N ILE K 47 34.58 34.67 13.78
CA ILE K 47 33.67 35.42 12.93
C ILE K 47 34.39 36.66 12.42
N GLN K 48 34.37 36.87 11.11
CA GLN K 48 34.88 38.08 10.51
C GLN K 48 33.71 39.02 10.23
N THR K 49 33.84 40.26 10.67
CA THR K 49 32.81 41.26 10.51
C THR K 49 33.39 42.48 9.81
N SER K 50 32.51 43.41 9.45
CA SER K 50 32.94 44.65 8.83
C SER K 50 33.40 45.70 9.84
N ALA K 51 33.24 45.44 11.13
CA ALA K 51 33.63 46.37 12.17
C ALA K 51 35.06 46.11 12.64
N MET K 52 35.68 47.15 13.19
CA MET K 52 37.05 47.08 13.68
C MET K 52 37.03 47.07 15.21
N PHE K 53 37.62 46.04 15.80
CA PHE K 53 37.66 45.88 17.24
C PHE K 53 39.07 46.10 17.78
N GLY K 54 39.17 46.79 18.90
CA GLY K 54 40.44 47.05 19.54
C GLY K 54 41.17 48.29 19.09
N LEU K 55 40.61 49.05 18.15
CA LEU K 55 41.25 50.24 17.62
C LEU K 55 40.34 51.45 17.75
N LYS K 56 40.92 52.56 18.19
CA LYS K 56 40.28 53.85 18.24
C LYS K 56 41.15 54.84 17.46
N THR K 57 40.57 55.98 17.12
CA THR K 57 41.30 56.96 16.34
C THR K 57 42.56 57.46 17.04
N ASP K 58 42.64 57.29 18.36
CA ASP K 58 43.79 57.76 19.13
C ASP K 58 44.83 56.67 19.38
N GLY K 59 44.63 55.46 18.88
CA GLY K 59 45.58 54.39 19.08
C GLY K 59 44.88 53.08 19.34
N VAL K 60 45.65 52.13 19.88
CA VAL K 60 45.17 50.81 20.22
C VAL K 60 44.55 50.82 21.61
N ASP K 61 43.35 50.25 21.72
CA ASP K 61 42.67 50.13 23.00
C ASP K 61 41.68 48.98 22.86
N LEU K 62 41.96 47.86 23.53
CA LEU K 62 41.12 46.68 23.39
C LEU K 62 39.71 46.87 23.93
N ALA K 63 39.46 47.93 24.69
CA ALA K 63 38.13 48.22 25.19
C ALA K 63 37.29 49.01 24.21
N TYR K 64 37.86 49.41 23.07
CA TYR K 64 37.19 50.23 22.08
C TYR K 64 37.00 49.47 20.77
N MET K 65 36.02 49.92 20.00
CA MET K 65 35.72 49.42 18.67
C MET K 65 35.37 50.59 17.78
N SER K 66 35.60 50.42 16.48
CA SER K 66 35.26 51.43 15.49
C SER K 66 34.32 50.82 14.45
N PHE K 67 33.40 51.64 13.97
CA PHE K 67 32.46 51.23 12.94
C PHE K 67 32.10 52.46 12.11
N MET K 68 31.57 52.21 10.93
CA MET K 68 31.17 53.30 10.03
C MET K 68 29.74 53.71 10.30
N ASN K 69 29.53 55.01 10.44
CA ASN K 69 28.21 55.61 10.56
C ASN K 69 28.03 56.45 9.31
N GLY K 70 27.50 55.83 8.27
CA GLY K 70 27.46 56.49 6.98
C GLY K 70 28.86 56.68 6.45
N LYS K 71 29.20 57.92 6.10
CA LYS K 71 30.55 58.22 5.61
C LYS K 71 31.55 58.46 6.73
N THR K 72 31.10 58.57 7.97
CA THR K 72 31.96 58.93 9.09
C THR K 72 32.26 57.70 9.97
N GLN K 73 33.54 57.49 10.24
CA GLN K 73 33.96 56.44 11.16
C GLN K 73 33.86 56.93 12.60
N LYS K 74 33.17 56.18 13.45
CA LYS K 74 33.01 56.53 14.85
C LYS K 74 33.63 55.44 15.73
N SER K 75 34.37 55.87 16.75
CA SER K 75 35.01 54.99 17.71
C SER K 75 34.27 55.10 19.04
N ILE K 76 33.80 53.97 19.55
CA ILE K 76 33.06 53.92 20.80
C ILE K 76 33.66 52.84 21.69
N LYS K 77 33.43 52.98 23.00
CA LYS K 77 33.81 51.92 23.91
C LYS K 77 32.83 50.77 23.71
N ILE K 78 33.35 49.54 23.79
CA ILE K 78 32.50 48.38 23.52
C ILE K 78 31.38 48.32 24.55
N ASP K 79 30.15 48.19 24.04
CA ASP K 79 28.96 48.12 24.88
C ASP K 79 28.15 46.90 24.45
N ASN K 80 28.16 45.87 25.29
CA ASN K 80 27.42 44.64 25.07
C ASN K 80 27.65 44.05 23.68
N LEU K 81 28.90 44.01 23.25
CA LEU K 81 29.22 43.27 22.03
C LEU K 81 28.95 41.80 22.31
N HIS K 82 28.12 41.17 21.50
CA HIS K 82 27.69 39.81 21.78
C HIS K 82 27.57 38.98 20.52
N VAL K 83 27.63 37.66 20.72
CA VAL K 83 27.46 36.66 19.67
C VAL K 83 26.53 35.58 20.21
N ARG K 84 25.61 35.12 19.37
CA ARG K 84 24.77 33.99 19.74
C ARG K 84 24.42 33.19 18.49
N THR K 85 24.25 31.88 18.68
CA THR K 85 23.81 30.98 17.62
C THR K 85 22.43 30.44 17.98
N SER K 86 22.34 29.60 19.01
CA SER K 86 21.08 29.19 19.60
C SER K 86 20.94 29.72 21.01
N ALA K 87 22.04 30.18 21.59
CA ALA K 87 22.08 30.73 22.94
C ALA K 87 23.31 31.63 23.03
N PRO K 88 23.43 32.44 24.08
CA PRO K 88 24.57 33.34 24.17
C PRO K 88 25.90 32.60 24.11
N CYS K 89 26.85 33.18 23.39
CA CYS K 89 28.19 32.65 23.25
C CYS K 89 29.17 33.44 24.10
N SER K 90 30.17 32.75 24.63
CA SER K 90 31.21 33.41 25.41
C SER K 90 32.27 33.94 24.46
N LEU K 91 32.59 35.23 24.58
CA LEU K 91 33.62 35.82 23.75
C LEU K 91 34.99 35.51 24.33
N VAL K 92 35.92 35.18 23.45
CA VAL K 92 37.29 34.86 23.85
C VAL K 92 38.20 36.07 23.68
N SER K 93 38.20 36.66 22.49
CA SER K 93 38.98 37.85 22.22
C SER K 93 38.51 38.40 20.87
N HIS K 94 38.92 39.63 20.59
CA HIS K 94 38.56 40.31 19.35
C HIS K 94 39.77 41.05 18.83
N HIS K 95 39.88 41.15 17.51
CA HIS K 95 41.03 41.80 16.88
C HIS K 95 40.65 42.22 15.48
N GLY K 96 40.75 43.50 15.19
CA GLY K 96 40.46 43.97 13.85
C GLY K 96 39.06 43.60 13.43
N TYR K 97 38.95 42.91 12.30
CA TYR K 97 37.67 42.47 11.76
C TYR K 97 37.16 41.18 12.37
N TYR K 98 37.88 40.56 13.31
CA TYR K 98 37.58 39.22 13.77
C TYR K 98 37.11 39.16 15.22
N ILE K 99 36.17 38.26 15.47
CA ILE K 99 35.65 37.95 16.80
C ILE K 99 35.84 36.47 17.05
N LEU K 100 36.38 36.12 18.22
CA LEU K 100 36.53 34.73 18.64
C LEU K 100 35.52 34.45 19.74
N ALA K 101 34.72 33.40 19.58
CA ALA K 101 33.70 33.07 20.56
C ALA K 101 33.49 31.57 20.62
N GLN K 102 33.01 31.10 21.78
CA GLN K 102 32.66 29.71 22.02
C GLN K 102 31.14 29.61 22.01
N CYS K 103 30.58 28.91 21.03
CA CYS K 103 29.15 28.86 20.82
C CYS K 103 28.58 27.45 20.92
N PRO K 104 27.33 27.31 21.37
CA PRO K 104 26.64 26.03 21.28
C PRO K 104 26.16 25.78 19.86
N PRO K 105 25.76 24.56 19.54
CA PRO K 105 25.25 24.29 18.18
C PRO K 105 24.05 25.19 17.86
N GLY K 106 23.90 25.48 16.58
CA GLY K 106 22.77 26.30 16.14
C GLY K 106 22.75 26.42 14.63
N ASP K 107 21.61 26.91 14.14
CA ASP K 107 21.38 27.08 12.71
C ASP K 107 21.70 28.49 12.24
N THR K 108 22.04 29.41 13.14
CA THR K 108 22.32 30.79 12.79
C THR K 108 23.49 31.28 13.61
N VAL K 109 24.06 32.41 13.18
CA VAL K 109 25.08 33.12 13.93
C VAL K 109 24.67 34.58 13.97
N THR K 110 24.45 35.11 15.16
CA THR K 110 24.02 36.49 15.35
C THR K 110 25.11 37.26 16.09
N VAL K 111 25.49 38.40 15.54
CA VAL K 111 26.51 39.27 16.13
C VAL K 111 25.93 40.68 16.21
N GLY K 112 26.22 41.36 17.31
CA GLY K 112 25.71 42.73 17.45
C GLY K 112 26.42 43.46 18.56
N PHE K 113 26.13 44.76 18.63
CA PHE K 113 26.72 45.64 19.62
C PHE K 113 25.77 46.81 19.85
N HIS K 114 26.00 47.53 20.93
CA HIS K 114 25.20 48.69 21.29
C HIS K 114 25.99 49.98 21.08
N ASP K 115 25.27 51.03 20.70
CA ASP K 115 25.84 52.37 20.53
C ASP K 115 24.86 53.34 21.19
N GLY K 116 25.02 53.55 22.49
CA GLY K 116 24.10 54.36 23.23
C GLY K 116 22.71 53.76 23.15
N PRO K 117 21.73 54.54 22.68
CA PRO K 117 20.38 53.97 22.51
C PRO K 117 20.22 53.11 21.28
N ASN K 118 21.21 53.09 20.39
CA ASN K 118 21.13 52.34 19.14
C ASN K 118 21.60 50.90 19.33
N ARG K 119 21.01 50.00 18.53
CA ARG K 119 21.32 48.58 18.56
C ARG K 119 21.62 48.14 17.14
N HIS K 120 22.78 47.49 16.96
CA HIS K 120 23.22 47.01 15.65
C HIS K 120 23.42 45.50 15.72
N THR K 121 22.61 44.76 14.95
CA THR K 121 22.67 43.31 14.94
C THR K 121 22.66 42.78 13.51
N CYS K 122 23.49 41.77 13.24
CA CYS K 122 23.51 41.07 11.97
C CYS K 122 23.40 39.58 12.23
N THR K 123 22.46 38.91 11.54
CA THR K 123 22.25 37.48 11.66
C THR K 123 22.37 36.83 10.29
N VAL K 124 23.12 35.72 10.22
CA VAL K 124 23.31 34.98 8.99
C VAL K 124 23.00 33.51 9.25
N ALA K 125 22.46 32.84 8.22
CA ALA K 125 22.24 31.40 8.30
C ALA K 125 23.58 30.69 8.19
N HIS K 126 23.91 29.89 9.20
CA HIS K 126 25.16 29.16 9.22
C HIS K 126 25.05 28.06 10.26
N LYS K 127 25.29 26.82 9.85
CA LYS K 127 25.17 25.70 10.77
C LYS K 127 26.41 25.65 11.65
N VAL K 128 26.22 25.91 12.93
CA VAL K 128 27.28 25.78 13.93
C VAL K 128 26.98 24.51 14.69
N GLU K 129 27.96 23.63 14.80
CA GLU K 129 27.77 22.36 15.45
C GLU K 129 28.95 22.05 16.36
N PHE K 130 28.68 21.31 17.43
CA PHE K 130 29.71 20.94 18.38
C PHE K 130 30.43 19.71 17.86
N ARG K 131 31.75 19.76 17.89
CA ARG K 131 32.57 18.66 17.39
C ARG K 131 33.33 17.98 18.53
N PRO K 132 32.83 16.87 19.06
CA PRO K 132 33.55 16.17 20.11
C PRO K 132 34.87 15.61 19.62
N VAL K 133 35.83 15.52 20.53
CA VAL K 133 37.13 14.94 20.25
C VAL K 133 37.11 13.50 20.77
N GLY K 134 37.46 12.57 19.90
CA GLY K 134 37.55 11.17 20.30
C GLY K 134 36.37 10.31 19.92
N ARG K 135 36.17 9.26 20.71
CA ARG K 135 35.22 8.19 20.41
C ARG K 135 33.95 8.28 21.24
N GLU K 136 33.67 9.43 21.85
CA GLU K 136 32.47 9.66 22.64
C GLU K 136 31.85 10.98 22.20
N LYS K 137 30.55 10.97 21.90
CA LYS K 137 29.86 12.15 21.38
C LYS K 137 29.24 12.96 22.53
N TYR K 138 30.11 13.65 23.26
CA TYR K 138 29.65 14.54 24.31
C TYR K 138 29.15 15.85 23.68
N ARG K 139 28.30 16.56 24.42
CA ARG K 139 27.66 17.77 23.93
C ARG K 139 28.21 19.04 24.57
N HIS K 140 29.16 18.93 25.50
CA HIS K 140 29.77 20.11 26.12
C HIS K 140 31.08 19.64 26.73
N PRO K 141 32.14 20.44 26.68
CA PRO K 141 33.42 19.99 27.23
C PRO K 141 33.27 19.55 28.68
N PRO K 142 33.72 18.35 29.03
CA PRO K 142 33.61 17.88 30.40
C PRO K 142 34.62 18.55 31.32
N GLU K 143 34.33 18.48 32.62
CA GLU K 143 35.24 19.01 33.61
C GLU K 143 36.45 18.11 33.83
N HIS K 144 36.32 16.83 33.49
CA HIS K 144 37.40 15.87 33.63
C HIS K 144 37.24 14.79 32.59
N GLY K 145 38.32 14.07 32.33
CA GLY K 145 38.31 13.00 31.35
C GLY K 145 39.70 12.72 30.83
N VAL K 146 39.75 12.32 29.56
CA VAL K 146 41.01 12.00 28.88
C VAL K 146 41.38 13.15 27.96
N GLU K 147 42.64 13.59 28.05
CA GLU K 147 43.15 14.69 27.26
C GLU K 147 43.60 14.19 25.88
N LEU K 148 42.96 14.68 24.82
CA LEU K 148 43.22 14.27 23.45
C LEU K 148 43.60 15.48 22.58
N PRO K 149 44.42 15.28 21.55
CA PRO K 149 44.73 16.38 20.65
C PRO K 149 43.52 16.80 19.85
N CYS K 150 43.45 18.10 19.56
CA CYS K 150 42.30 18.65 18.85
C CYS K 150 42.72 19.90 18.08
N ASN K 151 41.82 20.34 17.21
CA ASN K 151 42.01 21.53 16.39
C ASN K 151 41.24 22.67 17.03
N ARG K 152 41.92 23.77 17.34
CA ARG K 152 41.30 24.91 17.97
C ARG K 152 41.77 26.20 17.29
N TYR K 153 40.94 27.23 17.38
CA TYR K 153 41.33 28.56 16.96
C TYR K 153 42.02 29.21 18.16
N THR K 154 43.27 29.62 17.98
CA THR K 154 44.02 30.17 19.10
C THR K 154 43.46 31.52 19.53
N HIS K 155 43.72 31.86 20.78
CA HIS K 155 43.30 33.12 21.36
C HIS K 155 44.31 34.24 21.12
N LYS K 156 45.48 33.92 20.57
CA LYS K 156 46.53 34.89 20.35
C LYS K 156 46.19 35.82 19.19
N ARG K 157 46.67 37.06 19.27
CA ARG K 157 46.51 38.06 18.23
C ARG K 157 47.72 38.15 17.32
N ALA K 158 48.75 37.34 17.56
CA ALA K 158 49.98 37.42 16.80
C ALA K 158 49.82 36.95 15.37
N ASP K 159 50.70 37.45 14.49
CA ASP K 159 50.75 37.03 13.10
C ASP K 159 51.33 35.63 13.02
N GLN K 160 50.56 34.69 12.47
CA GLN K 160 50.95 33.30 12.40
C GLN K 160 50.96 32.73 10.98
N GLY K 161 51.22 33.58 9.99
CA GLY K 161 51.38 33.14 8.62
C GLY K 161 50.14 33.10 7.76
N HIS K 162 49.00 33.55 8.26
CA HIS K 162 47.76 33.60 7.48
C HIS K 162 47.37 35.06 7.32
N TYR K 163 47.01 35.44 6.09
CA TYR K 163 46.72 36.83 5.78
C TYR K 163 45.48 36.96 4.91
N VAL K 164 44.89 38.14 4.96
CA VAL K 164 43.83 38.58 4.07
C VAL K 164 44.31 39.87 3.44
N GLU K 165 43.74 40.20 2.29
CA GLU K 165 44.15 41.38 1.54
C GLU K 165 43.25 42.57 1.86
N MET K 166 43.86 43.73 2.03
CA MET K 166 43.14 44.99 2.16
C MET K 166 43.37 45.80 0.90
N HIS K 167 42.28 46.29 0.31
CA HIS K 167 42.30 46.97 -0.98
C HIS K 167 41.78 48.40 -0.84
N GLN K 168 42.21 49.23 -1.78
CA GLN K 168 41.67 50.58 -1.86
C GLN K 168 40.17 50.51 -2.06
N PRO K 169 39.37 51.21 -1.23
CA PRO K 169 37.92 51.08 -1.35
C PRO K 169 37.41 51.62 -2.68
N GLY K 170 36.30 51.04 -3.15
CA GLY K 170 35.67 51.49 -4.37
C GLY K 170 34.84 52.73 -4.15
N LEU K 171 34.09 53.10 -5.18
CA LEU K 171 33.22 54.26 -5.09
C LEU K 171 32.11 54.00 -4.07
N VAL K 172 31.85 54.98 -3.22
CA VAL K 172 30.82 54.89 -2.21
C VAL K 172 29.69 55.85 -2.59
N ALA K 173 28.55 55.30 -2.99
CA ALA K 173 27.40 56.11 -3.33
C ALA K 173 26.88 56.81 -2.07
N ASP K 174 26.51 58.09 -2.21
CA ASP K 174 25.99 58.84 -1.08
C ASP K 174 25.13 59.99 -1.61
N HIS K 175 23.80 59.80 -1.58
CA HIS K 175 22.89 60.84 -2.06
C HIS K 175 22.89 62.07 -1.17
N SER K 176 23.44 62.01 0.04
CA SER K 176 23.46 63.18 0.91
C SER K 176 24.47 64.22 0.44
N LEU K 177 25.31 63.88 -0.53
CA LEU K 177 26.26 64.82 -1.10
C LEU K 177 25.60 65.80 -2.06
N LEU K 178 24.35 65.56 -2.45
CA LEU K 178 23.61 66.41 -3.37
C LEU K 178 22.62 67.30 -2.63
N SER K 179 22.58 68.58 -3.02
CA SER K 179 21.67 69.53 -2.42
C SER K 179 21.06 70.42 -3.51
N ILE K 180 19.81 70.81 -3.30
CA ILE K 180 19.09 71.63 -4.28
C ILE K 180 19.76 72.98 -4.45
N HIS K 181 20.27 73.55 -3.37
CA HIS K 181 20.96 74.86 -3.41
C HIS K 181 20.02 75.89 -4.05
N SER K 182 20.48 76.70 -5.00
CA SER K 182 19.65 77.72 -5.65
C SER K 182 18.93 77.14 -6.86
N ALA K 183 18.08 76.15 -6.61
CA ALA K 183 17.35 75.46 -7.67
C ALA K 183 18.30 74.83 -8.68
N LYS K 184 19.51 74.50 -8.23
CA LYS K 184 20.54 73.90 -9.06
C LYS K 184 21.33 72.95 -8.18
N VAL K 185 21.35 71.68 -8.55
CA VAL K 185 21.97 70.66 -7.70
C VAL K 185 23.42 71.02 -7.41
N LYS K 186 23.77 71.03 -6.13
CA LYS K 186 25.11 71.31 -5.65
C LYS K 186 25.74 70.07 -5.06
N ILE K 187 27.02 69.87 -5.35
CA ILE K 187 27.78 68.71 -4.87
C ILE K 187 28.69 69.18 -3.75
N THR K 188 28.45 68.66 -2.54
CA THR K 188 29.27 68.98 -1.37
C THR K 188 30.38 67.96 -1.23
N VAL K 189 31.60 68.43 -1.01
CA VAL K 189 32.79 67.58 -0.92
C VAL K 189 33.30 67.60 0.52
N PRO K 190 33.32 66.45 1.21
CA PRO K 190 33.95 66.41 2.55
C PRO K 190 35.44 66.75 2.48
N SER K 191 35.93 67.40 3.53
CA SER K 191 37.32 67.84 3.57
C SER K 191 38.27 66.67 3.38
N GLY K 192 39.25 66.85 2.48
CA GLY K 192 40.25 65.85 2.19
C GLY K 192 39.84 64.77 1.22
N ALA K 193 38.56 64.71 0.84
CA ALA K 193 38.07 63.71 -0.08
C ALA K 193 37.70 64.35 -1.42
N GLN K 194 37.43 63.49 -2.40
CA GLN K 194 36.95 63.89 -3.70
C GLN K 194 35.60 63.24 -3.95
N VAL K 195 34.77 63.90 -4.74
CA VAL K 195 33.44 63.40 -5.07
C VAL K 195 33.31 63.26 -6.57
N LYS K 196 33.02 62.04 -7.03
CA LYS K 196 32.72 61.78 -8.43
C LYS K 196 31.22 61.88 -8.62
N TYR K 197 30.80 62.49 -9.72
CA TYR K 197 29.38 62.66 -9.99
C TYR K 197 29.05 62.29 -11.43
N TYR K 198 27.79 61.86 -11.61
CA TYR K 198 27.25 61.51 -12.93
C TYR K 198 25.83 62.06 -12.99
N CYS K 199 25.61 63.01 -13.91
CA CYS K 199 24.32 63.64 -14.09
C CYS K 199 23.87 63.44 -15.52
N LYS K 200 22.65 62.94 -15.71
CA LYS K 200 22.15 62.67 -17.06
C LYS K 200 20.96 63.55 -17.41
N CYS K 201 21.09 64.85 -17.13
CA CYS K 201 20.11 65.82 -17.58
C CYS K 201 20.33 66.08 -19.06
N PRO K 202 19.44 66.83 -19.72
CA PRO K 202 19.68 67.13 -21.14
C PRO K 202 21.11 67.57 -21.40
N ASP K 203 21.69 68.34 -20.49
CA ASP K 203 23.11 68.66 -20.49
C ASP K 203 23.79 67.67 -19.55
N VAL K 204 24.36 66.61 -20.13
CA VAL K 204 24.97 65.55 -19.33
C VAL K 204 26.30 66.04 -18.75
N ARG K 205 26.48 65.85 -17.44
CA ARG K 205 27.68 66.26 -16.73
C ARG K 205 28.24 65.09 -15.94
N LYS K 206 29.55 64.93 -15.98
CA LYS K 206 30.23 63.90 -15.19
C LYS K 206 31.67 64.31 -14.95
N GLY K 207 32.22 63.84 -13.84
CA GLY K 207 33.59 64.17 -13.50
C GLY K 207 33.85 63.99 -12.02
N ILE K 208 35.05 64.36 -11.62
CA ILE K 208 35.53 64.25 -10.24
C ILE K 208 35.96 65.64 -9.77
N THR K 209 35.42 66.06 -8.63
CA THR K 209 35.74 67.36 -8.04
C THR K 209 36.35 67.19 -6.65
N SER K 210 37.26 68.11 -6.32
CA SER K 210 37.89 68.16 -5.01
C SER K 210 37.33 69.30 -4.17
N SER K 211 36.31 69.99 -4.65
CA SER K 211 35.70 71.10 -3.92
C SER K 211 34.22 71.18 -4.33
N ASP K 212 33.45 71.92 -3.54
CA ASP K 212 32.02 72.04 -3.80
C ASP K 212 31.78 72.55 -5.21
N HIS K 213 30.86 71.90 -5.91
CA HIS K 213 30.54 72.21 -7.29
C HIS K 213 29.04 72.23 -7.51
N THR K 214 28.57 73.22 -8.28
CA THR K 214 27.16 73.34 -8.65
C THR K 214 27.01 72.91 -10.11
N THR K 215 26.11 71.97 -10.36
CA THR K 215 25.91 71.44 -11.70
C THR K 215 24.68 72.07 -12.37
N THR K 216 24.45 71.66 -13.62
CA THR K 216 23.35 72.19 -14.42
C THR K 216 21.99 71.63 -14.01
N CYS K 217 21.94 70.43 -13.45
CA CYS K 217 20.66 69.81 -13.11
C CYS K 217 19.94 70.57 -12.01
N THR K 218 18.60 70.44 -12.03
CA THR K 218 17.71 71.09 -11.08
C THR K 218 17.05 70.13 -10.10
N ASP K 219 17.23 68.83 -10.27
CA ASP K 219 16.62 67.84 -9.38
C ASP K 219 17.67 66.84 -8.93
N VAL K 220 17.73 66.59 -7.63
CA VAL K 220 18.73 65.69 -7.06
C VAL K 220 18.62 64.30 -7.69
N LYS K 221 17.40 63.82 -7.95
CA LYS K 221 17.28 62.48 -8.51
C LYS K 221 17.91 62.34 -9.89
N GLN K 222 18.22 63.45 -10.55
CA GLN K 222 18.86 63.41 -11.86
C GLN K 222 20.34 63.10 -11.81
N CYS K 223 20.96 63.14 -10.62
CA CYS K 223 22.39 62.91 -10.48
C CYS K 223 22.68 61.77 -9.53
N ARG K 224 23.91 61.26 -9.63
CA ARG K 224 24.48 60.28 -8.71
C ARG K 224 25.82 60.83 -8.24
N ALA K 225 26.04 60.84 -6.93
CA ALA K 225 27.30 61.29 -6.35
C ALA K 225 27.99 60.14 -5.65
N TYR K 226 29.30 60.03 -5.88
CA TYR K 226 30.14 58.99 -5.32
C TYR K 226 31.29 59.61 -4.55
N LEU K 227 31.54 59.12 -3.35
CA LEU K 227 32.61 59.62 -2.51
C LEU K 227 33.90 58.86 -2.78
N ILE K 228 34.99 59.61 -2.89
CA ILE K 228 36.33 59.05 -3.04
C ILE K 228 37.11 59.43 -1.80
N ASP K 229 37.41 58.43 -0.95
CA ASP K 229 38.12 58.68 0.30
C ASP K 229 39.02 57.46 0.55
N ASN K 230 40.30 57.61 0.21
CA ASN K 230 41.25 56.50 0.29
C ASN K 230 42.21 56.63 1.46
N LYS K 231 41.86 57.39 2.49
CA LYS K 231 42.74 57.50 3.65
C LYS K 231 42.97 56.15 4.30
N LYS K 232 41.91 55.35 4.40
CA LYS K 232 41.96 54.02 4.98
C LYS K 232 41.48 52.99 3.96
N TRP K 233 42.05 51.80 4.03
CA TRP K 233 41.75 50.71 3.11
C TRP K 233 40.76 49.76 3.75
N VAL K 234 40.14 48.91 2.92
CA VAL K 234 39.15 47.97 3.40
C VAL K 234 39.46 46.57 2.88
N TYR K 235 38.92 45.57 3.58
CA TYR K 235 39.03 44.19 3.14
C TYR K 235 38.41 44.01 1.76
N ASN K 236 39.00 43.11 0.98
CA ASN K 236 38.51 42.80 -0.36
C ASN K 236 37.20 42.04 -0.27
N SER K 237 36.19 42.69 0.29
CA SER K 237 34.91 42.05 0.56
C SER K 237 34.10 41.79 -0.70
N GLY K 238 33.43 40.65 -0.74
CA GLY K 238 32.54 40.33 -1.84
C GLY K 238 31.24 41.10 -1.83
N ARG K 239 30.99 41.87 -0.78
CA ARG K 239 29.78 42.67 -0.63
C ARG K 239 30.04 44.16 -0.86
N LEU K 240 31.24 44.52 -1.33
CA LEU K 240 31.60 45.88 -1.68
C LEU K 240 31.94 45.96 -3.16
N PRO K 241 31.62 47.08 -3.82
CA PRO K 241 32.03 47.22 -5.22
C PRO K 241 33.52 47.42 -5.35
N ARG K 242 34.11 46.79 -6.35
CA ARG K 242 35.55 46.88 -6.59
C ARG K 242 35.92 48.25 -7.15
N GLY K 243 37.13 48.69 -6.81
CA GLY K 243 37.67 49.91 -7.38
C GLY K 243 38.27 49.66 -8.74
N GLU K 244 38.81 50.73 -9.33
CA GLU K 244 39.43 50.67 -10.64
C GLU K 244 40.95 50.59 -10.51
N GLY K 245 41.56 49.88 -11.45
CA GLY K 245 43.00 49.69 -11.46
C GLY K 245 43.44 48.62 -10.48
N ASP K 246 44.72 48.66 -10.12
CA ASP K 246 45.29 47.73 -9.14
C ASP K 246 45.06 48.32 -7.76
N THR K 247 44.05 47.81 -7.07
CA THR K 247 43.63 48.33 -5.77
C THR K 247 44.29 47.63 -4.59
N PHE K 248 45.13 46.63 -4.81
CA PHE K 248 45.80 45.96 -3.69
C PHE K 248 46.79 46.91 -3.03
N LYS K 249 46.64 47.12 -1.72
CA LYS K 249 47.50 48.01 -0.96
C LYS K 249 48.32 47.35 0.12
N GLY K 250 47.87 46.23 0.68
CA GLY K 250 48.66 45.55 1.70
C GLY K 250 47.95 44.31 2.19
N LYS K 251 48.60 43.66 3.16
CA LYS K 251 48.07 42.47 3.80
C LYS K 251 47.68 42.73 5.25
N LEU K 252 46.67 41.99 5.70
CA LEU K 252 46.23 41.98 7.08
C LEU K 252 46.32 40.54 7.58
N HIS K 253 47.03 40.33 8.68
CA HIS K 253 47.12 38.97 9.21
C HIS K 253 45.80 38.58 9.86
N VAL K 254 45.55 37.28 9.89
CA VAL K 254 44.38 36.72 10.57
C VAL K 254 44.80 36.43 12.01
N PRO K 255 44.10 36.97 13.00
CA PRO K 255 44.61 36.87 14.39
C PRO K 255 44.43 35.53 15.08
N PHE K 256 43.31 34.84 14.87
CA PHE K 256 43.01 33.62 15.61
C PHE K 256 43.04 32.44 14.63
N VAL K 257 44.26 32.00 14.32
CA VAL K 257 44.50 30.95 13.34
C VAL K 257 44.27 29.57 13.96
N PRO K 258 43.95 28.55 13.16
CA PRO K 258 43.84 27.20 13.71
C PRO K 258 45.17 26.68 14.21
N VAL K 259 45.13 26.01 15.36
CA VAL K 259 46.33 25.41 15.96
C VAL K 259 45.94 24.04 16.51
N LYS K 260 46.95 23.20 16.72
CA LYS K 260 46.73 21.95 17.41
C LYS K 260 46.76 22.21 18.92
N ALA K 261 45.82 21.60 19.62
CA ALA K 261 45.71 21.81 21.06
C ALA K 261 45.19 20.52 21.70
N LYS K 262 45.26 20.47 23.02
CA LYS K 262 44.76 19.34 23.78
C LYS K 262 43.38 19.67 24.32
N CYS K 263 42.43 18.77 24.08
CA CYS K 263 41.06 18.89 24.55
C CYS K 263 40.77 17.78 25.54
N ILE K 264 39.90 18.06 26.51
CA ILE K 264 39.48 17.06 27.47
C ILE K 264 38.25 16.36 26.91
N ALA K 265 38.37 15.06 26.66
CA ALA K 265 37.27 14.24 26.19
C ALA K 265 36.74 13.39 27.35
N THR K 266 35.48 12.99 27.24
CA THR K 266 34.87 12.20 28.28
C THR K 266 35.46 10.79 28.33
N LEU K 267 35.25 10.13 29.46
CA LEU K 267 35.54 8.72 29.65
C LEU K 267 34.24 8.02 30.03
N ALA K 268 33.86 7.03 29.25
CA ALA K 268 32.66 6.27 29.57
C ALA K 268 32.89 5.45 30.84
N PRO K 269 31.81 5.09 31.54
CA PRO K 269 31.97 4.22 32.71
C PRO K 269 32.60 2.89 32.32
N GLU K 270 33.45 2.37 33.18
CA GLU K 270 34.12 1.11 32.88
C GLU K 270 33.12 -0.01 32.72
N PRO K 271 33.27 -0.88 31.72
CA PRO K 271 32.31 -1.96 31.53
C PRO K 271 32.38 -3.00 32.64
N LEU K 272 31.24 -3.64 32.88
CA LEU K 272 31.20 -4.84 33.70
C LEU K 272 31.52 -5.99 32.77
N VAL K 273 32.48 -6.83 33.15
CA VAL K 273 32.97 -7.89 32.28
C VAL K 273 32.63 -9.24 32.90
N GLU K 274 31.89 -10.06 32.16
CA GLU K 274 31.50 -11.40 32.54
C GLU K 274 32.14 -12.38 31.57
N HIS K 275 32.69 -13.48 32.10
CA HIS K 275 33.43 -14.45 31.31
C HIS K 275 32.69 -15.77 31.21
N LYS K 276 32.59 -16.28 29.98
CA LYS K 276 32.05 -17.58 29.67
C LYS K 276 33.05 -18.28 28.77
N HIS K 277 32.83 -19.58 28.53
CA HIS K 277 33.75 -20.32 27.67
C HIS K 277 33.83 -19.68 26.30
N ARG K 278 35.02 -19.19 25.95
CA ARG K 278 35.28 -18.56 24.66
C ARG K 278 34.32 -17.41 24.36
N THR K 279 33.83 -16.75 25.40
CA THR K 279 32.89 -15.64 25.21
C THR K 279 33.22 -14.52 26.18
N LEU K 280 33.25 -13.29 25.66
CA LEU K 280 33.44 -12.08 26.46
C LEU K 280 32.11 -11.34 26.50
N ILE K 281 31.58 -11.11 27.69
CA ILE K 281 30.31 -10.45 27.89
C ILE K 281 30.57 -9.10 28.55
N LEU K 282 30.20 -8.03 27.86
CA LEU K 282 30.37 -6.66 28.36
C LEU K 282 29.00 -6.06 28.61
N HIS K 283 28.83 -5.46 29.79
CA HIS K 283 27.62 -4.72 30.14
C HIS K 283 28.01 -3.24 30.10
N LEU K 284 27.52 -2.54 29.08
CA LEU K 284 27.94 -1.18 28.79
C LEU K 284 26.84 -0.20 29.16
N HIS K 285 27.19 0.81 29.96
CA HIS K 285 26.25 1.82 30.45
C HIS K 285 26.82 3.20 30.15
N PRO K 286 26.75 3.64 28.90
CA PRO K 286 27.35 4.92 28.54
C PRO K 286 26.51 6.12 28.99
N ASP K 287 27.20 7.26 29.11
CA ASP K 287 26.56 8.54 29.38
C ASP K 287 26.20 9.26 28.09
N HIS K 288 27.01 9.07 27.05
CA HIS K 288 26.86 9.69 25.75
C HIS K 288 27.05 8.59 24.70
N PRO K 289 26.61 8.82 23.47
CA PRO K 289 26.88 7.83 22.42
C PRO K 289 28.36 7.48 22.40
N THR K 290 28.68 6.22 22.73
CA THR K 290 30.05 5.77 22.90
C THR K 290 30.36 4.68 21.89
N LEU K 291 31.50 4.81 21.21
CA LEU K 291 31.92 3.88 20.19
C LEU K 291 32.61 2.66 20.79
N LEU K 292 32.13 1.48 20.43
CA LEU K 292 32.73 0.20 20.80
C LEU K 292 33.25 -0.49 19.54
N THR K 293 34.51 -0.87 19.55
CA THR K 293 35.10 -1.62 18.45
C THR K 293 35.85 -2.83 18.99
N THR K 294 35.84 -3.90 18.20
CA THR K 294 36.55 -5.13 18.56
C THR K 294 37.19 -5.71 17.30
N ARG K 295 38.21 -6.55 17.53
CA ARG K 295 38.85 -7.30 16.46
C ARG K 295 39.58 -8.48 17.08
N SER K 296 39.56 -9.61 16.39
CA SER K 296 40.35 -10.73 16.85
C SER K 296 41.81 -10.54 16.43
N LEU K 297 42.71 -11.24 17.12
CA LEU K 297 44.14 -11.09 16.89
C LEU K 297 44.71 -12.19 16.00
N GLY K 298 43.85 -12.91 15.27
CA GLY K 298 44.30 -13.95 14.38
C GLY K 298 44.44 -13.46 12.95
N SER K 299 44.59 -14.42 12.04
CA SER K 299 44.74 -14.09 10.63
C SER K 299 43.46 -13.54 10.03
N ASP K 300 42.32 -13.77 10.67
CA ASP K 300 41.03 -13.27 10.20
C ASP K 300 40.47 -12.42 11.34
N ALA K 301 40.87 -11.14 11.36
CA ALA K 301 40.39 -10.21 12.38
C ALA K 301 39.02 -9.73 11.97
N ASN K 302 37.98 -10.33 12.55
CA ASN K 302 36.61 -9.96 12.25
C ASN K 302 36.27 -8.69 13.02
N PRO K 303 36.28 -7.52 12.38
CA PRO K 303 36.09 -6.27 13.11
C PRO K 303 34.63 -6.00 13.44
N THR K 304 34.43 -5.31 14.56
CA THR K 304 33.11 -4.86 14.98
C THR K 304 33.20 -3.36 15.27
N ARG K 305 32.18 -2.63 14.83
CA ARG K 305 32.12 -1.18 15.06
C ARG K 305 30.66 -0.80 15.28
N GLN K 306 30.36 -0.32 16.48
CA GLN K 306 29.00 0.13 16.77
C GLN K 306 29.03 1.23 17.81
N TRP K 307 28.10 2.18 17.66
CA TRP K 307 27.93 3.26 18.62
C TRP K 307 26.84 2.84 19.61
N ILE K 308 27.15 2.92 20.90
CA ILE K 308 26.25 2.50 21.95
C ILE K 308 25.74 3.75 22.68
N GLU K 309 24.44 3.97 22.58
CA GLU K 309 23.81 5.15 23.16
C GLU K 309 23.08 4.87 24.46
N ARG K 310 22.67 3.62 24.68
CA ARG K 310 21.91 3.22 25.86
C ARG K 310 22.47 1.93 26.41
N PRO K 311 22.14 1.59 27.66
CA PRO K 311 22.67 0.35 28.26
C PRO K 311 22.40 -0.88 27.40
N THR K 312 23.44 -1.69 27.22
CA THR K 312 23.35 -2.87 26.37
C THR K 312 24.38 -3.90 26.81
N THR K 313 24.11 -5.15 26.46
CA THR K 313 25.01 -6.27 26.68
C THR K 313 25.45 -6.83 25.33
N VAL K 314 26.76 -6.94 25.14
CA VAL K 314 27.35 -7.43 23.90
C VAL K 314 28.22 -8.65 24.20
N ASN K 315 28.03 -9.72 23.45
CA ASN K 315 28.78 -10.96 23.61
C ASN K 315 29.72 -11.13 22.43
N PHE K 316 31.02 -11.18 22.71
CA PHE K 316 32.03 -11.39 21.69
C PHE K 316 32.72 -12.72 21.89
N THR K 317 32.94 -13.43 20.79
CA THR K 317 33.65 -14.71 20.83
C THR K 317 35.14 -14.46 20.93
N VAL K 318 35.79 -15.08 21.91
CA VAL K 318 37.22 -14.98 22.13
C VAL K 318 37.80 -16.37 22.04
N THR K 319 38.87 -16.52 21.29
CA THR K 319 39.56 -17.80 21.12
C THR K 319 40.99 -17.67 21.65
N GLY K 320 41.75 -18.75 21.52
CA GLY K 320 43.14 -18.71 21.95
C GLY K 320 44.00 -17.78 21.13
N GLU K 321 43.49 -17.30 20.00
CA GLU K 321 44.20 -16.32 19.19
C GLU K 321 44.16 -14.93 19.81
N GLY K 322 43.10 -14.63 20.57
CA GLY K 322 42.95 -13.39 21.27
C GLY K 322 41.92 -12.49 20.60
N LEU K 323 41.47 -11.50 21.38
CA LEU K 323 40.55 -10.48 20.90
C LEU K 323 40.86 -9.16 21.58
N GLU K 324 40.80 -8.08 20.83
CA GLU K 324 40.98 -6.73 21.35
C GLU K 324 39.69 -5.93 21.21
N TYR K 325 39.35 -5.19 22.26
CA TYR K 325 38.19 -4.31 22.23
C TYR K 325 38.56 -2.95 22.81
N THR K 326 37.93 -1.90 22.29
CA THR K 326 38.11 -0.54 22.77
C THR K 326 36.75 0.06 23.07
N TRP K 327 36.56 0.53 24.29
CA TRP K 327 35.31 1.11 24.76
C TRP K 327 35.50 2.61 24.91
N GLY K 328 34.82 3.39 24.09
CA GLY K 328 34.92 4.83 24.16
C GLY K 328 36.36 5.28 24.00
N ASN K 329 36.79 6.18 24.88
CA ASN K 329 38.15 6.71 24.85
C ASN K 329 39.10 5.95 25.76
N HIS K 330 38.71 4.77 26.23
CA HIS K 330 39.58 3.95 27.04
C HIS K 330 40.65 3.27 26.18
N PRO K 331 41.81 2.95 26.75
CA PRO K 331 42.83 2.24 26.00
C PRO K 331 42.31 0.87 25.56
N PRO K 332 42.77 0.37 24.42
CA PRO K 332 42.33 -0.96 23.98
C PRO K 332 42.75 -2.04 24.97
N LYS K 333 41.85 -3.01 25.17
CA LYS K 333 42.08 -4.13 26.08
C LYS K 333 42.15 -5.42 25.25
N ARG K 334 43.14 -6.26 25.55
CA ARG K 334 43.32 -7.53 24.86
C ARG K 334 43.06 -8.68 25.82
N VAL K 335 42.26 -9.64 25.37
CA VAL K 335 41.91 -10.81 26.17
C VAL K 335 42.08 -12.06 25.32
N TRP K 336 42.37 -13.18 25.98
CA TRP K 336 42.54 -14.48 25.35
C TRP K 336 41.73 -15.52 26.10
N ALA K 337 41.15 -16.46 25.37
CA ALA K 337 40.32 -17.51 25.94
C ALA K 337 41.13 -18.79 26.16
N GLN K 338 41.00 -19.37 27.35
CA GLN K 338 41.68 -20.60 27.70
C GLN K 338 40.80 -21.80 27.36
N GLU K 339 41.44 -22.98 27.31
CA GLU K 339 40.75 -24.24 26.98
C GLU K 339 40.14 -24.83 28.25
N SER K 340 39.13 -24.14 28.77
CA SER K 340 38.45 -24.51 30.01
C SER K 340 37.01 -24.98 29.78
N GLY K 341 36.71 -25.49 28.58
CA GLY K 341 35.36 -25.91 28.27
C GLY K 341 34.87 -27.04 29.15
N GLU K 342 33.54 -27.14 29.21
CA GLU K 342 32.86 -28.15 30.02
C GLU K 342 33.04 -29.55 29.43
N GLY K 343 33.18 -30.52 30.33
CA GLY K 343 33.34 -31.91 29.93
C GLY K 343 34.35 -32.64 30.78
N ASN K 344 34.50 -33.95 30.56
CA ASN K 344 35.47 -34.76 31.28
C ASN K 344 36.16 -35.69 30.30
N PRO K 345 37.36 -35.34 29.84
CA PRO K 345 38.04 -36.19 28.85
C PRO K 345 38.45 -37.56 29.39
N HIS K 346 38.39 -37.77 30.71
CA HIS K 346 38.77 -39.05 31.31
C HIS K 346 37.58 -39.82 31.86
N GLY K 347 36.37 -39.41 31.55
CA GLY K 347 35.18 -40.03 32.09
C GLY K 347 34.55 -41.04 31.15
N TRP K 348 33.24 -41.20 31.30
CA TRP K 348 32.49 -42.13 30.48
C TRP K 348 32.36 -41.61 29.05
N PRO K 349 32.03 -42.49 28.09
CA PRO K 349 31.98 -42.06 26.68
C PRO K 349 31.16 -40.81 26.42
N HIS K 350 30.03 -40.62 27.09
CA HIS K 350 29.25 -39.42 26.85
C HIS K 350 29.94 -38.19 27.44
N GLU K 351 30.81 -38.37 28.42
CA GLU K 351 31.55 -37.27 29.01
C GLU K 351 32.76 -36.88 28.17
N VAL K 352 33.37 -37.86 27.50
CA VAL K 352 34.51 -37.57 26.63
C VAL K 352 34.06 -36.83 25.38
N VAL K 353 32.96 -37.29 24.77
CA VAL K 353 32.46 -36.63 23.57
C VAL K 353 32.03 -35.20 23.86
N VAL K 354 31.43 -34.97 25.03
CA VAL K 354 31.04 -33.61 25.40
C VAL K 354 32.26 -32.71 25.52
N TYR K 355 33.34 -33.22 26.12
CA TYR K 355 34.55 -32.42 26.26
C TYR K 355 35.07 -31.96 24.91
N TYR K 356 35.23 -32.89 23.98
CA TYR K 356 35.77 -32.54 22.66
C TYR K 356 34.77 -31.77 21.81
N TYR K 357 33.47 -32.01 21.98
CA TYR K 357 32.49 -31.21 21.25
C TYR K 357 32.60 -29.75 21.66
N ASN K 358 32.78 -29.48 22.95
CA ASN K 358 32.94 -28.11 23.41
C ASN K 358 34.28 -27.53 23.00
N ARG K 359 35.33 -28.35 22.98
CA ARG K 359 36.65 -27.85 22.59
C ARG K 359 36.82 -27.80 21.08
N TYR K 360 36.33 -28.82 20.36
CA TYR K 360 36.43 -28.90 18.90
C TYR K 360 35.06 -29.22 18.32
N PRO K 361 34.17 -28.24 18.23
CA PRO K 361 32.80 -28.51 17.77
C PRO K 361 32.69 -29.23 16.43
N LEU K 362 33.24 -28.65 15.37
CA LEU K 362 33.10 -29.26 14.04
C LEU K 362 33.99 -30.48 13.87
N THR K 363 35.21 -30.45 14.40
CA THR K 363 36.10 -31.60 14.25
C THR K 363 35.49 -32.85 14.88
N THR K 364 34.83 -32.69 16.03
CA THR K 364 34.20 -33.83 16.69
C THR K 364 33.08 -34.42 15.83
N ILE K 365 32.26 -33.57 15.21
CA ILE K 365 31.19 -34.07 14.35
C ILE K 365 31.78 -34.83 13.17
N ILE K 366 32.78 -34.23 12.51
CA ILE K 366 33.42 -34.90 11.37
C ILE K 366 34.10 -36.18 11.83
N GLY K 367 34.77 -36.13 12.98
CA GLY K 367 35.42 -37.32 13.50
C GLY K 367 34.43 -38.43 13.80
N LEU K 368 33.33 -38.11 14.48
CA LEU K 368 32.33 -39.12 14.78
C LEU K 368 31.70 -39.68 13.51
N CYS K 369 31.40 -38.83 12.54
CA CYS K 369 30.85 -39.31 11.28
C CYS K 369 31.83 -40.24 10.58
N THR K 370 33.12 -39.86 10.58
CA THR K 370 34.13 -40.72 9.97
C THR K 370 34.25 -42.05 10.71
N CYS K 371 34.23 -42.02 12.04
CA CYS K 371 34.31 -43.26 12.81
C CYS K 371 33.11 -44.17 12.52
N VAL K 372 31.91 -43.60 12.51
CA VAL K 372 30.72 -44.41 12.23
C VAL K 372 30.78 -44.94 10.80
N ALA K 373 31.19 -44.12 9.84
CA ALA K 373 31.31 -44.59 8.47
C ALA K 373 32.32 -45.73 8.37
N ILE K 374 33.43 -45.62 9.09
CA ILE K 374 34.43 -46.69 9.09
C ILE K 374 33.84 -47.97 9.68
N ILE K 375 33.07 -47.85 10.76
CA ILE K 375 32.47 -49.04 11.36
C ILE K 375 31.54 -49.73 10.38
N MET K 376 30.68 -48.96 9.71
CA MET K 376 29.72 -49.56 8.79
C MET K 376 30.43 -50.25 7.62
N VAL K 377 31.43 -49.60 7.03
CA VAL K 377 32.16 -50.21 5.93
C VAL K 377 32.90 -51.46 6.41
N SER K 378 33.52 -51.37 7.59
CA SER K 378 34.28 -52.51 8.12
C SER K 378 33.36 -53.69 8.44
N CYS K 379 32.21 -53.43 9.07
CA CYS K 379 31.31 -54.53 9.41
C CYS K 379 30.64 -55.12 8.18
N VAL K 380 30.18 -54.30 7.25
CA VAL K 380 29.56 -54.82 6.03
C VAL K 380 30.58 -55.64 5.25
N THR K 381 31.79 -55.12 5.09
CA THR K 381 32.82 -55.86 4.38
C THR K 381 33.20 -57.12 5.12
N SER K 382 33.33 -57.03 6.45
CA SER K 382 33.71 -58.20 7.24
C SER K 382 32.59 -59.24 7.30
N VAL K 383 31.35 -58.79 7.50
CA VAL K 383 30.23 -59.72 7.55
C VAL K 383 30.02 -60.37 6.19
N TRP K 384 30.13 -59.60 5.10
CA TRP K 384 30.00 -60.18 3.78
C TRP K 384 31.03 -61.28 3.56
N LEU K 385 32.28 -61.05 3.97
CA LEU K 385 33.30 -62.07 3.83
C LEU K 385 32.99 -63.30 4.68
N LEU K 386 32.48 -63.09 5.90
CA LEU K 386 32.14 -64.23 6.74
C LEU K 386 30.91 -64.97 6.22
N CYS K 387 29.91 -64.23 5.71
CA CYS K 387 28.76 -64.89 5.12
C CYS K 387 29.18 -65.65 3.86
N ARG K 388 30.01 -65.03 3.03
CA ARG K 388 30.53 -65.70 1.85
C ARG K 388 31.30 -66.96 2.22
N THR K 389 32.09 -66.88 3.29
CA THR K 389 32.84 -68.05 3.74
C THR K 389 31.91 -69.16 4.22
N ARG K 390 30.83 -68.81 4.92
CA ARG K 390 29.90 -69.84 5.38
C ARG K 390 29.28 -70.59 4.22
N ASN K 391 28.85 -69.87 3.18
CA ASN K 391 28.24 -70.54 2.03
C ASN K 391 29.21 -71.51 1.38
N LEU K 392 30.44 -71.06 1.13
CA LEU K 392 31.44 -71.95 0.55
C LEU K 392 31.78 -73.11 1.49
N CYS K 393 31.74 -72.86 2.80
CA CYS K 393 32.05 -73.92 3.75
C CYS K 393 31.01 -75.03 3.72
N ILE K 394 29.73 -74.69 3.66
CA ILE K 394 28.67 -75.69 3.73
C ILE K 394 28.23 -76.22 2.37
N THR K 395 28.29 -75.42 1.32
CA THR K 395 27.77 -75.84 0.01
C THR K 395 28.34 -77.16 -0.48
N PRO K 396 29.63 -77.46 -0.33
CA PRO K 396 30.11 -78.78 -0.78
C PRO K 396 29.39 -79.93 -0.12
N TYR K 397 28.73 -79.71 1.01
CA TYR K 397 27.96 -80.74 1.69
C TYR K 397 26.46 -80.65 1.41
N LYS K 398 25.93 -79.45 1.17
CA LYS K 398 24.54 -79.34 0.78
C LYS K 398 24.28 -80.14 -0.49
N LEU K 399 25.26 -80.17 -1.39
CA LEU K 399 25.17 -80.90 -2.65
C LEU K 399 25.59 -82.35 -2.52
N ALA K 400 25.92 -82.82 -1.31
CA ALA K 400 26.25 -84.22 -1.07
C ALA K 400 25.59 -84.68 0.22
N PRO K 401 24.26 -84.80 0.22
CA PRO K 401 23.55 -85.20 1.46
C PRO K 401 24.00 -86.51 2.07
N ASN K 402 24.68 -87.38 1.32
CA ASN K 402 25.13 -88.65 1.87
C ASN K 402 26.49 -88.56 2.55
N ALA K 403 27.16 -87.42 2.45
CA ALA K 403 28.47 -87.25 3.08
C ALA K 403 28.31 -86.88 4.55
N GLN K 404 29.32 -87.25 5.34
CA GLN K 404 29.36 -86.94 6.77
C GLN K 404 30.12 -85.64 6.99
N VAL K 405 29.42 -84.62 7.43
CA VAL K 405 30.05 -83.33 7.72
C VAL K 405 30.98 -83.47 8.91
N PRO K 406 32.22 -82.96 8.86
CA PRO K 406 33.12 -83.07 10.02
C PRO K 406 32.62 -82.25 11.19
N ILE K 407 33.00 -82.70 12.39
CA ILE K 407 32.52 -82.08 13.62
C ILE K 407 32.88 -80.60 13.70
N LEU K 408 34.12 -80.25 13.36
CA LEU K 408 34.53 -78.85 13.48
C LEU K 408 33.76 -77.93 12.55
N LEU K 409 33.44 -78.40 11.34
CA LEU K 409 32.67 -77.55 10.43
C LEU K 409 31.20 -77.51 10.83
N ALA K 410 30.69 -78.60 11.40
CA ALA K 410 29.32 -78.59 11.90
C ALA K 410 29.14 -77.59 13.02
N LEU K 411 30.18 -77.42 13.86
CA LEU K 411 30.14 -76.47 14.97
C LEU K 411 30.50 -75.05 14.56
N LEU K 412 31.45 -74.88 13.64
CA LEU K 412 31.93 -73.55 13.27
C LEU K 412 31.20 -72.94 12.08
N CYS K 413 30.73 -73.75 11.13
CA CYS K 413 30.04 -73.23 9.95
C CYS K 413 28.53 -73.43 10.03
N CYS K 414 28.09 -74.64 10.35
CA CYS K 414 26.66 -74.92 10.44
C CYS K 414 26.11 -74.42 11.76
N ASP L 1 -15.70 -82.67 -22.25
CA ASP L 1 -15.61 -82.69 -20.79
C ASP L 1 -16.54 -81.65 -20.17
N LYS L 2 -17.28 -82.08 -19.13
CA LYS L 2 -18.18 -81.20 -18.41
C LYS L 2 -17.70 -80.87 -17.00
N THR L 3 -16.85 -81.71 -16.42
CA THR L 3 -16.22 -81.46 -15.13
C THR L 3 -14.72 -81.32 -15.37
N PHE L 4 -14.16 -80.16 -15.01
CA PHE L 4 -12.76 -79.86 -15.29
C PHE L 4 -11.92 -79.84 -14.02
N PRO L 5 -10.74 -80.47 -14.04
CA PRO L 5 -9.88 -80.47 -12.84
C PRO L 5 -9.24 -79.13 -12.56
N ILE L 6 -8.98 -78.88 -11.28
CA ILE L 6 -8.29 -77.68 -10.81
C ILE L 6 -6.91 -78.10 -10.31
N MET L 7 -5.88 -77.41 -10.78
CA MET L 7 -4.50 -77.72 -10.43
C MET L 7 -3.81 -76.51 -9.80
N LEU L 8 -3.09 -76.75 -8.72
CA LEU L 8 -2.37 -75.72 -7.97
C LEU L 8 -0.87 -75.83 -8.15
N ASN L 9 -0.30 -76.98 -7.84
CA ASN L 9 1.14 -77.23 -7.94
C ASN L 9 1.43 -78.33 -8.96
N GLY L 10 0.54 -78.50 -9.93
CA GLY L 10 0.65 -79.52 -10.94
C GLY L 10 -0.24 -80.72 -10.69
N GLN L 11 -0.70 -80.90 -9.46
CA GLN L 11 -1.61 -81.98 -9.10
C GLN L 11 -3.04 -81.47 -9.02
N VAL L 12 -3.99 -82.38 -9.20
CA VAL L 12 -5.41 -82.04 -9.15
C VAL L 12 -5.87 -82.04 -7.70
N ASN L 13 -6.49 -80.93 -7.28
CA ASN L 13 -6.99 -80.78 -5.91
C ASN L 13 -8.48 -80.49 -5.86
N GLY L 14 -9.21 -80.76 -6.93
CA GLY L 14 -10.64 -80.51 -6.97
C GLY L 14 -11.11 -80.32 -8.40
N TYR L 15 -12.39 -79.98 -8.53
CA TYR L 15 -13.03 -79.83 -9.84
C TYR L 15 -13.82 -78.53 -9.94
N ALA L 16 -13.95 -78.06 -11.18
CA ALA L 16 -14.84 -76.98 -11.56
C ALA L 16 -15.86 -77.56 -12.52
N CYS L 17 -17.13 -77.48 -12.18
CA CYS L 17 -18.20 -78.08 -12.98
C CYS L 17 -18.98 -77.02 -13.74
N VAL L 18 -19.33 -77.36 -14.97
CA VAL L 18 -20.17 -76.53 -15.83
C VAL L 18 -21.58 -77.09 -15.76
N VAL L 19 -22.41 -76.51 -14.91
CA VAL L 19 -23.77 -76.98 -14.66
C VAL L 19 -24.73 -75.81 -14.88
N GLY L 20 -25.80 -76.06 -15.63
CA GLY L 20 -26.78 -75.04 -15.89
C GLY L 20 -26.28 -73.90 -16.74
N GLY L 21 -25.14 -74.07 -17.41
CA GLY L 21 -24.56 -73.00 -18.19
C GLY L 21 -23.73 -72.05 -17.38
N ARG L 22 -23.30 -72.45 -16.19
CA ARG L 22 -22.48 -71.64 -15.31
C ARG L 22 -21.38 -72.51 -14.72
N VAL L 23 -20.23 -71.90 -14.46
CA VAL L 23 -19.07 -72.59 -13.92
C VAL L 23 -19.12 -72.52 -12.39
N PHE L 24 -19.02 -73.67 -11.75
CA PHE L 24 -19.05 -73.79 -10.30
C PHE L 24 -17.76 -74.40 -9.78
N LYS L 25 -17.03 -73.67 -8.96
CA LYS L 25 -15.80 -74.19 -8.36
C LYS L 25 -15.79 -73.88 -6.87
N PRO L 26 -15.33 -74.80 -6.03
CA PRO L 26 -15.25 -74.51 -4.60
C PRO L 26 -14.25 -73.41 -4.29
N LEU L 27 -14.50 -72.70 -3.19
CA LEU L 27 -13.58 -71.66 -2.74
C LEU L 27 -12.30 -72.24 -2.15
N HIS L 28 -12.40 -73.35 -1.43
CA HIS L 28 -11.23 -73.94 -0.80
C HIS L 28 -10.33 -74.69 -1.79
N VAL L 29 -10.72 -74.79 -3.05
CA VAL L 29 -9.92 -75.42 -4.08
C VAL L 29 -9.21 -74.30 -4.84
N GLU L 30 -7.93 -74.10 -4.53
CA GLU L 30 -7.13 -73.06 -5.17
C GLU L 30 -6.39 -73.64 -6.37
N GLY L 31 -6.29 -72.82 -7.43
CA GLY L 31 -5.61 -73.24 -8.64
C GLY L 31 -6.32 -72.80 -9.91
N ARG L 32 -5.72 -73.06 -11.06
CA ARG L 32 -6.32 -72.70 -12.33
C ARG L 32 -7.25 -73.79 -12.83
N ILE L 33 -8.18 -73.38 -13.69
CA ILE L 33 -9.06 -74.33 -14.39
C ILE L 33 -8.30 -74.90 -15.59
N ASP L 34 -8.51 -76.19 -15.84
CA ASP L 34 -7.79 -76.85 -16.93
C ASP L 34 -8.03 -76.17 -18.28
N ASN L 35 -9.29 -75.90 -18.63
CA ASN L 35 -9.58 -75.31 -19.93
C ASN L 35 -9.21 -73.84 -19.98
N GLU L 36 -8.52 -73.44 -21.05
CA GLU L 36 -8.10 -72.05 -21.21
C GLU L 36 -9.28 -71.10 -21.29
N GLN L 37 -10.40 -71.53 -21.87
CA GLN L 37 -11.56 -70.65 -21.98
C GLN L 37 -12.29 -70.52 -20.65
N LEU L 38 -12.32 -71.59 -19.85
CA LEU L 38 -12.96 -71.52 -18.54
C LEU L 38 -12.08 -70.81 -17.51
N ALA L 39 -10.76 -70.87 -17.68
CA ALA L 39 -9.85 -70.18 -16.76
C ALA L 39 -9.76 -68.68 -17.01
N ALA L 40 -10.16 -68.21 -18.19
CA ALA L 40 -10.02 -66.80 -18.53
C ALA L 40 -11.17 -65.92 -18.06
N ILE L 41 -12.23 -66.50 -17.51
CA ILE L 41 -13.39 -65.72 -17.08
C ILE L 41 -13.26 -65.36 -15.61
N LYS L 42 -13.54 -64.09 -15.30
CA LYS L 42 -13.54 -63.64 -13.91
C LYS L 42 -14.74 -64.22 -13.19
N LEU L 43 -14.51 -64.74 -11.98
CA LEU L 43 -15.55 -65.42 -11.21
C LEU L 43 -15.96 -64.63 -9.98
N LYS L 44 -17.21 -64.84 -9.58
CA LYS L 44 -17.80 -64.26 -8.38
C LYS L 44 -17.75 -65.28 -7.25
N LYS L 45 -17.71 -64.78 -6.01
CA LYS L 45 -17.61 -65.62 -4.82
C LYS L 45 -18.92 -65.63 -4.04
N ALA L 46 -19.29 -66.82 -3.54
CA ALA L 46 -20.47 -67.01 -2.68
C ALA L 46 -20.01 -67.80 -1.44
N SER L 47 -19.45 -67.08 -0.46
CA SER L 47 -18.89 -67.75 0.72
C SER L 47 -19.95 -68.53 1.49
N ILE L 48 -21.21 -68.09 1.47
CA ILE L 48 -22.25 -68.83 2.17
C ILE L 48 -22.44 -70.22 1.58
N TYR L 49 -21.94 -70.46 0.37
CA TYR L 49 -22.00 -71.76 -0.27
C TYR L 49 -20.63 -72.39 -0.47
N ASP L 50 -19.57 -71.73 -0.02
CA ASP L 50 -18.20 -72.21 -0.18
C ASP L 50 -17.90 -72.54 -1.64
N LEU L 51 -18.44 -71.73 -2.56
CA LEU L 51 -18.20 -71.92 -3.98
C LEU L 51 -18.01 -70.59 -4.67
N GLU L 52 -17.28 -70.63 -5.78
CA GLU L 52 -17.04 -69.49 -6.65
C GLU L 52 -17.64 -69.83 -8.01
N TYR L 53 -18.20 -68.82 -8.69
CA TYR L 53 -18.93 -69.11 -9.93
C TYR L 53 -18.78 -67.98 -10.94
N GLY L 54 -19.11 -68.31 -12.19
CA GLY L 54 -19.06 -67.36 -13.28
C GLY L 54 -19.69 -67.91 -14.53
N ASP L 55 -20.06 -66.98 -15.43
CA ASP L 55 -20.72 -67.34 -16.68
C ASP L 55 -19.77 -68.06 -17.63
N VAL L 56 -20.29 -69.10 -18.28
CA VAL L 56 -19.53 -69.92 -19.22
C VAL L 56 -19.29 -69.20 -20.54
N PRO L 57 -18.31 -69.63 -21.34
CA PRO L 57 -18.18 -69.10 -22.70
C PRO L 57 -19.40 -69.44 -23.55
N GLN L 58 -19.66 -68.58 -24.54
CA GLN L 58 -20.83 -68.75 -25.41
C GLN L 58 -20.99 -70.20 -25.89
N CYS L 59 -19.90 -70.82 -26.34
CA CYS L 59 -19.99 -72.19 -26.85
C CYS L 59 -20.29 -73.22 -25.77
N MET L 60 -20.04 -72.91 -24.51
CA MET L 60 -20.29 -73.84 -23.41
C MET L 60 -21.69 -73.69 -22.80
N LYS L 61 -22.50 -72.76 -23.30
CA LYS L 61 -23.83 -72.56 -22.72
C LYS L 61 -24.74 -73.76 -22.96
N SER L 62 -24.61 -74.42 -24.11
CA SER L 62 -25.39 -75.61 -24.38
C SER L 62 -24.75 -76.87 -23.81
N ASP L 63 -23.43 -76.99 -23.92
CA ASP L 63 -22.70 -78.16 -23.41
C ASP L 63 -22.52 -78.03 -21.90
N THR L 64 -23.64 -78.19 -21.19
CA THR L 64 -23.66 -78.06 -19.74
C THR L 64 -24.58 -79.13 -19.16
N LEU L 65 -24.32 -79.48 -17.91
CA LEU L 65 -25.17 -80.43 -17.21
C LEU L 65 -26.43 -79.74 -16.69
N GLN L 66 -27.57 -80.38 -16.91
CA GLN L 66 -28.81 -79.86 -16.37
C GLN L 66 -28.92 -80.29 -14.91
N TYR L 67 -29.58 -79.46 -14.11
CA TYR L 67 -29.68 -79.74 -12.68
C TYR L 67 -31.15 -79.86 -12.30
N THR L 68 -31.38 -80.57 -11.20
CA THR L 68 -32.71 -80.76 -10.66
C THR L 68 -32.68 -80.57 -9.15
N SER L 69 -33.76 -80.02 -8.62
CA SER L 69 -33.94 -79.87 -7.19
C SER L 69 -34.68 -81.06 -6.56
N ASP L 70 -35.20 -81.97 -7.37
CA ASP L 70 -35.94 -83.12 -6.88
C ASP L 70 -34.98 -84.31 -6.74
N LYS L 71 -34.79 -84.75 -5.51
CA LYS L 71 -33.86 -85.84 -5.18
C LYS L 71 -34.56 -86.80 -4.23
N PRO L 72 -35.47 -87.62 -4.73
CA PRO L 72 -36.19 -88.55 -3.86
C PRO L 72 -35.26 -89.59 -3.28
N PRO L 73 -35.70 -90.32 -2.26
CA PRO L 73 -34.87 -91.40 -1.70
C PRO L 73 -34.46 -92.39 -2.79
N GLY L 74 -33.19 -92.75 -2.80
CA GLY L 74 -32.69 -93.64 -3.83
C GLY L 74 -31.17 -93.49 -3.99
N PHE L 75 -30.68 -93.96 -5.13
CA PHE L 75 -29.25 -93.99 -5.41
C PHE L 75 -28.85 -93.01 -6.51
N TYR L 76 -27.67 -92.41 -6.32
CA TYR L 76 -27.07 -91.42 -7.20
C TYR L 76 -25.61 -91.83 -7.40
N ASN L 77 -24.94 -91.22 -8.39
CA ASN L 77 -23.59 -91.65 -8.73
C ASN L 77 -22.66 -90.47 -8.95
N TRP L 78 -21.36 -90.76 -8.83
CA TRP L 78 -20.31 -89.82 -9.15
C TRP L 78 -19.06 -90.63 -9.52
N HIS L 79 -17.95 -89.93 -9.81
CA HIS L 79 -16.77 -90.63 -10.33
C HIS L 79 -16.10 -91.57 -9.32
N HIS L 80 -16.44 -91.50 -8.04
CA HIS L 80 -15.87 -92.42 -7.06
C HIS L 80 -16.73 -93.66 -6.84
N GLY L 81 -17.91 -93.74 -7.47
CA GLY L 81 -18.80 -94.86 -7.32
C GLY L 81 -20.22 -94.40 -7.13
N ALA L 82 -21.01 -95.27 -6.49
CA ALA L 82 -22.41 -94.99 -6.23
C ALA L 82 -22.60 -94.15 -4.98
N VAL L 83 -23.69 -93.40 -4.95
CA VAL L 83 -24.08 -92.56 -3.83
C VAL L 83 -25.50 -92.94 -3.42
N GLN L 84 -25.72 -93.16 -2.14
CA GLN L 84 -27.03 -93.47 -1.59
C GLN L 84 -27.53 -92.22 -0.87
N TYR L 85 -28.79 -91.85 -1.11
CA TYR L 85 -29.40 -90.67 -0.51
C TYR L 85 -30.60 -91.07 0.34
N GLU L 86 -30.50 -90.86 1.64
CA GLU L 86 -31.58 -91.16 2.57
C GLU L 86 -31.56 -90.14 3.70
N ASN L 87 -32.75 -89.89 4.26
CA ASN L 87 -32.90 -88.97 5.38
C ASN L 87 -32.25 -87.62 5.10
N ASN L 88 -32.36 -87.17 3.85
CA ASN L 88 -31.82 -85.90 3.37
C ASN L 88 -30.30 -85.85 3.38
N ARG L 89 -29.62 -86.99 3.54
CA ARG L 89 -28.16 -87.02 3.62
C ARG L 89 -27.58 -87.90 2.52
N PHE L 90 -26.48 -87.45 1.93
CA PHE L 90 -25.75 -88.20 0.92
C PHE L 90 -24.67 -89.03 1.60
N THR L 91 -24.86 -90.35 1.63
CA THR L 91 -23.97 -91.27 2.30
C THR L 91 -23.32 -92.21 1.29
N VAL L 92 -22.00 -92.32 1.36
CA VAL L 92 -21.22 -93.13 0.43
C VAL L 92 -20.43 -94.17 1.20
N PRO L 93 -20.10 -95.31 0.60
CA PRO L 93 -19.34 -96.33 1.33
C PRO L 93 -18.02 -95.81 1.86
N ARG L 94 -17.62 -96.35 3.01
CA ARG L 94 -16.40 -95.92 3.69
C ARG L 94 -15.19 -96.03 2.77
N GLY L 95 -14.42 -94.95 2.68
CA GLY L 95 -13.23 -94.90 1.86
C GLY L 95 -13.43 -94.53 0.41
N VAL L 96 -14.68 -94.34 -0.03
CA VAL L 96 -14.93 -94.02 -1.43
C VAL L 96 -14.47 -92.59 -1.75
N GLY L 97 -14.78 -91.64 -0.87
CA GLY L 97 -14.38 -90.25 -1.10
C GLY L 97 -13.01 -89.93 -0.51
N GLY L 98 -12.60 -88.69 -0.74
CA GLY L 98 -11.33 -88.23 -0.22
C GLY L 98 -10.92 -86.90 -0.85
N LYS L 99 -9.75 -86.44 -0.41
CA LYS L 99 -9.20 -85.19 -0.90
C LYS L 99 -9.08 -85.19 -2.43
N GLY L 100 -9.47 -84.09 -3.05
CA GLY L 100 -9.41 -83.93 -4.49
C GLY L 100 -10.72 -84.18 -5.20
N ASP L 101 -11.75 -84.65 -4.50
CA ASP L 101 -13.05 -84.93 -5.09
C ASP L 101 -14.03 -83.77 -4.96
N SER L 102 -13.63 -82.66 -4.33
CA SER L 102 -14.53 -81.54 -4.17
C SER L 102 -14.82 -80.88 -5.51
N GLY L 103 -16.06 -80.41 -5.65
CA GLY L 103 -16.52 -79.78 -6.87
C GLY L 103 -17.20 -80.71 -7.86
N ARG L 104 -17.03 -82.02 -7.71
CA ARG L 104 -17.68 -82.97 -8.61
C ARG L 104 -19.15 -83.08 -8.25
N PRO L 105 -20.07 -82.92 -9.22
CA PRO L 105 -21.49 -83.07 -8.91
C PRO L 105 -21.88 -84.53 -8.74
N ILE L 106 -22.95 -84.73 -7.97
CA ILE L 106 -23.58 -86.04 -7.82
C ILE L 106 -24.73 -86.09 -8.81
N LEU L 107 -24.75 -87.12 -9.65
CA LEU L 107 -25.73 -87.25 -10.72
C LEU L 107 -26.81 -88.25 -10.37
N ASP L 108 -28.01 -87.99 -10.89
CA ASP L 108 -29.13 -88.89 -10.76
C ASP L 108 -29.13 -89.91 -11.90
N ASN L 109 -30.21 -90.68 -12.03
CA ASN L 109 -30.33 -91.68 -13.08
C ASN L 109 -30.67 -91.09 -14.45
N LYS L 110 -30.87 -89.78 -14.54
CA LYS L 110 -31.16 -89.11 -15.80
C LYS L 110 -29.99 -88.26 -16.29
N GLY L 111 -28.87 -88.27 -15.57
CA GLY L 111 -27.73 -87.46 -15.95
C GLY L 111 -27.81 -86.01 -15.55
N ARG L 112 -28.71 -85.68 -14.62
CA ARG L 112 -28.86 -84.32 -14.13
C ARG L 112 -28.07 -84.14 -12.85
N VAL L 113 -27.57 -82.93 -12.63
CA VAL L 113 -26.82 -82.61 -11.42
C VAL L 113 -27.78 -82.49 -10.26
N VAL L 114 -27.54 -83.26 -9.21
CA VAL L 114 -28.35 -83.20 -7.99
C VAL L 114 -27.66 -82.40 -6.89
N ALA L 115 -26.36 -82.60 -6.70
CA ALA L 115 -25.64 -81.89 -5.66
C ALA L 115 -24.17 -81.79 -6.02
N ILE L 116 -23.53 -80.76 -5.47
CA ILE L 116 -22.10 -80.51 -5.63
C ILE L 116 -21.44 -80.88 -4.30
N VAL L 117 -20.47 -81.78 -4.34
CA VAL L 117 -19.81 -82.28 -3.14
C VAL L 117 -18.63 -81.39 -2.80
N LEU L 118 -18.51 -81.02 -1.52
CA LEU L 118 -17.41 -80.23 -1.02
C LEU L 118 -16.56 -80.93 0.04
N GLY L 119 -17.11 -81.87 0.79
CA GLY L 119 -16.37 -82.53 1.83
C GLY L 119 -17.13 -83.72 2.38
N GLY L 120 -16.73 -84.19 3.56
CA GLY L 120 -17.43 -85.32 4.16
C GLY L 120 -16.90 -85.67 5.53
N VAL L 121 -17.60 -86.61 6.17
CA VAL L 121 -17.29 -87.10 7.51
C VAL L 121 -17.31 -88.62 7.51
N ASN L 122 -16.26 -89.23 8.06
CA ASN L 122 -16.19 -90.68 8.20
C ASN L 122 -16.96 -91.09 9.45
N GLU L 123 -18.10 -91.76 9.27
CA GLU L 123 -18.95 -92.16 10.39
C GLU L 123 -18.73 -93.60 10.84
N GLY L 124 -17.77 -94.31 10.26
CA GLY L 124 -17.44 -95.67 10.66
C GLY L 124 -18.17 -96.78 9.92
N SER L 125 -19.22 -96.45 9.15
CA SER L 125 -19.88 -97.44 8.30
C SER L 125 -19.90 -96.90 6.88
N ARG L 126 -20.35 -95.66 6.75
CA ARG L 126 -20.40 -94.93 5.50
C ARG L 126 -19.92 -93.52 5.76
N THR L 127 -19.66 -92.78 4.69
CA THR L 127 -19.18 -91.41 4.78
C THR L 127 -20.28 -90.43 4.38
N ALA L 128 -20.58 -89.49 5.27
CA ALA L 128 -21.57 -88.45 5.00
C ALA L 128 -20.88 -87.29 4.29
N LEU L 129 -21.50 -86.80 3.23
CA LEU L 129 -20.90 -85.77 2.38
C LEU L 129 -21.48 -84.39 2.67
N SER L 130 -20.58 -83.39 2.66
CA SER L 130 -20.97 -81.99 2.69
C SER L 130 -21.19 -81.55 1.25
N VAL L 131 -22.43 -81.16 0.92
CA VAL L 131 -22.79 -80.86 -0.45
C VAL L 131 -23.40 -79.47 -0.56
N VAL L 132 -23.42 -78.97 -1.79
CA VAL L 132 -24.18 -77.79 -2.16
C VAL L 132 -25.32 -78.29 -3.04
N THR L 133 -26.55 -78.16 -2.54
CA THR L 133 -27.69 -78.73 -3.22
C THR L 133 -28.84 -77.72 -3.31
N TRP L 134 -30.01 -78.19 -3.72
CA TRP L 134 -31.20 -77.36 -3.83
C TRP L 134 -32.33 -77.98 -3.03
N ASN L 135 -33.08 -77.13 -2.34
CA ASN L 135 -34.20 -77.58 -1.51
C ASN L 135 -35.46 -77.78 -2.36
N GLN L 136 -36.58 -78.08 -1.71
CA GLN L 136 -37.83 -78.33 -2.43
C GLN L 136 -38.36 -77.10 -3.16
N LYS L 137 -37.83 -75.91 -2.88
CA LYS L 137 -38.21 -74.70 -3.59
C LYS L 137 -37.25 -74.36 -4.71
N GLY L 138 -36.23 -75.19 -4.93
CA GLY L 138 -35.23 -74.92 -5.94
C GLY L 138 -34.22 -73.88 -5.55
N VAL L 139 -34.12 -73.55 -4.26
CA VAL L 139 -33.18 -72.54 -3.78
C VAL L 139 -31.87 -73.24 -3.42
N THR L 140 -30.75 -72.65 -3.83
CA THR L 140 -29.45 -73.22 -3.54
C THR L 140 -29.23 -73.25 -2.04
N VAL L 141 -28.95 -74.42 -1.51
CA VAL L 141 -28.75 -74.63 -0.08
C VAL L 141 -27.51 -75.49 0.14
N LYS L 142 -26.66 -75.07 1.07
CA LYS L 142 -25.50 -75.88 1.46
C LYS L 142 -25.94 -76.86 2.53
N ASP L 143 -25.56 -78.13 2.38
CA ASP L 143 -25.96 -79.20 3.30
C ASP L 143 -24.71 -79.91 3.78
N THR L 144 -24.34 -79.71 5.04
CA THR L 144 -23.12 -80.28 5.58
C THR L 144 -23.36 -80.99 6.91
N PRO L 145 -22.77 -82.16 7.12
CA PRO L 145 -22.79 -82.76 8.45
C PRO L 145 -21.79 -82.05 9.36
N GLU L 146 -22.05 -82.13 10.66
CA GLU L 146 -21.18 -81.48 11.64
C GLU L 146 -19.80 -82.13 11.65
N GLY L 147 -18.77 -81.30 11.64
CA GLY L 147 -17.39 -81.75 11.67
C GLY L 147 -16.78 -82.07 10.32
N SER L 148 -17.49 -81.83 9.23
CA SER L 148 -16.96 -82.14 7.90
C SER L 148 -15.72 -81.30 7.57
N GLU L 149 -14.69 -81.98 7.02
CA GLU L 149 -13.43 -81.36 6.61
C GLU L 149 -13.49 -81.04 5.12
N PRO L 150 -13.16 -79.81 4.70
CA PRO L 150 -13.18 -79.51 3.27
C PRO L 150 -12.23 -80.40 2.48
N TRP L 151 -12.70 -80.88 1.34
CA TRP L 151 -11.92 -81.75 0.46
C TRP L 151 -11.51 -80.99 -0.79
C1 NAG M . -45.57 19.82 4.74
C2 NAG M . -45.68 21.15 4.02
C3 NAG M . -46.59 22.07 4.82
C4 NAG M . -47.95 21.42 4.95
C5 NAG M . -47.84 20.02 5.56
C6 NAG M . -49.13 19.24 5.52
C7 NAG M . -43.95 22.19 2.64
C8 NAG M . -42.57 22.80 2.61
N2 NAG M . -44.38 21.76 3.83
O3 NAG M . -46.70 23.32 4.15
O4 NAG M . -48.78 22.21 5.79
O5 NAG M . -46.87 19.23 4.84
O6 NAG M . -49.07 18.19 4.56
O7 NAG M . -44.63 22.11 1.62
C1 NAG N . -62.48 12.07 -31.91
C2 NAG N . -62.24 12.37 -33.39
C3 NAG N . -63.52 12.89 -34.02
C4 NAG N . -64.62 11.86 -33.85
C5 NAG N . -64.82 11.55 -32.37
C6 NAG N . -65.81 10.43 -32.13
C7 NAG N . -59.88 12.95 -33.72
C8 NAG N . -58.90 14.08 -33.88
N2 NAG N . -61.16 13.32 -33.56
O3 NAG N . -63.29 13.15 -35.40
O4 NAG N . -65.84 12.34 -34.40
O5 NAG N . -63.58 11.13 -31.77
O6 NAG N . -66.03 10.22 -30.74
O7 NAG N . -59.54 11.78 -33.74
C1 NAG O . 7.73 30.81 -34.13
C2 NAG O . 7.99 31.44 -32.76
C3 NAG O . 9.02 32.53 -32.90
C4 NAG O . 10.30 31.96 -33.48
C5 NAG O . 10.01 31.28 -34.82
C6 NAG O . 11.21 30.53 -35.37
C7 NAG O . 6.28 31.55 -31.00
C8 NAG O . 5.00 32.20 -30.55
N2 NAG O . 6.76 31.95 -32.19
O3 NAG O . 9.28 33.09 -31.61
O4 NAG O . 11.26 33.01 -33.68
O5 NAG O . 8.97 30.31 -34.67
O6 NAG O . 11.22 29.18 -34.94
O7 NAG O . 6.84 30.70 -30.32
C1 NAG P . 24.94 3.36 -10.47
C2 NAG P . 25.17 2.52 -9.22
C3 NAG P . 26.66 2.38 -8.93
C4 NAG P . 27.40 1.86 -10.16
C5 NAG P . 27.12 2.77 -11.36
C6 NAG P . 27.74 2.28 -12.64
C7 NAG P . 23.36 2.56 -7.56
C8 NAG P . 22.79 3.27 -6.37
N2 NAG P . 24.48 3.08 -8.07
O3 NAG P . 26.85 1.48 -7.84
O4 NAG P . 28.80 1.83 -9.91
O5 NAG P . 25.70 2.84 -11.57
O6 NAG P . 28.45 3.30 -13.30
O7 NAG P . 22.82 1.56 -8.04
C1 NAG Q . -27.10 -1.75 47.53
C2 NAG Q . -26.13 -0.57 47.54
C3 NAG Q . -26.92 0.72 47.66
C4 NAG Q . -27.88 0.84 46.50
C5 NAG Q . -28.79 -0.40 46.42
C6 NAG Q . -29.63 -0.43 45.17
C7 NAG Q . -23.86 -0.44 48.46
C8 NAG Q . -23.00 -0.60 49.69
N2 NAG Q . -25.17 -0.68 48.63
O3 NAG Q . -26.02 1.82 47.67
O4 NAG Q . -28.69 2.00 46.66
O5 NAG Q . -28.01 -1.61 46.43
O6 NAG Q . -30.46 0.72 45.06
O7 NAG Q . -23.39 -0.12 47.38
C1 NAG R . -9.79 -1.15 10.76
C2 NAG R . -8.59 -1.12 9.81
C3 NAG R . -8.91 -0.27 8.59
C4 NAG R . -10.16 -0.79 7.91
C5 NAG R . -11.32 -0.79 8.91
C6 NAG R . -12.59 -1.37 8.34
C7 NAG R . -6.32 -1.35 10.72
C8 NAG R . -5.19 -0.66 11.42
N2 NAG R . -7.41 -0.61 10.48
O3 NAG R . -7.81 -0.32 7.68
O4 NAG R . -10.50 0.04 6.80
O5 NAG R . -10.97 -1.59 10.05
O6 NAG R . -13.63 -1.42 9.32
O7 NAG R . -6.24 -2.53 10.36
C1 NAG S . 65.57 -6.79 27.72
C2 NAG S . 64.91 -5.42 27.80
C3 NAG S . 65.22 -4.79 29.14
C4 NAG S . 64.71 -5.70 30.25
C5 NAG S . 65.29 -7.11 30.10
C6 NAG S . 64.67 -8.10 31.06
C7 NAG S . 64.54 -3.80 25.98
C8 NAG S . 65.18 -2.97 24.90
N2 NAG S . 65.38 -4.56 26.71
O3 NAG S . 64.59 -3.52 29.22
O4 NAG S . 65.08 -5.17 31.52
O5 NAG S . 65.05 -7.61 28.78
O6 NAG S . 64.88 -7.73 32.41
O7 NAG S . 63.33 -3.80 26.18
C1 NAG T . 24.50 -12.74 25.30
C2 NAG T . 24.75 -12.81 26.81
C3 NAG T . 23.42 -12.83 27.56
C4 NAG T . 22.57 -11.66 27.15
C5 NAG T . 22.39 -11.63 25.63
C6 NAG T . 21.63 -10.43 25.13
C7 NAG T . 25.22 -15.23 26.84
C8 NAG T . 26.18 -16.29 27.29
N2 NAG T . 25.56 -13.97 27.15
O3 NAG T . 23.69 -12.79 28.96
O4 NAG T . 21.28 -11.75 27.76
O5 NAG T . 23.69 -11.59 25.00
O6 NAG T . 22.47 -9.28 25.06
O7 NAG T . 24.18 -15.49 26.25
#